data_1WLO
#
_entry.id   1WLO
#
_entity_poly.entity_id   1
_entity_poly.type   'polypeptide(L)'
_entity_poly.pdbx_seq_one_letter_code
;MVPPKLKQALELFKSLPKELRSQVLLEYAAKVPPPPPGVELERVHECQTPFFVHADVEGGKVRLYFHVPDEAPTVKAFAG
LLREGLEGESPEAVLEVPPGFYRGYGLEEFFTPLRLRGLEAALLRLQAQVRKALTS
;
_entity_poly.pdbx_strand_id   A
#
# COMPACT_ATOMS: atom_id res chain seq x y z
N MET A 1 -15.98 -1.79 -2.61
CA MET A 1 -15.03 -2.67 -3.29
C MET A 1 -13.79 -1.89 -3.72
N VAL A 2 -12.74 -2.65 -4.03
CA VAL A 2 -11.49 -2.05 -4.45
C VAL A 2 -11.77 -1.01 -5.54
N PRO A 3 -11.01 0.13 -5.46
CA PRO A 3 -11.17 1.20 -6.42
C PRO A 3 -10.54 0.83 -7.76
N PRO A 4 -10.74 1.73 -8.76
CA PRO A 4 -10.19 1.52 -10.09
C PRO A 4 -8.68 1.78 -10.11
N LYS A 5 -8.31 2.95 -9.64
CA LYS A 5 -6.91 3.34 -9.61
C LYS A 5 -6.07 2.13 -9.22
N LEU A 6 -6.60 1.33 -8.30
CA LEU A 6 -5.92 0.14 -7.85
C LEU A 6 -6.21 -1.02 -8.80
N LYS A 7 -7.48 -1.35 -8.89
CA LYS A 7 -7.91 -2.44 -9.75
C LYS A 7 -7.15 -2.36 -11.08
N GLN A 8 -6.86 -1.13 -11.49
CA GLN A 8 -6.14 -0.90 -12.73
C GLN A 8 -4.70 -1.39 -12.60
N ALA A 9 -4.06 -0.97 -11.52
CA ALA A 9 -2.68 -1.36 -11.26
C ALA A 9 -2.59 -2.90 -11.20
N LEU A 10 -3.48 -3.47 -10.41
CA LEU A 10 -3.52 -4.91 -10.26
C LEU A 10 -3.81 -5.56 -11.61
N GLU A 11 -4.97 -5.22 -12.15
CA GLU A 11 -5.39 -5.76 -13.44
C GLU A 11 -4.25 -5.65 -14.45
N LEU A 12 -3.63 -4.48 -14.49
CA LEU A 12 -2.53 -4.24 -15.40
C LEU A 12 -1.38 -5.18 -15.06
N PHE A 13 -1.21 -5.42 -13.77
CA PHE A 13 -0.15 -6.29 -13.30
C PHE A 13 -0.35 -7.71 -13.82
N LYS A 14 -1.47 -8.30 -13.44
CA LYS A 14 -1.78 -9.66 -13.87
C LYS A 14 -1.77 -9.73 -15.40
N SER A 15 -1.85 -8.55 -16.02
CA SER A 15 -1.85 -8.48 -17.47
C SER A 15 -0.41 -8.30 -17.97
N LEU A 16 0.36 -7.52 -17.22
CA LEU A 16 1.74 -7.27 -17.58
C LEU A 16 2.55 -8.56 -17.47
N PRO A 17 3.67 -8.61 -18.22
CA PRO A 17 4.53 -9.79 -18.20
C PRO A 17 5.35 -9.85 -16.92
N LYS A 18 5.38 -11.04 -16.33
CA LYS A 18 6.12 -11.24 -15.09
C LYS A 18 7.38 -10.37 -15.12
N GLU A 19 8.30 -10.75 -15.99
CA GLU A 19 9.55 -10.01 -16.12
C GLU A 19 9.32 -8.51 -15.89
N LEU A 20 8.30 -8.00 -16.57
CA LEU A 20 7.96 -6.59 -16.45
C LEU A 20 7.39 -6.33 -15.06
N ARG A 21 6.44 -7.16 -14.67
CA ARG A 21 5.81 -7.03 -13.37
C ARG A 21 6.85 -6.66 -12.31
N SER A 22 8.01 -7.28 -12.43
CA SER A 22 9.09 -7.03 -11.50
C SER A 22 9.54 -5.57 -11.59
N GLN A 23 9.82 -5.14 -12.81
CA GLN A 23 10.26 -3.78 -13.04
C GLN A 23 9.16 -2.79 -12.65
N VAL A 24 7.93 -3.27 -12.74
CA VAL A 24 6.78 -2.45 -12.39
C VAL A 24 6.78 -2.19 -10.88
N LEU A 25 6.82 -3.29 -10.13
CA LEU A 25 6.82 -3.21 -8.68
C LEU A 25 7.92 -2.24 -8.24
N LEU A 26 9.00 -2.23 -8.99
CA LEU A 26 10.13 -1.37 -8.69
C LEU A 26 9.72 0.09 -8.90
N GLU A 27 9.36 0.40 -10.14
CA GLU A 27 8.93 1.74 -10.49
C GLU A 27 8.04 2.31 -9.39
N TYR A 28 7.01 1.55 -9.05
CA TYR A 28 6.08 1.98 -8.02
C TYR A 28 6.82 2.61 -6.84
N ALA A 29 7.71 1.84 -6.25
CA ALA A 29 8.49 2.30 -5.12
C ALA A 29 9.15 3.64 -5.47
N ALA A 30 9.60 3.72 -6.72
CA ALA A 30 10.25 4.93 -7.20
C ALA A 30 9.25 6.09 -7.19
N LYS A 31 7.97 5.72 -7.26
CA LYS A 31 6.92 6.72 -7.26
C LYS A 31 6.31 6.81 -5.85
N VAL A 32 7.20 6.80 -4.86
CA VAL A 32 6.77 6.88 -3.48
C VAL A 32 7.50 8.04 -2.80
N PRO A 33 6.82 9.21 -2.73
CA PRO A 33 7.38 10.39 -2.11
C PRO A 33 7.38 10.27 -0.59
N PRO A 34 8.29 11.05 0.05
CA PRO A 34 8.39 11.03 1.51
C PRO A 34 7.24 11.79 2.15
N PRO A 35 6.95 11.43 3.43
CA PRO A 35 5.87 12.07 4.16
C PRO A 35 6.28 13.48 4.62
N PRO A 36 5.24 14.26 5.02
CA PRO A 36 5.48 15.62 5.48
C PRO A 36 6.09 15.63 6.88
N PRO A 37 6.74 16.78 7.23
CA PRO A 37 7.37 16.93 8.52
C PRO A 37 6.32 17.16 9.61
N GLY A 38 6.25 16.21 10.54
CA GLY A 38 5.31 16.29 11.63
C GLY A 38 4.47 15.02 11.74
N VAL A 39 3.81 14.68 10.65
CA VAL A 39 2.98 13.49 10.61
C VAL A 39 3.68 12.35 11.35
N GLU A 40 2.90 11.56 12.06
CA GLU A 40 3.43 10.45 12.81
C GLU A 40 3.05 9.13 12.15
N LEU A 41 4.06 8.31 11.90
CA LEU A 41 3.85 7.01 11.27
C LEU A 41 3.94 5.91 12.33
N GLU A 42 3.11 4.89 12.16
CA GLU A 42 3.10 3.78 13.09
C GLU A 42 3.86 2.59 12.51
N ARG A 43 4.76 2.05 13.30
CA ARG A 43 5.57 0.92 12.88
C ARG A 43 4.67 -0.32 12.69
N VAL A 44 5.05 -1.14 11.72
CA VAL A 44 4.30 -2.35 11.43
C VAL A 44 5.05 -3.55 11.99
N HIS A 45 4.72 -3.89 13.23
CA HIS A 45 5.36 -5.02 13.88
C HIS A 45 5.22 -6.27 13.01
N GLU A 46 3.99 -6.50 12.56
CA GLU A 46 3.71 -7.66 11.72
C GLU A 46 4.86 -7.89 10.73
N CYS A 47 5.35 -6.79 10.17
CA CYS A 47 6.45 -6.86 9.22
C CYS A 47 7.77 -6.83 10.00
N GLN A 48 8.74 -7.56 9.48
CA GLN A 48 10.05 -7.63 10.11
C GLN A 48 10.68 -6.25 10.15
N THR A 49 10.89 -5.69 8.96
CA THR A 49 11.50 -4.38 8.85
C THR A 49 10.62 -3.33 9.52
N PRO A 50 11.27 -2.20 9.93
CA PRO A 50 10.56 -1.12 10.59
C PRO A 50 9.75 -0.31 9.58
N PHE A 51 8.64 -0.90 9.14
CA PHE A 51 7.78 -0.25 8.18
C PHE A 51 6.74 0.63 8.88
N PHE A 52 6.79 1.91 8.58
CA PHE A 52 5.86 2.86 9.17
C PHE A 52 4.85 3.36 8.14
N VAL A 53 3.59 3.35 8.55
CA VAL A 53 2.52 3.79 7.68
C VAL A 53 1.59 4.73 8.45
N HIS A 54 0.81 5.50 7.69
CA HIS A 54 -0.12 6.44 8.30
C HIS A 54 -1.21 6.79 7.28
N ALA A 55 -2.43 6.36 7.59
CA ALA A 55 -3.56 6.62 6.73
C ALA A 55 -4.39 7.77 7.31
N ASP A 56 -4.85 8.63 6.42
CA ASP A 56 -5.65 9.78 6.83
C ASP A 56 -6.35 10.37 5.61
N VAL A 57 -7.26 11.29 5.87
CA VAL A 57 -8.01 11.93 4.81
C VAL A 57 -8.07 13.45 5.08
N GLU A 58 -7.61 14.20 4.10
CA GLU A 58 -7.60 15.65 4.20
C GLU A 58 -8.55 16.27 3.19
N GLY A 59 -9.60 16.90 3.71
CA GLY A 59 -10.59 17.53 2.85
C GLY A 59 -11.65 16.52 2.39
N GLY A 60 -11.27 15.75 1.38
CA GLY A 60 -12.17 14.75 0.83
C GLY A 60 -11.39 13.68 0.07
N LYS A 61 -10.14 13.51 0.46
CA LYS A 61 -9.28 12.52 -0.17
C LYS A 61 -8.39 11.86 0.88
N VAL A 62 -7.96 10.65 0.57
CA VAL A 62 -7.11 9.91 1.48
C VAL A 62 -5.65 10.34 1.29
N ARG A 63 -4.87 10.19 2.36
CA ARG A 63 -3.47 10.56 2.32
C ARG A 63 -2.61 9.43 2.87
N LEU A 64 -1.99 8.70 1.96
CA LEU A 64 -1.14 7.58 2.33
C LEU A 64 0.28 8.10 2.61
N TYR A 65 0.90 7.51 3.62
CA TYR A 65 2.24 7.90 3.99
C TYR A 65 3.06 6.69 4.45
N PHE A 66 4.15 6.45 3.74
CA PHE A 66 5.03 5.34 4.05
C PHE A 66 6.46 5.82 4.31
N HIS A 67 7.17 5.03 5.10
CA HIS A 67 8.55 5.37 5.43
C HIS A 67 9.39 4.08 5.49
N VAL A 68 10.29 3.95 4.53
CA VAL A 68 11.16 2.79 4.46
C VAL A 68 12.59 3.21 4.78
N PRO A 69 13.13 2.64 5.89
CA PRO A 69 14.49 2.94 6.30
C PRO A 69 15.51 2.23 5.41
N ASP A 70 15.33 0.93 5.27
CA ASP A 70 16.22 0.14 4.45
C ASP A 70 15.87 0.33 2.98
N GLU A 71 14.86 1.16 2.75
CA GLU A 71 14.42 1.44 1.40
C GLU A 71 14.26 0.14 0.62
N ALA A 72 13.78 -0.87 1.30
CA ALA A 72 13.57 -2.17 0.68
C ALA A 72 12.73 -2.01 -0.58
N PRO A 73 13.12 -2.76 -1.64
CA PRO A 73 12.42 -2.70 -2.91
C PRO A 73 11.09 -3.44 -2.83
N THR A 74 11.11 -4.55 -2.09
CA THR A 74 9.91 -5.35 -1.92
C THR A 74 8.96 -4.71 -0.91
N VAL A 75 9.55 -3.94 0.00
CA VAL A 75 8.77 -3.27 1.03
C VAL A 75 8.17 -2.00 0.44
N LYS A 76 8.99 -1.25 -0.25
CA LYS A 76 8.55 0.00 -0.87
C LYS A 76 7.58 -0.33 -2.01
N ALA A 77 7.96 -1.33 -2.79
CA ALA A 77 7.14 -1.74 -3.92
C ALA A 77 5.67 -1.71 -3.52
N PHE A 78 5.31 -2.61 -2.61
CA PHE A 78 3.94 -2.70 -2.13
C PHE A 78 3.46 -1.34 -1.61
N ALA A 79 4.19 -0.82 -0.63
CA ALA A 79 3.84 0.46 -0.04
C ALA A 79 3.42 1.43 -1.15
N GLY A 80 4.10 1.31 -2.28
CA GLY A 80 3.79 2.16 -3.42
C GLY A 80 2.51 1.72 -4.12
N LEU A 81 2.43 0.42 -4.36
CA LEU A 81 1.27 -0.15 -5.02
C LEU A 81 0.01 0.21 -4.24
N LEU A 82 0.18 0.32 -2.94
CA LEU A 82 -0.93 0.67 -2.06
C LEU A 82 -1.42 2.08 -2.40
N ARG A 83 -0.49 3.01 -2.40
CA ARG A 83 -0.81 4.39 -2.70
C ARG A 83 -1.12 4.55 -4.19
N GLU A 84 -0.47 3.71 -4.98
CA GLU A 84 -0.67 3.75 -6.43
C GLU A 84 -2.16 3.66 -6.76
N GLY A 85 -2.87 2.91 -5.93
CA GLY A 85 -4.30 2.73 -6.12
C GLY A 85 -5.07 3.06 -4.85
N LEU A 86 -4.64 4.13 -4.20
CA LEU A 86 -5.29 4.56 -2.96
C LEU A 86 -5.03 6.06 -2.77
N GLU A 87 -3.80 6.46 -3.01
CA GLU A 87 -3.43 7.86 -2.87
C GLU A 87 -4.41 8.75 -3.61
N GLY A 88 -5.22 9.45 -2.85
CA GLY A 88 -6.21 10.35 -3.43
C GLY A 88 -7.61 9.75 -3.35
N GLU A 89 -7.65 8.43 -3.17
CA GLU A 89 -8.92 7.72 -3.07
C GLU A 89 -9.69 8.20 -1.83
N SER A 90 -10.85 7.60 -1.65
CA SER A 90 -11.70 7.95 -0.51
C SER A 90 -11.34 7.08 0.69
N PRO A 91 -11.75 7.58 1.89
CA PRO A 91 -11.48 6.87 3.13
C PRO A 91 -12.40 5.66 3.27
N GLU A 92 -13.41 5.61 2.41
CA GLU A 92 -14.36 4.51 2.44
C GLU A 92 -13.93 3.41 1.45
N ALA A 93 -13.35 3.86 0.34
CA ALA A 93 -12.90 2.93 -0.67
C ALA A 93 -11.62 2.24 -0.20
N VAL A 94 -10.80 3.00 0.51
CA VAL A 94 -9.55 2.48 1.03
C VAL A 94 -9.84 1.46 2.12
N LEU A 95 -11.03 1.59 2.71
CA LEU A 95 -11.44 0.69 3.77
C LEU A 95 -12.12 -0.54 3.15
N GLU A 96 -12.83 -0.29 2.06
CA GLU A 96 -13.54 -1.37 1.38
C GLU A 96 -12.53 -2.37 0.80
N VAL A 97 -11.27 -1.98 0.84
CA VAL A 97 -10.21 -2.84 0.32
C VAL A 97 -9.94 -3.96 1.33
N PRO A 98 -9.97 -5.22 0.80
CA PRO A 98 -9.73 -6.39 1.64
C PRO A 98 -8.25 -6.52 1.98
N PRO A 99 -7.96 -7.37 3.00
CA PRO A 99 -6.60 -7.61 3.43
C PRO A 99 -5.85 -8.49 2.44
N GLY A 100 -6.57 -8.91 1.41
CA GLY A 100 -6.00 -9.77 0.38
C GLY A 100 -6.52 -9.40 -1.00
N PHE A 101 -6.32 -8.14 -1.36
CA PHE A 101 -6.77 -7.65 -2.66
C PHE A 101 -5.70 -7.89 -3.73
N TYR A 102 -4.63 -8.55 -3.32
CA TYR A 102 -3.54 -8.83 -4.23
C TYR A 102 -3.49 -10.33 -4.55
N ARG A 103 -4.52 -11.03 -4.12
CA ARG A 103 -4.59 -12.46 -4.35
C ARG A 103 -5.21 -12.74 -5.73
N GLY A 104 -6.19 -11.92 -6.08
CA GLY A 104 -6.86 -12.07 -7.37
C GLY A 104 -6.03 -11.43 -8.49
N TYR A 105 -4.77 -11.80 -8.53
CA TYR A 105 -3.86 -11.27 -9.55
C TYR A 105 -2.57 -12.10 -9.62
N GLY A 106 -1.49 -11.48 -9.17
CA GLY A 106 -0.20 -12.15 -9.18
C GLY A 106 0.83 -11.35 -8.36
N LEU A 107 0.39 -10.92 -7.18
CA LEU A 107 1.25 -10.16 -6.30
C LEU A 107 1.78 -11.08 -5.19
N GLU A 108 0.88 -11.87 -4.64
CA GLU A 108 1.24 -12.79 -3.58
C GLU A 108 2.45 -13.64 -3.99
N GLU A 109 2.41 -14.09 -5.24
CA GLU A 109 3.49 -14.90 -5.77
C GLU A 109 4.74 -14.05 -5.99
N PHE A 110 4.59 -12.75 -5.73
CA PHE A 110 5.70 -11.83 -5.88
C PHE A 110 6.30 -11.47 -4.54
N PHE A 111 5.43 -11.24 -3.57
CA PHE A 111 5.86 -10.88 -2.23
C PHE A 111 5.72 -12.07 -1.27
N THR A 112 5.57 -13.25 -1.86
CA THR A 112 5.42 -14.46 -1.07
C THR A 112 4.27 -14.32 -0.08
N PRO A 113 3.84 -15.47 0.47
CA PRO A 113 2.75 -15.49 1.43
C PRO A 113 3.22 -14.98 2.79
N LEU A 114 4.52 -14.93 2.95
CA LEU A 114 5.11 -14.46 4.20
C LEU A 114 5.23 -12.93 4.16
N ARG A 115 6.12 -12.46 3.29
CA ARG A 115 6.33 -11.04 3.15
C ARG A 115 4.99 -10.29 3.16
N LEU A 116 3.97 -10.96 2.65
CA LEU A 116 2.64 -10.38 2.61
C LEU A 116 2.16 -10.08 4.03
N ARG A 117 2.33 -11.08 4.90
CA ARG A 117 1.92 -10.95 6.28
C ARG A 117 2.16 -9.52 6.77
N GLY A 118 3.37 -9.03 6.52
CA GLY A 118 3.74 -7.69 6.93
C GLY A 118 3.03 -6.64 6.06
N LEU A 119 3.21 -6.77 4.75
CA LEU A 119 2.60 -5.85 3.82
C LEU A 119 1.11 -5.69 4.16
N GLU A 120 0.49 -6.82 4.46
CA GLU A 120 -0.92 -6.83 4.81
C GLU A 120 -1.18 -5.91 6.01
N ALA A 121 -0.53 -6.24 7.12
CA ALA A 121 -0.68 -5.45 8.32
C ALA A 121 -0.75 -3.97 7.97
N ALA A 122 -0.02 -3.61 6.92
CA ALA A 122 0.00 -2.23 6.46
C ALA A 122 -1.42 -1.76 6.20
N LEU A 123 -2.11 -2.49 5.33
CA LEU A 123 -3.48 -2.15 4.98
C LEU A 123 -4.35 -2.20 6.25
N LEU A 124 -4.41 -3.38 6.83
CA LEU A 124 -5.19 -3.58 8.05
C LEU A 124 -5.00 -2.39 8.97
N ARG A 125 -3.73 -2.09 9.25
CA ARG A 125 -3.40 -0.97 10.12
C ARG A 125 -4.04 0.32 9.60
N LEU A 126 -3.60 0.73 8.41
CA LEU A 126 -4.11 1.94 7.80
C LEU A 126 -5.64 1.96 7.92
N GLN A 127 -6.24 0.86 7.49
CA GLN A 127 -7.69 0.74 7.54
C GLN A 127 -8.20 1.06 8.95
N ALA A 128 -7.36 0.77 9.93
CA ALA A 128 -7.71 1.02 11.32
C ALA A 128 -7.49 2.50 11.63
N GLN A 129 -6.61 3.11 10.85
CA GLN A 129 -6.30 4.52 11.03
C GLN A 129 -7.32 5.39 10.28
N VAL A 130 -8.01 4.76 9.34
CA VAL A 130 -9.01 5.46 8.55
C VAL A 130 -10.29 5.62 9.38
N ARG A 131 -10.74 4.50 9.94
CA ARG A 131 -11.95 4.51 10.75
C ARG A 131 -12.04 5.81 11.55
N LYS A 132 -10.89 6.27 12.02
CA LYS A 132 -10.83 7.49 12.80
C LYS A 132 -11.22 8.67 11.90
N ALA A 133 -10.53 8.79 10.78
CA ALA A 133 -10.79 9.86 9.84
C ALA A 133 -12.30 10.02 9.67
N LEU A 134 -12.97 8.89 9.47
CA LEU A 134 -14.41 8.90 9.28
C LEU A 134 -15.05 9.82 10.33
N THR A 135 -14.58 9.66 11.56
CA THR A 135 -15.09 10.46 12.66
C THR A 135 -13.95 11.19 13.37
N SER A 136 -13.05 11.74 12.57
CA SER A 136 -11.91 12.46 13.10
C SER A 136 -12.21 13.96 13.14
N MET A 1 -16.03 -3.14 -4.86
CA MET A 1 -14.86 -3.61 -4.13
C MET A 1 -13.57 -3.08 -4.76
N VAL A 2 -12.80 -2.35 -3.95
CA VAL A 2 -11.55 -1.79 -4.42
C VAL A 2 -11.84 -0.76 -5.52
N PRO A 3 -11.06 0.35 -5.46
CA PRO A 3 -11.22 1.42 -6.44
C PRO A 3 -10.62 1.02 -7.79
N PRO A 4 -10.83 1.91 -8.80
CA PRO A 4 -10.31 1.66 -10.13
C PRO A 4 -8.81 1.89 -10.19
N LYS A 5 -8.40 3.10 -9.85
CA LYS A 5 -7.00 3.45 -9.86
C LYS A 5 -6.17 2.27 -9.37
N LEU A 6 -6.76 1.49 -8.48
CA LEU A 6 -6.10 0.32 -7.93
C LEU A 6 -6.33 -0.88 -8.86
N LYS A 7 -7.58 -1.31 -8.90
CA LYS A 7 -7.94 -2.44 -9.74
C LYS A 7 -7.23 -2.32 -11.09
N GLN A 8 -7.01 -1.08 -11.50
CA GLN A 8 -6.33 -0.82 -12.76
C GLN A 8 -4.88 -1.31 -12.70
N ALA A 9 -4.20 -0.90 -11.65
CA ALA A 9 -2.80 -1.29 -11.47
C ALA A 9 -2.71 -2.81 -11.42
N LEU A 10 -3.53 -3.39 -10.56
CA LEU A 10 -3.55 -4.84 -10.41
C LEU A 10 -3.89 -5.49 -11.74
N GLU A 11 -5.01 -5.06 -12.31
CA GLU A 11 -5.45 -5.59 -13.59
C GLU A 11 -4.34 -5.47 -14.63
N LEU A 12 -3.69 -4.31 -14.64
CA LEU A 12 -2.61 -4.06 -15.57
C LEU A 12 -1.42 -4.96 -15.22
N PHE A 13 -1.23 -5.14 -13.92
CA PHE A 13 -0.14 -5.98 -13.45
C PHE A 13 -0.22 -7.39 -14.05
N LYS A 14 -1.29 -8.08 -13.71
CA LYS A 14 -1.50 -9.43 -14.20
C LYS A 14 -1.49 -9.42 -15.74
N SER A 15 -1.79 -8.24 -16.28
CA SER A 15 -1.82 -8.08 -17.73
C SER A 15 -0.41 -7.79 -18.25
N LEU A 16 0.42 -7.26 -17.35
CA LEU A 16 1.79 -6.93 -17.71
C LEU A 16 2.61 -8.21 -17.79
N PRO A 17 3.78 -8.10 -18.48
CA PRO A 17 4.67 -9.24 -18.64
C PRO A 17 5.42 -9.53 -17.34
N LYS A 18 5.57 -10.81 -17.05
CA LYS A 18 6.26 -11.24 -15.84
C LYS A 18 7.43 -10.29 -15.57
N GLU A 19 8.42 -10.36 -16.45
CA GLU A 19 9.59 -9.53 -16.31
C GLU A 19 9.21 -8.17 -15.72
N LEU A 20 8.18 -7.57 -16.30
CA LEU A 20 7.70 -6.28 -15.83
C LEU A 20 7.00 -6.45 -14.49
N ARG A 21 6.10 -7.43 -14.44
CA ARG A 21 5.35 -7.70 -13.23
C ARG A 21 6.26 -7.53 -12.00
N SER A 22 7.54 -7.82 -12.20
CA SER A 22 8.51 -7.71 -11.12
C SER A 22 9.13 -6.31 -11.13
N GLN A 23 9.42 -5.82 -12.32
CA GLN A 23 10.01 -4.50 -12.47
C GLN A 23 9.05 -3.43 -11.95
N VAL A 24 7.83 -3.50 -12.46
CA VAL A 24 6.80 -2.53 -12.06
C VAL A 24 6.85 -2.36 -10.54
N LEU A 25 6.77 -3.48 -9.85
CA LEU A 25 6.80 -3.47 -8.39
C LEU A 25 7.95 -2.59 -7.92
N LEU A 26 9.11 -2.79 -8.54
CA LEU A 26 10.29 -2.03 -8.20
C LEU A 26 10.02 -0.54 -8.42
N GLU A 27 9.67 -0.21 -9.65
CA GLU A 27 9.39 1.17 -10.00
C GLU A 27 8.44 1.80 -8.96
N TYR A 28 7.32 1.13 -8.76
CA TYR A 28 6.33 1.61 -7.82
C TYR A 28 7.00 2.14 -6.55
N ALA A 29 7.94 1.37 -6.04
CA ALA A 29 8.67 1.74 -4.84
C ALA A 29 9.41 3.06 -5.10
N ALA A 30 10.02 3.14 -6.27
CA ALA A 30 10.76 4.33 -6.64
C ALA A 30 9.81 5.53 -6.67
N LYS A 31 8.53 5.23 -6.77
CA LYS A 31 7.52 6.27 -6.80
C LYS A 31 6.88 6.40 -5.41
N VAL A 32 7.72 6.27 -4.40
CA VAL A 32 7.25 6.38 -3.03
C VAL A 32 8.01 7.50 -2.32
N PRO A 33 7.39 8.71 -2.32
CA PRO A 33 8.00 9.86 -1.69
C PRO A 33 7.88 9.78 -0.16
N PRO A 34 8.79 10.51 0.53
CA PRO A 34 8.79 10.53 1.98
C PRO A 34 7.64 11.37 2.53
N PRO A 35 7.24 11.05 3.78
CA PRO A 35 6.15 11.77 4.43
C PRO A 35 6.61 13.16 4.89
N PRO A 36 5.61 14.00 5.27
CA PRO A 36 5.90 15.35 5.73
C PRO A 36 6.47 15.33 7.15
N PRO A 37 7.18 16.43 7.49
CA PRO A 37 7.79 16.56 8.81
C PRO A 37 6.73 16.87 9.87
N GLY A 38 6.52 15.90 10.74
CA GLY A 38 5.54 16.06 11.81
C GLY A 38 4.59 14.85 11.87
N VAL A 39 3.93 14.60 10.76
CA VAL A 39 3.00 13.49 10.67
C VAL A 39 3.58 12.28 11.41
N GLU A 40 2.71 11.55 12.08
CA GLU A 40 3.13 10.38 12.83
C GLU A 40 2.78 9.11 12.05
N LEU A 41 3.69 8.14 12.13
CA LEU A 41 3.48 6.89 11.43
C LEU A 41 3.61 5.73 12.44
N GLU A 42 2.81 4.70 12.21
CA GLU A 42 2.82 3.54 13.08
C GLU A 42 3.65 2.41 12.46
N ARG A 43 4.65 1.97 13.20
CA ARG A 43 5.53 0.91 12.75
C ARG A 43 4.71 -0.37 12.48
N VAL A 44 5.06 -1.02 11.38
CA VAL A 44 4.37 -2.25 11.00
C VAL A 44 5.06 -3.44 11.67
N HIS A 45 4.57 -3.77 12.85
CA HIS A 45 5.13 -4.89 13.60
C HIS A 45 5.10 -6.16 12.75
N GLU A 46 3.94 -6.39 12.14
CA GLU A 46 3.75 -7.56 11.29
C GLU A 46 4.95 -7.72 10.35
N CYS A 47 5.61 -6.60 10.09
CA CYS A 47 6.76 -6.60 9.20
C CYS A 47 7.98 -6.13 10.00
N GLN A 48 8.78 -7.10 10.43
CA GLN A 48 9.97 -6.78 11.20
C GLN A 48 10.63 -5.51 10.68
N THR A 49 10.68 -5.41 9.35
CA THR A 49 11.28 -4.25 8.71
C THR A 49 10.66 -2.96 9.27
N PRO A 50 11.51 -1.90 9.33
CA PRO A 50 11.05 -0.62 9.83
C PRO A 50 10.18 0.11 8.80
N PHE A 51 9.03 -0.49 8.53
CA PHE A 51 8.10 0.07 7.56
C PHE A 51 6.90 0.71 8.27
N PHE A 52 6.93 2.03 8.34
CA PHE A 52 5.86 2.78 8.98
C PHE A 52 4.89 3.36 7.94
N VAL A 53 3.64 3.49 8.36
CA VAL A 53 2.61 4.03 7.47
C VAL A 53 1.66 4.89 8.29
N HIS A 54 0.96 5.77 7.58
CA HIS A 54 0.00 6.65 8.22
C HIS A 54 -1.14 6.98 7.26
N ALA A 55 -2.36 6.80 7.75
CA ALA A 55 -3.54 7.07 6.93
C ALA A 55 -4.35 8.19 7.57
N ASP A 56 -4.80 9.10 6.73
CA ASP A 56 -5.59 10.23 7.20
C ASP A 56 -6.65 10.58 6.16
N VAL A 57 -7.50 11.52 6.52
CA VAL A 57 -8.56 11.96 5.62
C VAL A 57 -8.55 13.49 5.53
N GLU A 58 -8.26 13.98 4.34
CA GLU A 58 -8.22 15.41 4.12
C GLU A 58 -8.90 15.76 2.79
N GLY A 59 -9.87 16.66 2.88
CA GLY A 59 -10.60 17.08 1.69
C GLY A 59 -11.42 15.93 1.11
N GLY A 60 -11.92 15.09 2.01
CA GLY A 60 -12.72 13.94 1.59
C GLY A 60 -11.85 12.87 0.94
N LYS A 61 -10.55 13.14 0.93
CA LYS A 61 -9.60 12.20 0.34
C LYS A 61 -8.69 11.66 1.45
N VAL A 62 -8.15 10.47 1.20
CA VAL A 62 -7.27 9.83 2.15
C VAL A 62 -5.82 10.12 1.77
N ARG A 63 -5.07 10.62 2.74
CA ARG A 63 -3.68 10.95 2.53
C ARG A 63 -2.79 9.77 2.93
N LEU A 64 -2.22 9.13 1.92
CA LEU A 64 -1.34 7.99 2.16
C LEU A 64 0.06 8.49 2.50
N TYR A 65 0.62 7.90 3.55
CA TYR A 65 1.95 8.27 4.01
C TYR A 65 2.76 7.04 4.38
N PHE A 66 3.87 6.86 3.67
CA PHE A 66 4.75 5.72 3.91
C PHE A 66 6.13 6.19 4.36
N HIS A 67 6.77 5.36 5.17
CA HIS A 67 8.10 5.68 5.67
C HIS A 67 8.91 4.39 5.81
N VAL A 68 9.96 4.29 5.00
CA VAL A 68 10.82 3.12 5.03
C VAL A 68 12.27 3.56 4.91
N PRO A 69 13.03 3.36 6.02
CA PRO A 69 14.43 3.73 6.04
C PRO A 69 15.28 2.74 5.23
N ASP A 70 15.29 1.50 5.71
CA ASP A 70 16.05 0.46 5.04
C ASP A 70 15.93 0.63 3.52
N GLU A 71 14.81 1.19 3.11
CA GLU A 71 14.57 1.43 1.70
C GLU A 71 14.38 0.09 0.97
N ALA A 72 13.83 -0.87 1.69
CA ALA A 72 13.60 -2.19 1.11
C ALA A 72 12.85 -2.05 -0.21
N PRO A 73 13.35 -2.81 -1.22
CA PRO A 73 12.75 -2.77 -2.55
C PRO A 73 11.42 -3.54 -2.56
N THR A 74 11.18 -4.28 -1.48
CA THR A 74 9.97 -5.06 -1.36
C THR A 74 8.92 -4.29 -0.54
N VAL A 75 9.33 -3.89 0.65
CA VAL A 75 8.44 -3.16 1.55
C VAL A 75 7.89 -1.93 0.81
N LYS A 76 8.80 -1.19 0.20
CA LYS A 76 8.42 0.01 -0.53
C LYS A 76 7.49 -0.38 -1.68
N ALA A 77 7.88 -1.44 -2.38
CA ALA A 77 7.09 -1.92 -3.50
C ALA A 77 5.60 -1.76 -3.18
N PHE A 78 5.15 -2.55 -2.22
CA PHE A 78 3.76 -2.50 -1.81
C PHE A 78 3.28 -1.06 -1.65
N ALA A 79 4.02 -0.32 -0.83
CA ALA A 79 3.68 1.08 -0.59
C ALA A 79 3.23 1.73 -1.89
N GLY A 80 4.05 1.56 -2.92
CA GLY A 80 3.76 2.12 -4.22
C GLY A 80 2.46 1.54 -4.79
N LEU A 81 2.25 0.27 -4.49
CA LEU A 81 1.05 -0.41 -4.96
C LEU A 81 -0.18 0.21 -4.30
N LEU A 82 -0.05 0.48 -3.01
CA LEU A 82 -1.14 1.08 -2.26
C LEU A 82 -1.41 2.49 -2.78
N ARG A 83 -0.37 3.31 -2.72
CA ARG A 83 -0.47 4.68 -3.18
C ARG A 83 -0.75 4.72 -4.68
N GLU A 84 -0.60 3.56 -5.31
CA GLU A 84 -0.84 3.46 -6.74
C GLU A 84 -2.33 3.56 -7.04
N GLY A 85 -3.14 3.03 -6.12
CA GLY A 85 -4.58 3.05 -6.28
C GLY A 85 -5.26 3.30 -4.93
N LEU A 86 -4.76 4.28 -4.21
CA LEU A 86 -5.30 4.62 -2.91
C LEU A 86 -4.96 6.08 -2.58
N GLU A 87 -3.72 6.43 -2.84
CA GLU A 87 -3.26 7.79 -2.58
C GLU A 87 -4.21 8.81 -3.21
N GLY A 88 -4.92 9.53 -2.37
CA GLY A 88 -5.86 10.53 -2.83
C GLY A 88 -7.27 9.95 -2.93
N GLU A 89 -7.34 8.63 -2.87
CA GLU A 89 -8.62 7.94 -2.95
C GLU A 89 -9.48 8.27 -1.73
N SER A 90 -10.64 7.63 -1.67
CA SER A 90 -11.55 7.85 -0.56
C SER A 90 -11.30 6.81 0.53
N PRO A 91 -11.84 7.12 1.75
CA PRO A 91 -11.67 6.23 2.89
C PRO A 91 -12.59 5.01 2.76
N GLU A 92 -13.76 5.24 2.20
CA GLU A 92 -14.72 4.17 2.01
C GLU A 92 -14.24 3.20 0.92
N ALA A 93 -13.59 3.77 -0.08
CA ALA A 93 -13.07 2.97 -1.18
C ALA A 93 -11.78 2.28 -0.74
N VAL A 94 -11.07 2.94 0.16
CA VAL A 94 -9.81 2.39 0.67
C VAL A 94 -10.12 1.23 1.61
N LEU A 95 -11.08 1.47 2.50
CA LEU A 95 -11.46 0.44 3.46
C LEU A 95 -12.00 -0.78 2.71
N GLU A 96 -12.70 -0.51 1.63
CA GLU A 96 -13.26 -1.58 0.81
C GLU A 96 -12.16 -2.52 0.34
N VAL A 97 -10.92 -2.04 0.43
CA VAL A 97 -9.78 -2.82 0.02
C VAL A 97 -9.46 -3.86 1.09
N PRO A 98 -9.64 -5.16 0.72
CA PRO A 98 -9.38 -6.25 1.64
C PRO A 98 -7.88 -6.48 1.80
N PRO A 99 -7.54 -7.33 2.80
CA PRO A 99 -6.14 -7.64 3.08
C PRO A 99 -5.58 -8.60 2.02
N GLY A 100 -6.45 -8.98 1.09
CA GLY A 100 -6.05 -9.88 0.02
C GLY A 100 -6.60 -9.42 -1.33
N PHE A 101 -6.41 -8.14 -1.60
CA PHE A 101 -6.88 -7.56 -2.85
C PHE A 101 -5.95 -7.92 -4.01
N TYR A 102 -4.94 -8.69 -3.69
CA TYR A 102 -3.97 -9.12 -4.69
C TYR A 102 -4.17 -10.59 -5.06
N ARG A 103 -4.53 -11.37 -4.06
CA ARG A 103 -4.76 -12.79 -4.26
C ARG A 103 -5.41 -13.03 -5.63
N GLY A 104 -4.71 -13.80 -6.46
CA GLY A 104 -5.21 -14.11 -7.79
C GLY A 104 -4.29 -13.55 -8.87
N TYR A 105 -4.28 -12.23 -8.96
CA TYR A 105 -3.45 -11.56 -9.94
C TYR A 105 -2.09 -12.25 -10.09
N GLY A 106 -1.18 -11.89 -9.21
CA GLY A 106 0.16 -12.47 -9.23
C GLY A 106 1.17 -11.57 -8.51
N LEU A 107 0.88 -11.30 -7.24
CA LEU A 107 1.75 -10.45 -6.45
C LEU A 107 2.62 -11.33 -5.55
N GLU A 108 2.01 -12.39 -5.03
CA GLU A 108 2.72 -13.31 -4.16
C GLU A 108 3.93 -13.90 -4.89
N GLU A 109 3.68 -14.36 -6.10
CA GLU A 109 4.73 -14.96 -6.90
C GLU A 109 6.03 -14.15 -6.76
N PHE A 110 5.86 -12.87 -6.49
CA PHE A 110 7.00 -11.98 -6.34
C PHE A 110 7.24 -11.66 -4.86
N PHE A 111 6.17 -11.23 -4.21
CA PHE A 111 6.24 -10.88 -2.79
C PHE A 111 6.27 -12.14 -1.92
N THR A 112 7.45 -12.40 -1.37
CA THR A 112 7.63 -13.56 -0.52
C THR A 112 6.39 -13.77 0.36
N PRO A 113 6.24 -15.02 0.86
CA PRO A 113 5.11 -15.37 1.71
C PRO A 113 5.30 -14.81 3.12
N LEU A 114 6.49 -14.28 3.36
CA LEU A 114 6.82 -13.72 4.65
C LEU A 114 6.41 -12.23 4.67
N ARG A 115 7.10 -11.46 3.86
CA ARG A 115 6.83 -10.03 3.78
C ARG A 115 5.33 -9.79 3.60
N LEU A 116 4.73 -10.60 2.75
CA LEU A 116 3.30 -10.49 2.47
C LEU A 116 2.56 -10.23 3.79
N ARG A 117 2.70 -11.17 4.70
CA ARG A 117 2.06 -11.06 6.00
C ARG A 117 2.16 -9.62 6.52
N GLY A 118 3.39 -9.13 6.57
CA GLY A 118 3.63 -7.78 7.05
C GLY A 118 2.98 -6.75 6.12
N LEU A 119 3.36 -6.82 4.84
CA LEU A 119 2.82 -5.90 3.86
C LEU A 119 1.33 -5.68 4.13
N GLU A 120 0.57 -6.76 3.99
CA GLU A 120 -0.86 -6.70 4.22
C GLU A 120 -1.17 -5.87 5.46
N ALA A 121 -0.40 -6.12 6.52
CA ALA A 121 -0.57 -5.41 7.77
C ALA A 121 -0.66 -3.91 7.48
N ALA A 122 0.15 -3.47 6.54
CA ALA A 122 0.17 -2.06 6.17
C ALA A 122 -1.26 -1.58 5.93
N LEU A 123 -1.93 -2.26 5.00
CA LEU A 123 -3.31 -1.91 4.67
C LEU A 123 -4.16 -1.98 5.93
N LEU A 124 -4.10 -3.12 6.60
CA LEU A 124 -4.86 -3.32 7.82
C LEU A 124 -4.60 -2.16 8.78
N ARG A 125 -3.35 -1.72 8.80
CA ARG A 125 -2.96 -0.62 9.66
C ARG A 125 -3.64 0.68 9.21
N LEU A 126 -3.33 1.07 7.98
CA LEU A 126 -3.88 2.28 7.41
C LEU A 126 -5.40 2.27 7.60
N GLN A 127 -6.01 1.17 7.18
CA GLN A 127 -7.45 1.01 7.30
C GLN A 127 -7.90 1.29 8.74
N ALA A 128 -6.99 1.04 9.67
CA ALA A 128 -7.28 1.25 11.07
C ALA A 128 -7.06 2.73 11.41
N GLN A 129 -6.18 3.36 10.65
CA GLN A 129 -5.88 4.76 10.86
C GLN A 129 -6.93 5.65 10.18
N VAL A 130 -7.49 5.11 9.11
CA VAL A 130 -8.51 5.84 8.37
C VAL A 130 -9.85 5.72 9.09
N ARG A 131 -10.25 4.48 9.32
CA ARG A 131 -11.51 4.21 10.01
C ARG A 131 -11.68 5.16 11.21
N LYS A 132 -10.55 5.45 11.84
CA LYS A 132 -10.56 6.33 13.00
C LYS A 132 -11.04 7.72 12.57
N ALA A 133 -10.50 8.18 11.44
CA ALA A 133 -10.86 9.48 10.91
C ALA A 133 -12.38 9.56 10.76
N LEU A 134 -12.94 8.52 10.15
CA LEU A 134 -14.38 8.47 9.95
C LEU A 134 -15.10 8.88 11.23
N THR A 135 -14.71 8.22 12.32
CA THR A 135 -15.31 8.52 13.61
C THR A 135 -14.77 9.84 14.16
N SER A 136 -13.58 10.20 13.70
CA SER A 136 -12.95 11.43 14.14
C SER A 136 -13.10 12.51 13.05
N MET A 1 -15.41 -3.56 -1.27
CA MET A 1 -15.20 -3.31 -2.69
C MET A 1 -13.85 -2.65 -2.94
N VAL A 2 -13.36 -2.81 -4.16
CA VAL A 2 -12.09 -2.23 -4.54
C VAL A 2 -12.31 -1.16 -5.62
N PRO A 3 -11.54 -0.06 -5.51
CA PRO A 3 -11.65 1.03 -6.46
C PRO A 3 -10.99 0.68 -7.79
N PRO A 4 -11.20 1.57 -8.80
CA PRO A 4 -10.63 1.35 -10.11
C PRO A 4 -9.12 1.62 -10.12
N LYS A 5 -8.78 2.85 -9.76
CA LYS A 5 -7.39 3.27 -9.72
C LYS A 5 -6.53 2.10 -9.21
N LEU A 6 -7.14 1.33 -8.32
CA LEU A 6 -6.44 0.18 -7.74
C LEU A 6 -6.64 -1.04 -8.65
N LYS A 7 -7.90 -1.46 -8.75
CA LYS A 7 -8.24 -2.60 -9.57
C LYS A 7 -7.48 -2.52 -10.91
N GLN A 8 -7.21 -1.29 -11.32
CA GLN A 8 -6.50 -1.06 -12.56
C GLN A 8 -5.07 -1.60 -12.46
N ALA A 9 -4.38 -1.15 -11.42
CA ALA A 9 -3.01 -1.56 -11.19
C ALA A 9 -2.97 -3.10 -11.05
N LEU A 10 -3.74 -3.59 -10.09
CA LEU A 10 -3.79 -5.02 -9.85
C LEU A 10 -3.96 -5.76 -11.18
N GLU A 11 -5.03 -5.40 -11.89
CA GLU A 11 -5.32 -6.01 -13.18
C GLU A 11 -4.16 -5.77 -14.14
N LEU A 12 -3.84 -4.50 -14.33
CA LEU A 12 -2.77 -4.12 -15.22
C LEU A 12 -1.53 -4.97 -14.92
N PHE A 13 -1.03 -4.81 -13.70
CA PHE A 13 0.14 -5.55 -13.27
C PHE A 13 0.06 -7.02 -13.72
N LYS A 14 -0.95 -7.71 -13.23
CA LYS A 14 -1.15 -9.10 -13.57
C LYS A 14 -1.24 -9.24 -15.10
N SER A 15 -1.60 -8.13 -15.74
CA SER A 15 -1.73 -8.12 -17.19
C SER A 15 -0.37 -7.81 -17.82
N LEU A 16 0.58 -7.47 -16.97
CA LEU A 16 1.92 -7.15 -17.43
C LEU A 16 2.78 -8.40 -17.42
N PRO A 17 3.90 -8.35 -18.19
CA PRO A 17 4.81 -9.49 -18.27
C PRO A 17 5.67 -9.59 -17.00
N LYS A 18 5.66 -10.78 -16.43
CA LYS A 18 6.42 -11.02 -15.21
C LYS A 18 7.67 -10.15 -15.22
N GLU A 19 8.57 -10.45 -16.15
CA GLU A 19 9.81 -9.71 -16.29
C GLU A 19 9.57 -8.23 -15.98
N LEU A 20 8.54 -7.69 -16.60
CA LEU A 20 8.20 -6.28 -16.41
C LEU A 20 7.67 -6.09 -14.98
N ARG A 21 6.73 -6.94 -14.60
CA ARG A 21 6.13 -6.87 -13.29
C ARG A 21 7.23 -6.78 -12.22
N SER A 22 8.38 -7.34 -12.56
CA SER A 22 9.52 -7.33 -11.64
C SER A 22 10.05 -5.90 -11.49
N GLN A 23 9.96 -5.15 -12.58
CA GLN A 23 10.42 -3.78 -12.58
C GLN A 23 9.30 -2.83 -12.14
N VAL A 24 8.09 -3.17 -12.56
CA VAL A 24 6.93 -2.37 -12.21
C VAL A 24 6.88 -2.16 -10.70
N LEU A 25 6.95 -3.28 -9.98
CA LEU A 25 6.90 -3.23 -8.53
C LEU A 25 8.01 -2.29 -8.02
N LEU A 26 9.14 -2.34 -8.70
CA LEU A 26 10.27 -1.50 -8.34
C LEU A 26 9.89 -0.03 -8.53
N GLU A 27 9.47 0.28 -9.75
CA GLU A 27 9.08 1.65 -10.07
C GLU A 27 8.14 2.19 -9.00
N TYR A 28 7.09 1.43 -8.73
CA TYR A 28 6.11 1.82 -7.72
C TYR A 28 6.80 2.38 -6.47
N ALA A 29 7.73 1.59 -5.95
CA ALA A 29 8.46 1.98 -4.76
C ALA A 29 9.28 3.23 -5.06
N ALA A 30 9.73 3.33 -6.30
CA ALA A 30 10.52 4.46 -6.74
C ALA A 30 9.65 5.72 -6.74
N LYS A 31 8.35 5.49 -6.88
CA LYS A 31 7.39 6.59 -6.90
C LYS A 31 7.01 6.95 -5.46
N VAL A 32 6.96 5.93 -4.62
CA VAL A 32 6.62 6.13 -3.22
C VAL A 32 7.29 7.40 -2.70
N PRO A 33 6.49 8.49 -2.63
CA PRO A 33 7.01 9.77 -2.15
C PRO A 33 7.19 9.75 -0.64
N PRO A 34 8.09 10.65 -0.16
CA PRO A 34 8.37 10.75 1.27
C PRO A 34 7.22 11.45 2.00
N PRO A 35 7.07 11.09 3.31
CA PRO A 35 6.02 11.68 4.12
C PRO A 35 6.37 13.10 4.52
N PRO A 36 5.31 13.91 4.83
CA PRO A 36 5.50 15.29 5.23
C PRO A 36 6.02 15.38 6.66
N PRO A 37 6.60 16.57 6.98
CA PRO A 37 7.14 16.79 8.32
C PRO A 37 6.01 17.03 9.33
N GLY A 38 6.07 16.27 10.42
CA GLY A 38 5.07 16.39 11.46
C GLY A 38 4.17 15.15 11.50
N VAL A 39 3.97 14.57 10.32
CA VAL A 39 3.14 13.39 10.22
C VAL A 39 3.78 12.23 10.99
N GLU A 40 2.95 11.55 11.77
CA GLU A 40 3.43 10.43 12.56
C GLU A 40 3.05 9.10 11.90
N LEU A 41 4.04 8.24 11.79
CA LEU A 41 3.83 6.94 11.18
C LEU A 41 4.05 5.85 12.23
N GLU A 42 3.36 4.73 12.02
CA GLU A 42 3.46 3.61 12.94
C GLU A 42 4.21 2.45 12.28
N ARG A 43 5.14 1.88 13.03
CA ARG A 43 5.93 0.77 12.53
C ARG A 43 5.08 -0.49 12.45
N VAL A 44 5.27 -1.23 11.36
CA VAL A 44 4.52 -2.46 11.14
C VAL A 44 5.36 -3.64 11.61
N HIS A 45 5.11 -4.04 12.85
CA HIS A 45 5.83 -5.17 13.43
C HIS A 45 5.51 -6.44 12.64
N GLU A 46 4.30 -6.47 12.11
CA GLU A 46 3.86 -7.62 11.33
C GLU A 46 4.79 -7.85 10.14
N CYS A 47 5.58 -6.83 9.84
CA CYS A 47 6.52 -6.91 8.73
C CYS A 47 7.93 -7.04 9.30
N GLN A 48 8.06 -6.67 10.57
CA GLN A 48 9.34 -6.74 11.24
C GLN A 48 10.21 -5.54 10.86
N THR A 49 10.46 -5.42 9.56
CA THR A 49 11.27 -4.32 9.04
C THR A 49 10.72 -2.98 9.53
N PRO A 50 11.58 -1.94 9.45
CA PRO A 50 11.20 -0.61 9.88
C PRO A 50 10.27 0.05 8.85
N PHE A 51 9.12 -0.58 8.65
CA PHE A 51 8.14 -0.08 7.71
C PHE A 51 7.03 0.71 8.43
N PHE A 52 7.07 2.01 8.27
CA PHE A 52 6.08 2.88 8.90
C PHE A 52 5.10 3.43 7.85
N VAL A 53 3.94 3.82 8.34
CA VAL A 53 2.92 4.38 7.47
C VAL A 53 1.95 5.23 8.29
N HIS A 54 1.05 5.90 7.60
CA HIS A 54 0.07 6.76 8.25
C HIS A 54 -1.05 7.10 7.27
N ALA A 55 -2.23 6.59 7.58
CA ALA A 55 -3.40 6.83 6.75
C ALA A 55 -4.25 7.94 7.36
N ASP A 56 -4.78 8.79 6.48
CA ASP A 56 -5.61 9.89 6.93
C ASP A 56 -6.37 10.47 5.73
N VAL A 57 -7.37 11.27 6.04
CA VAL A 57 -8.18 11.89 5.00
C VAL A 57 -8.42 13.36 5.36
N GLU A 58 -7.99 14.23 4.45
CA GLU A 58 -8.15 15.66 4.65
C GLU A 58 -9.07 16.25 3.59
N GLY A 59 -10.31 16.49 3.99
CA GLY A 59 -11.30 17.05 3.08
C GLY A 59 -12.19 15.96 2.50
N GLY A 60 -11.66 15.29 1.48
CA GLY A 60 -12.39 14.23 0.83
C GLY A 60 -11.44 13.27 0.10
N LYS A 61 -10.19 13.27 0.56
CA LYS A 61 -9.18 12.41 -0.03
C LYS A 61 -8.29 11.84 1.07
N VAL A 62 -7.92 10.57 0.89
CA VAL A 62 -7.08 9.90 1.86
C VAL A 62 -5.62 10.13 1.51
N ARG A 63 -4.87 10.61 2.50
CA ARG A 63 -3.45 10.88 2.31
C ARG A 63 -2.62 9.68 2.74
N LEU A 64 -1.94 9.09 1.77
CA LEU A 64 -1.09 7.94 2.03
C LEU A 64 0.33 8.40 2.35
N TYR A 65 0.88 7.87 3.43
CA TYR A 65 2.22 8.22 3.84
C TYR A 65 3.03 6.98 4.21
N PHE A 66 4.16 6.81 3.54
CA PHE A 66 5.02 5.66 3.80
C PHE A 66 6.43 6.12 4.17
N HIS A 67 7.08 5.32 5.00
CA HIS A 67 8.44 5.62 5.43
C HIS A 67 9.22 4.32 5.63
N VAL A 68 10.20 4.13 4.77
CA VAL A 68 11.03 2.94 4.84
C VAL A 68 12.49 3.31 4.62
N PRO A 69 13.31 3.10 5.68
CA PRO A 69 14.73 3.42 5.62
C PRO A 69 15.48 2.39 4.77
N ASP A 70 15.44 1.15 5.24
CA ASP A 70 16.13 0.07 4.55
C ASP A 70 15.95 0.25 3.04
N GLU A 71 14.84 0.86 2.68
CA GLU A 71 14.54 1.10 1.28
C GLU A 71 14.42 -0.22 0.51
N ALA A 72 13.68 -1.14 1.11
CA ALA A 72 13.49 -2.45 0.50
C ALA A 72 12.47 -2.34 -0.63
N PRO A 73 12.89 -2.86 -1.82
CA PRO A 73 12.02 -2.83 -3.00
C PRO A 73 10.90 -3.86 -2.88
N THR A 74 10.99 -4.68 -1.84
CA THR A 74 9.99 -5.70 -1.61
C THR A 74 8.88 -5.18 -0.68
N VAL A 75 9.29 -4.31 0.22
CA VAL A 75 8.34 -3.72 1.17
C VAL A 75 7.81 -2.41 0.60
N LYS A 76 8.72 -1.60 0.08
CA LYS A 76 8.35 -0.32 -0.50
C LYS A 76 7.42 -0.56 -1.69
N ALA A 77 7.79 -1.55 -2.50
CA ALA A 77 7.00 -1.89 -3.67
C ALA A 77 5.51 -1.78 -3.33
N PHE A 78 5.06 -2.68 -2.45
CA PHE A 78 3.67 -2.69 -2.04
C PHE A 78 3.17 -1.27 -1.76
N ALA A 79 3.98 -0.53 -1.02
CA ALA A 79 3.63 0.84 -0.68
C ALA A 79 3.13 1.56 -1.92
N GLY A 80 3.97 1.56 -2.95
CA GLY A 80 3.63 2.22 -4.20
C GLY A 80 2.35 1.63 -4.79
N LEU A 81 2.24 0.32 -4.69
CA LEU A 81 1.06 -0.38 -5.21
C LEU A 81 -0.18 0.13 -4.48
N LEU A 82 -0.05 0.29 -3.17
CA LEU A 82 -1.15 0.77 -2.36
C LEU A 82 -1.54 2.18 -2.79
N ARG A 83 -0.56 3.08 -2.73
CA ARG A 83 -0.79 4.45 -3.12
C ARG A 83 -1.11 4.55 -4.61
N GLU A 84 -0.66 3.52 -5.34
CA GLU A 84 -0.90 3.48 -6.77
C GLU A 84 -2.40 3.60 -7.07
N GLY A 85 -3.20 3.02 -6.19
CA GLY A 85 -4.64 3.06 -6.35
C GLY A 85 -5.33 3.25 -5.00
N LEU A 86 -4.86 4.25 -4.26
CA LEU A 86 -5.43 4.55 -2.96
C LEU A 86 -5.16 6.01 -2.62
N GLU A 87 -3.93 6.43 -2.86
CA GLU A 87 -3.52 7.80 -2.59
C GLU A 87 -4.41 8.78 -3.37
N GLY A 88 -5.20 9.55 -2.62
CA GLY A 88 -6.09 10.51 -3.23
C GLY A 88 -7.53 10.02 -3.23
N GLU A 89 -7.67 8.70 -3.05
CA GLU A 89 -8.99 8.08 -3.02
C GLU A 89 -9.75 8.53 -1.78
N SER A 90 -10.85 7.83 -1.52
CA SER A 90 -11.68 8.14 -0.37
C SER A 90 -11.37 7.17 0.78
N PRO A 91 -11.72 7.63 2.01
CA PRO A 91 -11.47 6.82 3.19
C PRO A 91 -12.47 5.68 3.30
N GLU A 92 -13.47 5.73 2.42
CA GLU A 92 -14.50 4.70 2.40
C GLU A 92 -14.14 3.60 1.40
N ALA A 93 -13.46 4.02 0.34
CA ALA A 93 -13.04 3.08 -0.70
C ALA A 93 -11.77 2.35 -0.23
N VAL A 94 -10.93 3.08 0.48
CA VAL A 94 -9.69 2.52 0.99
C VAL A 94 -10.01 1.50 2.08
N LEU A 95 -11.15 1.69 2.73
CA LEU A 95 -11.58 0.80 3.79
C LEU A 95 -12.26 -0.43 3.17
N GLU A 96 -12.93 -0.20 2.06
CA GLU A 96 -13.62 -1.27 1.36
C GLU A 96 -12.62 -2.24 0.73
N VAL A 97 -11.35 -1.87 0.84
CA VAL A 97 -10.28 -2.69 0.30
C VAL A 97 -9.98 -3.83 1.27
N PRO A 98 -9.99 -5.08 0.72
CA PRO A 98 -9.72 -6.26 1.53
C PRO A 98 -8.23 -6.37 1.83
N PRO A 99 -7.93 -7.15 2.91
CA PRO A 99 -6.55 -7.36 3.32
C PRO A 99 -5.83 -8.32 2.36
N GLY A 100 -6.57 -8.77 1.37
CA GLY A 100 -6.02 -9.71 0.40
C GLY A 100 -6.36 -9.27 -1.03
N PHE A 101 -6.60 -7.97 -1.18
CA PHE A 101 -6.93 -7.41 -2.47
C PHE A 101 -5.87 -7.78 -3.52
N TYR A 102 -4.66 -7.97 -3.04
CA TYR A 102 -3.56 -8.33 -3.91
C TYR A 102 -3.62 -9.81 -4.29
N ARG A 103 -4.18 -10.60 -3.40
CA ARG A 103 -4.31 -12.03 -3.62
C ARG A 103 -4.86 -12.30 -5.02
N GLY A 104 -4.15 -13.15 -5.75
CA GLY A 104 -4.56 -13.50 -7.10
C GLY A 104 -4.32 -12.34 -8.06
N TYR A 105 -3.05 -12.17 -8.43
CA TYR A 105 -2.68 -11.11 -9.34
C TYR A 105 -1.21 -11.24 -9.75
N GLY A 106 -0.36 -11.47 -8.76
CA GLY A 106 1.06 -11.61 -8.99
C GLY A 106 1.86 -11.25 -7.74
N LEU A 107 1.37 -10.23 -7.04
CA LEU A 107 2.03 -9.77 -5.83
C LEU A 107 2.54 -10.98 -5.04
N GLU A 108 1.62 -11.89 -4.76
CA GLU A 108 1.96 -13.10 -4.02
C GLU A 108 3.10 -13.84 -4.70
N GLU A 109 2.90 -14.14 -5.98
CA GLU A 109 3.90 -14.83 -6.76
C GLU A 109 5.31 -14.32 -6.41
N PHE A 110 5.43 -13.00 -6.43
CA PHE A 110 6.71 -12.38 -6.12
C PHE A 110 6.93 -12.31 -4.61
N PHE A 111 5.97 -11.72 -3.92
CA PHE A 111 6.04 -11.58 -2.48
C PHE A 111 5.66 -12.90 -1.79
N THR A 112 6.66 -13.54 -1.21
CA THR A 112 6.45 -14.80 -0.52
C THR A 112 5.16 -14.74 0.31
N PRO A 113 4.67 -15.94 0.70
CA PRO A 113 3.46 -16.04 1.49
C PRO A 113 3.71 -15.63 2.93
N LEU A 114 4.98 -15.40 3.24
CA LEU A 114 5.38 -15.00 4.58
C LEU A 114 5.38 -13.48 4.68
N ARG A 115 6.27 -12.87 3.90
CA ARG A 115 6.39 -11.42 3.89
C ARG A 115 5.02 -10.78 3.68
N LEU A 116 4.21 -11.44 2.85
CA LEU A 116 2.88 -10.94 2.55
C LEU A 116 2.16 -10.60 3.86
N ARG A 117 2.21 -11.55 4.79
CA ARG A 117 1.57 -11.36 6.08
C ARG A 117 1.78 -9.93 6.57
N GLY A 118 3.02 -9.47 6.47
CA GLY A 118 3.36 -8.12 6.90
C GLY A 118 2.65 -7.08 6.04
N LEU A 119 2.80 -7.24 4.73
CA LEU A 119 2.18 -6.32 3.79
C LEU A 119 0.70 -6.14 4.16
N GLU A 120 0.06 -7.26 4.44
CA GLU A 120 -1.35 -7.24 4.81
C GLU A 120 -1.58 -6.30 5.99
N ALA A 121 -0.75 -6.48 7.01
CA ALA A 121 -0.86 -5.66 8.20
C ALA A 121 -0.79 -4.18 7.81
N ALA A 122 0.07 -3.89 6.85
CA ALA A 122 0.24 -2.53 6.37
C ALA A 122 -1.14 -1.92 6.08
N LEU A 123 -1.90 -2.65 5.26
CA LEU A 123 -3.23 -2.19 4.90
C LEU A 123 -4.13 -2.19 6.15
N LEU A 124 -4.28 -3.37 6.72
CA LEU A 124 -5.10 -3.51 7.91
C LEU A 124 -4.88 -2.31 8.84
N ARG A 125 -3.63 -1.85 8.85
CA ARG A 125 -3.27 -0.71 9.68
C ARG A 125 -3.91 0.57 9.13
N LEU A 126 -3.63 0.84 7.87
CA LEU A 126 -4.16 2.03 7.22
C LEU A 126 -5.69 2.04 7.37
N GLN A 127 -6.29 0.89 7.10
CA GLN A 127 -7.73 0.76 7.21
C GLN A 127 -8.20 1.12 8.62
N ALA A 128 -7.31 0.91 9.58
CA ALA A 128 -7.62 1.21 10.96
C ALA A 128 -7.44 2.71 11.21
N GLN A 129 -6.40 3.25 10.61
CA GLN A 129 -6.11 4.67 10.75
C GLN A 129 -7.21 5.50 10.09
N VAL A 130 -7.82 4.91 9.07
CA VAL A 130 -8.88 5.60 8.35
C VAL A 130 -10.08 5.79 9.29
N ARG A 131 -10.49 4.69 9.90
CA ARG A 131 -11.62 4.72 10.81
C ARG A 131 -11.62 6.03 11.60
N LYS A 132 -10.45 6.39 12.11
CA LYS A 132 -10.30 7.60 12.88
C LYS A 132 -10.42 8.81 11.95
N ALA A 133 -9.70 8.72 10.84
CA ALA A 133 -9.71 9.79 9.85
C ALA A 133 -11.16 10.11 9.46
N LEU A 134 -12.01 9.10 9.61
CA LEU A 134 -13.41 9.26 9.28
C LEU A 134 -14.00 10.43 10.07
N THR A 135 -13.57 10.52 11.33
CA THR A 135 -14.05 11.58 12.20
C THR A 135 -12.99 12.67 12.32
N SER A 136 -11.77 12.33 11.94
CA SER A 136 -10.67 13.28 11.99
C SER A 136 -10.05 13.44 10.60
N MET A 1 -16.40 -4.21 -5.39
CA MET A 1 -15.25 -4.55 -4.57
C MET A 1 -13.96 -3.98 -5.16
N VAL A 2 -13.25 -3.23 -4.32
CA VAL A 2 -12.00 -2.63 -4.75
C VAL A 2 -12.29 -1.56 -5.81
N PRO A 3 -11.53 -0.44 -5.71
CA PRO A 3 -11.69 0.67 -6.65
C PRO A 3 -11.08 0.32 -8.02
N PRO A 4 -11.32 1.23 -8.99
CA PRO A 4 -10.80 1.03 -10.34
C PRO A 4 -9.30 1.30 -10.40
N LYS A 5 -8.92 2.49 -9.97
CA LYS A 5 -7.53 2.89 -9.96
C LYS A 5 -6.67 1.70 -9.51
N LEU A 6 -7.14 1.04 -8.48
CA LEU A 6 -6.43 -0.12 -7.94
C LEU A 6 -6.64 -1.32 -8.87
N LYS A 7 -7.86 -1.79 -8.91
CA LYS A 7 -8.20 -2.93 -9.75
C LYS A 7 -7.47 -2.80 -11.09
N GLN A 8 -7.30 -1.56 -11.52
CA GLN A 8 -6.62 -1.29 -12.78
C GLN A 8 -5.17 -1.76 -12.70
N ALA A 9 -4.49 -1.31 -11.66
CA ALA A 9 -3.09 -1.66 -11.45
C ALA A 9 -2.98 -3.18 -11.31
N LEU A 10 -3.67 -3.70 -10.32
CA LEU A 10 -3.66 -5.13 -10.06
C LEU A 10 -3.89 -5.88 -11.38
N GLU A 11 -4.94 -5.48 -12.08
CA GLU A 11 -5.28 -6.10 -13.34
C GLU A 11 -4.12 -5.96 -14.33
N LEU A 12 -3.77 -4.71 -14.61
CA LEU A 12 -2.68 -4.43 -15.53
C LEU A 12 -1.45 -5.23 -15.12
N PHE A 13 -1.20 -5.24 -13.82
CA PHE A 13 -0.06 -5.96 -13.28
C PHE A 13 -0.04 -7.42 -13.79
N LYS A 14 -1.07 -8.15 -13.41
CA LYS A 14 -1.18 -9.54 -13.81
C LYS A 14 -1.14 -9.63 -15.33
N SER A 15 -1.62 -8.57 -15.97
CA SER A 15 -1.65 -8.52 -17.42
C SER A 15 -0.25 -8.22 -17.96
N LEU A 16 0.55 -7.57 -17.12
CA LEU A 16 1.91 -7.22 -17.50
C LEU A 16 2.78 -8.46 -17.47
N PRO A 17 3.91 -8.40 -18.23
CA PRO A 17 4.83 -9.52 -18.30
C PRO A 17 5.66 -9.63 -17.03
N LYS A 18 5.80 -10.86 -16.55
CA LYS A 18 6.57 -11.11 -15.35
C LYS A 18 7.74 -10.13 -15.28
N GLU A 19 8.68 -10.33 -16.19
CA GLU A 19 9.86 -9.48 -16.25
C GLU A 19 9.50 -8.04 -15.86
N LEU A 20 8.53 -7.50 -16.57
CA LEU A 20 8.08 -6.14 -16.31
C LEU A 20 7.50 -6.06 -14.90
N ARG A 21 6.66 -7.03 -14.58
CA ARG A 21 6.03 -7.09 -13.26
C ARG A 21 7.08 -6.86 -12.17
N SER A 22 8.33 -7.16 -12.52
CA SER A 22 9.42 -7.00 -11.58
C SER A 22 9.85 -5.53 -11.53
N GLN A 23 9.84 -4.91 -12.70
CA GLN A 23 10.24 -3.52 -12.81
C GLN A 23 9.17 -2.61 -12.18
N VAL A 24 7.93 -2.83 -12.59
CA VAL A 24 6.82 -2.05 -12.07
C VAL A 24 6.93 -1.95 -10.56
N LEU A 25 7.15 -3.10 -9.93
CA LEU A 25 7.28 -3.15 -8.49
C LEU A 25 8.33 -2.13 -8.03
N LEU A 26 9.46 -2.14 -8.73
CA LEU A 26 10.54 -1.22 -8.41
C LEU A 26 10.08 0.21 -8.69
N GLU A 27 9.50 0.40 -9.87
CA GLU A 27 9.02 1.71 -10.25
C GLU A 27 8.14 2.31 -9.15
N TYR A 28 7.10 1.57 -8.81
CA TYR A 28 6.18 2.01 -7.77
C TYR A 28 6.93 2.64 -6.60
N ALA A 29 7.82 1.85 -6.02
CA ALA A 29 8.61 2.32 -4.89
C ALA A 29 9.27 3.65 -5.25
N ALA A 30 9.66 3.77 -6.52
CA ALA A 30 10.30 4.98 -7.00
C ALA A 30 9.26 6.12 -7.02
N LYS A 31 8.01 5.72 -7.14
CA LYS A 31 6.92 6.69 -7.17
C LYS A 31 6.33 6.84 -5.78
N VAL A 32 7.19 6.65 -4.78
CA VAL A 32 6.77 6.76 -3.40
C VAL A 32 7.56 7.86 -2.71
N PRO A 33 6.92 9.06 -2.59
CA PRO A 33 7.57 10.19 -1.96
C PRO A 33 7.61 10.03 -0.44
N PRO A 34 8.54 10.79 0.19
CA PRO A 34 8.69 10.74 1.65
C PRO A 34 7.55 11.48 2.35
N PRO A 35 7.30 11.08 3.62
CA PRO A 35 6.25 11.70 4.41
C PRO A 35 6.67 13.09 4.89
N PRO A 36 5.64 13.92 5.21
CA PRO A 36 5.89 15.27 5.68
C PRO A 36 6.39 15.27 7.13
N PRO A 37 7.06 16.40 7.51
CA PRO A 37 7.59 16.53 8.85
C PRO A 37 6.46 16.80 9.86
N GLY A 38 6.44 15.99 10.91
CA GLY A 38 5.43 16.15 11.94
C GLY A 38 4.48 14.95 11.96
N VAL A 39 4.25 14.40 10.78
CA VAL A 39 3.37 13.25 10.64
C VAL A 39 3.98 12.06 11.39
N GLU A 40 3.14 11.45 12.23
CA GLU A 40 3.58 10.31 13.01
C GLU A 40 3.14 9.00 12.34
N LEU A 41 4.12 8.20 11.97
CA LEU A 41 3.84 6.93 11.32
C LEU A 41 4.02 5.79 12.33
N GLU A 42 3.21 4.76 12.17
CA GLU A 42 3.27 3.61 13.05
C GLU A 42 3.98 2.44 12.35
N ARG A 43 5.08 2.00 12.97
CA ARG A 43 5.84 0.89 12.42
C ARG A 43 4.95 -0.33 12.24
N VAL A 44 5.26 -1.12 11.22
CA VAL A 44 4.50 -2.32 10.93
C VAL A 44 5.30 -3.54 11.39
N HIS A 45 5.05 -3.94 12.63
CA HIS A 45 5.73 -5.09 13.21
C HIS A 45 5.40 -6.34 12.39
N GLU A 46 4.16 -6.40 11.91
CA GLU A 46 3.72 -7.52 11.11
C GLU A 46 4.70 -7.79 9.98
N CYS A 47 5.47 -6.76 9.64
CA CYS A 47 6.45 -6.88 8.58
C CYS A 47 7.84 -6.98 9.21
N GLN A 48 8.77 -7.52 8.44
CA GLN A 48 10.14 -7.69 8.90
C GLN A 48 10.77 -6.32 9.16
N THR A 49 11.07 -5.63 8.07
CA THR A 49 11.69 -4.32 8.15
C THR A 49 10.74 -3.33 8.83
N PRO A 50 11.34 -2.25 9.39
CA PRO A 50 10.56 -1.24 10.07
C PRO A 50 9.84 -0.34 9.07
N PHE A 51 8.74 -0.87 8.54
CA PHE A 51 7.95 -0.13 7.57
C PHE A 51 6.81 0.62 8.25
N PHE A 52 6.99 1.93 8.35
CA PHE A 52 5.99 2.78 8.98
C PHE A 52 4.98 3.28 7.95
N VAL A 53 3.72 3.35 8.39
CA VAL A 53 2.66 3.82 7.52
C VAL A 53 1.76 4.79 8.30
N HIS A 54 0.97 5.53 7.55
CA HIS A 54 0.06 6.50 8.15
C HIS A 54 -1.02 6.88 7.13
N ALA A 55 -2.27 6.72 7.55
CA ALA A 55 -3.39 7.05 6.70
C ALA A 55 -4.23 8.14 7.36
N ASP A 56 -4.50 9.18 6.58
CA ASP A 56 -5.28 10.30 7.08
C ASP A 56 -6.29 10.73 6.01
N VAL A 57 -7.14 11.67 6.38
CA VAL A 57 -8.16 12.17 5.47
C VAL A 57 -8.05 13.69 5.39
N GLU A 58 -7.45 14.16 4.30
CA GLU A 58 -7.29 15.59 4.09
C GLU A 58 -8.42 16.12 3.21
N GLY A 59 -9.37 16.78 3.87
CA GLY A 59 -10.51 17.34 3.15
C GLY A 59 -11.53 16.26 2.79
N GLY A 60 -11.26 15.59 1.68
CA GLY A 60 -12.15 14.53 1.22
C GLY A 60 -11.36 13.40 0.56
N LYS A 61 -10.05 13.44 0.78
CA LYS A 61 -9.17 12.43 0.22
C LYS A 61 -8.36 11.79 1.35
N VAL A 62 -7.84 10.60 1.06
CA VAL A 62 -7.04 9.87 2.04
C VAL A 62 -5.56 10.16 1.79
N ARG A 63 -4.89 10.60 2.86
CA ARG A 63 -3.47 10.91 2.78
C ARG A 63 -2.64 9.67 3.09
N LEU A 64 -1.82 9.29 2.12
CA LEU A 64 -0.96 8.13 2.27
C LEU A 64 0.47 8.59 2.60
N TYR A 65 1.08 7.89 3.54
CA TYR A 65 2.43 8.22 3.95
C TYR A 65 3.20 6.97 4.37
N PHE A 66 4.28 6.71 3.65
CA PHE A 66 5.11 5.55 3.93
C PHE A 66 6.56 5.95 4.18
N HIS A 67 7.20 5.22 5.09
CA HIS A 67 8.58 5.49 5.43
C HIS A 67 9.34 4.17 5.57
N VAL A 68 10.29 3.98 4.67
CA VAL A 68 11.09 2.76 4.68
C VAL A 68 12.58 3.15 4.70
N PRO A 69 13.26 2.74 5.81
CA PRO A 69 14.68 3.04 5.97
C PRO A 69 15.52 2.13 5.09
N ASP A 70 15.45 0.83 5.38
CA ASP A 70 16.21 -0.15 4.62
C ASP A 70 15.93 0.05 3.13
N GLU A 71 14.80 0.68 2.84
CA GLU A 71 14.41 0.93 1.47
C GLU A 71 14.08 -0.39 0.76
N ALA A 72 13.70 -1.38 1.56
CA ALA A 72 13.36 -2.67 1.02
C ALA A 72 12.52 -2.50 -0.25
N PRO A 73 12.99 -3.16 -1.34
CA PRO A 73 12.30 -3.08 -2.62
C PRO A 73 11.04 -3.94 -2.61
N THR A 74 10.93 -4.76 -1.57
CA THR A 74 9.78 -5.64 -1.42
C THR A 74 8.73 -5.01 -0.51
N VAL A 75 9.21 -4.17 0.39
CA VAL A 75 8.33 -3.48 1.33
C VAL A 75 7.83 -2.18 0.70
N LYS A 76 8.77 -1.46 0.11
CA LYS A 76 8.45 -0.19 -0.54
C LYS A 76 7.50 -0.44 -1.70
N ALA A 77 7.88 -1.40 -2.54
CA ALA A 77 7.07 -1.75 -3.70
C ALA A 77 5.59 -1.71 -3.32
N PHE A 78 5.24 -2.59 -2.40
CA PHE A 78 3.86 -2.67 -1.94
C PHE A 78 3.31 -1.27 -1.61
N ALA A 79 4.05 -0.55 -0.79
CA ALA A 79 3.66 0.79 -0.40
C ALA A 79 3.25 1.57 -1.65
N GLY A 80 3.99 1.34 -2.73
CA GLY A 80 3.72 2.03 -3.98
C GLY A 80 2.49 1.43 -4.67
N LEU A 81 2.24 0.16 -4.37
CA LEU A 81 1.11 -0.53 -4.96
C LEU A 81 -0.17 -0.11 -4.24
N LEU A 82 -0.02 0.18 -2.95
CA LEU A 82 -1.15 0.59 -2.15
C LEU A 82 -1.60 1.99 -2.57
N ARG A 83 -0.62 2.89 -2.66
CA ARG A 83 -0.90 4.25 -3.06
C ARG A 83 -1.16 4.33 -4.56
N GLU A 84 -0.84 3.24 -5.24
CA GLU A 84 -1.04 3.17 -6.68
C GLU A 84 -2.52 3.36 -7.01
N GLY A 85 -3.36 2.72 -6.22
CA GLY A 85 -4.79 2.81 -6.41
C GLY A 85 -5.51 3.16 -5.11
N LEU A 86 -5.00 4.18 -4.44
CA LEU A 86 -5.58 4.62 -3.18
C LEU A 86 -5.25 6.09 -2.96
N GLU A 87 -4.00 6.43 -3.24
CA GLU A 87 -3.55 7.81 -3.07
C GLU A 87 -4.53 8.77 -3.73
N GLY A 88 -5.09 9.64 -2.91
CA GLY A 88 -6.05 10.63 -3.40
C GLY A 88 -7.47 10.06 -3.39
N GLU A 89 -7.55 8.75 -3.34
CA GLU A 89 -8.84 8.07 -3.31
C GLU A 89 -9.59 8.41 -2.03
N SER A 90 -10.80 7.88 -1.94
CA SER A 90 -11.63 8.12 -0.77
C SER A 90 -11.35 7.06 0.29
N PRO A 91 -11.70 7.41 1.57
CA PRO A 91 -11.48 6.49 2.67
C PRO A 91 -12.52 5.37 2.66
N GLU A 92 -13.55 5.56 1.85
CA GLU A 92 -14.61 4.58 1.74
C GLU A 92 -14.22 3.49 0.73
N ALA A 93 -13.50 3.91 -0.29
CA ALA A 93 -13.06 3.01 -1.33
C ALA A 93 -11.81 2.26 -0.86
N VAL A 94 -10.99 2.98 -0.11
CA VAL A 94 -9.76 2.40 0.41
C VAL A 94 -10.10 1.31 1.42
N LEU A 95 -11.00 1.64 2.33
CA LEU A 95 -11.42 0.70 3.36
C LEU A 95 -11.95 -0.57 2.68
N GLU A 96 -12.63 -0.37 1.56
CA GLU A 96 -13.19 -1.48 0.81
C GLU A 96 -12.08 -2.40 0.31
N VAL A 97 -10.85 -1.92 0.43
CA VAL A 97 -9.70 -2.69 0.00
C VAL A 97 -9.42 -3.80 1.00
N PRO A 98 -9.47 -5.06 0.50
CA PRO A 98 -9.23 -6.22 1.34
C PRO A 98 -7.74 -6.37 1.66
N PRO A 99 -7.46 -7.13 2.74
CA PRO A 99 -6.09 -7.36 3.15
C PRO A 99 -5.39 -8.36 2.23
N GLY A 100 -6.14 -8.81 1.23
CA GLY A 100 -5.61 -9.77 0.27
C GLY A 100 -5.93 -9.33 -1.16
N PHE A 101 -6.15 -8.04 -1.31
CA PHE A 101 -6.47 -7.49 -2.62
C PHE A 101 -5.44 -7.93 -3.67
N TYR A 102 -4.21 -8.10 -3.20
CA TYR A 102 -3.14 -8.53 -4.08
C TYR A 102 -3.29 -10.00 -4.48
N ARG A 103 -3.98 -10.74 -3.63
CA ARG A 103 -4.21 -12.15 -3.88
C ARG A 103 -4.78 -12.36 -5.29
N GLY A 104 -4.40 -13.47 -5.89
CA GLY A 104 -4.86 -13.79 -7.23
C GLY A 104 -4.52 -12.67 -8.22
N TYR A 105 -3.27 -12.67 -8.66
CA TYR A 105 -2.79 -11.66 -9.59
C TYR A 105 -1.34 -11.91 -9.97
N GLY A 106 -0.54 -12.18 -8.96
CA GLY A 106 0.89 -12.43 -9.17
C GLY A 106 1.70 -12.01 -7.95
N LEU A 107 1.28 -10.92 -7.34
CA LEU A 107 1.96 -10.40 -6.17
C LEU A 107 2.15 -11.53 -5.15
N GLU A 108 1.28 -12.54 -5.26
CA GLU A 108 1.35 -13.67 -4.37
C GLU A 108 2.57 -14.53 -4.68
N GLU A 109 2.83 -14.68 -5.97
CA GLU A 109 3.97 -15.47 -6.40
C GLU A 109 5.25 -14.64 -6.37
N PHE A 110 5.06 -13.34 -6.16
CA PHE A 110 6.19 -12.42 -6.09
C PHE A 110 6.69 -12.27 -4.66
N PHE A 111 5.84 -11.73 -3.81
CA PHE A 111 6.19 -11.53 -2.42
C PHE A 111 5.95 -12.80 -1.61
N THR A 112 6.97 -13.17 -0.84
CA THR A 112 6.90 -14.35 -0.02
C THR A 112 5.66 -14.31 0.89
N PRO A 113 5.22 -15.52 1.32
CA PRO A 113 4.05 -15.63 2.18
C PRO A 113 4.38 -15.18 3.61
N LEU A 114 5.65 -14.90 3.83
CA LEU A 114 6.11 -14.46 5.14
C LEU A 114 5.97 -12.95 5.25
N ARG A 115 6.47 -12.25 4.25
CA ARG A 115 6.40 -10.80 4.22
C ARG A 115 4.97 -10.35 3.95
N LEU A 116 4.30 -11.09 3.07
CA LEU A 116 2.93 -10.78 2.72
C LEU A 116 2.11 -10.59 4.00
N ARG A 117 2.31 -11.49 4.94
CA ARG A 117 1.60 -11.43 6.21
C ARG A 117 1.80 -10.06 6.86
N GLY A 118 2.98 -9.51 6.64
CA GLY A 118 3.29 -8.20 7.21
C GLY A 118 2.75 -7.08 6.32
N LEU A 119 2.72 -7.34 5.02
CA LEU A 119 2.24 -6.37 4.07
C LEU A 119 0.74 -6.15 4.28
N GLU A 120 0.06 -7.24 4.62
CA GLU A 120 -1.37 -7.18 4.86
C GLU A 120 -1.68 -6.19 5.98
N ALA A 121 -0.97 -6.35 7.09
CA ALA A 121 -1.16 -5.48 8.23
C ALA A 121 -1.09 -4.02 7.78
N ALA A 122 -0.19 -3.76 6.84
CA ALA A 122 -0.02 -2.42 6.32
C ALA A 122 -1.38 -1.85 5.92
N LEU A 123 -2.04 -2.58 5.03
CA LEU A 123 -3.35 -2.16 4.56
C LEU A 123 -4.30 -2.01 5.75
N LEU A 124 -4.51 -3.12 6.44
CA LEU A 124 -5.38 -3.12 7.60
C LEU A 124 -5.07 -1.90 8.47
N ARG A 125 -3.82 -1.81 8.89
CA ARG A 125 -3.39 -0.70 9.73
C ARG A 125 -3.91 0.63 9.14
N LEU A 126 -3.38 0.98 7.98
CA LEU A 126 -3.77 2.21 7.32
C LEU A 126 -5.28 2.39 7.46
N GLN A 127 -6.01 1.39 6.99
CA GLN A 127 -7.46 1.42 7.04
C GLN A 127 -7.93 1.75 8.46
N ALA A 128 -7.19 1.22 9.42
CA ALA A 128 -7.52 1.45 10.82
C ALA A 128 -7.24 2.91 11.19
N GLN A 129 -6.39 3.54 10.37
CA GLN A 129 -6.03 4.93 10.58
C GLN A 129 -7.03 5.84 9.89
N VAL A 130 -7.87 5.24 9.05
CA VAL A 130 -8.88 6.00 8.33
C VAL A 130 -10.20 5.94 9.09
N ARG A 131 -10.58 4.73 9.49
CA ARG A 131 -11.81 4.53 10.22
C ARG A 131 -11.93 5.54 11.36
N LYS A 132 -10.80 5.76 12.03
CA LYS A 132 -10.76 6.71 13.13
C LYS A 132 -10.92 8.12 12.59
N ALA A 133 -10.40 8.33 11.39
CA ALA A 133 -10.47 9.63 10.75
C ALA A 133 -11.94 9.94 10.40
N LEU A 134 -12.68 8.88 10.10
CA LEU A 134 -14.07 9.01 9.75
C LEU A 134 -14.84 9.62 10.93
N THR A 135 -14.52 9.13 12.11
CA THR A 135 -15.16 9.62 13.33
C THR A 135 -14.69 11.02 13.65
N SER A 136 -13.72 11.48 12.89
CA SER A 136 -13.16 12.81 13.08
C SER A 136 -13.82 13.80 12.12
N MET A 1 -16.27 -1.90 -2.89
CA MET A 1 -15.22 -2.80 -3.34
C MET A 1 -13.99 -2.03 -3.78
N VAL A 2 -12.92 -2.77 -4.06
CA VAL A 2 -11.68 -2.16 -4.50
C VAL A 2 -11.98 -1.12 -5.59
N PRO A 3 -11.23 0.01 -5.52
CA PRO A 3 -11.40 1.08 -6.49
C PRO A 3 -10.78 0.71 -7.84
N PRO A 4 -11.00 1.59 -8.84
CA PRO A 4 -10.48 1.37 -10.17
C PRO A 4 -8.97 1.64 -10.22
N LYS A 5 -8.61 2.85 -9.80
CA LYS A 5 -7.22 3.25 -9.78
C LYS A 5 -6.36 2.10 -9.27
N LEU A 6 -6.90 1.38 -8.29
CA LEU A 6 -6.20 0.24 -7.72
C LEU A 6 -6.36 -0.98 -8.63
N LYS A 7 -7.61 -1.41 -8.76
CA LYS A 7 -7.91 -2.56 -9.59
C LYS A 7 -7.10 -2.47 -10.89
N GLN A 8 -6.87 -1.24 -11.32
CA GLN A 8 -6.11 -1.01 -12.54
C GLN A 8 -4.73 -1.66 -12.44
N ALA A 9 -4.08 -1.41 -11.31
CA ALA A 9 -2.75 -1.96 -11.08
C ALA A 9 -2.84 -3.49 -11.00
N LEU A 10 -3.55 -3.96 -9.98
CA LEU A 10 -3.72 -5.38 -9.78
C LEU A 10 -3.97 -6.06 -11.13
N GLU A 11 -4.84 -5.43 -11.92
CA GLU A 11 -5.18 -5.96 -13.23
C GLU A 11 -4.00 -5.76 -14.20
N LEU A 12 -3.73 -4.50 -14.47
CA LEU A 12 -2.64 -4.15 -15.38
C LEU A 12 -1.44 -5.06 -15.08
N PHE A 13 -1.13 -5.20 -13.80
CA PHE A 13 -0.01 -6.02 -13.37
C PHE A 13 -0.18 -7.46 -13.87
N LYS A 14 -1.25 -8.10 -13.41
CA LYS A 14 -1.53 -9.46 -13.80
C LYS A 14 -1.60 -9.55 -15.33
N SER A 15 -1.79 -8.40 -15.94
CA SER A 15 -1.88 -8.33 -17.40
C SER A 15 -0.49 -8.13 -17.99
N LEU A 16 0.34 -7.41 -17.25
CA LEU A 16 1.69 -7.14 -17.70
C LEU A 16 2.52 -8.43 -17.64
N PRO A 17 3.65 -8.43 -18.40
CA PRO A 17 4.52 -9.60 -18.45
C PRO A 17 5.34 -9.70 -17.16
N LYS A 18 5.40 -10.93 -16.64
CA LYS A 18 6.15 -11.18 -15.42
C LYS A 18 7.38 -10.26 -15.39
N GLU A 19 8.31 -10.55 -16.29
CA GLU A 19 9.53 -9.76 -16.37
C GLU A 19 9.25 -8.29 -16.03
N LEU A 20 8.34 -7.71 -16.80
CA LEU A 20 7.96 -6.32 -16.60
C LEU A 20 7.47 -6.13 -15.16
N ARG A 21 6.47 -6.93 -14.80
CA ARG A 21 5.90 -6.87 -13.46
C ARG A 21 7.00 -6.65 -12.43
N SER A 22 8.18 -7.19 -12.73
CA SER A 22 9.31 -7.06 -11.84
C SER A 22 9.72 -5.59 -11.73
N GLN A 23 9.96 -4.98 -12.88
CA GLN A 23 10.36 -3.58 -12.92
C GLN A 23 9.22 -2.69 -12.43
N VAL A 24 8.01 -3.05 -12.83
CA VAL A 24 6.83 -2.29 -12.43
C VAL A 24 6.86 -2.08 -10.91
N LEU A 25 6.77 -3.19 -10.19
CA LEU A 25 6.77 -3.14 -8.73
C LEU A 25 7.87 -2.17 -8.27
N LEU A 26 9.00 -2.23 -8.96
CA LEU A 26 10.12 -1.37 -8.63
C LEU A 26 9.70 0.09 -8.79
N GLU A 27 9.22 0.42 -9.98
CA GLU A 27 8.79 1.77 -10.27
C GLU A 27 7.82 2.26 -9.18
N TYR A 28 6.79 1.46 -8.96
CA TYR A 28 5.79 1.81 -7.94
C TYR A 28 6.46 2.38 -6.69
N ALA A 29 7.53 1.71 -6.28
CA ALA A 29 8.26 2.14 -5.09
C ALA A 29 8.87 3.52 -5.35
N ALA A 30 9.52 3.64 -6.50
CA ALA A 30 10.15 4.90 -6.87
C ALA A 30 9.11 6.01 -6.85
N LYS A 31 7.85 5.61 -6.91
CA LYS A 31 6.76 6.56 -6.90
C LYS A 31 6.28 6.77 -5.46
N VAL A 32 7.19 6.51 -4.53
CA VAL A 32 6.89 6.67 -3.12
C VAL A 32 7.77 7.76 -2.53
N PRO A 33 7.16 8.98 -2.37
CA PRO A 33 7.88 10.11 -1.82
C PRO A 33 8.06 9.97 -0.31
N PRO A 34 9.02 10.76 0.23
CA PRO A 34 9.30 10.73 1.66
C PRO A 34 8.21 11.45 2.44
N PRO A 35 8.06 11.04 3.73
CA PRO A 35 7.07 11.63 4.61
C PRO A 35 7.49 13.03 5.06
N PRO A 36 6.47 13.90 5.28
CA PRO A 36 6.73 15.27 5.71
C PRO A 36 7.12 15.31 7.19
N PRO A 37 7.90 16.35 7.55
CA PRO A 37 8.34 16.52 8.92
C PRO A 37 7.20 17.03 9.81
N GLY A 38 6.11 16.27 9.80
CA GLY A 38 4.95 16.62 10.60
C GLY A 38 3.86 15.56 10.48
N VAL A 39 4.31 14.31 10.39
CA VAL A 39 3.39 13.19 10.28
C VAL A 39 3.88 12.04 11.16
N GLU A 40 3.00 11.60 12.05
CA GLU A 40 3.33 10.50 12.96
C GLU A 40 3.01 9.16 12.30
N LEU A 41 4.07 8.40 12.04
CA LEU A 41 3.91 7.10 11.42
C LEU A 41 4.02 6.01 12.48
N GLU A 42 3.23 4.96 12.30
CA GLU A 42 3.22 3.86 13.24
C GLU A 42 4.05 2.69 12.69
N ARG A 43 4.74 2.01 13.59
CA ARG A 43 5.57 0.88 13.22
C ARG A 43 4.70 -0.38 13.06
N VAL A 44 4.90 -1.05 11.94
CA VAL A 44 4.15 -2.27 11.65
C VAL A 44 4.96 -3.48 12.12
N HIS A 45 4.72 -3.87 13.36
CA HIS A 45 5.41 -5.01 13.94
C HIS A 45 5.24 -6.23 13.04
N GLU A 46 4.02 -6.36 12.51
CA GLU A 46 3.71 -7.48 11.63
C GLU A 46 4.84 -7.71 10.64
N CYS A 47 5.50 -6.62 10.28
CA CYS A 47 6.61 -6.68 9.34
C CYS A 47 7.91 -6.63 10.12
N GLN A 48 8.75 -7.64 9.89
CA GLN A 48 10.02 -7.73 10.58
C GLN A 48 10.84 -6.46 10.34
N THR A 49 10.66 -5.89 9.16
CA THR A 49 11.36 -4.67 8.80
C THR A 49 10.72 -3.45 9.47
N PRO A 50 11.55 -2.39 9.64
CA PRO A 50 11.07 -1.17 10.27
C PRO A 50 10.18 -0.37 9.32
N PHE A 51 9.02 -0.95 9.02
CA PHE A 51 8.07 -0.32 8.13
C PHE A 51 7.08 0.56 8.91
N PHE A 52 6.75 1.70 8.32
CA PHE A 52 5.83 2.62 8.95
C PHE A 52 4.84 3.19 7.92
N VAL A 53 3.60 3.33 8.36
CA VAL A 53 2.55 3.85 7.50
C VAL A 53 1.59 4.70 8.32
N HIS A 54 0.93 5.63 7.64
CA HIS A 54 -0.02 6.51 8.30
C HIS A 54 -1.07 6.96 7.29
N ALA A 55 -2.33 6.90 7.73
CA ALA A 55 -3.43 7.30 6.88
C ALA A 55 -4.15 8.49 7.52
N ASP A 56 -4.75 9.30 6.66
CA ASP A 56 -5.47 10.48 7.13
C ASP A 56 -6.47 10.92 6.06
N VAL A 57 -7.38 11.80 6.45
CA VAL A 57 -8.38 12.32 5.54
C VAL A 57 -8.17 13.82 5.36
N GLU A 58 -7.68 14.17 4.18
CA GLU A 58 -7.44 15.58 3.87
C GLU A 58 -8.13 15.95 2.56
N GLY A 59 -8.97 16.97 2.64
CA GLY A 59 -9.70 17.44 1.48
C GLY A 59 -10.59 16.32 0.91
N GLY A 60 -11.31 15.67 1.80
CA GLY A 60 -12.21 14.60 1.40
C GLY A 60 -11.44 13.51 0.64
N LYS A 61 -10.14 13.47 0.87
CA LYS A 61 -9.30 12.50 0.20
C LYS A 61 -8.52 11.70 1.25
N VAL A 62 -7.74 10.73 0.77
CA VAL A 62 -6.95 9.91 1.65
C VAL A 62 -5.47 10.23 1.47
N ARG A 63 -4.83 10.58 2.57
CA ARG A 63 -3.41 10.91 2.53
C ARG A 63 -2.58 9.76 3.08
N LEU A 64 -1.86 9.11 2.17
CA LEU A 64 -1.02 7.99 2.55
C LEU A 64 0.40 8.48 2.84
N TYR A 65 1.07 7.77 3.72
CA TYR A 65 2.43 8.13 4.09
C TYR A 65 3.23 6.91 4.55
N PHE A 66 4.31 6.64 3.84
CA PHE A 66 5.16 5.50 4.16
C PHE A 66 6.56 5.96 4.54
N HIS A 67 7.31 5.04 5.14
CA HIS A 67 8.67 5.32 5.55
C HIS A 67 9.50 4.05 5.53
N VAL A 68 10.49 4.04 4.65
CA VAL A 68 11.36 2.88 4.52
C VAL A 68 12.82 3.34 4.61
N PRO A 69 13.40 3.14 5.82
CA PRO A 69 14.79 3.52 6.06
C PRO A 69 15.75 2.54 5.39
N ASP A 70 15.52 1.27 5.67
CA ASP A 70 16.36 0.22 5.11
C ASP A 70 16.28 0.26 3.59
N GLU A 71 15.33 1.06 3.11
CA GLU A 71 15.13 1.20 1.68
C GLU A 71 14.64 -0.12 1.08
N ALA A 72 14.20 -1.01 1.96
CA ALA A 72 13.70 -2.30 1.54
C ALA A 72 12.76 -2.11 0.34
N PRO A 73 13.14 -2.76 -0.80
CA PRO A 73 12.34 -2.66 -2.00
C PRO A 73 11.08 -3.54 -1.90
N THR A 74 11.30 -4.79 -1.57
CA THR A 74 10.20 -5.73 -1.43
C THR A 74 9.03 -5.08 -0.68
N VAL A 75 9.38 -4.13 0.17
CA VAL A 75 8.37 -3.43 0.94
C VAL A 75 7.99 -2.14 0.22
N LYS A 76 8.97 -1.53 -0.41
CA LYS A 76 8.75 -0.29 -1.15
C LYS A 76 7.74 -0.54 -2.27
N ALA A 77 8.01 -1.59 -3.04
CA ALA A 77 7.14 -1.95 -4.14
C ALA A 77 5.69 -1.94 -3.67
N PHE A 78 5.41 -2.80 -2.71
CA PHE A 78 4.07 -2.90 -2.15
C PHE A 78 3.57 -1.54 -1.69
N ALA A 79 4.33 -0.93 -0.80
CA ALA A 79 3.98 0.38 -0.28
C ALA A 79 3.51 1.28 -1.43
N GLY A 80 4.29 1.26 -2.50
CA GLY A 80 3.98 2.07 -3.67
C GLY A 80 2.71 1.55 -4.37
N LEU A 81 2.45 0.27 -4.18
CA LEU A 81 1.29 -0.36 -4.78
C LEU A 81 0.02 0.19 -4.12
N LEU A 82 0.09 0.35 -2.81
CA LEU A 82 -1.03 0.86 -2.05
C LEU A 82 -1.45 2.21 -2.63
N ARG A 83 -0.51 3.15 -2.62
CA ARG A 83 -0.76 4.48 -3.13
C ARG A 83 -1.09 4.42 -4.62
N GLU A 84 -0.39 3.52 -5.32
CA GLU A 84 -0.60 3.36 -6.74
C GLU A 84 -2.08 3.55 -7.08
N GLY A 85 -2.93 3.07 -6.19
CA GLY A 85 -4.36 3.18 -6.38
C GLY A 85 -5.09 3.34 -5.05
N LEU A 86 -4.66 4.34 -4.29
CA LEU A 86 -5.26 4.60 -3.00
C LEU A 86 -5.03 6.07 -2.62
N GLU A 87 -3.80 6.51 -2.82
CA GLU A 87 -3.43 7.89 -2.52
C GLU A 87 -4.35 8.86 -3.25
N GLY A 88 -5.12 9.61 -2.48
CA GLY A 88 -6.03 10.58 -3.04
C GLY A 88 -7.46 10.02 -3.08
N GLU A 89 -7.56 8.70 -2.92
CA GLU A 89 -8.85 8.04 -2.93
C GLU A 89 -9.66 8.43 -1.69
N SER A 90 -10.80 7.77 -1.53
CA SER A 90 -11.67 8.03 -0.41
C SER A 90 -11.37 7.06 0.73
N PRO A 91 -11.77 7.46 1.96
CA PRO A 91 -11.54 6.64 3.13
C PRO A 91 -12.53 5.47 3.17
N GLU A 92 -13.49 5.52 2.27
CA GLU A 92 -14.49 4.47 2.19
C GLU A 92 -14.10 3.43 1.15
N ALA A 93 -13.54 3.92 0.04
CA ALA A 93 -13.11 3.05 -1.02
C ALA A 93 -11.84 2.31 -0.61
N VAL A 94 -11.03 2.99 0.21
CA VAL A 94 -9.79 2.42 0.70
C VAL A 94 -10.11 1.27 1.66
N LEU A 95 -11.07 1.52 2.53
CA LEU A 95 -11.48 0.52 3.51
C LEU A 95 -11.93 -0.74 2.78
N GLU A 96 -12.59 -0.53 1.64
CA GLU A 96 -13.08 -1.63 0.84
C GLU A 96 -11.93 -2.57 0.46
N VAL A 97 -10.74 -1.99 0.38
CA VAL A 97 -9.56 -2.76 0.03
C VAL A 97 -9.31 -3.81 1.11
N PRO A 98 -9.47 -5.10 0.70
CA PRO A 98 -9.27 -6.20 1.61
C PRO A 98 -7.77 -6.45 1.86
N PRO A 99 -7.48 -7.22 2.94
CA PRO A 99 -6.10 -7.54 3.28
C PRO A 99 -5.51 -8.57 2.33
N GLY A 100 -6.34 -8.99 1.38
CA GLY A 100 -5.92 -9.98 0.41
C GLY A 100 -6.24 -9.51 -1.02
N PHE A 101 -6.33 -8.20 -1.17
CA PHE A 101 -6.62 -7.61 -2.47
C PHE A 101 -5.56 -8.00 -3.50
N TYR A 102 -4.39 -8.35 -2.99
CA TYR A 102 -3.29 -8.74 -3.86
C TYR A 102 -3.41 -10.20 -4.27
N ARG A 103 -4.10 -10.97 -3.43
CA ARG A 103 -4.31 -12.38 -3.71
C ARG A 103 -4.86 -12.57 -5.12
N GLY A 104 -4.27 -13.54 -5.82
CA GLY A 104 -4.69 -13.84 -7.18
C GLY A 104 -4.45 -12.64 -8.10
N TYR A 105 -3.20 -12.50 -8.51
CA TYR A 105 -2.82 -11.41 -9.39
C TYR A 105 -1.36 -11.52 -9.81
N GLY A 106 -0.51 -11.77 -8.82
CA GLY A 106 0.92 -11.90 -9.06
C GLY A 106 1.71 -11.68 -7.77
N LEU A 107 1.31 -10.67 -7.03
CA LEU A 107 1.97 -10.35 -5.78
C LEU A 107 2.17 -11.63 -4.96
N GLU A 108 1.12 -12.44 -4.94
CA GLU A 108 1.16 -13.69 -4.20
C GLU A 108 2.45 -14.45 -4.52
N GLU A 109 2.64 -14.71 -5.81
CA GLU A 109 3.82 -15.44 -6.25
C GLU A 109 5.06 -14.55 -6.11
N PHE A 110 4.93 -13.32 -6.59
CA PHE A 110 6.03 -12.37 -6.53
C PHE A 110 6.62 -12.30 -5.12
N PHE A 111 5.82 -11.77 -4.20
CA PHE A 111 6.26 -11.63 -2.82
C PHE A 111 5.98 -12.92 -2.04
N THR A 112 6.82 -13.16 -1.04
CA THR A 112 6.67 -14.35 -0.22
C THR A 112 5.44 -14.22 0.68
N PRO A 113 5.00 -15.39 1.23
CA PRO A 113 3.84 -15.42 2.10
C PRO A 113 4.18 -14.87 3.48
N LEU A 114 5.47 -14.67 3.71
CA LEU A 114 5.94 -14.16 4.98
C LEU A 114 5.97 -12.63 4.92
N ARG A 115 6.66 -12.11 3.91
CA ARG A 115 6.77 -10.67 3.73
C ARG A 115 5.37 -10.05 3.60
N LEU A 116 4.46 -10.83 3.04
CA LEU A 116 3.10 -10.37 2.86
C LEU A 116 2.43 -10.20 4.22
N ARG A 117 2.59 -11.23 5.06
CA ARG A 117 2.00 -11.21 6.38
C ARG A 117 2.11 -9.82 7.00
N GLY A 118 3.16 -9.11 6.60
CA GLY A 118 3.38 -7.75 7.10
C GLY A 118 2.80 -6.72 6.14
N LEU A 119 3.24 -6.79 4.88
CA LEU A 119 2.78 -5.87 3.87
C LEU A 119 1.27 -5.66 4.03
N GLU A 120 0.60 -6.74 4.39
CA GLU A 120 -0.85 -6.69 4.58
C GLU A 120 -1.20 -5.84 5.81
N ALA A 121 -0.50 -6.12 6.89
CA ALA A 121 -0.73 -5.39 8.14
C ALA A 121 -0.97 -3.92 7.81
N ALA A 122 -0.08 -3.37 7.00
CA ALA A 122 -0.18 -1.97 6.62
C ALA A 122 -1.65 -1.62 6.36
N LEU A 123 -2.18 -2.17 5.28
CA LEU A 123 -3.56 -1.93 4.91
C LEU A 123 -4.44 -2.03 6.16
N LEU A 124 -4.37 -3.18 6.80
CA LEU A 124 -5.15 -3.42 8.00
C LEU A 124 -5.02 -2.22 8.94
N ARG A 125 -3.78 -1.87 9.25
CA ARG A 125 -3.52 -0.75 10.13
C ARG A 125 -4.15 0.53 9.57
N LEU A 126 -3.74 0.88 8.35
CA LEU A 126 -4.25 2.07 7.69
C LEU A 126 -5.77 2.07 7.80
N GLN A 127 -6.36 0.95 7.43
CA GLN A 127 -7.82 0.81 7.48
C GLN A 127 -8.32 0.99 8.91
N ALA A 128 -7.44 0.67 9.86
CA ALA A 128 -7.78 0.80 11.26
C ALA A 128 -7.50 2.24 11.73
N GLN A 129 -6.74 2.95 10.93
CA GLN A 129 -6.39 4.32 11.23
C GLN A 129 -7.31 5.28 10.48
N VAL A 130 -7.83 4.80 9.36
CA VAL A 130 -8.72 5.61 8.54
C VAL A 130 -10.13 5.58 9.14
N ARG A 131 -10.60 4.36 9.37
CA ARG A 131 -11.93 4.18 9.93
C ARG A 131 -12.24 5.29 10.94
N LYS A 132 -11.19 5.72 11.62
CA LYS A 132 -11.33 6.78 12.62
C LYS A 132 -11.72 8.08 11.93
N ALA A 133 -10.90 8.48 10.97
CA ALA A 133 -11.14 9.70 10.22
C ALA A 133 -12.63 9.77 9.85
N LEU A 134 -13.13 8.66 9.32
CA LEU A 134 -14.52 8.59 8.93
C LEU A 134 -15.40 9.24 10.00
N THR A 135 -15.00 9.02 11.25
CA THR A 135 -15.74 9.58 12.38
C THR A 135 -14.85 10.54 13.17
N SER A 136 -13.91 11.14 12.45
CA SER A 136 -12.99 12.09 13.07
C SER A 136 -12.83 13.32 12.18
N MET A 1 -15.52 -3.54 -5.53
CA MET A 1 -14.44 -3.80 -4.58
C MET A 1 -13.20 -2.97 -4.92
N VAL A 2 -12.68 -2.29 -3.91
CA VAL A 2 -11.51 -1.46 -4.09
C VAL A 2 -11.76 -0.47 -5.23
N PRO A 3 -10.91 0.61 -5.25
CA PRO A 3 -11.04 1.62 -6.28
C PRO A 3 -10.48 1.13 -7.61
N PRO A 4 -10.61 1.99 -8.65
CA PRO A 4 -10.14 1.65 -9.98
C PRO A 4 -8.61 1.76 -10.05
N LYS A 5 -8.12 2.94 -9.73
CA LYS A 5 -6.69 3.19 -9.75
C LYS A 5 -5.95 1.96 -9.22
N LEU A 6 -6.57 1.31 -8.26
CA LEU A 6 -5.99 0.12 -7.66
C LEU A 6 -6.33 -1.10 -8.53
N LYS A 7 -7.62 -1.39 -8.60
CA LYS A 7 -8.09 -2.52 -9.39
C LYS A 7 -7.34 -2.55 -10.72
N GLN A 8 -7.03 -1.36 -11.21
CA GLN A 8 -6.31 -1.23 -12.47
C GLN A 8 -4.89 -1.78 -12.34
N ALA A 9 -4.21 -1.32 -11.30
CA ALA A 9 -2.85 -1.75 -11.04
C ALA A 9 -2.81 -3.28 -10.96
N LEU A 10 -3.58 -3.81 -10.02
CA LEU A 10 -3.63 -5.25 -9.84
C LEU A 10 -3.85 -5.93 -11.18
N GLU A 11 -4.93 -5.55 -11.84
CA GLU A 11 -5.26 -6.12 -13.15
C GLU A 11 -4.10 -5.90 -14.12
N LEU A 12 -3.80 -4.64 -14.37
CA LEU A 12 -2.73 -4.29 -15.27
C LEU A 12 -1.49 -5.13 -14.94
N PHE A 13 -1.03 -4.97 -13.71
CA PHE A 13 0.14 -5.69 -13.25
C PHE A 13 0.14 -7.12 -13.79
N LYS A 14 -0.87 -7.89 -13.38
CA LYS A 14 -0.99 -9.26 -13.81
C LYS A 14 -1.06 -9.30 -15.34
N SER A 15 -1.67 -8.28 -15.90
CA SER A 15 -1.82 -8.19 -17.35
C SER A 15 -0.45 -7.90 -17.99
N LEU A 16 0.44 -7.33 -17.18
CA LEU A 16 1.77 -7.00 -17.65
C LEU A 16 2.63 -8.26 -17.68
N PRO A 17 3.73 -8.20 -18.48
CA PRO A 17 4.63 -9.33 -18.60
C PRO A 17 5.51 -9.45 -17.35
N LYS A 18 5.64 -10.70 -16.89
CA LYS A 18 6.44 -10.97 -15.71
C LYS A 18 7.65 -10.03 -15.69
N GLU A 19 8.55 -10.26 -16.63
CA GLU A 19 9.76 -9.45 -16.73
C GLU A 19 9.44 -8.00 -16.37
N LEU A 20 8.36 -7.49 -16.94
CA LEU A 20 7.94 -6.12 -16.69
C LEU A 20 7.41 -6.01 -15.26
N ARG A 21 6.47 -6.89 -14.93
CA ARG A 21 5.88 -6.90 -13.61
C ARG A 21 6.96 -6.62 -12.55
N SER A 22 8.04 -7.37 -12.63
CA SER A 22 9.14 -7.21 -11.69
C SER A 22 9.57 -5.74 -11.64
N GLN A 23 9.75 -5.16 -12.81
CA GLN A 23 10.16 -3.77 -12.91
C GLN A 23 9.05 -2.86 -12.37
N VAL A 24 7.82 -3.22 -12.69
CA VAL A 24 6.67 -2.45 -12.23
C VAL A 24 6.76 -2.25 -10.71
N LEU A 25 6.69 -3.37 -10.00
CA LEU A 25 6.76 -3.34 -8.56
C LEU A 25 7.84 -2.35 -8.12
N LEU A 26 8.95 -2.40 -8.83
CA LEU A 26 10.07 -1.52 -8.53
C LEU A 26 9.65 -0.07 -8.78
N GLU A 27 9.22 0.19 -10.01
CA GLU A 27 8.79 1.52 -10.39
C GLU A 27 7.87 2.11 -9.32
N TYR A 28 6.85 1.35 -8.96
CA TYR A 28 5.91 1.78 -7.96
C TYR A 28 6.62 2.42 -6.76
N ALA A 29 7.51 1.64 -6.16
CA ALA A 29 8.27 2.12 -5.02
C ALA A 29 8.91 3.47 -5.36
N ALA A 30 9.45 3.54 -6.57
CA ALA A 30 10.10 4.75 -7.04
C ALA A 30 9.09 5.91 -7.00
N LYS A 31 7.82 5.53 -7.11
CA LYS A 31 6.75 6.52 -7.10
C LYS A 31 6.19 6.64 -5.68
N VAL A 32 7.09 6.60 -4.72
CA VAL A 32 6.70 6.71 -3.33
C VAL A 32 7.54 7.80 -2.65
N PRO A 33 6.92 9.01 -2.54
CA PRO A 33 7.60 10.13 -1.91
C PRO A 33 7.63 9.98 -0.39
N PRO A 34 8.59 10.72 0.23
CA PRO A 34 8.74 10.67 1.68
C PRO A 34 7.62 11.46 2.38
N PRO A 35 7.36 11.07 3.65
CA PRO A 35 6.32 11.73 4.43
C PRO A 35 6.79 13.10 4.91
N PRO A 36 5.80 14.00 5.14
CA PRO A 36 6.09 15.34 5.59
C PRO A 36 6.48 15.35 7.07
N PRO A 37 7.10 16.49 7.50
CA PRO A 37 7.53 16.63 8.89
C PRO A 37 6.33 16.89 9.81
N GLY A 38 6.27 16.12 10.88
CA GLY A 38 5.19 16.24 11.84
C GLY A 38 4.25 15.04 11.78
N VAL A 39 4.01 14.59 10.57
CA VAL A 39 3.13 13.44 10.37
C VAL A 39 3.68 12.24 11.14
N GLU A 40 2.83 11.72 12.02
CA GLU A 40 3.21 10.58 12.83
C GLU A 40 2.83 9.28 12.13
N LEU A 41 3.81 8.40 11.99
CA LEU A 41 3.59 7.12 11.34
C LEU A 41 3.84 5.99 12.35
N GLU A 42 3.05 4.94 12.22
CA GLU A 42 3.19 3.80 13.11
C GLU A 42 3.86 2.63 12.38
N ARG A 43 4.83 2.03 13.05
CA ARG A 43 5.55 0.91 12.49
C ARG A 43 4.67 -0.33 12.44
N VAL A 44 4.92 -1.16 11.44
CA VAL A 44 4.15 -2.39 11.27
C VAL A 44 4.91 -3.55 11.91
N HIS A 45 4.62 -3.78 13.18
CA HIS A 45 5.28 -4.85 13.91
C HIS A 45 5.05 -6.18 13.18
N GLU A 46 3.92 -6.25 12.49
CA GLU A 46 3.58 -7.45 11.75
C GLU A 46 4.60 -7.72 10.65
N CYS A 47 5.36 -6.68 10.33
CA CYS A 47 6.39 -6.78 9.31
C CYS A 47 7.76 -6.73 9.98
N GLN A 48 8.61 -7.67 9.61
CA GLN A 48 9.94 -7.74 10.18
C GLN A 48 10.70 -6.44 9.92
N THR A 49 11.00 -6.21 8.64
CA THR A 49 11.72 -5.01 8.26
C THR A 49 11.03 -3.77 8.82
N PRO A 50 11.81 -2.65 8.88
CA PRO A 50 11.28 -1.40 9.40
C PRO A 50 10.35 -0.74 8.37
N PHE A 51 9.07 -0.73 8.71
CA PHE A 51 8.07 -0.13 7.83
C PHE A 51 7.07 0.71 8.63
N PHE A 52 6.77 1.89 8.10
CA PHE A 52 5.83 2.77 8.75
C PHE A 52 4.79 3.30 7.76
N VAL A 53 3.54 3.24 8.18
CA VAL A 53 2.44 3.71 7.34
C VAL A 53 1.57 4.68 8.13
N HIS A 54 0.81 5.48 7.40
CA HIS A 54 -0.07 6.46 8.02
C HIS A 54 -1.08 6.96 7.00
N ALA A 55 -2.35 6.88 7.37
CA ALA A 55 -3.42 7.32 6.51
C ALA A 55 -4.19 8.45 7.18
N ASP A 56 -4.79 9.30 6.36
CA ASP A 56 -5.56 10.42 6.87
C ASP A 56 -6.52 10.90 5.78
N VAL A 57 -7.52 11.67 6.22
CA VAL A 57 -8.51 12.20 5.29
C VAL A 57 -8.44 13.73 5.29
N GLU A 58 -7.91 14.26 4.21
CA GLU A 58 -7.78 15.70 4.07
C GLU A 58 -8.87 16.25 3.15
N GLY A 59 -9.89 16.84 3.77
CA GLY A 59 -10.99 17.41 3.02
C GLY A 59 -12.03 16.33 2.67
N GLY A 60 -11.71 15.57 1.65
CA GLY A 60 -12.59 14.51 1.20
C GLY A 60 -11.83 13.44 0.41
N LYS A 61 -10.53 13.37 0.69
CA LYS A 61 -9.67 12.41 0.01
C LYS A 61 -8.87 11.64 1.06
N VAL A 62 -8.09 10.68 0.57
CA VAL A 62 -7.27 9.87 1.45
C VAL A 62 -5.81 10.29 1.30
N ARG A 63 -5.14 10.38 2.44
CA ARG A 63 -3.73 10.77 2.45
C ARG A 63 -2.87 9.64 3.02
N LEU A 64 -2.21 8.94 2.11
CA LEU A 64 -1.35 7.83 2.51
C LEU A 64 0.08 8.35 2.70
N TYR A 65 0.78 7.69 3.61
CA TYR A 65 2.17 8.07 3.91
C TYR A 65 2.97 6.87 4.41
N PHE A 66 4.01 6.56 3.67
CA PHE A 66 4.87 5.43 4.04
C PHE A 66 6.32 5.89 4.24
N HIS A 67 7.04 5.13 5.05
CA HIS A 67 8.42 5.45 5.34
C HIS A 67 9.24 4.16 5.45
N VAL A 68 10.26 4.07 4.62
CA VAL A 68 11.12 2.89 4.61
C VAL A 68 12.59 3.34 4.74
N PRO A 69 13.18 3.02 5.91
CA PRO A 69 14.57 3.36 6.17
C PRO A 69 15.52 2.46 5.39
N ASP A 70 15.58 1.21 5.82
CA ASP A 70 16.44 0.23 5.18
C ASP A 70 16.40 0.43 3.66
N GLU A 71 15.25 0.92 3.19
CA GLU A 71 15.07 1.16 1.78
C GLU A 71 14.98 -0.16 1.02
N ALA A 72 14.02 -0.98 1.41
CA ALA A 72 13.82 -2.28 0.77
C ALA A 72 12.97 -2.09 -0.48
N PRO A 73 13.44 -2.75 -1.58
CA PRO A 73 12.72 -2.67 -2.85
C PRO A 73 11.46 -3.53 -2.82
N THR A 74 11.52 -4.59 -2.03
CA THR A 74 10.39 -5.49 -1.90
C THR A 74 9.42 -4.99 -0.82
N VAL A 75 9.91 -4.07 -0.02
CA VAL A 75 9.12 -3.51 1.06
C VAL A 75 8.45 -2.22 0.58
N LYS A 76 9.23 -1.42 -0.13
CA LYS A 76 8.73 -0.16 -0.66
C LYS A 76 7.75 -0.45 -1.81
N ALA A 77 8.14 -1.38 -2.66
CA ALA A 77 7.31 -1.75 -3.79
C ALA A 77 5.85 -1.83 -3.35
N PHE A 78 5.58 -2.79 -2.47
CA PHE A 78 4.24 -2.98 -1.97
C PHE A 78 3.66 -1.65 -1.44
N ALA A 79 4.34 -1.10 -0.46
CA ALA A 79 3.91 0.15 0.13
C ALA A 79 3.44 1.10 -0.97
N GLY A 80 4.25 1.19 -2.01
CA GLY A 80 3.93 2.06 -3.13
C GLY A 80 2.68 1.56 -3.87
N LEU A 81 2.52 0.25 -3.87
CA LEU A 81 1.37 -0.35 -4.52
C LEU A 81 0.08 0.15 -3.88
N LEU A 82 0.16 0.40 -2.58
CA LEU A 82 -0.97 0.89 -1.83
C LEU A 82 -1.29 2.32 -2.27
N ARG A 83 -0.27 3.15 -2.27
CA ARG A 83 -0.43 4.54 -2.67
C ARG A 83 -0.63 4.63 -4.19
N GLU A 84 -0.35 3.52 -4.86
CA GLU A 84 -0.50 3.47 -6.30
C GLU A 84 -1.97 3.61 -6.70
N GLY A 85 -2.82 3.04 -5.87
CA GLY A 85 -4.26 3.11 -6.13
C GLY A 85 -5.03 3.29 -4.83
N LEU A 86 -4.68 4.35 -4.11
CA LEU A 86 -5.34 4.65 -2.85
C LEU A 86 -5.20 6.16 -2.56
N GLU A 87 -3.98 6.64 -2.69
CA GLU A 87 -3.70 8.04 -2.45
C GLU A 87 -4.62 8.92 -3.29
N GLY A 88 -5.33 9.80 -2.61
CA GLY A 88 -6.26 10.70 -3.29
C GLY A 88 -7.66 10.10 -3.37
N GLU A 89 -7.74 8.82 -3.03
CA GLU A 89 -9.01 8.11 -3.06
C GLU A 89 -9.85 8.50 -1.85
N SER A 90 -10.99 7.81 -1.71
CA SER A 90 -11.89 8.07 -0.60
C SER A 90 -11.56 7.13 0.56
N PRO A 91 -12.06 7.51 1.76
CA PRO A 91 -11.84 6.71 2.96
C PRO A 91 -12.71 5.46 2.95
N GLU A 92 -13.66 5.44 2.03
CA GLU A 92 -14.57 4.31 1.91
C GLU A 92 -14.06 3.33 0.86
N ALA A 93 -13.49 3.89 -0.20
CA ALA A 93 -12.96 3.06 -1.28
C ALA A 93 -11.63 2.45 -0.83
N VAL A 94 -11.10 2.97 0.26
CA VAL A 94 -9.85 2.47 0.80
C VAL A 94 -10.13 1.35 1.79
N LEU A 95 -11.22 1.51 2.53
CA LEU A 95 -11.62 0.52 3.51
C LEU A 95 -12.17 -0.71 2.80
N GLU A 96 -12.90 -0.46 1.72
CA GLU A 96 -13.50 -1.53 0.94
C GLU A 96 -12.40 -2.49 0.45
N VAL A 97 -11.17 -2.01 0.50
CA VAL A 97 -10.03 -2.81 0.07
C VAL A 97 -9.70 -3.85 1.14
N PRO A 98 -9.79 -5.15 0.72
CA PRO A 98 -9.51 -6.24 1.63
C PRO A 98 -8.00 -6.38 1.88
N PRO A 99 -7.67 -7.18 2.92
CA PRO A 99 -6.27 -7.40 3.27
C PRO A 99 -5.60 -8.35 2.29
N GLY A 100 -6.38 -8.79 1.30
CA GLY A 100 -5.88 -9.69 0.29
C GLY A 100 -6.32 -9.25 -1.11
N PHE A 101 -6.37 -7.94 -1.29
CA PHE A 101 -6.78 -7.38 -2.57
C PHE A 101 -5.78 -7.75 -3.67
N TYR A 102 -4.55 -7.99 -3.25
CA TYR A 102 -3.50 -8.35 -4.19
C TYR A 102 -3.58 -9.83 -4.57
N ARG A 103 -4.43 -10.55 -3.84
CA ARG A 103 -4.61 -11.96 -4.08
C ARG A 103 -4.92 -12.22 -5.57
N GLY A 104 -4.44 -13.35 -6.05
CA GLY A 104 -4.66 -13.72 -7.45
C GLY A 104 -4.21 -12.60 -8.38
N TYR A 105 -2.91 -12.50 -8.55
CA TYR A 105 -2.34 -11.49 -9.42
C TYR A 105 -0.84 -11.71 -9.62
N GLY A 106 -0.15 -11.89 -8.51
CA GLY A 106 1.29 -12.11 -8.56
C GLY A 106 1.93 -11.88 -7.18
N LEU A 107 1.53 -10.77 -6.57
CA LEU A 107 2.05 -10.41 -5.26
C LEU A 107 2.18 -11.68 -4.40
N GLU A 108 1.29 -12.63 -4.67
CA GLU A 108 1.29 -13.89 -3.94
C GLU A 108 2.67 -14.54 -4.01
N GLU A 109 3.09 -14.82 -5.24
CA GLU A 109 4.38 -15.45 -5.46
C GLU A 109 5.49 -14.39 -5.47
N PHE A 110 5.13 -13.22 -5.96
CA PHE A 110 6.08 -12.12 -6.05
C PHE A 110 6.65 -11.79 -4.66
N PHE A 111 5.76 -11.66 -3.70
CA PHE A 111 6.16 -11.35 -2.33
C PHE A 111 5.86 -12.52 -1.40
N THR A 112 5.62 -13.68 -2.00
CA THR A 112 5.32 -14.87 -1.23
C THR A 112 4.15 -14.61 -0.28
N PRO A 113 3.60 -15.74 0.27
CA PRO A 113 2.47 -15.64 1.18
C PRO A 113 2.93 -15.14 2.55
N LEU A 114 4.24 -15.07 2.73
CA LEU A 114 4.81 -14.60 3.98
C LEU A 114 4.96 -13.08 3.93
N ARG A 115 5.89 -12.64 3.10
CA ARG A 115 6.13 -11.22 2.95
C ARG A 115 4.81 -10.45 2.91
N LEU A 116 3.77 -11.14 2.45
CA LEU A 116 2.46 -10.53 2.34
C LEU A 116 1.83 -10.44 3.73
N ARG A 117 1.75 -11.60 4.38
CA ARG A 117 1.18 -11.67 5.72
C ARG A 117 1.58 -10.44 6.53
N GLY A 118 2.84 -10.07 6.40
CA GLY A 118 3.36 -8.92 7.12
C GLY A 118 2.92 -7.61 6.45
N LEU A 119 2.95 -7.62 5.13
CA LEU A 119 2.54 -6.44 4.38
C LEU A 119 1.07 -6.13 4.67
N GLU A 120 0.26 -7.16 4.60
CA GLU A 120 -1.17 -7.01 4.86
C GLU A 120 -1.40 -6.02 6.00
N ALA A 121 -0.65 -6.22 7.07
CA ALA A 121 -0.75 -5.36 8.24
C ALA A 121 -0.83 -3.89 7.78
N ALA A 122 0.10 -3.54 6.90
CA ALA A 122 0.16 -2.19 6.38
C ALA A 122 -1.27 -1.69 6.12
N LEU A 123 -1.92 -2.34 5.17
CA LEU A 123 -3.27 -1.98 4.80
C LEU A 123 -4.16 -2.03 6.04
N LEU A 124 -4.26 -3.22 6.61
CA LEU A 124 -5.06 -3.41 7.81
C LEU A 124 -4.91 -2.20 8.73
N ARG A 125 -3.67 -1.76 8.87
CA ARG A 125 -3.37 -0.62 9.72
C ARG A 125 -3.99 0.65 9.13
N LEU A 126 -3.53 0.99 7.94
CA LEU A 126 -4.03 2.18 7.25
C LEU A 126 -5.55 2.25 7.42
N GLN A 127 -6.21 1.19 7.00
CA GLN A 127 -7.66 1.11 7.10
C GLN A 127 -8.13 1.59 8.48
N ALA A 128 -7.34 1.25 9.49
CA ALA A 128 -7.66 1.63 10.85
C ALA A 128 -7.40 3.13 11.03
N GLN A 129 -6.31 3.58 10.42
CA GLN A 129 -5.94 4.98 10.50
C GLN A 129 -7.00 5.86 9.83
N VAL A 130 -7.62 5.28 8.80
CA VAL A 130 -8.65 6.00 8.07
C VAL A 130 -9.95 5.97 8.87
N ARG A 131 -10.42 4.76 9.15
CA ARG A 131 -11.65 4.58 9.90
C ARG A 131 -11.71 5.59 11.05
N LYS A 132 -10.55 5.84 11.64
CA LYS A 132 -10.46 6.77 12.75
C LYS A 132 -10.86 8.17 12.27
N ALA A 133 -10.31 8.55 11.13
CA ALA A 133 -10.61 9.85 10.56
C ALA A 133 -12.11 10.04 10.47
N LEU A 134 -12.78 9.02 9.92
CA LEU A 134 -14.22 9.06 9.78
C LEU A 134 -14.85 9.60 11.06
N THR A 135 -14.30 9.16 12.19
CA THR A 135 -14.79 9.59 13.48
C THR A 135 -14.06 10.85 13.94
N SER A 136 -12.83 10.99 13.45
CA SER A 136 -12.01 12.13 13.81
C SER A 136 -10.82 12.25 12.84
N MET A 1 -16.22 -4.19 -5.31
CA MET A 1 -15.04 -4.89 -4.82
C MET A 1 -13.76 -4.23 -5.34
N VAL A 2 -13.06 -3.57 -4.43
CA VAL A 2 -11.82 -2.89 -4.77
C VAL A 2 -12.12 -1.80 -5.80
N PRO A 3 -11.41 -0.65 -5.65
CA PRO A 3 -11.58 0.47 -6.55
C PRO A 3 -10.91 0.19 -7.90
N PRO A 4 -11.14 1.13 -8.86
CA PRO A 4 -10.57 0.99 -10.19
C PRO A 4 -9.08 1.34 -10.18
N LYS A 5 -8.78 2.53 -9.68
CA LYS A 5 -7.41 2.99 -9.61
C LYS A 5 -6.50 1.82 -9.22
N LEU A 6 -7.03 0.97 -8.34
CA LEU A 6 -6.28 -0.18 -7.87
C LEU A 6 -6.51 -1.35 -8.84
N LYS A 7 -7.76 -1.75 -8.96
CA LYS A 7 -8.12 -2.85 -9.85
C LYS A 7 -7.34 -2.71 -11.16
N GLN A 8 -7.10 -1.46 -11.54
CA GLN A 8 -6.37 -1.18 -12.77
C GLN A 8 -4.94 -1.71 -12.66
N ALA A 9 -4.29 -1.36 -11.56
CA ALA A 9 -2.92 -1.79 -11.33
C ALA A 9 -2.88 -3.32 -11.21
N LEU A 10 -3.52 -3.81 -10.17
CA LEU A 10 -3.57 -5.25 -9.93
C LEU A 10 -3.77 -5.97 -11.27
N GLU A 11 -4.81 -5.57 -11.97
CA GLU A 11 -5.12 -6.16 -13.26
C GLU A 11 -3.98 -5.95 -14.24
N LEU A 12 -3.76 -4.68 -14.57
CA LEU A 12 -2.70 -4.33 -15.50
C LEU A 12 -1.44 -5.16 -15.18
N PHE A 13 -1.10 -5.18 -13.90
CA PHE A 13 0.06 -5.93 -13.45
C PHE A 13 -0.02 -7.40 -13.88
N LYS A 14 -1.06 -8.07 -13.40
CA LYS A 14 -1.27 -9.46 -13.74
C LYS A 14 -1.21 -9.64 -15.25
N SER A 15 -1.63 -8.59 -15.95
CA SER A 15 -1.63 -8.61 -17.41
C SER A 15 -0.21 -8.37 -17.93
N LEU A 16 0.49 -7.49 -17.24
CA LEU A 16 1.86 -7.16 -17.63
C LEU A 16 2.72 -8.43 -17.59
N PRO A 17 3.81 -8.41 -18.40
CA PRO A 17 4.72 -9.55 -18.46
C PRO A 17 5.60 -9.61 -17.21
N LYS A 18 5.77 -10.82 -16.70
CA LYS A 18 6.58 -11.03 -15.52
C LYS A 18 7.75 -10.04 -15.54
N GLU A 19 8.67 -10.27 -16.47
CA GLU A 19 9.83 -9.42 -16.60
C GLU A 19 9.47 -7.97 -16.24
N LEU A 20 8.47 -7.46 -16.93
CA LEU A 20 8.02 -6.09 -16.70
C LEU A 20 7.47 -5.98 -15.28
N ARG A 21 6.52 -6.85 -14.97
CA ARG A 21 5.92 -6.86 -13.65
C ARG A 21 6.95 -6.49 -12.59
N SER A 22 8.15 -7.00 -12.77
CA SER A 22 9.25 -6.74 -11.85
C SER A 22 9.60 -5.26 -11.86
N GLN A 23 10.07 -4.80 -13.01
CA GLN A 23 10.45 -3.41 -13.16
C GLN A 23 9.36 -2.49 -12.62
N VAL A 24 8.13 -2.96 -12.74
CA VAL A 24 6.98 -2.20 -12.26
C VAL A 24 7.10 -2.01 -10.74
N LEU A 25 7.00 -3.12 -10.03
CA LEU A 25 7.09 -3.10 -8.58
C LEU A 25 8.19 -2.12 -8.17
N LEU A 26 9.26 -2.09 -8.96
CA LEU A 26 10.37 -1.20 -8.68
C LEU A 26 9.95 0.24 -8.94
N GLU A 27 9.43 0.47 -10.13
CA GLU A 27 8.99 1.80 -10.52
C GLU A 27 8.07 2.38 -9.45
N TYR A 28 7.16 1.54 -8.98
CA TYR A 28 6.21 1.96 -7.95
C TYR A 28 6.94 2.56 -6.74
N ALA A 29 7.76 1.72 -6.12
CA ALA A 29 8.52 2.16 -4.96
C ALA A 29 9.34 3.38 -5.33
N ALA A 30 9.76 3.43 -6.58
CA ALA A 30 10.55 4.55 -7.07
C ALA A 30 9.71 5.83 -7.04
N LYS A 31 8.42 5.65 -7.26
CA LYS A 31 7.49 6.76 -7.26
C LYS A 31 7.11 7.10 -5.81
N VAL A 32 7.06 6.07 -4.99
CA VAL A 32 6.72 6.25 -3.59
C VAL A 32 7.51 7.42 -3.02
N PRO A 33 6.79 8.56 -2.83
CA PRO A 33 7.40 9.76 -2.30
C PRO A 33 7.64 9.64 -0.80
N PRO A 34 8.61 10.44 -0.30
CA PRO A 34 8.94 10.42 1.12
C PRO A 34 7.87 11.14 1.94
N PRO A 35 7.79 10.77 3.25
CA PRO A 35 6.81 11.37 4.14
C PRO A 35 7.26 12.78 4.54
N PRO A 36 6.23 13.64 4.81
CA PRO A 36 6.50 15.01 5.22
C PRO A 36 6.99 15.08 6.67
N PRO A 37 7.76 16.14 6.96
CA PRO A 37 8.31 16.34 8.30
C PRO A 37 7.21 16.82 9.26
N GLY A 38 6.99 16.03 10.29
CA GLY A 38 5.98 16.36 11.28
C GLY A 38 4.90 15.28 11.36
N VAL A 39 4.81 14.51 10.29
CA VAL A 39 3.82 13.44 10.22
C VAL A 39 4.33 12.23 11.00
N GLU A 40 3.52 11.81 11.96
CA GLU A 40 3.87 10.66 12.79
C GLU A 40 3.38 9.37 12.15
N LEU A 41 4.30 8.45 11.97
CA LEU A 41 3.98 7.16 11.38
C LEU A 41 4.09 6.06 12.43
N GLU A 42 3.24 5.06 12.29
CA GLU A 42 3.24 3.94 13.23
C GLU A 42 3.89 2.71 12.59
N ARG A 43 4.81 2.13 13.33
CA ARG A 43 5.52 0.95 12.86
C ARG A 43 4.56 -0.24 12.74
N VAL A 44 4.83 -1.09 11.76
CA VAL A 44 4.00 -2.25 11.53
C VAL A 44 4.76 -3.51 11.98
N HIS A 45 4.55 -3.87 13.24
CA HIS A 45 5.20 -5.04 13.80
C HIS A 45 4.91 -6.26 12.92
N GLU A 46 3.73 -6.26 12.34
CA GLU A 46 3.32 -7.36 11.48
C GLU A 46 4.41 -7.64 10.43
N CYS A 47 5.13 -6.59 10.08
CA CYS A 47 6.19 -6.71 9.10
C CYS A 47 7.52 -6.86 9.85
N GLN A 48 8.32 -7.82 9.39
CA GLN A 48 9.61 -8.07 10.01
C GLN A 48 10.42 -6.78 10.08
N THR A 49 10.45 -6.07 8.97
CA THR A 49 11.19 -4.81 8.90
C THR A 49 10.40 -3.69 9.58
N PRO A 50 11.14 -2.61 9.96
CA PRO A 50 10.52 -1.49 10.62
C PRO A 50 9.73 -0.63 9.63
N PHE A 51 8.58 -1.14 9.24
CA PHE A 51 7.72 -0.44 8.29
C PHE A 51 6.76 0.49 9.01
N PHE A 52 6.80 1.76 8.62
CA PHE A 52 5.94 2.76 9.21
C PHE A 52 4.90 3.27 8.22
N VAL A 53 3.64 3.21 8.64
CA VAL A 53 2.55 3.65 7.80
C VAL A 53 1.73 4.72 8.53
N HIS A 54 0.95 5.46 7.76
CA HIS A 54 0.13 6.51 8.33
C HIS A 54 -0.98 6.88 7.33
N ALA A 55 -2.21 6.64 7.75
CA ALA A 55 -3.36 6.94 6.91
C ALA A 55 -4.14 8.10 7.53
N ASP A 56 -4.47 9.06 6.68
CA ASP A 56 -5.23 10.23 7.13
C ASP A 56 -6.20 10.65 6.03
N VAL A 57 -7.12 11.53 6.41
CA VAL A 57 -8.11 12.02 5.48
C VAL A 57 -8.03 13.55 5.39
N GLU A 58 -7.57 14.02 4.24
CA GLU A 58 -7.43 15.45 4.02
C GLU A 58 -8.54 15.96 3.09
N GLY A 59 -9.53 16.60 3.70
CA GLY A 59 -10.65 17.13 2.94
C GLY A 59 -11.66 16.03 2.60
N GLY A 60 -11.28 15.21 1.63
CA GLY A 60 -12.13 14.12 1.20
C GLY A 60 -11.31 13.02 0.50
N LYS A 61 -10.03 13.00 0.81
CA LYS A 61 -9.13 12.02 0.23
C LYS A 61 -8.24 11.43 1.33
N VAL A 62 -7.78 10.21 1.08
CA VAL A 62 -6.93 9.53 2.04
C VAL A 62 -5.46 9.72 1.64
N ARG A 63 -4.69 10.21 2.58
CA ARG A 63 -3.27 10.45 2.35
C ARG A 63 -2.44 9.27 2.85
N LEU A 64 -1.93 8.49 1.90
CA LEU A 64 -1.13 7.33 2.23
C LEU A 64 0.31 7.78 2.50
N TYR A 65 0.88 7.22 3.56
CA TYR A 65 2.25 7.55 3.94
C TYR A 65 3.03 6.30 4.32
N PHE A 66 4.28 6.26 3.89
CA PHE A 66 5.14 5.13 4.16
C PHE A 66 6.59 5.57 4.31
N HIS A 67 7.29 4.93 5.25
CA HIS A 67 8.69 5.25 5.49
C HIS A 67 9.51 3.96 5.52
N VAL A 68 10.36 3.82 4.52
CA VAL A 68 11.20 2.64 4.42
C VAL A 68 12.67 3.07 4.48
N PRO A 69 13.34 2.66 5.59
CA PRO A 69 14.74 2.99 5.79
C PRO A 69 15.64 2.14 4.91
N ASP A 70 15.63 0.84 5.19
CA ASP A 70 16.44 -0.09 4.42
C ASP A 70 16.19 0.13 2.93
N GLU A 71 15.01 0.67 2.63
CA GLU A 71 14.65 0.93 1.25
C GLU A 71 14.53 -0.37 0.47
N ALA A 72 13.74 -1.29 1.02
CA ALA A 72 13.54 -2.59 0.39
C ALA A 72 12.56 -2.42 -0.78
N PRO A 73 12.96 -3.04 -1.93
CA PRO A 73 12.13 -2.97 -3.13
C PRO A 73 10.91 -3.89 -3.01
N THR A 74 10.90 -4.66 -1.93
CA THR A 74 9.81 -5.59 -1.69
C THR A 74 8.78 -4.96 -0.74
N VAL A 75 9.28 -4.14 0.16
CA VAL A 75 8.43 -3.48 1.13
C VAL A 75 7.92 -2.16 0.54
N LYS A 76 8.83 -1.45 -0.11
CA LYS A 76 8.48 -0.17 -0.73
C LYS A 76 7.51 -0.42 -1.88
N ALA A 77 7.85 -1.40 -2.70
CA ALA A 77 7.03 -1.75 -3.85
C ALA A 77 5.55 -1.72 -3.43
N PHE A 78 5.24 -2.54 -2.44
CA PHE A 78 3.87 -2.62 -1.94
C PHE A 78 3.33 -1.23 -1.62
N ALA A 79 4.08 -0.51 -0.78
CA ALA A 79 3.69 0.83 -0.39
C ALA A 79 3.22 1.61 -1.62
N GLY A 80 3.93 1.39 -2.72
CA GLY A 80 3.61 2.06 -3.97
C GLY A 80 2.36 1.45 -4.61
N LEU A 81 2.23 0.14 -4.46
CA LEU A 81 1.10 -0.58 -5.01
C LEU A 81 -0.17 -0.18 -4.25
N LEU A 82 0.02 0.16 -2.99
CA LEU A 82 -1.09 0.57 -2.15
C LEU A 82 -1.61 1.93 -2.61
N ARG A 83 -0.74 2.91 -2.57
CA ARG A 83 -1.09 4.26 -2.98
C ARG A 83 -1.54 4.26 -4.45
N GLU A 84 -0.92 3.39 -5.22
CA GLU A 84 -1.24 3.29 -6.63
C GLU A 84 -2.74 3.49 -6.86
N GLY A 85 -3.52 2.69 -6.16
CA GLY A 85 -4.97 2.78 -6.26
C GLY A 85 -5.62 2.93 -4.88
N LEU A 86 -5.11 3.89 -4.14
CA LEU A 86 -5.63 4.16 -2.81
C LEU A 86 -5.33 5.60 -2.41
N GLU A 87 -4.10 6.01 -2.67
CA GLU A 87 -3.68 7.36 -2.36
C GLU A 87 -4.44 8.38 -3.22
N GLY A 88 -5.18 9.23 -2.53
CA GLY A 88 -5.96 10.25 -3.22
C GLY A 88 -7.44 9.85 -3.29
N GLU A 89 -7.66 8.54 -3.25
CA GLU A 89 -9.01 8.01 -3.31
C GLU A 89 -9.76 8.29 -2.00
N SER A 90 -11.03 7.95 -2.01
CA SER A 90 -11.87 8.16 -0.83
C SER A 90 -11.60 7.07 0.20
N PRO A 91 -11.96 7.38 1.48
CA PRO A 91 -11.76 6.44 2.56
C PRO A 91 -12.79 5.32 2.52
N GLU A 92 -13.74 5.47 1.61
CA GLU A 92 -14.80 4.47 1.44
C GLU A 92 -14.34 3.38 0.47
N ALA A 93 -13.58 3.79 -0.53
CA ALA A 93 -13.07 2.86 -1.52
C ALA A 93 -11.83 2.16 -0.97
N VAL A 94 -11.16 2.84 -0.05
CA VAL A 94 -9.95 2.30 0.56
C VAL A 94 -10.35 1.24 1.58
N LEU A 95 -11.36 1.56 2.37
CA LEU A 95 -11.84 0.64 3.39
C LEU A 95 -12.34 -0.64 2.72
N GLU A 96 -13.00 -0.45 1.58
CA GLU A 96 -13.53 -1.59 0.84
C GLU A 96 -12.41 -2.57 0.48
N VAL A 97 -11.18 -2.07 0.55
CA VAL A 97 -10.03 -2.89 0.25
C VAL A 97 -9.81 -3.90 1.38
N PRO A 98 -9.95 -5.20 1.01
CA PRO A 98 -9.77 -6.27 1.99
C PRO A 98 -8.29 -6.48 2.30
N PRO A 99 -8.04 -7.37 3.29
CA PRO A 99 -6.67 -7.68 3.70
C PRO A 99 -5.97 -8.57 2.66
N GLY A 100 -6.73 -8.94 1.64
CA GLY A 100 -6.19 -9.78 0.59
C GLY A 100 -6.74 -9.35 -0.78
N PHE A 101 -6.53 -8.07 -1.09
CA PHE A 101 -6.99 -7.53 -2.35
C PHE A 101 -6.08 -7.97 -3.51
N TYR A 102 -4.80 -8.10 -3.18
CA TYR A 102 -3.82 -8.51 -4.18
C TYR A 102 -4.02 -9.98 -4.58
N ARG A 103 -4.57 -10.74 -3.64
CA ARG A 103 -4.82 -12.16 -3.87
C ARG A 103 -5.41 -12.36 -5.27
N GLY A 104 -4.77 -13.26 -6.01
CA GLY A 104 -5.22 -13.56 -7.36
C GLY A 104 -4.86 -12.44 -8.32
N TYR A 105 -3.59 -12.40 -8.70
CA TYR A 105 -3.11 -11.37 -9.61
C TYR A 105 -1.64 -11.62 -9.98
N GLY A 106 -0.84 -11.87 -8.95
CA GLY A 106 0.57 -12.11 -9.14
C GLY A 106 1.37 -11.75 -7.89
N LEU A 107 0.96 -10.67 -7.25
CA LEU A 107 1.63 -10.21 -6.06
C LEU A 107 1.78 -11.39 -5.08
N GLU A 108 0.65 -12.01 -4.77
CA GLU A 108 0.64 -13.13 -3.86
C GLU A 108 1.85 -14.04 -4.12
N GLU A 109 2.12 -14.23 -5.41
CA GLU A 109 3.23 -15.07 -5.83
C GLU A 109 4.55 -14.31 -5.66
N PHE A 110 4.63 -13.18 -6.34
CA PHE A 110 5.84 -12.36 -6.28
C PHE A 110 6.36 -12.26 -4.86
N PHE A 111 5.58 -11.62 -4.00
CA PHE A 111 5.96 -11.46 -2.61
C PHE A 111 5.63 -12.71 -1.80
N THR A 112 6.52 -13.04 -0.88
CA THR A 112 6.34 -14.20 -0.03
C THR A 112 5.05 -14.06 0.80
N PRO A 113 4.51 -15.24 1.22
CA PRO A 113 3.30 -15.26 2.01
C PRO A 113 3.58 -14.83 3.45
N LEU A 114 4.85 -14.91 3.82
CA LEU A 114 5.26 -14.53 5.17
C LEU A 114 5.24 -13.00 5.29
N ARG A 115 6.02 -12.36 4.44
CA ARG A 115 6.10 -10.91 4.43
C ARG A 115 4.74 -10.30 4.10
N LEU A 116 4.09 -10.89 3.11
CA LEU A 116 2.78 -10.41 2.68
C LEU A 116 1.93 -10.12 3.92
N ARG A 117 1.93 -11.06 4.85
CA ARG A 117 1.16 -10.91 6.07
C ARG A 117 1.51 -9.59 6.76
N GLY A 118 2.79 -9.26 6.71
CA GLY A 118 3.27 -8.03 7.32
C GLY A 118 2.88 -6.81 6.49
N LEU A 119 2.97 -6.99 5.18
CA LEU A 119 2.64 -5.92 4.25
C LEU A 119 1.17 -5.56 4.41
N GLU A 120 0.32 -6.56 4.21
CA GLU A 120 -1.11 -6.35 4.33
C GLU A 120 -1.43 -5.50 5.56
N ALA A 121 -0.87 -5.92 6.69
CA ALA A 121 -1.08 -5.21 7.93
C ALA A 121 -1.21 -3.71 7.65
N ALA A 122 -0.29 -3.21 6.84
CA ALA A 122 -0.29 -1.81 6.48
C ALA A 122 -1.72 -1.35 6.19
N LEU A 123 -2.38 -2.08 5.30
CA LEU A 123 -3.74 -1.76 4.93
C LEU A 123 -4.63 -1.86 6.17
N LEU A 124 -4.43 -2.92 6.93
CA LEU A 124 -5.20 -3.13 8.14
C LEU A 124 -5.04 -1.91 9.06
N ARG A 125 -3.79 -1.55 9.30
CA ARG A 125 -3.50 -0.42 10.16
C ARG A 125 -4.04 0.88 9.53
N LEU A 126 -3.54 1.16 8.34
CA LEU A 126 -3.96 2.37 7.63
C LEU A 126 -5.48 2.49 7.71
N GLN A 127 -6.16 1.43 7.31
CA GLN A 127 -7.61 1.41 7.33
C GLN A 127 -8.12 1.77 8.73
N ALA A 128 -7.36 1.35 9.73
CA ALA A 128 -7.71 1.62 11.11
C ALA A 128 -7.49 3.10 11.42
N GLN A 129 -6.54 3.68 10.69
CA GLN A 129 -6.21 5.08 10.88
C GLN A 129 -7.22 5.97 10.12
N VAL A 130 -7.83 5.37 9.11
CA VAL A 130 -8.81 6.09 8.31
C VAL A 130 -10.17 6.06 9.02
N ARG A 131 -10.69 4.85 9.19
CA ARG A 131 -11.97 4.67 9.84
C ARG A 131 -12.11 5.65 11.01
N LYS A 132 -11.00 5.85 11.71
CA LYS A 132 -10.98 6.75 12.85
C LYS A 132 -11.09 8.19 12.35
N ALA A 133 -10.24 8.52 11.39
CA ALA A 133 -10.24 9.86 10.82
C ALA A 133 -11.65 10.23 10.39
N LEU A 134 -12.35 9.24 9.84
CA LEU A 134 -13.71 9.45 9.37
C LEU A 134 -14.55 10.03 10.52
N THR A 135 -14.33 9.49 11.71
CA THR A 135 -15.05 9.94 12.88
C THR A 135 -14.12 10.74 13.80
N SER A 136 -13.03 11.21 13.22
CA SER A 136 -12.06 11.99 13.97
C SER A 136 -11.67 11.25 15.25
N MET A 1 -15.73 -3.90 -3.40
CA MET A 1 -14.88 -3.85 -2.21
C MET A 1 -13.55 -3.15 -2.53
N VAL A 2 -13.17 -3.23 -3.79
CA VAL A 2 -11.92 -2.62 -4.23
C VAL A 2 -12.22 -1.56 -5.30
N PRO A 3 -11.48 -0.42 -5.22
CA PRO A 3 -11.66 0.65 -6.16
C PRO A 3 -11.05 0.31 -7.52
N PRO A 4 -11.38 1.16 -8.53
CA PRO A 4 -10.87 0.95 -9.88
C PRO A 4 -9.39 1.35 -9.98
N LYS A 5 -9.09 2.52 -9.44
CA LYS A 5 -7.73 3.03 -9.46
C LYS A 5 -6.76 1.88 -9.18
N LEU A 6 -7.09 1.09 -8.17
CA LEU A 6 -6.26 -0.04 -7.79
C LEU A 6 -6.53 -1.19 -8.75
N LYS A 7 -7.79 -1.61 -8.80
CA LYS A 7 -8.18 -2.70 -9.67
C LYS A 7 -7.47 -2.56 -11.02
N GLN A 8 -7.27 -1.31 -11.41
CA GLN A 8 -6.60 -1.02 -12.68
C GLN A 8 -5.13 -1.46 -12.61
N ALA A 9 -4.48 -1.05 -11.53
CA ALA A 9 -3.08 -1.37 -11.34
C ALA A 9 -2.93 -2.89 -11.21
N LEU A 10 -3.73 -3.45 -10.31
CA LEU A 10 -3.69 -4.88 -10.07
C LEU A 10 -3.89 -5.62 -11.40
N GLU A 11 -5.06 -5.41 -11.98
CA GLU A 11 -5.39 -6.04 -13.25
C GLU A 11 -4.27 -5.81 -14.26
N LEU A 12 -3.88 -4.54 -14.37
CA LEU A 12 -2.82 -4.16 -15.31
C LEU A 12 -1.59 -5.03 -15.05
N PHE A 13 -0.97 -4.80 -13.89
CA PHE A 13 0.21 -5.55 -13.52
C PHE A 13 0.08 -7.03 -13.90
N LYS A 14 -0.93 -7.66 -13.33
CA LYS A 14 -1.18 -9.07 -13.59
C LYS A 14 -1.11 -9.31 -15.10
N SER A 15 -1.53 -8.31 -15.85
CA SER A 15 -1.53 -8.40 -17.30
C SER A 15 -0.10 -8.19 -17.83
N LEU A 16 0.60 -7.26 -17.19
CA LEU A 16 1.96 -6.96 -17.59
C LEU A 16 2.79 -8.23 -17.58
N PRO A 17 3.87 -8.23 -18.40
CA PRO A 17 4.75 -9.39 -18.48
C PRO A 17 5.65 -9.48 -17.26
N LYS A 18 5.75 -10.70 -16.73
CA LYS A 18 6.57 -10.94 -15.55
C LYS A 18 7.81 -10.04 -15.61
N GLU A 19 8.69 -10.35 -16.56
CA GLU A 19 9.91 -9.59 -16.73
C GLU A 19 9.66 -8.11 -16.41
N LEU A 20 8.60 -7.58 -17.00
CA LEU A 20 8.25 -6.19 -16.79
C LEU A 20 7.76 -6.01 -15.36
N ARG A 21 6.80 -6.84 -14.97
CA ARG A 21 6.25 -6.78 -13.63
C ARG A 21 7.37 -6.60 -12.60
N SER A 22 8.49 -7.24 -12.88
CA SER A 22 9.64 -7.16 -11.99
C SER A 22 10.10 -5.71 -11.85
N GLN A 23 10.29 -5.07 -12.99
CA GLN A 23 10.73 -3.69 -13.02
C GLN A 23 9.61 -2.77 -12.52
N VAL A 24 8.38 -3.16 -12.85
CA VAL A 24 7.22 -2.39 -12.45
C VAL A 24 7.22 -2.20 -10.93
N LEU A 25 6.99 -3.31 -10.24
CA LEU A 25 6.97 -3.29 -8.79
C LEU A 25 8.12 -2.41 -8.27
N LEU A 26 9.26 -2.54 -8.93
CA LEU A 26 10.43 -1.76 -8.56
C LEU A 26 10.13 -0.28 -8.73
N GLU A 27 9.66 0.06 -9.91
CA GLU A 27 9.33 1.45 -10.23
C GLU A 27 8.44 2.03 -9.13
N TYR A 28 7.31 1.39 -8.93
CA TYR A 28 6.36 1.83 -7.92
C TYR A 28 7.09 2.41 -6.70
N ALA A 29 7.94 1.59 -6.11
CA ALA A 29 8.70 2.00 -4.95
C ALA A 29 9.38 3.34 -5.25
N ALA A 30 9.99 3.41 -6.43
CA ALA A 30 10.69 4.61 -6.84
C ALA A 30 9.68 5.77 -6.93
N LYS A 31 8.43 5.40 -7.16
CA LYS A 31 7.37 6.39 -7.27
C LYS A 31 6.94 6.83 -5.87
N VAL A 32 7.00 5.89 -4.94
CA VAL A 32 6.63 6.17 -3.56
C VAL A 32 7.39 7.40 -3.08
N PRO A 33 6.63 8.53 -2.95
CA PRO A 33 7.22 9.77 -2.49
C PRO A 33 7.49 9.73 -0.98
N PRO A 34 8.37 10.67 -0.53
CA PRO A 34 8.72 10.74 0.87
C PRO A 34 7.59 11.38 1.68
N PRO A 35 7.54 11.02 2.99
CA PRO A 35 6.51 11.54 3.89
C PRO A 35 6.81 12.99 4.27
N PRO A 36 5.72 13.80 4.36
CA PRO A 36 5.86 15.20 4.72
C PRO A 36 6.15 15.36 6.21
N PRO A 37 6.64 16.57 6.59
CA PRO A 37 6.96 16.86 7.97
C PRO A 37 5.69 17.09 8.79
N GLY A 38 5.68 16.49 9.97
CA GLY A 38 4.54 16.61 10.85
C GLY A 38 3.68 15.34 10.83
N VAL A 39 3.77 14.62 9.72
CA VAL A 39 3.02 13.38 9.57
C VAL A 39 3.57 12.33 10.52
N GLU A 40 2.65 11.72 11.26
CA GLU A 40 3.02 10.69 12.22
C GLU A 40 2.76 9.30 11.64
N LEU A 41 3.84 8.56 11.46
CA LEU A 41 3.75 7.20 10.92
C LEU A 41 3.97 6.19 12.03
N GLU A 42 3.27 5.08 11.94
CA GLU A 42 3.38 4.02 12.92
C GLU A 42 4.11 2.82 12.34
N ARG A 43 5.03 2.28 13.13
CA ARG A 43 5.81 1.13 12.70
C ARG A 43 4.91 -0.09 12.56
N VAL A 44 5.25 -0.93 11.58
CA VAL A 44 4.48 -2.15 11.33
C VAL A 44 5.24 -3.34 11.90
N HIS A 45 4.93 -3.66 13.15
CA HIS A 45 5.56 -4.78 13.82
C HIS A 45 5.42 -6.04 12.96
N GLU A 46 4.21 -6.22 12.44
CA GLU A 46 3.93 -7.37 11.60
C GLU A 46 5.07 -7.62 10.61
N CYS A 47 5.72 -6.52 10.23
CA CYS A 47 6.83 -6.61 9.30
C CYS A 47 8.13 -6.57 10.10
N GLN A 48 9.02 -7.52 9.79
CA GLN A 48 10.29 -7.61 10.46
C GLN A 48 11.02 -6.27 10.40
N THR A 49 11.04 -5.70 9.21
CA THR A 49 11.70 -4.42 9.00
C THR A 49 10.88 -3.28 9.63
N PRO A 50 11.58 -2.16 9.92
CA PRO A 50 10.93 -1.00 10.52
C PRO A 50 10.10 -0.25 9.48
N PHE A 51 9.03 -0.91 9.03
CA PHE A 51 8.15 -0.32 8.05
C PHE A 51 7.04 0.49 8.72
N PHE A 52 7.02 1.78 8.40
CA PHE A 52 6.03 2.67 8.97
C PHE A 52 4.89 2.92 7.98
N VAL A 53 3.82 3.51 8.50
CA VAL A 53 2.66 3.80 7.67
C VAL A 53 1.81 4.87 8.36
N HIS A 54 0.83 5.38 7.63
CA HIS A 54 -0.06 6.40 8.15
C HIS A 54 -1.29 6.53 7.25
N ALA A 55 -2.36 7.04 7.83
CA ALA A 55 -3.60 7.23 7.10
C ALA A 55 -4.32 8.47 7.62
N ASP A 56 -4.73 9.32 6.69
CA ASP A 56 -5.43 10.55 7.04
C ASP A 56 -6.40 10.91 5.93
N VAL A 57 -7.36 11.75 6.28
CA VAL A 57 -8.37 12.19 5.32
C VAL A 57 -8.31 13.72 5.19
N GLU A 58 -7.76 14.16 4.08
CA GLU A 58 -7.65 15.59 3.81
C GLU A 58 -8.79 16.06 2.92
N GLY A 59 -9.77 16.70 3.56
CA GLY A 59 -10.92 17.21 2.83
C GLY A 59 -11.92 16.08 2.53
N GLY A 60 -11.58 15.30 1.51
CA GLY A 60 -12.43 14.20 1.12
C GLY A 60 -11.63 13.09 0.44
N LYS A 61 -10.33 13.11 0.71
CA LYS A 61 -9.42 12.12 0.14
C LYS A 61 -8.54 11.55 1.25
N VAL A 62 -8.13 10.30 1.05
CA VAL A 62 -7.28 9.63 2.02
C VAL A 62 -5.82 9.83 1.63
N ARG A 63 -5.06 10.43 2.55
CA ARG A 63 -3.65 10.69 2.31
C ARG A 63 -2.81 9.54 2.86
N LEU A 64 -2.34 8.69 1.95
CA LEU A 64 -1.53 7.55 2.34
C LEU A 64 -0.06 7.98 2.41
N TYR A 65 0.66 7.38 3.34
CA TYR A 65 2.07 7.69 3.53
C TYR A 65 2.84 6.46 4.00
N PHE A 66 4.12 6.44 3.64
CA PHE A 66 4.98 5.33 4.03
C PHE A 66 6.44 5.78 4.12
N HIS A 67 7.17 5.10 4.99
CA HIS A 67 8.58 5.42 5.19
C HIS A 67 9.39 4.12 5.24
N VAL A 68 10.22 3.93 4.20
CA VAL A 68 11.05 2.74 4.13
C VAL A 68 12.52 3.15 4.26
N PRO A 69 13.12 2.75 5.43
CA PRO A 69 14.51 3.07 5.69
C PRO A 69 15.44 2.18 4.87
N ASP A 70 15.45 0.91 5.22
CA ASP A 70 16.29 -0.05 4.52
C ASP A 70 16.19 0.19 3.01
N GLU A 71 15.05 0.73 2.60
CA GLU A 71 14.84 1.03 1.20
C GLU A 71 14.66 -0.26 0.41
N ALA A 72 14.02 -1.23 1.04
CA ALA A 72 13.78 -2.52 0.42
C ALA A 72 12.84 -2.33 -0.77
N PRO A 73 13.24 -2.92 -1.93
CA PRO A 73 12.44 -2.83 -3.14
C PRO A 73 11.22 -3.74 -3.06
N THR A 74 11.17 -4.53 -2.00
CA THR A 74 10.06 -5.44 -1.79
C THR A 74 9.00 -4.81 -0.88
N VAL A 75 9.49 -4.15 0.16
CA VAL A 75 8.60 -3.50 1.11
C VAL A 75 8.07 -2.20 0.50
N LYS A 76 8.97 -1.49 -0.16
CA LYS A 76 8.61 -0.23 -0.80
C LYS A 76 7.66 -0.49 -1.96
N ALA A 77 7.97 -1.54 -2.71
CA ALA A 77 7.15 -1.92 -3.85
C ALA A 77 5.68 -1.75 -3.49
N PHE A 78 5.24 -2.58 -2.55
CA PHE A 78 3.85 -2.53 -2.11
C PHE A 78 3.44 -1.10 -1.74
N ALA A 79 4.23 -0.50 -0.87
CA ALA A 79 3.96 0.86 -0.44
C ALA A 79 3.50 1.70 -1.63
N GLY A 80 4.05 1.37 -2.78
CA GLY A 80 3.72 2.08 -4.01
C GLY A 80 2.38 1.59 -4.57
N LEU A 81 2.22 0.29 -4.56
CA LEU A 81 1.00 -0.32 -5.07
C LEU A 81 -0.18 0.15 -4.22
N LEU A 82 0.10 0.43 -2.96
CA LEU A 82 -0.92 0.89 -2.04
C LEU A 82 -1.41 2.27 -2.48
N ARG A 83 -0.51 3.25 -2.38
CA ARG A 83 -0.83 4.60 -2.76
C ARG A 83 -1.23 4.67 -4.24
N GLU A 84 -0.83 3.64 -4.97
CA GLU A 84 -1.12 3.56 -6.39
C GLU A 84 -2.64 3.70 -6.62
N GLY A 85 -3.39 2.80 -5.99
CA GLY A 85 -4.83 2.81 -6.12
C GLY A 85 -5.50 2.98 -4.75
N LEU A 86 -5.06 4.01 -4.03
CA LEU A 86 -5.60 4.29 -2.71
C LEU A 86 -5.41 5.77 -2.39
N GLU A 87 -4.20 6.25 -2.66
CA GLU A 87 -3.87 7.64 -2.40
C GLU A 87 -4.75 8.56 -3.25
N GLY A 88 -5.54 9.37 -2.57
CA GLY A 88 -6.43 10.31 -3.24
C GLY A 88 -7.86 9.76 -3.28
N GLU A 89 -7.97 8.46 -3.07
CA GLU A 89 -9.27 7.81 -3.07
C GLU A 89 -10.05 8.18 -1.81
N SER A 90 -11.18 7.52 -1.63
CA SER A 90 -12.03 7.77 -0.48
C SER A 90 -11.71 6.76 0.64
N PRO A 91 -12.06 7.16 1.89
CA PRO A 91 -11.83 6.30 3.03
C PRO A 91 -12.82 5.14 3.08
N GLU A 92 -13.92 5.32 2.36
CA GLU A 92 -14.95 4.31 2.31
C GLU A 92 -14.50 3.13 1.44
N ALA A 93 -13.77 3.47 0.38
CA ALA A 93 -13.27 2.45 -0.54
C ALA A 93 -11.97 1.87 0.01
N VAL A 94 -11.18 2.74 0.62
CA VAL A 94 -9.91 2.34 1.20
C VAL A 94 -10.17 1.39 2.37
N LEU A 95 -11.39 1.43 2.87
CA LEU A 95 -11.78 0.58 3.98
C LEU A 95 -12.41 -0.70 3.45
N GLU A 96 -13.20 -0.54 2.40
CA GLU A 96 -13.88 -1.67 1.80
C GLU A 96 -12.85 -2.65 1.21
N VAL A 97 -11.61 -2.19 1.16
CA VAL A 97 -10.53 -3.01 0.63
C VAL A 97 -10.12 -4.04 1.68
N PRO A 98 -10.09 -5.32 1.24
CA PRO A 98 -9.71 -6.41 2.13
C PRO A 98 -8.19 -6.42 2.37
N PRO A 99 -7.78 -7.24 3.37
CA PRO A 99 -6.37 -7.35 3.71
C PRO A 99 -5.62 -8.18 2.67
N GLY A 100 -6.38 -8.72 1.72
CA GLY A 100 -5.80 -9.53 0.67
C GLY A 100 -6.41 -9.19 -0.70
N PHE A 101 -6.33 -7.90 -1.03
CA PHE A 101 -6.88 -7.44 -2.29
C PHE A 101 -5.90 -7.72 -3.44
N TYR A 102 -4.68 -8.04 -3.07
CA TYR A 102 -3.65 -8.33 -4.06
C TYR A 102 -3.64 -9.81 -4.42
N ARG A 103 -4.30 -10.59 -3.58
CA ARG A 103 -4.37 -12.03 -3.79
C ARG A 103 -4.90 -12.33 -5.20
N GLY A 104 -4.13 -13.14 -5.92
CA GLY A 104 -4.51 -13.52 -7.28
C GLY A 104 -4.32 -12.34 -8.23
N TYR A 105 -3.06 -12.10 -8.59
CA TYR A 105 -2.73 -11.01 -9.49
C TYR A 105 -1.30 -11.13 -9.98
N GLY A 106 -0.39 -11.31 -9.04
CA GLY A 106 1.02 -11.44 -9.37
C GLY A 106 1.89 -11.30 -8.12
N LEU A 107 1.66 -10.21 -7.40
CA LEU A 107 2.42 -9.94 -6.19
C LEU A 107 2.35 -11.16 -5.27
N GLU A 108 1.14 -11.68 -5.11
CA GLU A 108 0.93 -12.85 -4.26
C GLU A 108 2.02 -13.88 -4.51
N GLU A 109 2.46 -13.94 -5.77
CA GLU A 109 3.50 -14.88 -6.15
C GLU A 109 4.88 -14.30 -5.86
N PHE A 110 5.16 -13.17 -6.49
CA PHE A 110 6.44 -12.52 -6.30
C PHE A 110 6.86 -12.54 -4.84
N PHE A 111 6.12 -11.81 -4.02
CA PHE A 111 6.41 -11.73 -2.60
C PHE A 111 6.10 -13.07 -1.91
N THR A 112 6.94 -13.41 -0.94
CA THR A 112 6.78 -14.65 -0.21
C THR A 112 5.47 -14.62 0.59
N PRO A 113 5.01 -15.84 0.99
CA PRO A 113 3.79 -15.97 1.75
C PRO A 113 4.00 -15.54 3.21
N LEU A 114 5.25 -15.29 3.53
CA LEU A 114 5.61 -14.86 4.88
C LEU A 114 5.52 -13.34 4.97
N ARG A 115 6.40 -12.68 4.24
CA ARG A 115 6.44 -11.23 4.22
C ARG A 115 5.06 -10.67 3.92
N LEU A 116 4.38 -11.32 2.98
CA LEU A 116 3.04 -10.89 2.60
C LEU A 116 2.22 -10.58 3.85
N ARG A 117 2.37 -11.44 4.85
CA ARG A 117 1.67 -11.27 6.10
C ARG A 117 1.89 -9.85 6.65
N GLY A 118 3.14 -9.42 6.57
CA GLY A 118 3.50 -8.10 7.05
C GLY A 118 2.89 -7.00 6.18
N LEU A 119 2.68 -7.34 4.91
CA LEU A 119 2.10 -6.41 3.97
C LEU A 119 0.66 -6.11 4.37
N GLU A 120 -0.11 -7.17 4.54
CA GLU A 120 -1.50 -7.04 4.92
C GLU A 120 -1.63 -6.15 6.16
N ALA A 121 -0.79 -6.45 7.14
CA ALA A 121 -0.79 -5.68 8.38
C ALA A 121 -0.84 -4.19 8.05
N ALA A 122 -0.17 -3.83 6.97
CA ALA A 122 -0.14 -2.44 6.54
C ALA A 122 -1.57 -1.93 6.34
N LEU A 123 -2.17 -2.39 5.26
CA LEU A 123 -3.54 -1.99 4.94
C LEU A 123 -4.37 -1.99 6.23
N LEU A 124 -4.34 -3.12 6.92
CA LEU A 124 -5.09 -3.25 8.16
C LEU A 124 -4.93 -1.98 8.99
N ARG A 125 -3.68 -1.62 9.23
CA ARG A 125 -3.39 -0.43 10.00
C ARG A 125 -4.17 0.76 9.46
N LEU A 126 -3.75 1.22 8.29
CA LEU A 126 -4.40 2.35 7.64
C LEU A 126 -5.90 2.27 7.87
N GLN A 127 -6.50 1.22 7.32
CA GLN A 127 -7.93 1.02 7.47
C GLN A 127 -8.38 1.38 8.89
N ALA A 128 -7.59 0.96 9.85
CA ALA A 128 -7.89 1.24 11.24
C ALA A 128 -7.75 2.74 11.51
N GLN A 129 -6.68 3.30 10.96
CA GLN A 129 -6.42 4.72 11.13
C GLN A 129 -7.49 5.54 10.42
N VAL A 130 -7.64 5.28 9.13
CA VAL A 130 -8.61 5.98 8.32
C VAL A 130 -9.93 6.09 9.09
N ARG A 131 -10.35 4.97 9.64
CA ARG A 131 -11.59 4.92 10.41
C ARG A 131 -11.69 6.16 11.31
N LYS A 132 -10.60 6.42 12.03
CA LYS A 132 -10.56 7.57 12.93
C LYS A 132 -10.68 8.85 12.11
N ALA A 133 -10.02 8.85 10.96
CA ALA A 133 -10.04 10.01 10.09
C ALA A 133 -11.44 10.19 9.51
N LEU A 134 -12.13 9.06 9.35
CA LEU A 134 -13.48 9.08 8.81
C LEU A 134 -14.47 9.39 9.94
N THR A 135 -14.33 8.64 11.03
CA THR A 135 -15.20 8.81 12.17
C THR A 135 -14.64 9.89 13.10
N SER A 136 -13.79 10.73 12.53
CA SER A 136 -13.18 11.81 13.30
C SER A 136 -12.32 11.23 14.43
N MET A 1 -15.84 -3.71 -5.28
CA MET A 1 -14.69 -3.90 -4.41
C MET A 1 -13.42 -3.36 -5.07
N VAL A 2 -12.64 -2.63 -4.29
CA VAL A 2 -11.40 -2.05 -4.79
C VAL A 2 -11.71 -1.04 -5.89
N PRO A 3 -10.94 0.08 -5.87
CA PRO A 3 -11.13 1.13 -6.87
C PRO A 3 -10.56 0.71 -8.22
N PRO A 4 -10.76 1.60 -9.23
CA PRO A 4 -10.28 1.33 -10.57
C PRO A 4 -8.77 1.52 -10.66
N LYS A 5 -8.31 2.66 -10.14
CA LYS A 5 -6.89 2.97 -10.16
C LYS A 5 -6.11 1.79 -9.59
N LEU A 6 -6.65 1.22 -8.53
CA LEU A 6 -6.01 0.08 -7.88
C LEU A 6 -6.24 -1.17 -8.73
N LYS A 7 -7.51 -1.52 -8.87
CA LYS A 7 -7.88 -2.70 -9.65
C LYS A 7 -7.14 -2.67 -10.98
N GLN A 8 -6.85 -1.47 -11.44
CA GLN A 8 -6.15 -1.29 -12.70
C GLN A 8 -4.73 -1.84 -12.59
N ALA A 9 -4.04 -1.41 -11.55
CA ALA A 9 -2.67 -1.86 -11.32
C ALA A 9 -2.64 -3.39 -11.23
N LEU A 10 -3.48 -3.91 -10.35
CA LEU A 10 -3.56 -5.34 -10.16
C LEU A 10 -3.73 -6.03 -11.51
N GLU A 11 -4.90 -5.84 -12.10
CA GLU A 11 -5.21 -6.43 -13.38
C GLU A 11 -4.07 -6.18 -14.37
N LEU A 12 -3.66 -4.92 -14.43
CA LEU A 12 -2.58 -4.52 -15.32
C LEU A 12 -1.34 -5.37 -15.03
N PHE A 13 -1.03 -5.49 -13.74
CA PHE A 13 0.12 -6.27 -13.32
C PHE A 13 0.08 -7.68 -13.93
N LYS A 14 -0.97 -8.41 -13.57
CA LYS A 14 -1.14 -9.77 -14.06
C LYS A 14 -1.23 -9.74 -15.59
N SER A 15 -1.47 -8.54 -16.11
CA SER A 15 -1.59 -8.37 -17.55
C SER A 15 -0.23 -7.96 -18.14
N LEU A 16 0.64 -7.50 -17.26
CA LEU A 16 1.97 -7.07 -17.68
C LEU A 16 2.87 -8.29 -17.81
N PRO A 17 3.96 -8.12 -18.60
CA PRO A 17 4.91 -9.20 -18.83
C PRO A 17 5.80 -9.41 -17.60
N LYS A 18 5.98 -10.67 -17.26
CA LYS A 18 6.81 -11.02 -16.11
C LYS A 18 7.98 -10.05 -16.02
N GLU A 19 8.89 -10.16 -16.98
CA GLU A 19 10.06 -9.30 -17.01
C GLU A 19 9.70 -7.90 -16.52
N LEU A 20 8.56 -7.40 -17.01
CA LEU A 20 8.09 -6.09 -16.63
C LEU A 20 7.55 -6.12 -15.19
N ARG A 21 6.70 -7.11 -14.95
CA ARG A 21 6.12 -7.27 -13.63
C ARG A 21 7.15 -6.95 -12.54
N SER A 22 8.40 -7.22 -12.87
CA SER A 22 9.48 -6.97 -11.94
C SER A 22 9.63 -5.47 -11.70
N GLN A 23 9.74 -4.73 -12.80
CA GLN A 23 9.88 -3.28 -12.71
C GLN A 23 8.64 -2.67 -12.05
N VAL A 24 7.49 -3.24 -12.37
CA VAL A 24 6.24 -2.75 -11.82
C VAL A 24 6.40 -2.52 -10.32
N LEU A 25 7.00 -3.50 -9.65
CA LEU A 25 7.23 -3.42 -8.23
C LEU A 25 8.18 -2.26 -7.93
N LEU A 26 9.27 -2.23 -8.68
CA LEU A 26 10.26 -1.18 -8.51
C LEU A 26 9.60 0.19 -8.70
N GLU A 27 8.97 0.34 -9.86
CA GLU A 27 8.30 1.59 -10.19
C GLU A 27 7.53 2.11 -8.96
N TYR A 28 6.49 1.36 -8.60
CA TYR A 28 5.67 1.73 -7.46
C TYR A 28 6.52 2.36 -6.36
N ALA A 29 7.45 1.57 -5.84
CA ALA A 29 8.33 2.04 -4.78
C ALA A 29 8.83 3.43 -5.13
N ALA A 30 9.48 3.52 -6.28
CA ALA A 30 10.03 4.79 -6.75
C ALA A 30 8.93 5.86 -6.67
N LYS A 31 7.69 5.41 -6.79
CA LYS A 31 6.56 6.32 -6.74
C LYS A 31 6.05 6.41 -5.30
N VAL A 32 7.00 6.37 -4.37
CA VAL A 32 6.66 6.45 -2.96
C VAL A 32 7.66 7.37 -2.25
N PRO A 33 7.28 8.68 -2.17
CA PRO A 33 8.12 9.67 -1.53
C PRO A 33 8.07 9.52 -0.01
N PRO A 34 9.13 10.05 0.66
CA PRO A 34 9.21 9.99 2.11
C PRO A 34 8.25 11.00 2.76
N PRO A 35 7.82 10.66 3.99
CA PRO A 35 6.90 11.52 4.73
C PRO A 35 7.62 12.74 5.29
N PRO A 36 6.82 13.78 5.63
CA PRO A 36 7.38 15.01 6.17
C PRO A 36 7.79 14.82 7.62
N PRO A 37 8.51 15.86 8.15
CA PRO A 37 8.97 15.82 9.53
C PRO A 37 7.83 16.07 10.50
N GLY A 38 6.73 16.58 9.96
CA GLY A 38 5.56 16.86 10.77
C GLY A 38 4.50 15.78 10.62
N VAL A 39 4.91 14.54 10.87
CA VAL A 39 4.02 13.41 10.77
C VAL A 39 4.59 12.23 11.55
N GLU A 40 3.69 11.39 12.06
CA GLU A 40 4.10 10.24 12.83
C GLU A 40 3.47 8.97 12.25
N LEU A 41 4.33 8.12 11.70
CA LEU A 41 3.88 6.87 11.10
C LEU A 41 3.66 5.83 12.20
N GLU A 42 3.02 4.74 11.83
CA GLU A 42 2.74 3.67 12.77
C GLU A 42 3.48 2.40 12.36
N ARG A 43 4.60 2.16 13.04
CA ARG A 43 5.40 0.99 12.75
C ARG A 43 4.53 -0.27 12.73
N VAL A 44 4.65 -1.01 11.64
CA VAL A 44 3.88 -2.24 11.47
C VAL A 44 4.67 -3.41 12.06
N HIS A 45 4.29 -3.81 13.26
CA HIS A 45 4.94 -4.91 13.93
C HIS A 45 4.75 -6.20 13.11
N GLU A 46 3.56 -6.32 12.53
CA GLU A 46 3.24 -7.48 11.72
C GLU A 46 4.37 -7.77 10.73
N CYS A 47 4.93 -6.69 10.20
CA CYS A 47 6.02 -6.81 9.24
C CYS A 47 7.35 -6.70 10.00
N GLN A 48 8.08 -7.81 9.98
CA GLN A 48 9.37 -7.85 10.67
C GLN A 48 10.12 -6.53 10.47
N THR A 49 10.33 -6.19 9.21
CA THR A 49 11.04 -4.96 8.87
C THR A 49 10.30 -3.75 9.44
N PRO A 50 11.07 -2.66 9.65
CA PRO A 50 10.50 -1.44 10.19
C PRO A 50 9.69 -0.69 9.13
N PHE A 51 8.55 -1.28 8.79
CA PHE A 51 7.68 -0.68 7.78
C PHE A 51 6.64 0.24 8.44
N PHE A 52 6.87 1.54 8.28
CA PHE A 52 5.97 2.53 8.86
C PHE A 52 4.96 3.01 7.82
N VAL A 53 3.73 3.19 8.27
CA VAL A 53 2.66 3.64 7.40
C VAL A 53 1.85 4.73 8.10
N HIS A 54 1.12 5.50 7.31
CA HIS A 54 0.30 6.57 7.85
C HIS A 54 -0.80 6.92 6.84
N ALA A 55 -2.03 6.94 7.35
CA ALA A 55 -3.18 7.24 6.51
C ALA A 55 -3.99 8.36 7.17
N ASP A 56 -4.26 9.41 6.38
CA ASP A 56 -5.01 10.53 6.88
C ASP A 56 -6.14 10.85 5.89
N VAL A 57 -6.96 11.83 6.27
CA VAL A 57 -8.07 12.23 5.43
C VAL A 57 -8.10 13.76 5.34
N GLU A 58 -7.58 14.26 4.22
CA GLU A 58 -7.54 15.69 3.99
C GLU A 58 -8.73 16.14 3.14
N GLY A 59 -9.72 16.70 3.81
CA GLY A 59 -10.92 17.16 3.14
C GLY A 59 -11.91 16.02 2.92
N GLY A 60 -11.76 15.35 1.80
CA GLY A 60 -12.63 14.24 1.46
C GLY A 60 -11.84 13.10 0.82
N LYS A 61 -10.53 13.25 0.82
CA LYS A 61 -9.65 12.25 0.24
C LYS A 61 -8.85 11.58 1.36
N VAL A 62 -8.09 10.56 0.98
CA VAL A 62 -7.28 9.83 1.93
C VAL A 62 -5.81 10.13 1.67
N ARG A 63 -5.14 10.57 2.72
CA ARG A 63 -3.72 10.90 2.62
C ARG A 63 -2.87 9.66 2.87
N LEU A 64 -2.04 9.34 1.90
CA LEU A 64 -1.17 8.18 2.01
C LEU A 64 0.22 8.63 2.46
N TYR A 65 0.73 7.95 3.47
CA TYR A 65 2.04 8.27 4.01
C TYR A 65 2.79 7.00 4.41
N PHE A 66 3.94 6.80 3.79
CA PHE A 66 4.76 5.64 4.06
C PHE A 66 6.18 6.05 4.47
N HIS A 67 6.61 5.55 5.62
CA HIS A 67 7.93 5.86 6.13
C HIS A 67 8.80 4.60 6.06
N VAL A 68 9.93 4.74 5.37
CA VAL A 68 10.86 3.63 5.23
C VAL A 68 12.28 4.13 5.50
N PRO A 69 12.86 3.63 6.62
CA PRO A 69 14.21 4.01 7.00
C PRO A 69 15.24 3.31 6.11
N ASP A 70 15.26 1.99 6.21
CA ASP A 70 16.19 1.20 5.42
C ASP A 70 15.93 1.43 3.93
N GLU A 71 14.66 1.65 3.61
CA GLU A 71 14.26 1.89 2.24
C GLU A 71 14.42 0.61 1.42
N ALA A 72 13.60 -0.37 1.73
CA ALA A 72 13.63 -1.64 1.04
C ALA A 72 12.75 -1.56 -0.21
N PRO A 73 13.32 -2.03 -1.35
CA PRO A 73 12.60 -2.01 -2.62
C PRO A 73 11.54 -3.11 -2.65
N THR A 74 11.53 -3.93 -1.62
CA THR A 74 10.58 -5.01 -1.52
C THR A 74 9.37 -4.59 -0.67
N VAL A 75 9.68 -3.87 0.40
CA VAL A 75 8.64 -3.40 1.31
C VAL A 75 8.00 -2.13 0.73
N LYS A 76 8.86 -1.27 0.21
CA LYS A 76 8.38 -0.02 -0.37
C LYS A 76 7.51 -0.33 -1.59
N ALA A 77 7.93 -1.35 -2.33
CA ALA A 77 7.20 -1.76 -3.53
C ALA A 77 5.70 -1.71 -3.24
N PHE A 78 5.26 -2.60 -2.37
CA PHE A 78 3.85 -2.68 -2.00
C PHE A 78 3.30 -1.29 -1.70
N ALA A 79 4.00 -0.58 -0.82
CA ALA A 79 3.59 0.75 -0.43
C ALA A 79 3.18 1.54 -1.68
N GLY A 80 4.02 1.46 -2.69
CA GLY A 80 3.76 2.15 -3.94
C GLY A 80 2.54 1.55 -4.65
N LEU A 81 2.50 0.24 -4.68
CA LEU A 81 1.40 -0.47 -5.33
C LEU A 81 0.08 -0.07 -4.65
N LEU A 82 0.20 0.37 -3.41
CA LEU A 82 -0.96 0.78 -2.64
C LEU A 82 -1.32 2.22 -3.01
N ARG A 83 -0.29 3.06 -3.05
CA ARG A 83 -0.49 4.46 -3.38
C ARG A 83 -0.75 4.62 -4.89
N GLU A 84 -0.36 3.61 -5.63
CA GLU A 84 -0.55 3.61 -7.07
C GLU A 84 -2.03 3.77 -7.41
N GLY A 85 -2.85 3.11 -6.61
CA GLY A 85 -4.30 3.17 -6.81
C GLY A 85 -5.02 3.43 -5.49
N LEU A 86 -4.64 4.52 -4.84
CA LEU A 86 -5.24 4.89 -3.57
C LEU A 86 -5.06 6.39 -3.35
N GLU A 87 -3.86 6.87 -3.65
CA GLU A 87 -3.56 8.28 -3.48
C GLU A 87 -4.67 9.14 -4.08
N GLY A 88 -5.32 9.88 -3.21
CA GLY A 88 -6.42 10.75 -3.64
C GLY A 88 -7.77 10.07 -3.47
N GLU A 89 -7.73 8.74 -3.56
CA GLU A 89 -8.94 7.94 -3.42
C GLU A 89 -9.72 8.37 -2.17
N SER A 90 -10.82 7.67 -1.93
CA SER A 90 -11.65 7.97 -0.77
C SER A 90 -11.37 6.96 0.35
N PRO A 91 -11.78 7.36 1.58
CA PRO A 91 -11.57 6.50 2.74
C PRO A 91 -12.56 5.34 2.74
N GLU A 92 -13.50 5.40 1.81
CA GLU A 92 -14.51 4.35 1.70
C GLU A 92 -14.00 3.22 0.81
N ALA A 93 -13.28 3.60 -0.23
CA ALA A 93 -12.74 2.62 -1.17
C ALA A 93 -11.40 2.11 -0.63
N VAL A 94 -10.66 3.01 0.00
CA VAL A 94 -9.36 2.67 0.55
C VAL A 94 -9.57 1.72 1.75
N LEU A 95 -10.79 1.71 2.24
CA LEU A 95 -11.13 0.85 3.38
C LEU A 95 -11.70 -0.47 2.85
N GLU A 96 -12.57 -0.36 1.86
CA GLU A 96 -13.18 -1.54 1.28
C GLU A 96 -12.10 -2.48 0.73
N VAL A 97 -10.92 -1.93 0.54
CA VAL A 97 -9.80 -2.70 0.02
C VAL A 97 -9.50 -3.85 0.98
N PRO A 98 -9.57 -5.09 0.44
CA PRO A 98 -9.29 -6.27 1.24
C PRO A 98 -7.79 -6.44 1.49
N PRO A 99 -7.48 -7.24 2.54
CA PRO A 99 -6.08 -7.49 2.90
C PRO A 99 -5.42 -8.44 1.91
N GLY A 100 -6.21 -8.91 0.96
CA GLY A 100 -5.72 -9.82 -0.06
C GLY A 100 -5.99 -9.29 -1.46
N PHE A 101 -5.95 -7.96 -1.59
CA PHE A 101 -6.18 -7.32 -2.86
C PHE A 101 -5.10 -7.69 -3.88
N TYR A 102 -4.01 -8.23 -3.35
CA TYR A 102 -2.90 -8.63 -4.20
C TYR A 102 -2.97 -10.12 -4.53
N ARG A 103 -3.59 -10.87 -3.63
CA ARG A 103 -3.74 -12.30 -3.81
C ARG A 103 -4.25 -12.61 -5.21
N GLY A 104 -3.52 -13.46 -5.91
CA GLY A 104 -3.89 -13.85 -7.26
C GLY A 104 -3.65 -12.70 -8.24
N TYR A 105 -2.39 -12.52 -8.60
CA TYR A 105 -2.01 -11.48 -9.53
C TYR A 105 -0.54 -11.60 -9.93
N GLY A 106 0.30 -11.81 -8.94
CA GLY A 106 1.72 -11.95 -9.18
C GLY A 106 2.53 -11.53 -7.95
N LEU A 107 2.03 -10.51 -7.28
CA LEU A 107 2.69 -10.00 -6.09
C LEU A 107 3.24 -11.18 -5.27
N GLU A 108 2.32 -12.03 -4.84
CA GLU A 108 2.70 -13.19 -4.05
C GLU A 108 3.81 -13.96 -4.75
N GLU A 109 3.71 -14.05 -6.06
CA GLU A 109 4.70 -14.76 -6.85
C GLU A 109 6.09 -14.16 -6.61
N PHE A 110 6.12 -12.85 -6.44
CA PHE A 110 7.36 -12.14 -6.21
C PHE A 110 7.65 -12.02 -4.71
N PHE A 111 6.61 -11.65 -3.97
CA PHE A 111 6.74 -11.50 -2.53
C PHE A 111 6.28 -12.78 -1.80
N THR A 112 7.19 -13.32 -1.00
CA THR A 112 6.91 -14.53 -0.25
C THR A 112 5.58 -14.37 0.51
N PRO A 113 4.96 -15.54 0.81
CA PRO A 113 3.69 -15.55 1.52
C PRO A 113 3.91 -15.25 3.01
N LEU A 114 5.17 -15.11 3.38
CA LEU A 114 5.52 -14.82 4.76
C LEU A 114 5.59 -13.29 4.95
N ARG A 115 6.20 -12.63 3.99
CA ARG A 115 6.35 -11.18 4.05
C ARG A 115 4.98 -10.52 3.87
N LEU A 116 4.19 -11.10 2.99
CA LEU A 116 2.85 -10.57 2.72
C LEU A 116 2.07 -10.47 4.02
N ARG A 117 2.08 -11.56 4.77
CA ARG A 117 1.39 -11.61 6.04
C ARG A 117 1.52 -10.27 6.77
N GLY A 118 2.65 -9.62 6.53
CA GLY A 118 2.92 -8.34 7.16
C GLY A 118 2.44 -7.18 6.28
N LEU A 119 2.94 -7.18 5.05
CA LEU A 119 2.56 -6.13 4.10
C LEU A 119 1.07 -5.82 4.26
N GLU A 120 0.29 -6.87 4.40
CA GLU A 120 -1.15 -6.72 4.56
C GLU A 120 -1.46 -5.80 5.74
N ALA A 121 -0.93 -6.19 6.90
CA ALA A 121 -1.15 -5.42 8.11
C ALA A 121 -1.09 -3.93 7.77
N ALA A 122 -0.23 -3.59 6.82
CA ALA A 122 -0.07 -2.21 6.41
C ALA A 122 -1.44 -1.63 6.05
N LEU A 123 -2.11 -2.30 5.12
CA LEU A 123 -3.43 -1.87 4.69
C LEU A 123 -4.38 -1.86 5.88
N LEU A 124 -4.56 -3.04 6.46
CA LEU A 124 -5.44 -3.18 7.60
C LEU A 124 -5.16 -2.06 8.61
N ARG A 125 -3.89 -1.91 8.93
CA ARG A 125 -3.47 -0.88 9.87
C ARG A 125 -3.98 0.49 9.42
N LEU A 126 -3.48 0.92 8.27
CA LEU A 126 -3.87 2.20 7.71
C LEU A 126 -5.40 2.33 7.74
N GLN A 127 -6.04 1.28 7.23
CA GLN A 127 -7.49 1.25 7.19
C GLN A 127 -8.07 1.46 8.59
N ALA A 128 -7.30 1.05 9.58
CA ALA A 128 -7.72 1.19 10.96
C ALA A 128 -7.43 2.60 11.44
N GLN A 129 -6.45 3.23 10.80
CA GLN A 129 -6.07 4.59 11.15
C GLN A 129 -7.07 5.59 10.57
N VAL A 130 -7.55 5.27 9.37
CA VAL A 130 -8.51 6.13 8.70
C VAL A 130 -9.82 6.15 9.49
N ARG A 131 -10.24 4.96 9.90
CA ARG A 131 -11.46 4.83 10.67
C ARG A 131 -11.50 5.86 11.81
N LYS A 132 -10.31 6.25 12.22
CA LYS A 132 -10.18 7.23 13.30
C LYS A 132 -10.36 8.64 12.73
N ALA A 133 -9.85 8.83 11.52
CA ALA A 133 -9.95 10.12 10.86
C ALA A 133 -11.41 10.41 10.53
N LEU A 134 -12.12 9.33 10.16
CA LEU A 134 -13.53 9.46 9.82
C LEU A 134 -14.28 10.10 10.99
N THR A 135 -13.98 9.62 12.18
CA THR A 135 -14.62 10.14 13.38
C THR A 135 -14.02 11.48 13.77
N SER A 136 -13.06 11.92 12.97
CA SER A 136 -12.39 13.19 13.21
C SER A 136 -13.13 14.31 12.48
N MET A 1 -16.40 -1.50 -2.65
CA MET A 1 -15.33 -2.46 -2.89
C MET A 1 -14.05 -1.76 -3.33
N VAL A 2 -13.06 -2.57 -3.66
CA VAL A 2 -11.78 -2.03 -4.09
C VAL A 2 -12.01 -0.96 -5.15
N PRO A 3 -11.17 0.12 -5.06
CA PRO A 3 -11.28 1.23 -6.00
C PRO A 3 -10.71 0.84 -7.37
N PRO A 4 -10.86 1.78 -8.33
CA PRO A 4 -10.36 1.56 -9.68
C PRO A 4 -8.84 1.70 -9.74
N LYS A 5 -8.37 2.85 -9.30
CA LYS A 5 -6.94 3.14 -9.29
C LYS A 5 -6.19 1.87 -8.90
N LEU A 6 -6.83 1.07 -8.04
CA LEU A 6 -6.22 -0.17 -7.58
C LEU A 6 -6.59 -1.30 -8.55
N LYS A 7 -7.88 -1.57 -8.63
CA LYS A 7 -8.37 -2.61 -9.52
C LYS A 7 -7.66 -2.53 -10.86
N GLN A 8 -7.29 -1.30 -11.21
CA GLN A 8 -6.59 -1.07 -12.47
C GLN A 8 -5.15 -1.57 -12.37
N ALA A 9 -4.51 -1.24 -11.26
CA ALA A 9 -3.14 -1.65 -11.04
C ALA A 9 -3.07 -3.18 -10.95
N LEU A 10 -3.81 -3.72 -10.00
CA LEU A 10 -3.85 -5.16 -9.80
C LEU A 10 -4.05 -5.85 -11.15
N GLU A 11 -5.13 -5.47 -11.81
CA GLU A 11 -5.45 -6.04 -13.11
C GLU A 11 -4.31 -5.79 -14.09
N LEU A 12 -4.09 -4.52 -14.40
CA LEU A 12 -3.04 -4.13 -15.32
C LEU A 12 -1.76 -4.93 -15.00
N PHE A 13 -1.34 -4.82 -13.76
CA PHE A 13 -0.15 -5.53 -13.31
C PHE A 13 -0.18 -6.99 -13.74
N LYS A 14 -1.16 -7.71 -13.21
CA LYS A 14 -1.32 -9.12 -13.54
C LYS A 14 -1.27 -9.30 -15.05
N SER A 15 -1.63 -8.23 -15.76
CA SER A 15 -1.63 -8.26 -17.21
C SER A 15 -0.22 -7.97 -17.74
N LEU A 16 0.44 -7.04 -17.06
CA LEU A 16 1.80 -6.66 -17.45
C LEU A 16 2.65 -7.91 -17.60
N PRO A 17 3.74 -7.77 -18.40
CA PRO A 17 4.65 -8.88 -18.64
C PRO A 17 5.55 -9.12 -17.42
N LYS A 18 5.67 -10.39 -17.05
CA LYS A 18 6.49 -10.76 -15.91
C LYS A 18 7.69 -9.83 -15.82
N GLU A 19 8.57 -9.95 -16.81
CA GLU A 19 9.76 -9.13 -16.86
C GLU A 19 9.46 -7.73 -16.32
N LEU A 20 8.44 -7.11 -16.90
CA LEU A 20 8.04 -5.77 -16.48
C LEU A 20 7.52 -5.82 -15.05
N ARG A 21 6.71 -6.84 -14.79
CA ARG A 21 6.13 -7.01 -13.47
C ARG A 21 7.22 -6.90 -12.39
N SER A 22 8.45 -7.14 -12.82
CA SER A 22 9.58 -7.08 -11.91
C SER A 22 10.07 -5.63 -11.80
N GLN A 23 9.92 -4.89 -12.89
CA GLN A 23 10.34 -3.51 -12.92
C GLN A 23 9.31 -2.62 -12.23
N VAL A 24 8.06 -2.82 -12.60
CA VAL A 24 6.98 -2.05 -12.02
C VAL A 24 7.10 -2.06 -10.50
N LEU A 25 7.16 -3.27 -9.95
CA LEU A 25 7.28 -3.43 -8.51
C LEU A 25 8.36 -2.48 -7.98
N LEU A 26 9.41 -2.32 -8.78
CA LEU A 26 10.51 -1.44 -8.40
C LEU A 26 10.08 0.01 -8.63
N GLU A 27 9.53 0.26 -9.80
CA GLU A 27 9.09 1.60 -10.15
C GLU A 27 8.24 2.20 -9.02
N TYR A 28 7.15 1.50 -8.72
CA TYR A 28 6.26 1.95 -7.67
C TYR A 28 7.04 2.53 -6.48
N ALA A 29 7.81 1.66 -5.84
CA ALA A 29 8.61 2.07 -4.70
C ALA A 29 9.42 3.31 -5.08
N ALA A 30 9.79 3.38 -6.34
CA ALA A 30 10.56 4.51 -6.84
C ALA A 30 9.71 5.77 -6.78
N LYS A 31 8.43 5.59 -7.05
CA LYS A 31 7.49 6.71 -7.03
C LYS A 31 7.17 7.08 -5.58
N VAL A 32 7.08 6.04 -4.75
CA VAL A 32 6.77 6.24 -3.35
C VAL A 32 7.52 7.47 -2.84
N PRO A 33 6.77 8.60 -2.77
CA PRO A 33 7.36 9.86 -2.30
C PRO A 33 7.53 9.83 -0.78
N PRO A 34 8.48 10.68 -0.30
CA PRO A 34 8.76 10.78 1.12
C PRO A 34 7.65 11.55 1.84
N PRO A 35 7.50 11.23 3.16
CA PRO A 35 6.49 11.89 3.97
C PRO A 35 6.92 13.32 4.34
N PRO A 36 5.90 14.18 4.58
CA PRO A 36 6.17 15.56 4.94
C PRO A 36 6.66 15.68 6.39
N PRO A 37 7.18 16.88 6.72
CA PRO A 37 7.70 17.13 8.06
C PRO A 37 6.55 17.31 9.06
N GLY A 38 6.51 16.40 10.02
CA GLY A 38 5.47 16.44 11.05
C GLY A 38 4.73 15.11 11.13
N VAL A 39 4.13 14.73 10.01
CA VAL A 39 3.38 13.49 9.94
C VAL A 39 4.12 12.42 10.73
N GLU A 40 3.36 11.64 11.50
CA GLU A 40 3.92 10.59 12.31
C GLU A 40 3.53 9.22 11.74
N LEU A 41 4.55 8.45 11.39
CA LEU A 41 4.32 7.12 10.83
C LEU A 41 4.35 6.09 11.97
N GLU A 42 3.50 5.08 11.83
CA GLU A 42 3.42 4.03 12.82
C GLU A 42 4.06 2.74 12.29
N ARG A 43 5.06 2.27 13.03
CA ARG A 43 5.77 1.06 12.65
C ARG A 43 4.80 -0.13 12.64
N VAL A 44 4.96 -0.97 11.62
CA VAL A 44 4.11 -2.14 11.49
C VAL A 44 4.83 -3.35 12.06
N HIS A 45 4.59 -3.59 13.34
CA HIS A 45 5.22 -4.71 14.03
C HIS A 45 5.00 -5.99 13.22
N GLU A 46 3.78 -6.14 12.71
CA GLU A 46 3.43 -7.30 11.93
C GLU A 46 4.58 -7.65 10.95
N CYS A 47 5.25 -6.60 10.49
CA CYS A 47 6.35 -6.78 9.57
C CYS A 47 7.66 -6.76 10.37
N GLN A 48 8.52 -7.72 10.06
CA GLN A 48 9.80 -7.83 10.73
C GLN A 48 10.58 -6.51 10.60
N THR A 49 10.52 -5.95 9.41
CA THR A 49 11.21 -4.70 9.13
C THR A 49 10.45 -3.52 9.73
N PRO A 50 11.19 -2.42 9.98
CA PRO A 50 10.59 -1.22 10.55
C PRO A 50 9.78 -0.47 9.51
N PHE A 51 8.62 -1.02 9.19
CA PHE A 51 7.73 -0.40 8.22
C PHE A 51 6.80 0.60 8.87
N PHE A 52 6.95 1.86 8.47
CA PHE A 52 6.12 2.93 9.01
C PHE A 52 5.10 3.40 7.98
N VAL A 53 3.98 3.89 8.48
CA VAL A 53 2.91 4.37 7.63
C VAL A 53 2.01 5.31 8.43
N HIS A 54 1.11 5.96 7.72
CA HIS A 54 0.17 6.88 8.35
C HIS A 54 -0.96 7.21 7.38
N ALA A 55 -2.17 6.96 7.84
CA ALA A 55 -3.35 7.22 7.03
C ALA A 55 -4.13 8.41 7.62
N ASP A 56 -4.62 9.25 6.72
CA ASP A 56 -5.37 10.43 7.13
C ASP A 56 -6.42 10.76 6.06
N VAL A 57 -7.27 11.71 6.40
CA VAL A 57 -8.32 12.13 5.49
C VAL A 57 -8.24 13.64 5.28
N GLU A 58 -7.86 14.01 4.06
CA GLU A 58 -7.74 15.42 3.72
C GLU A 58 -8.40 15.71 2.38
N GLY A 59 -9.32 16.66 2.39
CA GLY A 59 -10.04 17.03 1.19
C GLY A 59 -10.94 15.89 0.70
N GLY A 60 -11.50 15.18 1.67
CA GLY A 60 -12.37 14.06 1.36
C GLY A 60 -11.60 12.91 0.74
N LYS A 61 -10.27 13.06 0.72
CA LYS A 61 -9.41 12.04 0.16
C LYS A 61 -8.67 11.33 1.29
N VAL A 62 -7.88 10.34 0.91
CA VAL A 62 -7.12 9.57 1.88
C VAL A 62 -5.63 9.88 1.71
N ARG A 63 -5.06 10.46 2.75
CA ARG A 63 -3.65 10.82 2.73
C ARG A 63 -2.79 9.61 3.10
N LEU A 64 -2.15 9.03 2.08
CA LEU A 64 -1.32 7.87 2.30
C LEU A 64 0.13 8.33 2.52
N TYR A 65 0.76 7.71 3.52
CA TYR A 65 2.14 8.06 3.85
C TYR A 65 2.93 6.80 4.19
N PHE A 66 3.98 6.58 3.41
CA PHE A 66 4.84 5.42 3.61
C PHE A 66 6.30 5.85 3.80
N HIS A 67 7.02 5.05 4.58
CA HIS A 67 8.42 5.32 4.85
C HIS A 67 9.17 4.01 5.07
N VAL A 68 10.10 3.74 4.17
CA VAL A 68 10.90 2.53 4.24
C VAL A 68 12.38 2.90 4.36
N PRO A 69 12.98 2.51 5.52
CA PRO A 69 14.39 2.80 5.76
C PRO A 69 15.29 1.87 4.95
N ASP A 70 15.25 0.59 5.30
CA ASP A 70 16.05 -0.40 4.61
C ASP A 70 15.94 -0.18 3.10
N GLU A 71 14.82 0.41 2.70
CA GLU A 71 14.57 0.68 1.30
C GLU A 71 14.32 -0.62 0.53
N ALA A 72 13.73 -1.58 1.25
CA ALA A 72 13.42 -2.87 0.65
C ALA A 72 12.50 -2.67 -0.54
N PRO A 73 12.91 -3.30 -1.69
CA PRO A 73 12.13 -3.20 -2.91
C PRO A 73 10.87 -4.06 -2.84
N THR A 74 10.78 -4.83 -1.76
CA THR A 74 9.64 -5.71 -1.55
C THR A 74 8.61 -5.03 -0.65
N VAL A 75 9.11 -4.33 0.35
CA VAL A 75 8.25 -3.64 1.30
C VAL A 75 7.78 -2.32 0.69
N LYS A 76 8.71 -1.67 0.00
CA LYS A 76 8.42 -0.39 -0.64
C LYS A 76 7.50 -0.64 -1.85
N ALA A 77 7.89 -1.60 -2.66
CA ALA A 77 7.12 -1.95 -3.85
C ALA A 77 5.63 -1.92 -3.50
N PHE A 78 5.24 -2.82 -2.61
CA PHE A 78 3.86 -2.91 -2.18
C PHE A 78 3.33 -1.54 -1.75
N ALA A 79 4.07 -0.91 -0.85
CA ALA A 79 3.69 0.40 -0.35
C ALA A 79 3.24 1.27 -1.52
N GLY A 80 3.99 1.18 -2.61
CA GLY A 80 3.69 1.96 -3.79
C GLY A 80 2.41 1.45 -4.48
N LEU A 81 2.15 0.17 -4.29
CA LEU A 81 0.97 -0.45 -4.87
C LEU A 81 -0.28 0.14 -4.21
N LEU A 82 -0.20 0.30 -2.90
CA LEU A 82 -1.31 0.85 -2.15
C LEU A 82 -1.65 2.24 -2.67
N ARG A 83 -0.62 3.10 -2.71
CA ARG A 83 -0.80 4.45 -3.19
C ARG A 83 -1.15 4.45 -4.68
N GLU A 84 -0.91 3.31 -5.32
CA GLU A 84 -1.20 3.16 -6.74
C GLU A 84 -2.71 3.03 -6.96
N GLY A 85 -3.39 2.61 -5.91
CA GLY A 85 -4.84 2.45 -5.96
C GLY A 85 -5.49 2.79 -4.63
N LEU A 86 -5.00 3.87 -4.03
CA LEU A 86 -5.53 4.32 -2.75
C LEU A 86 -5.27 5.81 -2.60
N GLU A 87 -4.05 6.21 -2.92
CA GLU A 87 -3.66 7.61 -2.82
C GLU A 87 -4.66 8.48 -3.57
N GLY A 88 -5.34 9.34 -2.81
CA GLY A 88 -6.32 10.24 -3.39
C GLY A 88 -7.71 9.61 -3.40
N GLU A 89 -7.78 8.41 -2.83
CA GLU A 89 -9.04 7.69 -2.77
C GLU A 89 -9.81 8.09 -1.50
N SER A 90 -11.00 7.51 -1.37
CA SER A 90 -11.84 7.80 -0.23
C SER A 90 -11.53 6.82 0.90
N PRO A 91 -11.93 7.24 2.15
CA PRO A 91 -11.69 6.41 3.32
C PRO A 91 -12.67 5.23 3.36
N GLU A 92 -13.62 5.26 2.45
CA GLU A 92 -14.61 4.19 2.36
C GLU A 92 -14.18 3.13 1.36
N ALA A 93 -13.54 3.60 0.29
CA ALA A 93 -13.08 2.72 -0.76
C ALA A 93 -11.81 1.99 -0.27
N VAL A 94 -11.04 2.69 0.54
CA VAL A 94 -9.81 2.14 1.07
C VAL A 94 -10.15 1.05 2.09
N LEU A 95 -11.14 1.35 2.92
CA LEU A 95 -11.56 0.40 3.94
C LEU A 95 -12.08 -0.87 3.26
N GLU A 96 -12.60 -0.69 2.05
CA GLU A 96 -13.13 -1.82 1.30
C GLU A 96 -12.01 -2.80 0.96
N VAL A 97 -10.87 -2.24 0.56
CA VAL A 97 -9.73 -3.06 0.20
C VAL A 97 -9.43 -4.03 1.35
N PRO A 98 -9.75 -5.33 1.09
CA PRO A 98 -9.52 -6.37 2.08
C PRO A 98 -8.03 -6.71 2.18
N PRO A 99 -7.70 -7.56 3.19
CA PRO A 99 -6.32 -7.97 3.41
C PRO A 99 -5.90 -9.01 2.37
N GLY A 100 -6.85 -9.36 1.50
CA GLY A 100 -6.59 -10.33 0.46
C GLY A 100 -6.97 -9.79 -0.91
N PHE A 101 -6.81 -8.48 -1.06
CA PHE A 101 -7.13 -7.83 -2.32
C PHE A 101 -6.06 -8.10 -3.37
N TYR A 102 -4.93 -8.59 -2.90
CA TYR A 102 -3.81 -8.90 -3.79
C TYR A 102 -3.91 -10.34 -4.31
N ARG A 103 -4.47 -11.20 -3.47
CA ARG A 103 -4.63 -12.60 -3.83
C ARG A 103 -5.17 -12.73 -5.26
N GLY A 104 -4.50 -13.56 -6.04
CA GLY A 104 -4.90 -13.78 -7.42
C GLY A 104 -4.60 -12.56 -8.28
N TYR A 105 -3.34 -12.40 -8.62
CA TYR A 105 -2.91 -11.27 -9.44
C TYR A 105 -1.43 -11.39 -9.80
N GLY A 106 -0.62 -11.69 -8.80
CA GLY A 106 0.81 -11.84 -9.00
C GLY A 106 1.58 -11.57 -7.70
N LEU A 107 1.11 -10.57 -6.97
CA LEU A 107 1.75 -10.21 -5.71
C LEU A 107 1.93 -11.47 -4.86
N GLU A 108 0.96 -12.36 -4.95
CA GLU A 108 1.01 -13.61 -4.21
C GLU A 108 2.34 -14.32 -4.44
N GLU A 109 2.57 -14.66 -5.70
CA GLU A 109 3.80 -15.35 -6.07
C GLU A 109 5.01 -14.47 -5.77
N PHE A 110 5.03 -13.30 -6.40
CA PHE A 110 6.13 -12.37 -6.20
C PHE A 110 6.55 -12.32 -4.73
N PHE A 111 5.69 -11.72 -3.92
CA PHE A 111 5.97 -11.61 -2.50
C PHE A 111 5.63 -12.91 -1.77
N THR A 112 6.65 -13.47 -1.13
CA THR A 112 6.46 -14.71 -0.39
C THR A 112 5.28 -14.59 0.57
N PRO A 113 4.81 -15.78 1.05
CA PRO A 113 3.68 -15.82 1.97
C PRO A 113 4.10 -15.37 3.37
N LEU A 114 5.39 -15.16 3.52
CA LEU A 114 5.94 -14.73 4.80
C LEU A 114 5.92 -13.20 4.88
N ARG A 115 6.50 -12.59 3.85
CA ARG A 115 6.55 -11.14 3.78
C ARG A 115 5.16 -10.56 3.53
N LEU A 116 4.37 -11.31 2.79
CA LEU A 116 3.02 -10.89 2.46
C LEU A 116 2.28 -10.51 3.76
N ARG A 117 2.39 -11.41 4.72
CA ARG A 117 1.74 -11.18 6.01
C ARG A 117 1.87 -9.72 6.43
N GLY A 118 3.11 -9.28 6.52
CA GLY A 118 3.38 -7.89 6.91
C GLY A 118 2.71 -6.92 5.94
N LEU A 119 2.91 -7.17 4.65
CA LEU A 119 2.34 -6.33 3.62
C LEU A 119 0.87 -6.07 3.95
N GLU A 120 0.16 -7.14 4.25
CA GLU A 120 -1.25 -7.04 4.58
C GLU A 120 -1.45 -6.14 5.79
N ALA A 121 -0.63 -6.37 6.81
CA ALA A 121 -0.71 -5.58 8.03
C ALA A 121 -0.94 -4.12 7.67
N ALA A 122 -0.11 -3.63 6.77
CA ALA A 122 -0.21 -2.24 6.33
C ALA A 122 -1.68 -1.88 6.15
N LEU A 123 -2.28 -2.43 5.10
CA LEU A 123 -3.67 -2.17 4.80
C LEU A 123 -4.48 -2.18 6.10
N LEU A 124 -4.28 -3.23 6.88
CA LEU A 124 -4.96 -3.36 8.15
C LEU A 124 -4.75 -2.10 8.99
N ARG A 125 -3.51 -1.65 9.00
CA ARG A 125 -3.15 -0.45 9.75
C ARG A 125 -3.94 0.76 9.23
N LEU A 126 -3.59 1.17 8.03
CA LEU A 126 -4.25 2.30 7.41
C LEU A 126 -5.75 2.25 7.72
N GLN A 127 -6.39 1.21 7.21
CA GLN A 127 -7.82 1.02 7.42
C GLN A 127 -8.19 1.36 8.87
N ALA A 128 -7.34 0.88 9.78
CA ALA A 128 -7.56 1.11 11.20
C ALA A 128 -7.54 2.62 11.47
N GLN A 129 -6.57 3.29 10.86
CA GLN A 129 -6.43 4.72 11.03
C GLN A 129 -7.51 5.46 10.23
N VAL A 130 -7.49 5.24 8.92
CA VAL A 130 -8.46 5.87 8.04
C VAL A 130 -9.82 5.92 8.74
N ARG A 131 -10.22 4.76 9.25
CA ARG A 131 -11.49 4.64 9.93
C ARG A 131 -11.67 5.81 10.91
N LYS A 132 -10.77 5.88 11.87
CA LYS A 132 -10.83 6.93 12.87
C LYS A 132 -10.97 8.30 12.17
N ALA A 133 -10.30 8.41 11.03
CA ALA A 133 -10.35 9.63 10.26
C ALA A 133 -11.76 9.83 9.71
N LEU A 134 -12.41 8.71 9.42
CA LEU A 134 -13.77 8.74 8.88
C LEU A 134 -14.76 8.90 10.04
N THR A 135 -14.55 8.10 11.07
CA THR A 135 -15.42 8.14 12.24
C THR A 135 -15.04 9.31 13.14
N SER A 136 -14.90 10.47 12.53
CA SER A 136 -14.54 11.67 13.27
C SER A 136 -15.66 12.05 14.23
N MET A 1 -15.53 -3.14 -4.93
CA MET A 1 -14.39 -3.51 -4.11
C MET A 1 -13.14 -2.73 -4.53
N VAL A 2 -12.56 -2.04 -3.56
CA VAL A 2 -11.37 -1.25 -3.81
C VAL A 2 -11.65 -0.25 -4.93
N PRO A 3 -10.79 0.80 -4.99
CA PRO A 3 -10.93 1.83 -6.01
C PRO A 3 -10.44 1.32 -7.37
N PRO A 4 -10.67 2.17 -8.41
CA PRO A 4 -10.26 1.82 -9.76
C PRO A 4 -8.74 1.95 -9.93
N LYS A 5 -8.25 3.14 -9.61
CA LYS A 5 -6.83 3.42 -9.73
C LYS A 5 -6.04 2.19 -9.27
N LEU A 6 -6.63 1.46 -8.32
CA LEU A 6 -6.00 0.26 -7.79
C LEU A 6 -6.40 -0.94 -8.64
N LYS A 7 -7.68 -1.28 -8.57
CA LYS A 7 -8.20 -2.40 -9.33
C LYS A 7 -7.56 -2.42 -10.72
N GLN A 8 -7.26 -1.23 -11.21
CA GLN A 8 -6.65 -1.09 -12.52
C GLN A 8 -5.16 -1.45 -12.45
N ALA A 9 -4.45 -0.75 -11.58
CA ALA A 9 -3.03 -1.00 -11.40
C ALA A 9 -2.78 -2.49 -11.24
N LEU A 10 -3.59 -3.11 -10.40
CA LEU A 10 -3.48 -4.54 -10.16
C LEU A 10 -3.83 -5.30 -11.44
N GLU A 11 -5.09 -5.17 -11.83
CA GLU A 11 -5.56 -5.83 -13.04
C GLU A 11 -4.51 -5.76 -14.14
N LEU A 12 -3.87 -4.59 -14.23
CA LEU A 12 -2.85 -4.38 -15.23
C LEU A 12 -1.61 -5.22 -14.88
N PHE A 13 -1.26 -5.19 -13.60
CA PHE A 13 -0.11 -5.94 -13.13
C PHE A 13 -0.18 -7.40 -13.60
N LYS A 14 -1.34 -8.00 -13.41
CA LYS A 14 -1.54 -9.38 -13.81
C LYS A 14 -1.36 -9.51 -15.32
N SER A 15 -1.94 -8.55 -16.04
CA SER A 15 -1.85 -8.55 -17.49
C SER A 15 -0.41 -8.25 -17.92
N LEU A 16 0.27 -7.48 -17.10
CA LEU A 16 1.65 -7.12 -17.38
C LEU A 16 2.50 -8.39 -17.50
N PRO A 17 3.58 -8.29 -18.31
CA PRO A 17 4.47 -9.42 -18.52
C PRO A 17 5.36 -9.65 -17.29
N LYS A 18 5.54 -10.92 -16.96
CA LYS A 18 6.35 -11.30 -15.82
C LYS A 18 7.52 -10.31 -15.70
N GLU A 19 8.43 -10.40 -16.67
CA GLU A 19 9.60 -9.53 -16.68
C GLU A 19 9.24 -8.16 -16.11
N LEU A 20 8.20 -7.56 -16.71
CA LEU A 20 7.75 -6.24 -16.28
C LEU A 20 7.20 -6.35 -14.86
N ARG A 21 6.40 -7.37 -14.64
CA ARG A 21 5.80 -7.59 -13.33
C ARG A 21 6.87 -7.48 -12.23
N SER A 22 8.11 -7.68 -12.64
CA SER A 22 9.22 -7.60 -11.70
C SER A 22 9.72 -6.16 -11.59
N GLN A 23 9.60 -5.44 -12.69
CA GLN A 23 10.02 -4.05 -12.73
C GLN A 23 8.99 -3.16 -12.04
N VAL A 24 7.73 -3.36 -12.42
CA VAL A 24 6.64 -2.59 -11.84
C VAL A 24 6.84 -2.49 -10.33
N LEU A 25 6.88 -3.66 -9.69
CA LEU A 25 7.06 -3.72 -8.26
C LEU A 25 8.12 -2.71 -7.83
N LEU A 26 9.20 -2.68 -8.59
CA LEU A 26 10.30 -1.76 -8.31
C LEU A 26 9.84 -0.33 -8.60
N GLU A 27 9.26 -0.15 -9.77
CA GLU A 27 8.78 1.17 -10.18
C GLU A 27 8.01 1.82 -9.03
N TYR A 28 7.00 1.10 -8.55
CA TYR A 28 6.18 1.60 -7.46
C TYR A 28 7.04 2.29 -6.40
N ALA A 29 8.04 1.56 -5.93
CA ALA A 29 8.93 2.09 -4.91
C ALA A 29 9.50 3.43 -5.39
N ALA A 30 9.80 3.48 -6.68
CA ALA A 30 10.34 4.69 -7.27
C ALA A 30 9.28 5.79 -7.27
N LYS A 31 8.02 5.36 -7.27
CA LYS A 31 6.91 6.29 -7.27
C LYS A 31 6.39 6.44 -5.84
N VAL A 32 7.32 6.56 -4.91
CA VAL A 32 6.97 6.72 -3.51
C VAL A 32 7.81 7.85 -2.90
N PRO A 33 7.18 9.05 -2.83
CA PRO A 33 7.85 10.22 -2.28
C PRO A 33 7.93 10.13 -0.76
N PRO A 34 8.78 11.02 -0.17
CA PRO A 34 8.96 11.04 1.28
C PRO A 34 7.76 11.70 1.96
N PRO A 35 7.55 11.33 3.24
CA PRO A 35 6.45 11.87 4.02
C PRO A 35 6.74 13.31 4.46
N PRO A 36 5.65 14.04 4.80
CA PRO A 36 5.78 15.42 5.23
C PRO A 36 6.33 15.50 6.65
N PRO A 37 6.83 16.71 7.01
CA PRO A 37 7.39 16.95 8.33
C PRO A 37 6.28 17.05 9.39
N GLY A 38 5.05 16.86 8.92
CA GLY A 38 3.90 16.93 9.81
C GLY A 38 2.99 15.71 9.62
N VAL A 39 3.52 14.56 9.99
CA VAL A 39 2.76 13.32 9.86
C VAL A 39 3.35 12.27 10.82
N GLU A 40 2.46 11.59 11.51
CA GLU A 40 2.86 10.57 12.46
C GLU A 40 2.65 9.17 11.86
N LEU A 41 3.76 8.47 11.67
CA LEU A 41 3.71 7.13 11.11
C LEU A 41 3.69 6.10 12.24
N GLU A 42 3.00 5.01 11.99
CA GLU A 42 2.90 3.95 12.98
C GLU A 42 3.78 2.76 12.57
N ARG A 43 4.39 2.14 13.58
CA ARG A 43 5.25 1.00 13.35
C ARG A 43 4.42 -0.25 13.08
N VAL A 44 4.74 -0.92 11.98
CA VAL A 44 4.03 -2.12 11.59
C VAL A 44 4.80 -3.34 12.10
N HIS A 45 4.48 -3.73 13.32
CA HIS A 45 5.14 -4.88 13.94
C HIS A 45 4.99 -6.10 13.03
N GLU A 46 3.82 -6.18 12.38
CA GLU A 46 3.55 -7.29 11.48
C GLU A 46 4.68 -7.45 10.47
N CYS A 47 5.14 -6.32 9.97
CA CYS A 47 6.21 -6.32 8.98
C CYS A 47 7.54 -6.53 9.72
N GLN A 48 8.15 -7.67 9.44
CA GLN A 48 9.42 -8.01 10.07
C GLN A 48 10.30 -6.77 10.18
N THR A 49 10.34 -6.00 9.10
CA THR A 49 11.14 -4.78 9.07
C THR A 49 10.38 -3.64 9.74
N PRO A 50 11.16 -2.60 10.14
CA PRO A 50 10.57 -1.43 10.79
C PRO A 50 9.87 -0.54 9.78
N PHE A 51 8.69 -0.97 9.38
CA PHE A 51 7.89 -0.24 8.41
C PHE A 51 6.99 0.78 9.11
N PHE A 52 6.85 1.94 8.49
CA PHE A 52 6.02 3.00 9.04
C PHE A 52 5.08 3.57 7.98
N VAL A 53 3.83 3.73 8.36
CA VAL A 53 2.82 4.27 7.46
C VAL A 53 1.81 5.10 8.25
N HIS A 54 1.09 5.94 7.53
CA HIS A 54 0.08 6.79 8.15
C HIS A 54 -1.09 6.97 7.21
N ALA A 55 -2.29 6.77 7.75
CA ALA A 55 -3.50 6.91 6.96
C ALA A 55 -4.36 8.03 7.56
N ASP A 56 -4.86 8.88 6.66
CA ASP A 56 -5.70 9.99 7.09
C ASP A 56 -6.43 10.56 5.86
N VAL A 57 -7.42 11.39 6.15
CA VAL A 57 -8.21 12.00 5.10
C VAL A 57 -8.41 13.49 5.41
N GLU A 58 -8.08 14.31 4.43
CA GLU A 58 -8.23 15.75 4.59
C GLU A 58 -9.15 16.32 3.51
N GLY A 59 -10.38 16.58 3.92
CA GLY A 59 -11.38 17.12 3.00
C GLY A 59 -12.27 16.02 2.44
N GLY A 60 -11.76 15.35 1.42
CA GLY A 60 -12.48 14.27 0.77
C GLY A 60 -11.53 13.27 0.12
N LYS A 61 -10.29 13.30 0.57
CA LYS A 61 -9.27 12.41 0.03
C LYS A 61 -8.44 11.84 1.18
N VAL A 62 -7.94 10.63 0.97
CA VAL A 62 -7.12 9.98 1.98
C VAL A 62 -5.64 10.18 1.65
N ARG A 63 -4.92 10.69 2.64
CA ARG A 63 -3.50 10.94 2.47
C ARG A 63 -2.68 9.74 2.97
N LEU A 64 -2.00 9.10 2.04
CA LEU A 64 -1.18 7.95 2.37
C LEU A 64 0.27 8.39 2.54
N TYR A 65 0.94 7.78 3.51
CA TYR A 65 2.33 8.11 3.79
C TYR A 65 3.10 6.85 4.20
N PHE A 66 4.23 6.65 3.52
CA PHE A 66 5.07 5.50 3.81
C PHE A 66 6.51 5.94 4.13
N HIS A 67 7.23 5.05 4.80
CA HIS A 67 8.59 5.33 5.17
C HIS A 67 9.36 4.01 5.35
N VAL A 68 10.41 3.86 4.55
CA VAL A 68 11.22 2.66 4.61
C VAL A 68 12.69 3.05 4.80
N PRO A 69 13.24 2.67 5.99
CA PRO A 69 14.62 2.98 6.30
C PRO A 69 15.58 2.07 5.52
N ASP A 70 15.53 0.78 5.86
CA ASP A 70 16.38 -0.19 5.20
C ASP A 70 16.32 0.03 3.69
N GLU A 71 15.21 0.59 3.24
CA GLU A 71 15.02 0.85 1.82
C GLU A 71 14.90 -0.45 1.05
N ALA A 72 13.99 -1.30 1.50
CA ALA A 72 13.76 -2.58 0.85
C ALA A 72 12.93 -2.37 -0.41
N PRO A 73 13.39 -3.02 -1.51
CA PRO A 73 12.69 -2.92 -2.78
C PRO A 73 11.42 -3.77 -2.78
N THR A 74 11.40 -4.75 -1.91
CA THR A 74 10.26 -5.63 -1.80
C THR A 74 9.21 -5.04 -0.85
N VAL A 75 9.70 -4.20 0.06
CA VAL A 75 8.82 -3.56 1.02
C VAL A 75 8.28 -2.25 0.43
N LYS A 76 9.20 -1.47 -0.13
CA LYS A 76 8.83 -0.20 -0.72
C LYS A 76 7.92 -0.46 -1.92
N ALA A 77 8.30 -1.43 -2.73
CA ALA A 77 7.53 -1.80 -3.90
C ALA A 77 6.04 -1.72 -3.56
N PHE A 78 5.63 -2.53 -2.60
CA PHE A 78 4.25 -2.57 -2.17
C PHE A 78 3.75 -1.16 -1.83
N ALA A 79 4.51 -0.48 -1.00
CA ALA A 79 4.14 0.87 -0.58
C ALA A 79 3.69 1.66 -1.81
N GLY A 80 4.52 1.65 -2.84
CA GLY A 80 4.23 2.36 -4.06
C GLY A 80 2.99 1.77 -4.75
N LEU A 81 2.79 0.48 -4.55
CA LEU A 81 1.66 -0.21 -5.13
C LEU A 81 0.40 0.13 -4.33
N LEU A 82 0.60 0.44 -3.06
CA LEU A 82 -0.50 0.78 -2.18
C LEU A 82 -0.99 2.18 -2.51
N ARG A 83 -0.04 3.10 -2.62
CA ARG A 83 -0.36 4.48 -2.93
C ARG A 83 -0.72 4.62 -4.41
N GLU A 84 -0.32 3.62 -5.19
CA GLU A 84 -0.60 3.62 -6.61
C GLU A 84 -2.11 3.76 -6.86
N GLY A 85 -2.88 3.07 -6.03
CA GLY A 85 -4.33 3.11 -6.15
C GLY A 85 -4.98 3.39 -4.80
N LEU A 86 -4.47 4.42 -4.13
CA LEU A 86 -5.00 4.80 -2.83
C LEU A 86 -4.71 6.29 -2.59
N GLU A 87 -3.50 6.68 -2.93
CA GLU A 87 -3.09 8.08 -2.75
C GLU A 87 -4.07 9.00 -3.46
N GLY A 88 -4.78 9.79 -2.66
CA GLY A 88 -5.76 10.72 -3.19
C GLY A 88 -7.10 10.04 -3.42
N GLU A 89 -7.35 9.00 -2.63
CA GLU A 89 -8.60 8.26 -2.74
C GLU A 89 -9.53 8.62 -1.58
N SER A 90 -10.64 7.89 -1.53
CA SER A 90 -11.63 8.13 -0.48
C SER A 90 -11.37 7.18 0.69
N PRO A 91 -11.90 7.58 1.88
CA PRO A 91 -11.73 6.79 3.08
C PRO A 91 -12.65 5.56 3.06
N GLU A 92 -13.56 5.57 2.09
CA GLU A 92 -14.51 4.48 1.95
C GLU A 92 -13.96 3.44 0.96
N ALA A 93 -13.28 3.93 -0.06
CA ALA A 93 -12.71 3.07 -1.08
C ALA A 93 -11.45 2.41 -0.53
N VAL A 94 -10.72 3.17 0.27
CA VAL A 94 -9.50 2.68 0.86
C VAL A 94 -9.82 1.65 1.94
N LEU A 95 -11.08 1.67 2.37
CA LEU A 95 -11.54 0.75 3.39
C LEU A 95 -12.17 -0.48 2.73
N GLU A 96 -12.71 -0.25 1.54
CA GLU A 96 -13.34 -1.32 0.78
C GLU A 96 -12.29 -2.33 0.32
N VAL A 97 -11.04 -1.98 0.56
CA VAL A 97 -9.93 -2.85 0.16
C VAL A 97 -9.73 -3.93 1.23
N PRO A 98 -9.92 -5.20 0.81
CA PRO A 98 -9.76 -6.31 1.71
C PRO A 98 -8.28 -6.60 1.99
N PRO A 99 -8.03 -7.56 2.91
CA PRO A 99 -6.68 -7.93 3.27
C PRO A 99 -6.04 -8.78 2.17
N GLY A 100 -6.84 -9.08 1.16
CA GLY A 100 -6.36 -9.89 0.05
C GLY A 100 -6.87 -9.33 -1.28
N PHE A 101 -6.60 -8.05 -1.50
CA PHE A 101 -7.03 -7.39 -2.72
C PHE A 101 -6.03 -7.65 -3.86
N TYR A 102 -4.91 -8.25 -3.48
CA TYR A 102 -3.88 -8.55 -4.46
C TYR A 102 -3.88 -10.05 -4.81
N ARG A 103 -3.98 -10.86 -3.78
CA ARG A 103 -4.00 -12.31 -3.98
C ARG A 103 -4.75 -12.66 -5.26
N GLY A 104 -4.04 -13.36 -6.14
CA GLY A 104 -4.61 -13.76 -7.41
C GLY A 104 -3.70 -13.38 -8.58
N TYR A 105 -3.67 -12.09 -8.87
CA TYR A 105 -2.85 -11.59 -9.95
C TYR A 105 -1.52 -12.35 -10.04
N GLY A 106 -0.73 -12.21 -8.99
CA GLY A 106 0.56 -12.88 -8.92
C GLY A 106 1.63 -11.96 -8.31
N LEU A 107 1.40 -11.60 -7.06
CA LEU A 107 2.32 -10.73 -6.35
C LEU A 107 3.20 -11.58 -5.42
N GLU A 108 2.65 -12.71 -5.01
CA GLU A 108 3.37 -13.61 -4.13
C GLU A 108 4.64 -14.12 -4.80
N GLU A 109 4.50 -14.46 -6.07
CA GLU A 109 5.63 -14.96 -6.84
C GLU A 109 6.87 -14.08 -6.59
N PHE A 110 6.62 -12.82 -6.31
CA PHE A 110 7.69 -11.88 -6.05
C PHE A 110 7.87 -11.66 -4.55
N PHE A 111 6.77 -11.38 -3.88
CA PHE A 111 6.79 -11.14 -2.45
C PHE A 111 6.54 -12.45 -1.68
N THR A 112 7.54 -12.83 -0.89
CA THR A 112 7.45 -14.04 -0.10
C THR A 112 6.11 -14.10 0.62
N PRO A 113 5.72 -15.36 1.00
CA PRO A 113 4.47 -15.56 1.71
C PRO A 113 4.57 -15.10 3.17
N LEU A 114 5.79 -14.80 3.57
CA LEU A 114 6.04 -14.35 4.93
C LEU A 114 5.95 -12.82 4.98
N ARG A 115 6.83 -12.18 4.23
CA ARG A 115 6.85 -10.73 4.18
C ARG A 115 5.46 -10.18 3.88
N LEU A 116 4.75 -10.89 3.01
CA LEU A 116 3.40 -10.49 2.64
C LEU A 116 2.61 -10.15 3.90
N ARG A 117 2.61 -11.08 4.84
CA ARG A 117 1.89 -10.89 6.09
C ARG A 117 2.03 -9.44 6.56
N GLY A 118 3.26 -8.93 6.49
CA GLY A 118 3.53 -7.57 6.90
C GLY A 118 2.87 -6.57 5.95
N LEU A 119 3.19 -6.70 4.68
CA LEU A 119 2.63 -5.81 3.67
C LEU A 119 1.14 -5.61 3.95
N GLU A 120 0.40 -6.70 3.90
CA GLU A 120 -1.03 -6.65 4.15
C GLU A 120 -1.33 -5.81 5.39
N ALA A 121 -0.76 -6.24 6.51
CA ALA A 121 -0.96 -5.55 7.77
C ALA A 121 -1.04 -4.05 7.50
N ALA A 122 -0.10 -3.56 6.70
CA ALA A 122 -0.06 -2.15 6.37
C ALA A 122 -1.49 -1.66 6.06
N LEU A 123 -2.12 -2.35 5.14
CA LEU A 123 -3.48 -2.01 4.75
C LEU A 123 -4.40 -2.11 5.97
N LEU A 124 -4.29 -3.25 6.66
CA LEU A 124 -5.10 -3.48 7.84
C LEU A 124 -4.97 -2.29 8.79
N ARG A 125 -3.74 -1.86 8.99
CA ARG A 125 -3.46 -0.74 9.87
C ARG A 125 -4.11 0.53 9.32
N LEU A 126 -3.74 0.87 8.10
CA LEU A 126 -4.26 2.05 7.45
C LEU A 126 -5.79 2.06 7.57
N GLN A 127 -6.37 0.89 7.31
CA GLN A 127 -7.82 0.75 7.39
C GLN A 127 -8.29 0.95 8.82
N ALA A 128 -7.39 0.69 9.76
CA ALA A 128 -7.71 0.84 11.16
C ALA A 128 -7.57 2.31 11.56
N GLN A 129 -6.82 3.04 10.75
CA GLN A 129 -6.60 4.46 11.01
C GLN A 129 -7.65 5.30 10.28
N VAL A 130 -8.05 4.81 9.10
CA VAL A 130 -9.04 5.50 8.31
C VAL A 130 -10.34 5.62 9.11
N ARG A 131 -10.83 4.48 9.56
CA ARG A 131 -12.06 4.44 10.33
C ARG A 131 -12.06 5.56 11.37
N LYS A 132 -10.87 5.94 11.79
CA LYS A 132 -10.72 7.00 12.78
C LYS A 132 -11.09 8.34 12.13
N ALA A 133 -10.64 8.51 10.91
CA ALA A 133 -10.90 9.74 10.17
C ALA A 133 -12.41 9.94 10.06
N LEU A 134 -13.09 8.86 9.71
CA LEU A 134 -14.54 8.90 9.57
C LEU A 134 -15.15 9.61 10.77
N THR A 135 -14.58 9.31 11.93
CA THR A 135 -15.06 9.91 13.17
C THR A 135 -13.97 10.78 13.80
N SER A 136 -13.10 11.29 12.94
CA SER A 136 -12.01 12.14 13.39
C SER A 136 -11.28 12.75 12.19
N MET A 1 -16.26 -1.52 -3.19
CA MET A 1 -15.17 -2.45 -3.45
C MET A 1 -13.86 -1.70 -3.73
N VAL A 2 -12.96 -2.39 -4.42
CA VAL A 2 -11.68 -1.80 -4.76
C VAL A 2 -11.88 -0.71 -5.81
N PRO A 3 -11.09 0.39 -5.65
CA PRO A 3 -11.18 1.51 -6.57
C PRO A 3 -10.51 1.18 -7.91
N PRO A 4 -10.64 2.13 -8.87
CA PRO A 4 -10.06 1.95 -10.19
C PRO A 4 -8.54 2.15 -10.14
N LYS A 5 -8.15 3.34 -9.72
CA LYS A 5 -6.74 3.69 -9.64
C LYS A 5 -5.96 2.48 -9.08
N LEU A 6 -6.65 1.70 -8.27
CA LEU A 6 -6.05 0.52 -7.67
C LEU A 6 -6.20 -0.66 -8.62
N LYS A 7 -7.45 -1.07 -8.80
CA LYS A 7 -7.75 -2.19 -9.67
C LYS A 7 -6.94 -2.06 -10.97
N GLN A 8 -6.66 -0.81 -11.33
CA GLN A 8 -5.90 -0.54 -12.53
C GLN A 8 -4.50 -1.16 -12.43
N ALA A 9 -3.80 -0.79 -11.37
CA ALA A 9 -2.46 -1.29 -11.13
C ALA A 9 -2.51 -2.82 -11.07
N LEU A 10 -3.40 -3.32 -10.23
CA LEU A 10 -3.56 -4.76 -10.07
C LEU A 10 -3.80 -5.40 -11.44
N GLU A 11 -4.80 -4.88 -12.13
CA GLU A 11 -5.15 -5.38 -13.44
C GLU A 11 -3.96 -5.25 -14.40
N LEU A 12 -3.43 -4.04 -14.46
CA LEU A 12 -2.30 -3.76 -15.32
C LEU A 12 -1.16 -4.73 -15.00
N PHE A 13 -0.88 -4.84 -13.71
CA PHE A 13 0.18 -5.74 -13.24
C PHE A 13 -0.04 -7.16 -13.77
N LYS A 14 -1.18 -7.71 -13.41
CA LYS A 14 -1.53 -9.06 -13.84
C LYS A 14 -1.57 -9.12 -15.37
N SER A 15 -1.70 -7.95 -15.96
CA SER A 15 -1.75 -7.84 -17.41
C SER A 15 -0.34 -7.76 -17.98
N LEU A 16 0.55 -7.16 -17.20
CA LEU A 16 1.94 -7.02 -17.62
C LEU A 16 2.61 -8.39 -17.62
N PRO A 17 3.72 -8.48 -18.40
CA PRO A 17 4.47 -9.72 -18.49
C PRO A 17 5.29 -9.97 -17.24
N LYS A 18 5.25 -11.22 -16.77
CA LYS A 18 5.99 -11.59 -15.57
C LYS A 18 7.31 -10.83 -15.53
N GLU A 19 8.20 -11.21 -16.46
CA GLU A 19 9.50 -10.56 -16.53
C GLU A 19 9.39 -9.08 -16.18
N LEU A 20 8.36 -8.44 -16.73
CA LEU A 20 8.14 -7.04 -16.48
C LEU A 20 7.61 -6.84 -15.06
N ARG A 21 6.58 -7.61 -14.74
CA ARG A 21 5.99 -7.55 -13.41
C ARG A 21 7.06 -7.34 -12.35
N SER A 22 8.22 -7.94 -12.60
CA SER A 22 9.34 -7.83 -11.67
C SER A 22 9.73 -6.36 -11.52
N GLN A 23 9.99 -5.72 -12.65
CA GLN A 23 10.39 -4.33 -12.65
C GLN A 23 9.24 -3.45 -12.15
N VAL A 24 8.03 -3.81 -12.57
CA VAL A 24 6.85 -3.07 -12.17
C VAL A 24 6.87 -2.85 -10.66
N LEU A 25 6.84 -3.96 -9.94
CA LEU A 25 6.85 -3.90 -8.48
C LEU A 25 7.92 -2.90 -8.03
N LEU A 26 9.05 -2.94 -8.73
CA LEU A 26 10.15 -2.04 -8.40
C LEU A 26 9.74 -0.60 -8.74
N GLU A 27 9.27 -0.42 -9.96
CA GLU A 27 8.86 0.90 -10.41
C GLU A 27 7.96 1.56 -9.36
N TYR A 28 6.96 0.80 -8.92
CA TYR A 28 6.02 1.31 -7.92
C TYR A 28 6.77 2.03 -6.80
N ALA A 29 7.70 1.31 -6.19
CA ALA A 29 8.49 1.87 -5.11
C ALA A 29 9.17 3.16 -5.58
N ALA A 30 9.51 3.18 -6.85
CA ALA A 30 10.15 4.34 -7.44
C ALA A 30 9.16 5.51 -7.46
N LYS A 31 7.88 5.16 -7.47
CA LYS A 31 6.82 6.17 -7.49
C LYS A 31 6.30 6.37 -6.07
N VAL A 32 7.23 6.37 -5.13
CA VAL A 32 6.87 6.55 -3.73
C VAL A 32 7.66 7.74 -3.16
N PRO A 33 6.97 8.90 -3.07
CA PRO A 33 7.59 10.10 -2.54
C PRO A 33 7.72 10.03 -1.02
N PRO A 34 8.69 10.84 -0.49
CA PRO A 34 8.92 10.87 0.94
C PRO A 34 7.82 11.64 1.66
N PRO A 35 7.65 11.31 2.97
CA PRO A 35 6.64 11.97 3.78
C PRO A 35 7.07 13.39 4.16
N PRO A 36 6.06 14.21 4.54
CA PRO A 36 6.33 15.59 4.93
C PRO A 36 6.96 15.65 6.33
N PRO A 37 7.83 16.67 6.52
CA PRO A 37 8.51 16.86 7.78
C PRO A 37 7.55 17.44 8.83
N GLY A 38 6.47 16.72 9.07
CA GLY A 38 5.47 17.16 10.03
C GLY A 38 4.31 16.17 10.11
N VAL A 39 4.66 14.90 10.04
CA VAL A 39 3.66 13.84 10.11
C VAL A 39 4.22 12.65 10.87
N GLU A 40 3.40 12.11 11.76
CA GLU A 40 3.81 10.97 12.57
C GLU A 40 3.33 9.67 11.92
N LEU A 41 4.28 8.79 11.66
CA LEU A 41 3.96 7.50 11.05
C LEU A 41 4.17 6.40 12.07
N GLU A 42 3.41 5.32 11.89
CA GLU A 42 3.49 4.19 12.79
C GLU A 42 4.19 3.01 12.10
N ARG A 43 5.24 2.52 12.75
CA ARG A 43 6.00 1.41 12.21
C ARG A 43 5.13 0.16 12.14
N VAL A 44 5.41 -0.67 11.13
CA VAL A 44 4.66 -1.89 10.94
C VAL A 44 5.45 -3.06 11.52
N HIS A 45 5.18 -3.35 12.80
CA HIS A 45 5.86 -4.44 13.48
C HIS A 45 5.58 -5.75 12.75
N GLU A 46 4.46 -5.77 12.05
CA GLU A 46 4.06 -6.96 11.30
C GLU A 46 5.12 -7.31 10.27
N CYS A 47 5.80 -6.27 9.79
CA CYS A 47 6.83 -6.46 8.78
C CYS A 47 8.20 -6.38 9.48
N GLN A 48 8.18 -5.84 10.69
CA GLN A 48 9.40 -5.71 11.46
C GLN A 48 10.23 -4.53 10.95
N THR A 49 10.60 -4.63 9.68
CA THR A 49 11.39 -3.59 9.05
C THR A 49 10.90 -2.21 9.48
N PRO A 50 11.79 -1.20 9.29
CA PRO A 50 11.46 0.17 9.66
C PRO A 50 10.50 0.79 8.64
N PHE A 51 9.31 0.20 8.56
CA PHE A 51 8.30 0.68 7.63
C PHE A 51 7.16 1.37 8.38
N PHE A 52 7.15 2.69 8.30
CA PHE A 52 6.12 3.47 8.97
C PHE A 52 5.10 4.01 7.96
N VAL A 53 3.83 3.83 8.30
CA VAL A 53 2.76 4.29 7.42
C VAL A 53 1.78 5.14 8.25
N HIS A 54 1.05 5.99 7.53
CA HIS A 54 0.08 6.86 8.17
C HIS A 54 -1.09 7.12 7.22
N ALA A 55 -2.26 6.66 7.61
CA ALA A 55 -3.45 6.83 6.80
C ALA A 55 -4.34 7.90 7.44
N ASP A 56 -4.76 8.85 6.61
CA ASP A 56 -5.61 9.93 7.09
C ASP A 56 -6.37 10.52 5.90
N VAL A 57 -7.41 11.28 6.23
CA VAL A 57 -8.23 11.91 5.21
C VAL A 57 -8.50 13.36 5.60
N GLU A 58 -8.14 14.26 4.70
CA GLU A 58 -8.34 15.68 4.93
C GLU A 58 -9.36 16.25 3.95
N GLY A 59 -10.51 16.62 4.49
CA GLY A 59 -11.58 17.17 3.67
C GLY A 59 -12.47 16.06 3.11
N GLY A 60 -12.01 15.48 2.01
CA GLY A 60 -12.74 14.41 1.36
C GLY A 60 -11.81 13.50 0.56
N LYS A 61 -10.54 13.54 0.94
CA LYS A 61 -9.54 12.73 0.26
C LYS A 61 -8.62 12.09 1.29
N VAL A 62 -8.07 10.94 0.93
CA VAL A 62 -7.17 10.22 1.81
C VAL A 62 -5.74 10.65 1.54
N ARG A 63 -4.94 10.66 2.60
CA ARG A 63 -3.54 11.05 2.49
C ARG A 63 -2.63 9.90 2.91
N LEU A 64 -2.07 9.23 1.91
CA LEU A 64 -1.18 8.11 2.16
C LEU A 64 0.22 8.64 2.49
N TYR A 65 0.82 8.01 3.49
CA TYR A 65 2.16 8.41 3.91
C TYR A 65 3.00 7.18 4.27
N PHE A 66 4.10 7.04 3.55
CA PHE A 66 5.01 5.92 3.78
C PHE A 66 6.43 6.41 4.07
N HIS A 67 7.06 5.76 5.04
CA HIS A 67 8.42 6.11 5.42
C HIS A 67 9.27 4.85 5.51
N VAL A 68 10.21 4.75 4.58
CA VAL A 68 11.10 3.60 4.54
C VAL A 68 12.52 4.06 4.23
N PRO A 69 13.41 3.93 5.24
CA PRO A 69 14.79 4.34 5.08
C PRO A 69 15.57 3.33 4.23
N ASP A 70 15.71 2.14 4.78
CA ASP A 70 16.42 1.08 4.09
C ASP A 70 16.11 1.16 2.59
N GLU A 71 14.91 1.61 2.29
CA GLU A 71 14.48 1.74 0.91
C GLU A 71 14.28 0.36 0.29
N ALA A 72 13.89 -0.58 1.14
CA ALA A 72 13.66 -1.95 0.69
C ALA A 72 12.71 -1.93 -0.51
N PRO A 73 13.17 -2.53 -1.63
CA PRO A 73 12.37 -2.59 -2.84
C PRO A 73 11.25 -3.63 -2.71
N THR A 74 11.32 -4.39 -1.63
CA THR A 74 10.33 -5.42 -1.37
C THR A 74 9.25 -4.89 -0.43
N VAL A 75 9.63 -3.89 0.37
CA VAL A 75 8.71 -3.30 1.32
C VAL A 75 8.05 -2.08 0.68
N LYS A 76 8.85 -1.34 -0.08
CA LYS A 76 8.37 -0.15 -0.75
C LYS A 76 7.44 -0.56 -1.91
N ALA A 77 7.86 -1.60 -2.61
CA ALA A 77 7.09 -2.09 -3.74
C ALA A 77 5.60 -2.02 -3.39
N PHE A 78 5.26 -2.58 -2.24
CA PHE A 78 3.88 -2.59 -1.78
C PHE A 78 3.38 -1.16 -1.55
N ALA A 79 4.12 -0.44 -0.73
CA ALA A 79 3.76 0.93 -0.40
C ALA A 79 3.25 1.64 -1.66
N GLY A 80 4.01 1.50 -2.73
CA GLY A 80 3.64 2.11 -4.00
C GLY A 80 2.33 1.52 -4.53
N LEU A 81 2.16 0.24 -4.28
CA LEU A 81 0.96 -0.47 -4.72
C LEU A 81 -0.26 0.13 -4.03
N LEU A 82 -0.07 0.51 -2.76
CA LEU A 82 -1.14 1.10 -1.99
C LEU A 82 -1.46 2.49 -2.53
N ARG A 83 -0.43 3.33 -2.56
CA ARG A 83 -0.59 4.68 -3.05
C ARG A 83 -0.96 4.68 -4.53
N GLU A 84 -0.59 3.59 -5.19
CA GLU A 84 -0.88 3.44 -6.61
C GLU A 84 -2.34 3.77 -6.89
N GLY A 85 -3.21 3.22 -6.05
CA GLY A 85 -4.64 3.45 -6.20
C GLY A 85 -5.32 3.56 -4.84
N LEU A 86 -4.89 4.56 -4.07
CA LEU A 86 -5.45 4.78 -2.76
C LEU A 86 -5.24 6.26 -2.36
N GLU A 87 -4.03 6.74 -2.61
CA GLU A 87 -3.70 8.11 -2.28
C GLU A 87 -4.63 9.07 -3.03
N GLY A 88 -5.27 9.94 -2.27
CA GLY A 88 -6.18 10.91 -2.83
C GLY A 88 -7.62 10.36 -2.85
N GLU A 89 -7.72 9.05 -2.81
CA GLU A 89 -9.02 8.39 -2.82
C GLU A 89 -9.74 8.62 -1.49
N SER A 90 -10.99 8.19 -1.45
CA SER A 90 -11.80 8.33 -0.25
C SER A 90 -11.46 7.22 0.75
N PRO A 91 -11.79 7.49 2.04
CA PRO A 91 -11.53 6.52 3.09
C PRO A 91 -12.53 5.37 3.03
N GLU A 92 -13.55 5.55 2.21
CA GLU A 92 -14.57 4.53 2.05
C GLU A 92 -14.17 3.53 0.98
N ALA A 93 -13.50 4.03 -0.05
CA ALA A 93 -13.05 3.19 -1.14
C ALA A 93 -11.77 2.46 -0.72
N VAL A 94 -10.99 3.13 0.11
CA VAL A 94 -9.74 2.56 0.59
C VAL A 94 -10.04 1.38 1.51
N LEU A 95 -10.97 1.62 2.44
CA LEU A 95 -11.35 0.58 3.39
C LEU A 95 -11.90 -0.62 2.62
N GLU A 96 -12.56 -0.34 1.51
CA GLU A 96 -13.13 -1.38 0.68
C GLU A 96 -12.04 -2.35 0.22
N VAL A 97 -10.81 -1.86 0.22
CA VAL A 97 -9.67 -2.66 -0.19
C VAL A 97 -9.41 -3.74 0.86
N PRO A 98 -9.63 -5.02 0.44
CA PRO A 98 -9.43 -6.14 1.35
C PRO A 98 -7.94 -6.42 1.53
N PRO A 99 -7.64 -7.27 2.56
CA PRO A 99 -6.26 -7.64 2.84
C PRO A 99 -5.73 -8.62 1.82
N GLY A 100 -6.60 -9.00 0.89
CA GLY A 100 -6.23 -9.95 -0.14
C GLY A 100 -6.51 -9.37 -1.53
N PHE A 101 -6.52 -8.05 -1.60
CA PHE A 101 -6.77 -7.36 -2.85
C PHE A 101 -5.67 -7.66 -3.87
N TYR A 102 -4.48 -7.92 -3.34
CA TYR A 102 -3.34 -8.23 -4.20
C TYR A 102 -3.39 -9.67 -4.69
N ARG A 103 -3.77 -10.57 -3.79
CA ARG A 103 -3.87 -11.97 -4.11
C ARG A 103 -4.66 -12.17 -5.41
N GLY A 104 -4.05 -12.89 -6.33
CA GLY A 104 -4.68 -13.16 -7.62
C GLY A 104 -3.89 -12.50 -8.75
N TYR A 105 -3.54 -11.25 -8.54
CA TYR A 105 -2.78 -10.50 -9.53
C TYR A 105 -1.30 -10.89 -9.52
N GLY A 106 -1.07 -12.19 -9.58
CA GLY A 106 0.29 -12.72 -9.57
C GLY A 106 1.22 -11.80 -8.76
N LEU A 107 0.82 -11.56 -7.52
CA LEU A 107 1.60 -10.70 -6.64
C LEU A 107 2.40 -11.58 -5.68
N GLU A 108 1.74 -12.63 -5.20
CA GLU A 108 2.38 -13.55 -4.27
C GLU A 108 3.57 -14.24 -4.93
N GLU A 109 3.42 -14.47 -6.23
CA GLU A 109 4.46 -15.13 -6.99
C GLU A 109 5.81 -14.45 -6.75
N PHE A 110 5.74 -13.19 -6.35
CA PHE A 110 6.94 -12.42 -6.08
C PHE A 110 7.14 -12.25 -4.57
N PHE A 111 6.08 -11.84 -3.90
CA PHE A 111 6.14 -11.63 -2.46
C PHE A 111 5.83 -12.94 -1.71
N THR A 112 6.75 -13.32 -0.84
CA THR A 112 6.60 -14.53 -0.06
C THR A 112 5.30 -14.47 0.76
N PRO A 113 4.87 -15.67 1.23
CA PRO A 113 3.65 -15.77 2.02
C PRO A 113 3.88 -15.25 3.44
N LEU A 114 5.15 -15.18 3.81
CA LEU A 114 5.51 -14.70 5.14
C LEU A 114 5.54 -13.17 5.14
N ARG A 115 6.22 -12.63 4.13
CA ARG A 115 6.33 -11.18 4.02
C ARG A 115 4.95 -10.56 3.81
N LEU A 116 4.14 -11.23 2.99
CA LEU A 116 2.80 -10.76 2.71
C LEU A 116 2.05 -10.52 4.02
N ARG A 117 2.12 -11.52 4.89
CA ARG A 117 1.46 -11.42 6.18
C ARG A 117 1.80 -10.09 6.86
N GLY A 118 3.00 -9.61 6.59
CA GLY A 118 3.45 -8.36 7.16
C GLY A 118 3.01 -7.17 6.30
N LEU A 119 3.08 -7.37 4.99
CA LEU A 119 2.70 -6.34 4.05
C LEU A 119 1.23 -5.97 4.28
N GLU A 120 0.38 -6.98 4.17
CA GLU A 120 -1.05 -6.76 4.36
C GLU A 120 -1.30 -5.90 5.59
N ALA A 121 -0.56 -6.21 6.66
CA ALA A 121 -0.70 -5.47 7.90
C ALA A 121 -0.80 -3.97 7.59
N ALA A 122 0.00 -3.55 6.61
CA ALA A 122 0.02 -2.15 6.21
C ALA A 122 -1.42 -1.68 5.97
N LEU A 123 -2.08 -2.33 5.03
CA LEU A 123 -3.45 -1.99 4.70
C LEU A 123 -4.30 -2.05 5.96
N LEU A 124 -4.23 -3.18 6.64
CA LEU A 124 -4.98 -3.38 7.86
C LEU A 124 -4.76 -2.19 8.79
N ARG A 125 -3.49 -1.87 9.01
CA ARG A 125 -3.13 -0.76 9.86
C ARG A 125 -3.71 0.54 9.33
N LEU A 126 -3.23 0.93 8.15
CA LEU A 126 -3.70 2.15 7.53
C LEU A 126 -5.23 2.23 7.62
N GLN A 127 -5.87 1.15 7.19
CA GLN A 127 -7.31 1.08 7.24
C GLN A 127 -7.82 1.25 8.67
N ALA A 128 -7.03 0.75 9.60
CA ALA A 128 -7.37 0.82 11.02
C ALA A 128 -7.27 2.28 11.47
N GLN A 129 -6.59 3.07 10.66
CA GLN A 129 -6.42 4.49 10.97
C GLN A 129 -7.48 5.32 10.27
N VAL A 130 -8.01 4.76 9.18
CA VAL A 130 -9.03 5.45 8.41
C VAL A 130 -10.37 5.34 9.14
N ARG A 131 -10.64 4.15 9.66
CA ARG A 131 -11.88 3.91 10.38
C ARG A 131 -12.14 5.05 11.37
N LYS A 132 -11.06 5.70 11.77
CA LYS A 132 -11.16 6.80 12.72
C LYS A 132 -11.43 8.10 11.95
N ALA A 133 -10.71 8.25 10.84
CA ALA A 133 -10.86 9.43 10.02
C ALA A 133 -12.27 9.45 9.40
N LEU A 134 -12.77 8.25 9.12
CA LEU A 134 -14.09 8.11 8.54
C LEU A 134 -15.15 8.51 9.56
N THR A 135 -15.00 7.95 10.77
CA THR A 135 -15.93 8.24 11.84
C THR A 135 -15.61 9.58 12.49
N SER A 136 -14.50 10.17 12.03
CA SER A 136 -14.07 11.46 12.55
C SER A 136 -12.87 11.97 11.75
N MET A 1 -15.58 -3.17 -3.35
CA MET A 1 -14.48 -4.08 -3.02
C MET A 1 -13.13 -3.40 -3.23
N VAL A 2 -12.96 -2.86 -4.43
CA VAL A 2 -11.72 -2.18 -4.77
C VAL A 2 -12.00 -1.12 -5.84
N PRO A 3 -11.31 0.04 -5.68
CA PRO A 3 -11.47 1.14 -6.62
C PRO A 3 -10.77 0.85 -7.94
N PRO A 4 -10.97 1.78 -8.92
CA PRO A 4 -10.35 1.63 -10.23
C PRO A 4 -8.86 1.96 -10.17
N LYS A 5 -8.56 3.18 -9.76
CA LYS A 5 -7.19 3.63 -9.65
C LYS A 5 -6.31 2.46 -9.20
N LEU A 6 -6.89 1.64 -8.33
CA LEU A 6 -6.17 0.49 -7.80
C LEU A 6 -6.35 -0.69 -8.76
N LYS A 7 -7.59 -1.15 -8.86
CA LYS A 7 -7.91 -2.27 -9.72
C LYS A 7 -7.11 -2.15 -11.02
N GLN A 8 -6.87 -0.90 -11.42
CA GLN A 8 -6.14 -0.63 -12.64
C GLN A 8 -4.74 -1.24 -12.55
N ALA A 9 -4.00 -0.84 -11.52
CA ALA A 9 -2.65 -1.33 -11.32
C ALA A 9 -2.67 -2.86 -11.35
N LEU A 10 -3.32 -3.43 -10.35
CA LEU A 10 -3.41 -4.88 -10.25
C LEU A 10 -3.70 -5.46 -11.64
N GLU A 11 -4.87 -5.12 -12.16
CA GLU A 11 -5.27 -5.60 -13.46
C GLU A 11 -4.10 -5.52 -14.45
N LEU A 12 -3.47 -4.35 -14.46
CA LEU A 12 -2.34 -4.12 -15.35
C LEU A 12 -1.21 -5.09 -14.98
N PHE A 13 -1.10 -5.35 -13.69
CA PHE A 13 -0.07 -6.25 -13.19
C PHE A 13 -0.23 -7.64 -13.79
N LYS A 14 -1.33 -8.28 -13.45
CA LYS A 14 -1.61 -9.62 -13.96
C LYS A 14 -1.63 -9.59 -15.49
N SER A 15 -1.77 -8.39 -16.03
CA SER A 15 -1.80 -8.22 -17.47
C SER A 15 -0.37 -8.09 -18.01
N LEU A 16 0.45 -7.40 -17.24
CA LEU A 16 1.84 -7.20 -17.63
C LEU A 16 2.59 -8.54 -17.52
N PRO A 17 3.74 -8.61 -18.25
CA PRO A 17 4.55 -9.80 -18.25
C PRO A 17 5.34 -9.93 -16.94
N LYS A 18 5.35 -11.14 -16.40
CA LYS A 18 6.06 -11.41 -15.16
C LYS A 18 7.32 -10.54 -15.10
N GLU A 19 8.26 -10.88 -15.97
CA GLU A 19 9.51 -10.15 -16.03
C GLU A 19 9.29 -8.67 -15.71
N LEU A 20 8.42 -8.05 -16.50
CA LEU A 20 8.10 -6.65 -16.32
C LEU A 20 7.57 -6.44 -14.90
N ARG A 21 6.50 -7.15 -14.59
CA ARG A 21 5.89 -7.06 -13.27
C ARG A 21 6.96 -6.87 -12.20
N SER A 22 8.06 -7.58 -12.37
CA SER A 22 9.16 -7.51 -11.42
C SER A 22 9.64 -6.06 -11.30
N GLN A 23 9.98 -5.48 -12.44
CA GLN A 23 10.45 -4.10 -12.48
C GLN A 23 9.33 -3.15 -12.07
N VAL A 24 8.13 -3.48 -12.53
CA VAL A 24 6.96 -2.66 -12.23
C VAL A 24 6.92 -2.37 -10.72
N LEU A 25 6.89 -3.45 -9.95
CA LEU A 25 6.85 -3.32 -8.50
C LEU A 25 7.95 -2.37 -8.05
N LEU A 26 9.12 -2.53 -8.66
CA LEU A 26 10.27 -1.69 -8.32
C LEU A 26 9.92 -0.23 -8.63
N GLU A 27 9.20 -0.04 -9.72
CA GLU A 27 8.79 1.30 -10.13
C GLU A 27 7.83 1.90 -9.10
N TYR A 28 6.86 1.09 -8.69
CA TYR A 28 5.87 1.53 -7.73
C TYR A 28 6.55 2.09 -6.46
N ALA A 29 7.78 1.65 -6.25
CA ALA A 29 8.53 2.10 -5.09
C ALA A 29 9.32 3.36 -5.46
N ALA A 30 9.63 3.48 -6.75
CA ALA A 30 10.36 4.62 -7.24
C ALA A 30 9.44 5.84 -7.28
N LYS A 31 8.14 5.57 -7.26
CA LYS A 31 7.14 6.62 -7.29
C LYS A 31 6.83 7.06 -5.86
N VAL A 32 6.91 6.09 -4.95
CA VAL A 32 6.63 6.37 -3.55
C VAL A 32 7.34 7.66 -3.13
N PRO A 33 6.51 8.75 -3.03
CA PRO A 33 7.04 10.05 -2.65
C PRO A 33 7.36 10.09 -1.15
N PRO A 34 8.22 11.07 -0.78
CA PRO A 34 8.61 11.23 0.62
C PRO A 34 7.48 11.88 1.42
N PRO A 35 7.46 11.53 2.74
CA PRO A 35 6.44 12.07 3.64
C PRO A 35 6.73 13.53 3.98
N PRO A 36 5.64 14.28 4.28
CA PRO A 36 5.77 15.68 4.62
C PRO A 36 6.30 15.84 6.05
N PRO A 37 6.96 17.01 6.29
CA PRO A 37 7.51 17.31 7.60
C PRO A 37 6.41 17.68 8.59
N GLY A 38 6.40 16.96 9.70
CA GLY A 38 5.40 17.20 10.74
C GLY A 38 4.42 16.04 10.83
N VAL A 39 4.32 15.29 9.74
CA VAL A 39 3.42 14.15 9.69
C VAL A 39 4.02 12.99 10.48
N GLU A 40 3.18 12.38 11.31
CA GLU A 40 3.63 11.26 12.13
C GLU A 40 3.20 9.94 11.48
N LEU A 41 4.16 9.02 11.43
CA LEU A 41 3.90 7.71 10.84
C LEU A 41 4.08 6.63 11.91
N GLU A 42 3.29 5.58 11.78
CA GLU A 42 3.35 4.47 12.72
C GLU A 42 4.15 3.32 12.13
N ARG A 43 4.87 2.63 13.00
CA ARG A 43 5.68 1.49 12.58
C ARG A 43 4.82 0.25 12.43
N VAL A 44 5.18 -0.58 11.47
CA VAL A 44 4.45 -1.81 11.21
C VAL A 44 5.20 -2.99 11.85
N HIS A 45 4.85 -3.27 13.10
CA HIS A 45 5.48 -4.37 13.82
C HIS A 45 5.37 -5.65 13.00
N GLU A 46 4.27 -5.76 12.27
CA GLU A 46 4.04 -6.93 11.44
C GLU A 46 5.21 -7.17 10.49
N CYS A 47 5.92 -6.07 10.22
CA CYS A 47 7.08 -6.15 9.33
C CYS A 47 8.33 -5.84 10.15
N GLN A 48 9.24 -6.80 10.16
CA GLN A 48 10.49 -6.65 10.89
C GLN A 48 11.16 -5.32 10.53
N THR A 49 11.25 -5.07 9.23
CA THR A 49 11.87 -3.85 8.75
C THR A 49 11.12 -2.62 9.30
N PRO A 50 11.87 -1.49 9.35
CA PRO A 50 11.28 -0.25 9.85
C PRO A 50 10.34 0.37 8.81
N PHE A 51 9.19 -0.26 8.67
CA PHE A 51 8.19 0.22 7.72
C PHE A 51 7.14 1.07 8.42
N PHE A 52 7.12 2.35 8.06
CA PHE A 52 6.16 3.28 8.65
C PHE A 52 5.03 3.59 7.67
N VAL A 53 3.84 3.77 8.22
CA VAL A 53 2.68 4.08 7.41
C VAL A 53 1.77 5.03 8.18
N HIS A 54 0.85 5.65 7.44
CA HIS A 54 -0.09 6.58 8.04
C HIS A 54 -1.23 6.86 7.06
N ALA A 55 -2.44 6.61 7.53
CA ALA A 55 -3.62 6.83 6.72
C ALA A 55 -4.49 7.92 7.35
N ASP A 56 -5.01 8.79 6.50
CA ASP A 56 -5.85 9.88 6.96
C ASP A 56 -6.62 10.46 5.77
N VAL A 57 -7.54 11.35 6.08
CA VAL A 57 -8.35 11.99 5.05
C VAL A 57 -8.46 13.49 5.34
N GLU A 58 -8.01 14.29 4.38
CA GLU A 58 -8.04 15.73 4.52
C GLU A 58 -9.10 16.33 3.59
N GLY A 59 -10.18 16.80 4.19
CA GLY A 59 -11.27 17.39 3.43
C GLY A 59 -12.25 16.33 2.95
N GLY A 60 -11.89 15.70 1.85
CA GLY A 60 -12.73 14.66 1.28
C GLY A 60 -11.90 13.64 0.49
N LYS A 61 -10.61 13.62 0.81
CA LYS A 61 -9.69 12.70 0.14
C LYS A 61 -8.78 12.05 1.18
N VAL A 62 -8.33 10.85 0.86
CA VAL A 62 -7.45 10.12 1.76
C VAL A 62 -6.00 10.53 1.49
N ARG A 63 -5.17 10.36 2.51
CA ARG A 63 -3.77 10.72 2.41
C ARG A 63 -2.90 9.57 2.94
N LEU A 64 -2.13 8.99 2.03
CA LEU A 64 -1.25 7.88 2.39
C LEU A 64 0.18 8.43 2.60
N TYR A 65 0.91 7.74 3.46
CA TYR A 65 2.27 8.14 3.76
C TYR A 65 3.11 6.93 4.21
N PHE A 66 4.16 6.67 3.46
CA PHE A 66 5.04 5.56 3.77
C PHE A 66 6.50 6.02 3.88
N HIS A 67 7.17 5.53 4.91
CA HIS A 67 8.55 5.88 5.14
C HIS A 67 9.37 4.62 5.41
N VAL A 68 10.34 4.38 4.54
CA VAL A 68 11.20 3.21 4.67
C VAL A 68 12.64 3.60 4.35
N PRO A 69 13.51 3.48 5.40
CA PRO A 69 14.92 3.81 5.24
C PRO A 69 15.65 2.73 4.44
N ASP A 70 15.45 1.49 4.87
CA ASP A 70 16.09 0.36 4.21
C ASP A 70 15.86 0.46 2.70
N GLU A 71 14.88 1.28 2.34
CA GLU A 71 14.55 1.47 0.93
C GLU A 71 14.41 0.12 0.23
N ALA A 72 13.80 -0.82 0.94
CA ALA A 72 13.60 -2.15 0.40
C ALA A 72 12.69 -2.06 -0.83
N PRO A 73 13.18 -2.66 -1.95
CA PRO A 73 12.42 -2.66 -3.20
C PRO A 73 11.26 -3.64 -3.13
N THR A 74 11.33 -4.55 -2.17
CA THR A 74 10.29 -5.55 -1.99
C THR A 74 9.31 -5.11 -0.90
N VAL A 75 9.76 -4.14 -0.12
CA VAL A 75 8.93 -3.62 0.97
C VAL A 75 8.18 -2.38 0.47
N LYS A 76 8.92 -1.48 -0.16
CA LYS A 76 8.33 -0.26 -0.68
C LYS A 76 7.32 -0.61 -1.77
N ALA A 77 7.71 -1.54 -2.62
CA ALA A 77 6.85 -1.97 -3.71
C ALA A 77 5.40 -2.00 -3.21
N PHE A 78 5.13 -2.92 -2.31
CA PHE A 78 3.79 -3.06 -1.76
C PHE A 78 3.22 -1.70 -1.32
N ALA A 79 3.98 -1.05 -0.45
CA ALA A 79 3.57 0.26 0.05
C ALA A 79 3.15 1.14 -1.12
N GLY A 80 4.07 1.29 -2.07
CA GLY A 80 3.81 2.11 -3.24
C GLY A 80 2.52 1.66 -3.94
N LEU A 81 2.26 0.37 -3.87
CA LEU A 81 1.06 -0.19 -4.48
C LEU A 81 -0.18 0.47 -3.88
N LEU A 82 -0.24 0.43 -2.56
CA LEU A 82 -1.36 1.01 -1.84
C LEU A 82 -1.56 2.46 -2.32
N ARG A 83 -0.49 3.24 -2.22
CA ARG A 83 -0.54 4.62 -2.63
C ARG A 83 -0.70 4.73 -4.14
N GLU A 84 -0.52 3.59 -4.81
CA GLU A 84 -0.64 3.54 -6.25
C GLU A 84 -2.09 3.78 -6.67
N GLY A 85 -3.00 3.26 -5.86
CA GLY A 85 -4.42 3.41 -6.14
C GLY A 85 -5.22 3.51 -4.83
N LEU A 86 -4.83 4.46 -4.00
CA LEU A 86 -5.49 4.68 -2.73
C LEU A 86 -5.25 6.11 -2.26
N GLU A 87 -4.00 6.52 -2.34
CA GLU A 87 -3.63 7.87 -1.94
C GLU A 87 -4.47 8.90 -2.69
N GLY A 88 -5.26 9.64 -1.93
CA GLY A 88 -6.12 10.65 -2.51
C GLY A 88 -7.56 10.15 -2.64
N GLU A 89 -7.70 8.83 -2.66
CA GLU A 89 -9.00 8.21 -2.79
C GLU A 89 -9.90 8.62 -1.61
N SER A 90 -11.06 8.00 -1.55
CA SER A 90 -12.01 8.28 -0.48
C SER A 90 -11.71 7.41 0.74
N PRO A 91 -12.25 7.85 1.91
CA PRO A 91 -12.04 7.11 3.15
C PRO A 91 -12.91 5.85 3.18
N GLU A 92 -13.88 5.81 2.28
CA GLU A 92 -14.78 4.67 2.20
C GLU A 92 -14.31 3.70 1.12
N ALA A 93 -13.77 4.26 0.05
CA ALA A 93 -13.27 3.45 -1.05
C ALA A 93 -12.05 2.66 -0.58
N VAL A 94 -11.28 3.28 0.30
CA VAL A 94 -10.08 2.65 0.83
C VAL A 94 -10.49 1.48 1.74
N LEU A 95 -11.29 1.81 2.74
CA LEU A 95 -11.75 0.81 3.68
C LEU A 95 -12.38 -0.36 2.90
N GLU A 96 -13.00 -0.02 1.79
CA GLU A 96 -13.64 -1.03 0.96
C GLU A 96 -12.60 -2.05 0.47
N VAL A 97 -11.34 -1.69 0.64
CA VAL A 97 -10.25 -2.56 0.22
C VAL A 97 -10.02 -3.63 1.29
N PRO A 98 -10.13 -4.91 0.85
CA PRO A 98 -9.93 -6.03 1.76
C PRO A 98 -8.44 -6.22 2.08
N PRO A 99 -8.19 -7.13 3.05
CA PRO A 99 -6.82 -7.41 3.46
C PRO A 99 -6.10 -8.28 2.42
N GLY A 100 -6.88 -8.78 1.47
CA GLY A 100 -6.34 -9.61 0.41
C GLY A 100 -6.88 -9.19 -0.95
N PHE A 101 -6.63 -7.94 -1.30
CA PHE A 101 -7.08 -7.40 -2.56
C PHE A 101 -6.06 -7.65 -3.67
N TYR A 102 -4.96 -8.28 -3.28
CA TYR A 102 -3.90 -8.58 -4.22
C TYR A 102 -3.78 -10.09 -4.44
N ARG A 103 -3.81 -10.82 -3.33
CA ARG A 103 -3.71 -12.27 -3.39
C ARG A 103 -4.53 -12.82 -4.55
N GLY A 104 -3.83 -13.22 -5.61
CA GLY A 104 -4.49 -13.76 -6.78
C GLY A 104 -3.72 -13.37 -8.06
N TYR A 105 -3.79 -12.09 -8.38
CA TYR A 105 -3.11 -11.58 -9.56
C TYR A 105 -1.77 -12.27 -9.76
N GLY A 106 -0.85 -11.98 -8.85
CA GLY A 106 0.49 -12.56 -8.92
C GLY A 106 1.50 -11.69 -8.17
N LEU A 107 1.23 -11.50 -6.89
CA LEU A 107 2.11 -10.70 -6.05
C LEU A 107 3.00 -11.61 -5.22
N GLU A 108 2.50 -12.82 -5.00
CA GLU A 108 3.24 -13.81 -4.22
C GLU A 108 4.52 -14.20 -4.94
N GLU A 109 4.38 -14.53 -6.21
CA GLU A 109 5.52 -14.93 -7.01
C GLU A 109 6.73 -14.03 -6.71
N PHE A 110 6.42 -12.81 -6.31
CA PHE A 110 7.46 -11.86 -5.98
C PHE A 110 7.60 -11.69 -4.46
N PHE A 111 6.45 -11.55 -3.81
CA PHE A 111 6.44 -11.38 -2.37
C PHE A 111 6.13 -12.70 -1.67
N THR A 112 7.15 -13.28 -1.06
CA THR A 112 7.00 -14.54 -0.35
C THR A 112 5.66 -14.57 0.41
N PRO A 113 5.22 -15.81 0.73
CA PRO A 113 3.96 -15.99 1.45
C PRO A 113 4.13 -15.63 2.93
N LEU A 114 5.37 -15.37 3.30
CA LEU A 114 5.67 -15.01 4.68
C LEU A 114 5.63 -13.48 4.82
N ARG A 115 6.53 -12.83 4.11
CA ARG A 115 6.61 -11.38 4.15
C ARG A 115 5.25 -10.76 3.83
N LEU A 116 4.52 -11.45 2.96
CA LEU A 116 3.20 -10.99 2.56
C LEU A 116 2.38 -10.65 3.80
N ARG A 117 2.36 -11.59 4.73
CA ARG A 117 1.62 -11.40 5.97
C ARG A 117 1.77 -9.96 6.48
N GLY A 118 3.02 -9.56 6.65
CA GLY A 118 3.32 -8.23 7.12
C GLY A 118 2.83 -7.17 6.12
N LEU A 119 3.18 -7.40 4.86
CA LEU A 119 2.79 -6.49 3.80
C LEU A 119 1.35 -6.04 4.02
N GLU A 120 0.50 -7.01 4.34
CA GLU A 120 -0.90 -6.74 4.58
C GLU A 120 -1.06 -5.76 5.75
N ALA A 121 -0.42 -6.10 6.86
CA ALA A 121 -0.48 -5.27 8.04
C ALA A 121 -0.53 -3.80 7.64
N ALA A 122 0.22 -3.48 6.59
CA ALA A 122 0.28 -2.12 6.10
C ALA A 122 -1.15 -1.62 5.85
N LEU A 123 -1.87 -2.34 5.01
CA LEU A 123 -3.24 -1.98 4.68
C LEU A 123 -4.11 -2.15 5.92
N LEU A 124 -4.07 -3.36 6.47
CA LEU A 124 -4.86 -3.67 7.66
C LEU A 124 -4.80 -2.48 8.63
N ARG A 125 -3.59 -1.95 8.78
CA ARG A 125 -3.39 -0.81 9.67
C ARG A 125 -4.00 0.46 9.05
N LEU A 126 -3.64 0.71 7.81
CA LEU A 126 -4.14 1.88 7.10
C LEU A 126 -5.65 2.00 7.34
N GLN A 127 -6.34 0.90 7.09
CA GLN A 127 -7.79 0.87 7.28
C GLN A 127 -8.15 1.20 8.72
N ALA A 128 -7.24 0.83 9.61
CA ALA A 128 -7.45 1.07 11.03
C ALA A 128 -7.09 2.53 11.35
N GLN A 129 -6.38 3.16 10.42
CA GLN A 129 -5.97 4.54 10.59
C GLN A 129 -7.02 5.48 9.97
N VAL A 130 -7.57 5.05 8.85
CA VAL A 130 -8.58 5.84 8.17
C VAL A 130 -9.87 5.82 8.97
N ARG A 131 -10.29 4.62 9.35
CA ARG A 131 -11.50 4.45 10.12
C ARG A 131 -11.59 5.51 11.21
N LYS A 132 -10.42 5.93 11.69
CA LYS A 132 -10.35 6.93 12.73
C LYS A 132 -10.84 8.27 12.18
N ALA A 133 -10.36 8.60 10.99
CA ALA A 133 -10.74 9.83 10.34
C ALA A 133 -12.27 9.92 10.27
N LEU A 134 -12.87 8.82 9.86
CA LEU A 134 -14.32 8.75 9.75
C LEU A 134 -14.96 9.35 11.00
N THR A 135 -14.26 9.16 12.12
CA THR A 135 -14.75 9.67 13.39
C THR A 135 -13.98 10.94 13.78
N SER A 136 -12.82 11.10 13.18
CA SER A 136 -11.99 12.27 13.45
C SER A 136 -11.74 13.04 12.16
N MET A 1 -16.20 -2.58 -3.51
CA MET A 1 -15.22 -3.65 -3.42
C MET A 1 -13.90 -3.23 -4.09
N VAL A 2 -13.08 -2.54 -3.31
CA VAL A 2 -11.79 -2.08 -3.80
C VAL A 2 -12.02 -1.02 -4.89
N PRO A 3 -11.14 0.02 -4.86
CA PRO A 3 -11.23 1.10 -5.83
C PRO A 3 -10.73 0.66 -7.20
N PRO A 4 -10.92 1.56 -8.19
CA PRO A 4 -10.49 1.27 -9.55
C PRO A 4 -8.97 1.39 -9.69
N LYS A 5 -8.47 2.56 -9.32
CA LYS A 5 -7.05 2.81 -9.39
C LYS A 5 -6.28 1.54 -9.01
N LEU A 6 -6.73 0.94 -7.92
CA LEU A 6 -6.11 -0.28 -7.43
C LEU A 6 -6.46 -1.44 -8.37
N LYS A 7 -7.74 -1.79 -8.36
CA LYS A 7 -8.23 -2.88 -9.19
C LYS A 7 -7.51 -2.83 -10.55
N GLN A 8 -7.16 -1.62 -10.96
CA GLN A 8 -6.47 -1.42 -12.22
C GLN A 8 -4.98 -1.72 -12.07
N ALA A 9 -4.38 -1.08 -11.08
CA ALA A 9 -2.96 -1.27 -10.83
C ALA A 9 -2.68 -2.76 -10.66
N LEU A 10 -3.61 -3.44 -10.00
CA LEU A 10 -3.46 -4.87 -9.77
C LEU A 10 -3.70 -5.62 -11.08
N GLU A 11 -4.91 -5.46 -11.60
CA GLU A 11 -5.28 -6.12 -12.84
C GLU A 11 -4.22 -5.86 -13.92
N LEU A 12 -3.84 -4.60 -14.06
CA LEU A 12 -2.82 -4.22 -15.03
C LEU A 12 -1.55 -5.04 -14.79
N PHE A 13 -1.16 -5.10 -13.53
CA PHE A 13 0.02 -5.85 -13.15
C PHE A 13 -0.03 -7.28 -13.69
N LYS A 14 -1.07 -8.00 -13.28
CA LYS A 14 -1.25 -9.38 -13.71
C LYS A 14 -1.28 -9.43 -15.24
N SER A 15 -1.58 -8.28 -15.82
CA SER A 15 -1.65 -8.18 -17.27
C SER A 15 -0.29 -7.75 -17.84
N LEU A 16 0.51 -7.16 -16.95
CA LEU A 16 1.84 -6.70 -17.35
C LEU A 16 2.76 -7.90 -17.55
N PRO A 17 3.84 -7.68 -18.33
CA PRO A 17 4.80 -8.73 -18.61
C PRO A 17 5.70 -8.97 -17.39
N LYS A 18 5.93 -10.26 -17.12
CA LYS A 18 6.76 -10.64 -16.00
C LYS A 18 7.88 -9.62 -15.82
N GLU A 19 8.79 -9.61 -16.80
CA GLU A 19 9.91 -8.69 -16.76
C GLU A 19 9.49 -7.36 -16.12
N LEU A 20 8.37 -6.83 -16.60
CA LEU A 20 7.86 -5.58 -16.08
C LEU A 20 7.29 -5.81 -14.67
N ARG A 21 6.49 -6.86 -14.56
CA ARG A 21 5.88 -7.20 -13.28
C ARG A 21 6.87 -6.93 -12.15
N SER A 22 8.14 -7.10 -12.45
CA SER A 22 9.18 -6.88 -11.46
C SER A 22 9.66 -5.44 -11.51
N GLN A 23 9.83 -4.94 -12.73
CA GLN A 23 10.28 -3.58 -12.94
C GLN A 23 9.26 -2.59 -12.38
N VAL A 24 8.02 -2.80 -12.76
CA VAL A 24 6.94 -1.94 -12.31
C VAL A 24 7.03 -1.77 -10.79
N LEU A 25 6.93 -2.89 -10.09
CA LEU A 25 6.99 -2.89 -8.64
C LEU A 25 8.11 -1.94 -8.19
N LEU A 26 9.24 -2.06 -8.87
CA LEU A 26 10.40 -1.23 -8.56
C LEU A 26 9.99 0.24 -8.66
N GLU A 27 9.59 0.63 -9.87
CA GLU A 27 9.19 2.01 -10.12
C GLU A 27 8.28 2.51 -8.99
N TYR A 28 7.15 1.83 -8.83
CA TYR A 28 6.20 2.19 -7.80
C TYR A 28 6.93 2.64 -6.53
N ALA A 29 7.83 1.79 -6.07
CA ALA A 29 8.60 2.08 -4.87
C ALA A 29 9.29 3.43 -5.03
N ALA A 30 9.92 3.61 -6.19
CA ALA A 30 10.63 4.85 -6.47
C ALA A 30 9.62 5.99 -6.60
N LYS A 31 8.36 5.60 -6.76
CA LYS A 31 7.29 6.57 -6.91
C LYS A 31 6.83 7.03 -5.52
N VAL A 32 6.92 6.11 -4.58
CA VAL A 32 6.52 6.39 -3.21
C VAL A 32 7.33 7.57 -2.68
N PRO A 33 6.62 8.72 -2.49
CA PRO A 33 7.25 9.92 -2.00
C PRO A 33 7.54 9.82 -0.49
N PRO A 34 8.41 10.74 0.00
CA PRO A 34 8.76 10.75 1.41
C PRO A 34 7.62 11.31 2.26
N PRO A 35 7.61 10.89 3.55
CA PRO A 35 6.59 11.34 4.47
C PRO A 35 6.84 12.79 4.91
N PRO A 36 5.72 13.54 5.08
CA PRO A 36 5.81 14.92 5.49
C PRO A 36 6.14 15.03 6.98
N PRO A 37 6.67 16.22 7.38
CA PRO A 37 7.04 16.47 8.76
C PRO A 37 5.79 16.69 9.62
N GLY A 38 5.72 15.96 10.71
CA GLY A 38 4.59 16.07 11.62
C GLY A 38 3.71 14.82 11.56
N VAL A 39 3.72 14.18 10.40
CA VAL A 39 2.93 12.98 10.20
C VAL A 39 3.49 11.85 11.06
N GLU A 40 2.63 11.29 11.90
CA GLU A 40 3.03 10.22 12.78
C GLU A 40 2.69 8.87 12.14
N LEU A 41 3.75 8.13 11.81
CA LEU A 41 3.60 6.83 11.19
C LEU A 41 3.70 5.75 12.26
N GLU A 42 2.88 4.71 12.11
CA GLU A 42 2.88 3.61 13.05
C GLU A 42 3.70 2.43 12.51
N ARG A 43 4.37 1.75 13.42
CA ARG A 43 5.19 0.61 13.04
C ARG A 43 4.32 -0.63 12.85
N VAL A 44 4.72 -1.45 11.89
CA VAL A 44 3.99 -2.67 11.59
C VAL A 44 4.74 -3.87 12.18
N HIS A 45 4.36 -4.23 13.40
CA HIS A 45 4.98 -5.36 14.07
C HIS A 45 4.75 -6.64 13.27
N GLU A 46 3.59 -6.70 12.63
CA GLU A 46 3.23 -7.85 11.82
C GLU A 46 4.36 -8.19 10.85
N CYS A 47 4.95 -7.14 10.29
CA CYS A 47 6.04 -7.30 9.34
C CYS A 47 7.35 -7.37 10.12
N GLN A 48 8.30 -8.09 9.56
CA GLN A 48 9.60 -8.24 10.18
C GLN A 48 10.56 -7.16 9.69
N THR A 49 9.98 -6.01 9.35
CA THR A 49 10.78 -4.89 8.87
C THR A 49 10.29 -3.58 9.51
N PRO A 50 11.22 -2.60 9.55
CA PRO A 50 10.91 -1.30 10.12
C PRO A 50 10.03 -0.48 9.18
N PHE A 51 8.85 -1.02 8.89
CA PHE A 51 7.91 -0.36 8.02
C PHE A 51 6.96 0.54 8.80
N PHE A 52 6.47 1.56 8.13
CA PHE A 52 5.55 2.51 8.75
C PHE A 52 4.59 3.11 7.72
N VAL A 53 3.32 3.16 8.08
CA VAL A 53 2.31 3.71 7.21
C VAL A 53 1.39 4.62 8.01
N HIS A 54 0.78 5.57 7.30
CA HIS A 54 -0.13 6.51 7.93
C HIS A 54 -1.18 6.98 6.91
N ALA A 55 -2.43 6.82 7.31
CA ALA A 55 -3.53 7.21 6.44
C ALA A 55 -4.31 8.35 7.10
N ASP A 56 -4.72 9.30 6.27
CA ASP A 56 -5.47 10.45 6.77
C ASP A 56 -6.44 10.92 5.68
N VAL A 57 -7.36 11.78 6.08
CA VAL A 57 -8.34 12.32 5.16
C VAL A 57 -8.11 13.82 4.99
N GLU A 58 -7.47 14.17 3.89
CA GLU A 58 -7.18 15.56 3.59
C GLU A 58 -8.17 16.10 2.56
N GLY A 59 -9.13 16.87 3.06
CA GLY A 59 -10.15 17.45 2.19
C GLY A 59 -11.27 16.46 1.93
N GLY A 60 -11.00 15.53 1.02
CA GLY A 60 -11.98 14.52 0.66
C GLY A 60 -11.31 13.31 0.01
N LYS A 61 -10.04 13.13 0.35
CA LYS A 61 -9.27 12.01 -0.19
C LYS A 61 -8.51 11.33 0.94
N VAL A 62 -7.82 10.26 0.58
CA VAL A 62 -7.05 9.50 1.56
C VAL A 62 -5.55 9.71 1.29
N ARG A 63 -4.90 10.36 2.24
CA ARG A 63 -3.48 10.63 2.11
C ARG A 63 -2.67 9.44 2.63
N LEU A 64 -1.91 8.84 1.73
CA LEU A 64 -1.08 7.70 2.07
C LEU A 64 0.34 8.18 2.35
N TYR A 65 0.95 7.55 3.35
CA TYR A 65 2.31 7.90 3.73
C TYR A 65 3.06 6.68 4.25
N PHE A 66 4.15 6.35 3.56
CA PHE A 66 4.97 5.21 3.94
C PHE A 66 6.40 5.65 4.28
N HIS A 67 7.09 4.78 4.99
CA HIS A 67 8.46 5.05 5.38
C HIS A 67 9.27 3.75 5.40
N VAL A 68 10.26 3.69 4.53
CA VAL A 68 11.10 2.52 4.43
C VAL A 68 12.57 2.94 4.60
N PRO A 69 13.08 2.73 5.85
CA PRO A 69 14.46 3.07 6.16
C PRO A 69 15.43 2.06 5.54
N ASP A 70 15.22 0.80 5.89
CA ASP A 70 16.07 -0.26 5.37
C ASP A 70 16.04 -0.25 3.85
N GLU A 71 15.08 0.49 3.31
CA GLU A 71 14.94 0.60 1.87
C GLU A 71 14.38 -0.70 1.29
N ALA A 72 13.79 -1.50 2.17
CA ALA A 72 13.21 -2.77 1.76
C ALA A 72 12.30 -2.54 0.55
N PRO A 73 12.65 -3.22 -0.57
CA PRO A 73 11.87 -3.11 -1.78
C PRO A 73 10.56 -3.88 -1.68
N THR A 74 10.68 -5.14 -1.28
CA THR A 74 9.52 -6.01 -1.13
C THR A 74 8.39 -5.25 -0.43
N VAL A 75 8.78 -4.32 0.42
CA VAL A 75 7.81 -3.53 1.16
C VAL A 75 7.53 -2.23 0.40
N LYS A 76 8.57 -1.76 -0.28
CA LYS A 76 8.46 -0.53 -1.06
C LYS A 76 7.42 -0.73 -2.17
N ALA A 77 7.71 -1.68 -3.04
CA ALA A 77 6.82 -1.99 -4.15
C ALA A 77 5.36 -1.87 -3.67
N PHE A 78 5.01 -2.73 -2.74
CA PHE A 78 3.67 -2.75 -2.19
C PHE A 78 3.20 -1.33 -1.85
N ALA A 79 3.96 -0.69 -0.97
CA ALA A 79 3.63 0.67 -0.56
C ALA A 79 3.33 1.51 -1.79
N GLY A 80 4.12 1.29 -2.84
CA GLY A 80 3.93 2.02 -4.08
C GLY A 80 2.68 1.55 -4.82
N LEU A 81 2.31 0.31 -4.55
CA LEU A 81 1.14 -0.28 -5.18
C LEU A 81 -0.13 0.29 -4.52
N LEU A 82 -0.12 0.29 -3.19
CA LEU A 82 -1.24 0.79 -2.43
C LEU A 82 -1.49 2.26 -2.81
N ARG A 83 -0.39 2.96 -3.04
CA ARG A 83 -0.47 4.37 -3.40
C ARG A 83 -0.79 4.52 -4.89
N GLU A 84 -0.69 3.41 -5.60
CA GLU A 84 -0.96 3.40 -7.02
C GLU A 84 -2.41 2.98 -7.29
N GLY A 85 -3.10 2.66 -6.21
CA GLY A 85 -4.50 2.25 -6.31
C GLY A 85 -5.37 3.02 -5.32
N LEU A 86 -4.78 3.32 -4.17
CA LEU A 86 -5.50 4.05 -3.14
C LEU A 86 -5.19 5.54 -3.27
N GLU A 87 -3.93 5.89 -3.05
CA GLU A 87 -3.50 7.27 -3.15
C GLU A 87 -4.54 8.10 -3.91
N GLY A 88 -5.18 9.00 -3.19
CA GLY A 88 -6.19 9.86 -3.78
C GLY A 88 -7.56 9.19 -3.74
N GLU A 89 -7.65 8.14 -2.95
CA GLU A 89 -8.90 7.40 -2.82
C GLU A 89 -9.64 7.83 -1.55
N SER A 90 -10.91 7.46 -1.49
CA SER A 90 -11.73 7.80 -0.34
C SER A 90 -11.43 6.85 0.83
N PRO A 91 -11.83 7.31 2.05
CA PRO A 91 -11.61 6.51 3.24
C PRO A 91 -12.58 5.34 3.32
N GLU A 92 -13.53 5.34 2.39
CA GLU A 92 -14.54 4.29 2.34
C GLU A 92 -14.10 3.20 1.36
N ALA A 93 -13.45 3.64 0.29
CA ALA A 93 -12.98 2.71 -0.72
C ALA A 93 -11.76 1.96 -0.20
N VAL A 94 -11.00 2.65 0.64
CA VAL A 94 -9.80 2.07 1.22
C VAL A 94 -10.19 0.99 2.23
N LEU A 95 -11.22 1.29 3.00
CA LEU A 95 -11.71 0.36 4.00
C LEU A 95 -12.31 -0.86 3.31
N GLU A 96 -12.88 -0.62 2.15
CA GLU A 96 -13.50 -1.68 1.37
C GLU A 96 -12.43 -2.66 0.87
N VAL A 97 -11.18 -2.26 1.07
CA VAL A 97 -10.06 -3.08 0.64
C VAL A 97 -9.71 -4.08 1.74
N PRO A 98 -9.81 -5.39 1.38
CA PRO A 98 -9.50 -6.45 2.33
C PRO A 98 -8.00 -6.58 2.55
N PRO A 99 -7.63 -7.45 3.52
CA PRO A 99 -6.23 -7.68 3.85
C PRO A 99 -5.56 -8.53 2.78
N GLY A 100 -6.35 -8.92 1.78
CA GLY A 100 -5.83 -9.74 0.70
C GLY A 100 -6.41 -9.29 -0.65
N PHE A 101 -6.33 -7.99 -0.88
CA PHE A 101 -6.84 -7.42 -2.11
C PHE A 101 -5.97 -7.83 -3.30
N TYR A 102 -4.69 -8.06 -3.02
CA TYR A 102 -3.75 -8.46 -4.04
C TYR A 102 -3.91 -9.93 -4.39
N ARG A 103 -4.42 -10.69 -3.43
CA ARG A 103 -4.62 -12.11 -3.62
C ARG A 103 -5.13 -12.39 -5.03
N GLY A 104 -4.40 -13.24 -5.74
CA GLY A 104 -4.77 -13.59 -7.10
C GLY A 104 -4.43 -12.47 -8.07
N TYR A 105 -3.16 -12.37 -8.40
CA TYR A 105 -2.69 -11.34 -9.31
C TYR A 105 -1.21 -11.56 -9.68
N GLY A 106 -0.40 -11.72 -8.65
CA GLY A 106 1.01 -11.94 -8.85
C GLY A 106 1.80 -11.64 -7.57
N LEU A 107 1.44 -10.54 -6.94
CA LEU A 107 2.10 -10.14 -5.70
C LEU A 107 2.28 -11.35 -4.79
N GLU A 108 1.19 -12.11 -4.66
CA GLU A 108 1.21 -13.30 -3.83
C GLU A 108 2.46 -14.13 -4.13
N GLU A 109 2.67 -14.40 -5.41
CA GLU A 109 3.82 -15.18 -5.84
C GLU A 109 5.10 -14.36 -5.67
N PHE A 110 5.14 -13.23 -6.35
CA PHE A 110 6.30 -12.37 -6.29
C PHE A 110 6.83 -12.26 -4.87
N PHE A 111 6.01 -11.68 -4.00
CA PHE A 111 6.39 -11.51 -2.61
C PHE A 111 6.22 -12.82 -1.84
N THR A 112 7.16 -13.07 -0.94
CA THR A 112 7.12 -14.27 -0.13
C THR A 112 5.87 -14.29 0.74
N PRO A 113 5.51 -15.52 1.21
CA PRO A 113 4.34 -15.69 2.06
C PRO A 113 4.60 -15.19 3.47
N LEU A 114 5.85 -14.80 3.72
CA LEU A 114 6.25 -14.30 5.01
C LEU A 114 6.09 -12.78 5.03
N ARG A 115 6.74 -12.13 4.08
CA ARG A 115 6.67 -10.68 3.98
C ARG A 115 5.23 -10.23 3.71
N LEU A 116 4.54 -11.02 2.90
CA LEU A 116 3.16 -10.72 2.57
C LEU A 116 2.36 -10.48 3.84
N ARG A 117 2.54 -11.39 4.79
CA ARG A 117 1.85 -11.28 6.06
C ARG A 117 1.93 -9.86 6.61
N GLY A 118 3.11 -9.28 6.49
CA GLY A 118 3.33 -7.92 6.96
C GLY A 118 2.63 -6.91 6.05
N LEU A 119 2.93 -7.00 4.77
CA LEU A 119 2.35 -6.10 3.79
C LEU A 119 0.84 -5.97 4.07
N GLU A 120 0.24 -7.10 4.39
CA GLU A 120 -1.18 -7.13 4.68
C GLU A 120 -1.50 -6.25 5.89
N ALA A 121 -0.65 -6.37 6.91
CA ALA A 121 -0.83 -5.60 8.13
C ALA A 121 -0.92 -4.10 7.77
N ALA A 122 0.03 -3.67 6.96
CA ALA A 122 0.07 -2.29 6.53
C ALA A 122 -1.35 -1.78 6.29
N LEU A 123 -2.08 -2.56 5.51
CA LEU A 123 -3.46 -2.21 5.19
C LEU A 123 -4.30 -2.26 6.46
N LEU A 124 -4.39 -3.46 7.02
CA LEU A 124 -5.16 -3.66 8.24
C LEU A 124 -4.93 -2.49 9.19
N ARG A 125 -3.74 -1.91 9.08
CA ARG A 125 -3.37 -0.79 9.92
C ARG A 125 -4.08 0.48 9.44
N LEU A 126 -3.79 0.85 8.20
CA LEU A 126 -4.39 2.03 7.62
C LEU A 126 -5.89 2.05 7.90
N GLN A 127 -6.54 0.96 7.51
CA GLN A 127 -7.98 0.82 7.72
C GLN A 127 -8.34 1.25 9.14
N ALA A 128 -7.42 1.00 10.06
CA ALA A 128 -7.64 1.35 11.45
C ALA A 128 -7.50 2.87 11.62
N GLN A 129 -6.48 3.42 10.96
CA GLN A 129 -6.23 4.84 11.03
C GLN A 129 -7.38 5.61 10.37
N VAL A 130 -7.63 5.27 9.11
CA VAL A 130 -8.69 5.93 8.36
C VAL A 130 -9.98 5.92 9.18
N ARG A 131 -10.44 4.72 9.49
CA ARG A 131 -11.65 4.55 10.27
C ARG A 131 -11.70 5.59 11.39
N LYS A 132 -10.53 5.97 11.85
CA LYS A 132 -10.43 6.96 12.92
C LYS A 132 -10.87 8.32 12.39
N ALA A 133 -10.27 8.72 11.29
CA ALA A 133 -10.60 10.00 10.67
C ALA A 133 -12.12 10.14 10.58
N LEU A 134 -12.76 9.04 10.20
CA LEU A 134 -14.20 9.02 10.07
C LEU A 134 -14.83 9.69 11.29
N THR A 135 -14.31 9.33 12.45
CA THR A 135 -14.81 9.88 13.71
C THR A 135 -13.72 10.72 14.39
N SER A 136 -12.84 11.27 13.56
CA SER A 136 -11.76 12.10 14.07
C SER A 136 -12.27 12.98 15.20
N MET A 1 -15.81 -3.22 -4.44
CA MET A 1 -14.63 -3.57 -3.68
C MET A 1 -13.36 -3.10 -4.39
N VAL A 2 -12.63 -2.22 -3.72
CA VAL A 2 -11.39 -1.70 -4.28
C VAL A 2 -11.73 -0.73 -5.42
N PRO A 3 -10.95 0.38 -5.48
CA PRO A 3 -11.15 1.37 -6.52
C PRO A 3 -10.62 0.88 -7.87
N PRO A 4 -10.87 1.71 -8.92
CA PRO A 4 -10.42 1.37 -10.26
C PRO A 4 -8.91 1.57 -10.41
N LYS A 5 -8.46 2.74 -9.99
CA LYS A 5 -7.05 3.07 -10.07
C LYS A 5 -6.22 1.88 -9.59
N LEU A 6 -6.60 1.37 -8.42
CA LEU A 6 -5.91 0.24 -7.84
C LEU A 6 -6.16 -1.00 -8.69
N LYS A 7 -7.42 -1.44 -8.67
CA LYS A 7 -7.81 -2.61 -9.44
C LYS A 7 -7.12 -2.58 -10.80
N GLN A 8 -6.88 -1.37 -11.29
CA GLN A 8 -6.24 -1.19 -12.57
C GLN A 8 -4.77 -1.65 -12.50
N ALA A 9 -4.03 -1.03 -11.61
CA ALA A 9 -2.63 -1.36 -11.43
C ALA A 9 -2.49 -2.88 -11.33
N LEU A 10 -3.31 -3.46 -10.46
CA LEU A 10 -3.28 -4.90 -10.26
C LEU A 10 -3.67 -5.61 -11.56
N GLU A 11 -4.94 -5.48 -11.91
CA GLU A 11 -5.45 -6.09 -13.12
C GLU A 11 -4.44 -5.93 -14.26
N LEU A 12 -3.90 -4.72 -14.35
CA LEU A 12 -2.92 -4.42 -15.39
C LEU A 12 -1.66 -5.25 -15.16
N PHE A 13 -1.23 -5.29 -13.91
CA PHE A 13 -0.04 -6.03 -13.55
C PHE A 13 -0.13 -7.47 -14.05
N LYS A 14 -1.18 -8.16 -13.63
CA LYS A 14 -1.38 -9.55 -14.04
C LYS A 14 -1.50 -9.60 -15.56
N SER A 15 -1.70 -8.44 -16.16
CA SER A 15 -1.84 -8.35 -17.60
C SER A 15 -0.55 -7.81 -18.21
N LEU A 16 0.35 -7.37 -17.34
CA LEU A 16 1.62 -6.83 -17.77
C LEU A 16 2.60 -7.98 -18.02
N PRO A 17 3.67 -7.68 -18.81
CA PRO A 17 4.68 -8.67 -19.12
C PRO A 17 5.59 -8.92 -17.93
N LYS A 18 5.91 -10.19 -17.72
CA LYS A 18 6.77 -10.58 -16.62
C LYS A 18 7.88 -9.52 -16.44
N GLU A 19 8.78 -9.50 -17.40
CA GLU A 19 9.88 -8.56 -17.36
C GLU A 19 9.44 -7.24 -16.74
N LEU A 20 8.19 -6.87 -17.02
CA LEU A 20 7.63 -5.65 -16.49
C LEU A 20 7.06 -5.91 -15.09
N ARG A 21 6.15 -6.87 -15.04
CA ARG A 21 5.53 -7.23 -13.77
C ARG A 21 6.56 -7.16 -12.63
N SER A 22 7.81 -7.42 -12.98
CA SER A 22 8.88 -7.39 -12.01
C SER A 22 9.47 -5.98 -11.92
N GLN A 23 9.69 -5.39 -13.09
CA GLN A 23 10.25 -4.05 -13.17
C GLN A 23 9.27 -3.04 -12.58
N VAL A 24 7.99 -3.26 -12.87
CA VAL A 24 6.95 -2.38 -12.37
C VAL A 24 7.05 -2.28 -10.84
N LEU A 25 6.97 -3.43 -10.20
CA LEU A 25 7.05 -3.48 -8.75
C LEU A 25 8.16 -2.54 -8.28
N LEU A 26 9.23 -2.49 -9.05
CA LEU A 26 10.37 -1.65 -8.73
C LEU A 26 9.96 -0.18 -8.87
N GLU A 27 9.45 0.15 -10.06
CA GLU A 27 9.03 1.50 -10.35
C GLU A 27 8.12 2.02 -9.22
N TYR A 28 7.11 1.23 -8.91
CA TYR A 28 6.18 1.60 -7.86
C TYR A 28 6.90 2.23 -6.67
N ALA A 29 7.87 1.50 -6.15
CA ALA A 29 8.65 1.99 -5.02
C ALA A 29 9.31 3.31 -5.38
N ALA A 30 9.74 3.39 -6.64
CA ALA A 30 10.39 4.60 -7.13
C ALA A 30 9.38 5.76 -7.13
N LYS A 31 8.11 5.39 -7.22
CA LYS A 31 7.05 6.38 -7.23
C LYS A 31 6.49 6.54 -5.81
N VAL A 32 7.37 6.36 -4.84
CA VAL A 32 6.99 6.48 -3.45
C VAL A 32 7.89 7.49 -2.75
N PRO A 33 7.38 8.75 -2.63
CA PRO A 33 8.13 9.81 -1.99
C PRO A 33 8.14 9.63 -0.47
N PRO A 34 9.14 10.30 0.18
CA PRO A 34 9.27 10.22 1.62
C PRO A 34 8.20 11.07 2.31
N PRO A 35 7.90 10.69 3.58
CA PRO A 35 6.90 11.40 4.36
C PRO A 35 7.45 12.73 4.87
N PRO A 36 6.52 13.70 5.08
CA PRO A 36 6.89 15.02 5.55
C PRO A 36 7.25 14.99 7.04
N PRO A 37 7.99 16.03 7.49
CA PRO A 37 8.39 16.14 8.87
C PRO A 37 7.21 16.55 9.77
N GLY A 38 7.02 15.77 10.82
CA GLY A 38 5.93 16.04 11.75
C GLY A 38 4.89 14.92 11.72
N VAL A 39 4.59 14.46 10.51
CA VAL A 39 3.62 13.40 10.32
C VAL A 39 4.04 12.18 11.16
N GLU A 40 3.13 11.76 12.02
CA GLU A 40 3.38 10.61 12.88
C GLU A 40 2.94 9.32 12.18
N LEU A 41 3.85 8.37 12.16
CA LEU A 41 3.58 7.08 11.53
C LEU A 41 3.62 5.99 12.59
N GLU A 42 2.82 4.96 12.36
CA GLU A 42 2.76 3.83 13.29
C GLU A 42 3.62 2.68 12.78
N ARG A 43 4.34 2.07 13.72
CA ARG A 43 5.21 0.96 13.39
C ARG A 43 4.38 -0.30 13.11
N VAL A 44 4.75 -0.98 12.04
CA VAL A 44 4.05 -2.20 11.66
C VAL A 44 4.80 -3.41 12.23
N HIS A 45 4.38 -3.81 13.42
CA HIS A 45 5.01 -4.94 14.09
C HIS A 45 4.93 -6.17 13.18
N GLU A 46 3.73 -6.42 12.67
CA GLU A 46 3.52 -7.55 11.79
C GLU A 46 4.70 -7.71 10.83
N CYS A 47 5.25 -6.58 10.42
CA CYS A 47 6.38 -6.58 9.50
C CYS A 47 7.66 -6.62 10.34
N GLN A 48 8.65 -7.33 9.81
CA GLN A 48 9.93 -7.44 10.49
C GLN A 48 10.63 -6.08 10.57
N THR A 49 10.87 -5.52 9.39
CA THR A 49 11.51 -4.22 9.31
C THR A 49 10.63 -3.13 9.91
N PRO A 50 11.27 -1.99 10.26
CA PRO A 50 10.54 -0.87 10.84
C PRO A 50 9.73 -0.13 9.78
N PHE A 51 8.63 -0.75 9.39
CA PHE A 51 7.76 -0.16 8.39
C PHE A 51 6.70 0.73 9.04
N PHE A 52 6.89 2.03 8.87
CA PHE A 52 5.96 3.00 9.44
C PHE A 52 5.06 3.58 8.36
N VAL A 53 3.77 3.65 8.67
CA VAL A 53 2.80 4.18 7.74
C VAL A 53 1.79 5.04 8.51
N HIS A 54 1.07 5.87 7.76
CA HIS A 54 0.08 6.75 8.35
C HIS A 54 -1.05 6.99 7.35
N ALA A 55 -2.27 6.78 7.82
CA ALA A 55 -3.45 6.96 6.98
C ALA A 55 -4.32 8.07 7.58
N ASP A 56 -4.86 8.90 6.69
CA ASP A 56 -5.71 9.99 7.11
C ASP A 56 -6.46 10.54 5.90
N VAL A 57 -7.47 11.36 6.19
CA VAL A 57 -8.27 11.96 5.13
C VAL A 57 -8.49 13.44 5.45
N GLU A 58 -8.20 14.26 4.45
CA GLU A 58 -8.37 15.71 4.61
C GLU A 58 -9.26 16.25 3.50
N GLY A 59 -10.51 16.50 3.85
CA GLY A 59 -11.48 17.02 2.90
C GLY A 59 -12.35 15.91 2.33
N GLY A 60 -11.81 15.22 1.34
CA GLY A 60 -12.53 14.13 0.70
C GLY A 60 -11.56 13.12 0.07
N LYS A 61 -10.33 13.15 0.56
CA LYS A 61 -9.30 12.25 0.06
C LYS A 61 -8.47 11.73 1.23
N VAL A 62 -7.94 10.53 1.04
CA VAL A 62 -7.11 9.90 2.07
C VAL A 62 -5.64 10.11 1.73
N ARG A 63 -4.91 10.62 2.71
CA ARG A 63 -3.49 10.88 2.53
C ARG A 63 -2.68 9.66 2.98
N LEU A 64 -1.83 9.19 2.08
CA LEU A 64 -0.99 8.04 2.38
C LEU A 64 0.41 8.52 2.76
N TYR A 65 1.05 7.74 3.62
CA TYR A 65 2.39 8.07 4.09
C TYR A 65 3.16 6.82 4.47
N PHE A 66 4.32 6.65 3.87
CA PHE A 66 5.16 5.51 4.14
C PHE A 66 6.61 5.94 4.44
N HIS A 67 7.28 5.12 5.24
CA HIS A 67 8.65 5.41 5.61
C HIS A 67 9.46 4.11 5.62
N VAL A 68 10.42 4.04 4.72
CA VAL A 68 11.27 2.86 4.61
C VAL A 68 12.73 3.28 4.79
N PRO A 69 13.31 2.87 5.96
CA PRO A 69 14.69 3.20 6.26
C PRO A 69 15.65 2.32 5.45
N ASP A 70 15.67 1.04 5.81
CA ASP A 70 16.53 0.09 5.13
C ASP A 70 16.46 0.33 3.61
N GLU A 71 15.29 0.80 3.18
CA GLU A 71 15.08 1.07 1.77
C GLU A 71 15.05 -0.23 0.97
N ALA A 72 14.14 -1.12 1.38
CA ALA A 72 14.00 -2.40 0.71
C ALA A 72 13.12 -2.23 -0.53
N PRO A 73 13.63 -2.75 -1.68
CA PRO A 73 12.89 -2.66 -2.93
C PRO A 73 11.73 -3.66 -2.95
N THR A 74 11.71 -4.51 -1.93
CA THR A 74 10.66 -5.52 -1.83
C THR A 74 9.54 -5.03 -0.90
N VAL A 75 9.92 -4.15 0.01
CA VAL A 75 8.97 -3.60 0.95
C VAL A 75 8.38 -2.30 0.39
N LYS A 76 9.25 -1.53 -0.26
CA LYS A 76 8.83 -0.27 -0.85
C LYS A 76 7.87 -0.55 -2.02
N ALA A 77 8.18 -1.59 -2.76
CA ALA A 77 7.36 -1.98 -3.90
C ALA A 77 5.89 -1.94 -3.50
N PHE A 78 5.57 -2.72 -2.47
CA PHE A 78 4.20 -2.78 -1.98
C PHE A 78 3.68 -1.38 -1.62
N ALA A 79 4.49 -0.67 -0.86
CA ALA A 79 4.12 0.67 -0.44
C ALA A 79 3.54 1.44 -1.64
N GLY A 80 4.23 1.31 -2.76
CA GLY A 80 3.79 1.98 -3.99
C GLY A 80 2.49 1.37 -4.50
N LEU A 81 2.31 0.09 -4.20
CA LEU A 81 1.12 -0.62 -4.64
C LEU A 81 -0.09 -0.07 -3.90
N LEU A 82 0.13 0.30 -2.64
CA LEU A 82 -0.93 0.84 -1.81
C LEU A 82 -1.33 2.21 -2.34
N ARG A 83 -0.34 3.08 -2.51
CA ARG A 83 -0.58 4.42 -3.01
C ARG A 83 -0.90 4.37 -4.50
N GLU A 84 -0.56 3.26 -5.11
CA GLU A 84 -0.81 3.07 -6.53
C GLU A 84 -2.26 3.45 -6.88
N GLY A 85 -3.18 2.81 -6.15
CA GLY A 85 -4.59 3.07 -6.37
C GLY A 85 -5.29 3.43 -5.06
N LEU A 86 -4.71 4.40 -4.38
CA LEU A 86 -5.26 4.85 -3.11
C LEU A 86 -4.91 6.33 -2.89
N GLU A 87 -3.66 6.65 -3.21
CA GLU A 87 -3.18 8.01 -3.06
C GLU A 87 -4.19 9.00 -3.63
N GLY A 88 -4.81 9.76 -2.74
CA GLY A 88 -5.79 10.74 -3.14
C GLY A 88 -7.13 10.08 -3.45
N GLU A 89 -7.43 9.02 -2.69
CA GLU A 89 -8.67 8.30 -2.87
C GLU A 89 -9.62 8.57 -1.71
N SER A 90 -10.80 7.97 -1.80
CA SER A 90 -11.81 8.14 -0.77
C SER A 90 -11.45 7.28 0.45
N PRO A 91 -12.00 7.69 1.62
CA PRO A 91 -11.76 6.97 2.86
C PRO A 91 -12.56 5.67 2.90
N GLU A 92 -13.53 5.58 2.00
CA GLU A 92 -14.38 4.39 1.92
C GLU A 92 -13.83 3.41 0.88
N ALA A 93 -13.33 3.98 -0.20
CA ALA A 93 -12.77 3.17 -1.28
C ALA A 93 -11.48 2.50 -0.78
N VAL A 94 -10.85 3.15 0.18
CA VAL A 94 -9.61 2.64 0.74
C VAL A 94 -9.93 1.49 1.71
N LEU A 95 -10.97 1.71 2.51
CA LEU A 95 -11.39 0.71 3.48
C LEU A 95 -11.88 -0.53 2.74
N GLU A 96 -12.51 -0.30 1.60
CA GLU A 96 -13.02 -1.39 0.80
C GLU A 96 -11.90 -2.36 0.42
N VAL A 97 -10.69 -1.81 0.37
CA VAL A 97 -9.52 -2.62 0.02
C VAL A 97 -9.30 -3.67 1.11
N PRO A 98 -9.51 -4.95 0.71
CA PRO A 98 -9.34 -6.06 1.64
C PRO A 98 -7.85 -6.34 1.88
N PRO A 99 -7.58 -7.22 2.88
CA PRO A 99 -6.23 -7.59 3.22
C PRO A 99 -5.64 -8.55 2.18
N GLY A 100 -6.47 -8.90 1.21
CA GLY A 100 -6.05 -9.80 0.15
C GLY A 100 -6.44 -9.26 -1.22
N PHE A 101 -6.22 -7.97 -1.40
CA PHE A 101 -6.54 -7.32 -2.66
C PHE A 101 -5.45 -7.57 -3.70
N TYR A 102 -4.41 -8.26 -3.27
CA TYR A 102 -3.30 -8.58 -4.15
C TYR A 102 -3.29 -10.08 -4.50
N ARG A 103 -3.64 -10.88 -3.50
CA ARG A 103 -3.68 -12.33 -3.69
C ARG A 103 -4.47 -12.68 -4.95
N GLY A 104 -3.84 -13.49 -5.79
CA GLY A 104 -4.47 -13.91 -7.03
C GLY A 104 -3.67 -13.43 -8.25
N TYR A 105 -3.73 -12.12 -8.48
CA TYR A 105 -3.03 -11.53 -9.61
C TYR A 105 -1.69 -12.23 -9.84
N GLY A 106 -0.68 -11.78 -9.10
CA GLY A 106 0.65 -12.35 -9.22
C GLY A 106 1.68 -11.52 -8.46
N LEU A 107 1.35 -11.25 -7.20
CA LEU A 107 2.24 -10.48 -6.34
C LEU A 107 3.01 -11.42 -5.41
N GLU A 108 2.27 -12.35 -4.83
CA GLU A 108 2.88 -13.31 -3.92
C GLU A 108 4.02 -14.04 -4.61
N GLU A 109 3.82 -14.32 -5.89
CA GLU A 109 4.83 -15.02 -6.67
C GLU A 109 6.21 -14.38 -6.44
N PHE A 110 6.20 -13.08 -6.19
CA PHE A 110 7.42 -12.34 -5.96
C PHE A 110 7.71 -12.21 -4.45
N PHE A 111 6.65 -11.90 -3.71
CA PHE A 111 6.76 -11.74 -2.28
C PHE A 111 6.20 -12.95 -1.54
N THR A 112 7.04 -13.55 -0.72
CA THR A 112 6.63 -14.72 0.05
C THR A 112 5.27 -14.48 0.70
N PRO A 113 4.61 -15.61 1.08
CA PRO A 113 3.30 -15.53 1.72
C PRO A 113 3.44 -15.09 3.18
N LEU A 114 4.63 -15.26 3.71
CA LEU A 114 4.90 -14.88 5.09
C LEU A 114 5.06 -13.36 5.18
N ARG A 115 5.99 -12.85 4.39
CA ARG A 115 6.25 -11.42 4.37
C ARG A 115 4.95 -10.65 4.17
N LEU A 116 4.13 -11.17 3.26
CA LEU A 116 2.85 -10.54 2.96
C LEU A 116 2.04 -10.42 4.26
N ARG A 117 1.92 -11.53 4.96
CA ARG A 117 1.18 -11.56 6.21
C ARG A 117 1.48 -10.32 7.04
N GLY A 118 2.68 -9.80 6.83
CA GLY A 118 3.12 -8.61 7.57
C GLY A 118 2.76 -7.34 6.79
N LEU A 119 2.97 -7.39 5.48
CA LEU A 119 2.67 -6.26 4.62
C LEU A 119 1.19 -5.90 4.75
N GLU A 120 0.36 -6.92 4.65
CA GLU A 120 -1.08 -6.72 4.75
C GLU A 120 -1.41 -5.88 5.99
N ALA A 121 -0.66 -6.11 7.04
CA ALA A 121 -0.86 -5.38 8.28
C ALA A 121 -0.96 -3.88 7.98
N ALA A 122 -0.15 -3.45 7.02
CA ALA A 122 -0.14 -2.05 6.63
C ALA A 122 -1.57 -1.61 6.33
N LEU A 123 -2.14 -2.19 5.29
CA LEU A 123 -3.49 -1.86 4.88
C LEU A 123 -4.41 -1.90 6.11
N LEU A 124 -4.40 -3.05 6.76
CA LEU A 124 -5.23 -3.25 7.95
C LEU A 124 -5.01 -2.07 8.91
N ARG A 125 -3.74 -1.77 9.14
CA ARG A 125 -3.38 -0.68 10.04
C ARG A 125 -3.98 0.63 9.53
N LEU A 126 -3.54 1.04 8.35
CA LEU A 126 -4.03 2.26 7.74
C LEU A 126 -5.56 2.31 7.84
N GLN A 127 -6.17 1.21 7.44
CA GLN A 127 -7.62 1.11 7.47
C GLN A 127 -8.15 1.52 8.85
N ALA A 128 -7.30 1.33 9.86
CA ALA A 128 -7.67 1.68 11.22
C ALA A 128 -7.46 3.18 11.43
N GLN A 129 -6.47 3.71 10.73
CA GLN A 129 -6.15 5.13 10.84
C GLN A 129 -7.18 5.95 10.06
N VAL A 130 -7.71 5.34 9.01
CA VAL A 130 -8.69 6.01 8.17
C VAL A 130 -10.04 6.02 8.89
N ARG A 131 -10.54 4.82 9.15
CA ARG A 131 -11.81 4.67 9.83
C ARG A 131 -11.94 5.69 10.97
N LYS A 132 -10.80 6.01 11.56
CA LYS A 132 -10.76 6.98 12.65
C LYS A 132 -11.15 8.36 12.12
N ALA A 133 -10.54 8.72 10.99
CA ALA A 133 -10.81 10.01 10.37
C ALA A 133 -12.32 10.18 10.21
N LEU A 134 -12.96 9.10 9.78
CA LEU A 134 -14.41 9.12 9.59
C LEU A 134 -15.09 9.64 10.85
N THR A 135 -14.57 9.20 11.99
CA THR A 135 -15.12 9.61 13.27
C THR A 135 -14.40 10.86 13.77
N SER A 136 -13.25 11.13 13.18
CA SER A 136 -12.46 12.29 13.55
C SER A 136 -11.38 12.55 12.51
N MET A 1 -16.42 -2.62 -4.32
CA MET A 1 -15.38 -3.62 -4.09
C MET A 1 -14.06 -3.20 -4.71
N VAL A 2 -13.29 -2.44 -3.94
CA VAL A 2 -12.00 -1.96 -4.41
C VAL A 2 -12.21 -0.95 -5.53
N PRO A 3 -11.36 0.10 -5.51
CA PRO A 3 -11.44 1.15 -6.52
C PRO A 3 -10.89 0.66 -7.87
N PRO A 4 -10.99 1.55 -8.89
CA PRO A 4 -10.50 1.22 -10.21
C PRO A 4 -8.97 1.30 -10.27
N LYS A 5 -8.46 2.47 -9.93
CA LYS A 5 -7.01 2.69 -9.93
C LYS A 5 -6.32 1.44 -9.39
N LEU A 6 -6.79 0.99 -8.24
CA LEU A 6 -6.23 -0.19 -7.61
C LEU A 6 -6.45 -1.41 -8.51
N LYS A 7 -7.71 -1.80 -8.60
CA LYS A 7 -8.07 -2.95 -9.42
C LYS A 7 -7.29 -2.90 -10.73
N GLN A 8 -6.96 -1.68 -11.15
CA GLN A 8 -6.21 -1.49 -12.38
C GLN A 8 -4.74 -1.85 -12.17
N ALA A 9 -4.09 -1.10 -11.28
CA ALA A 9 -2.69 -1.34 -10.99
C ALA A 9 -2.46 -2.83 -10.78
N LEU A 10 -3.49 -3.50 -10.28
CA LEU A 10 -3.42 -4.92 -10.03
C LEU A 10 -3.65 -5.68 -11.34
N GLU A 11 -4.75 -5.35 -11.98
CA GLU A 11 -5.11 -5.98 -13.25
C GLU A 11 -3.99 -5.79 -14.27
N LEU A 12 -3.53 -4.55 -14.37
CA LEU A 12 -2.46 -4.22 -15.30
C LEU A 12 -1.25 -5.09 -15.01
N PHE A 13 -0.98 -5.27 -13.73
CA PHE A 13 0.15 -6.08 -13.30
C PHE A 13 0.04 -7.50 -13.86
N LYS A 14 -1.00 -8.20 -13.42
CA LYS A 14 -1.22 -9.56 -13.86
C LYS A 14 -1.17 -9.61 -15.39
N SER A 15 -1.49 -8.49 -16.00
CA SER A 15 -1.48 -8.38 -17.45
C SER A 15 -0.05 -8.25 -17.96
N LEU A 16 0.74 -7.49 -17.20
CA LEU A 16 2.13 -7.27 -17.56
C LEU A 16 2.91 -8.57 -17.37
N PRO A 17 4.07 -8.66 -18.09
CA PRO A 17 4.91 -9.84 -18.02
C PRO A 17 5.70 -9.86 -16.70
N LYS A 18 5.71 -11.04 -16.08
CA LYS A 18 6.41 -11.21 -14.82
C LYS A 18 7.66 -10.32 -14.82
N GLU A 19 8.61 -10.69 -15.66
CA GLU A 19 9.85 -9.94 -15.76
C GLU A 19 9.58 -8.45 -15.56
N LEU A 20 8.70 -7.92 -16.39
CA LEU A 20 8.35 -6.51 -16.32
C LEU A 20 7.76 -6.21 -14.95
N ARG A 21 6.73 -6.98 -14.60
CA ARG A 21 6.06 -6.81 -13.31
C ARG A 21 7.09 -6.50 -12.22
N SER A 22 8.03 -7.43 -12.06
CA SER A 22 9.07 -7.28 -11.06
C SER A 22 9.68 -5.88 -11.15
N GLN A 23 9.91 -5.45 -12.39
CA GLN A 23 10.49 -4.14 -12.62
C GLN A 23 9.50 -3.04 -12.24
N VAL A 24 8.22 -3.33 -12.49
CA VAL A 24 7.17 -2.37 -12.17
C VAL A 24 7.15 -2.12 -10.66
N LEU A 25 6.79 -3.18 -9.93
CA LEU A 25 6.72 -3.09 -8.49
C LEU A 25 7.88 -2.23 -7.97
N LEU A 26 8.97 -2.26 -8.72
CA LEU A 26 10.15 -1.49 -8.36
C LEU A 26 9.85 0.00 -8.50
N GLU A 27 9.57 0.41 -9.73
CA GLU A 27 9.26 1.79 -10.01
C GLU A 27 8.16 2.29 -9.09
N TYR A 28 7.27 1.38 -8.74
CA TYR A 28 6.16 1.71 -7.86
C TYR A 28 6.65 2.26 -6.52
N ALA A 29 7.81 1.74 -6.10
CA ALA A 29 8.40 2.17 -4.85
C ALA A 29 9.20 3.47 -5.08
N ALA A 30 9.85 3.51 -6.23
CA ALA A 30 10.66 4.67 -6.59
C ALA A 30 9.74 5.87 -6.78
N LYS A 31 8.46 5.58 -6.96
CA LYS A 31 7.47 6.62 -7.16
C LYS A 31 6.98 7.13 -5.80
N VAL A 32 7.09 6.25 -4.81
CA VAL A 32 6.67 6.59 -3.46
C VAL A 32 7.62 7.64 -2.88
N PRO A 33 7.06 8.86 -2.66
CA PRO A 33 7.84 9.96 -2.11
C PRO A 33 8.09 9.76 -0.61
N PRO A 34 9.03 10.58 -0.07
CA PRO A 34 9.36 10.50 1.34
C PRO A 34 8.27 11.13 2.20
N PRO A 35 8.18 10.66 3.47
CA PRO A 35 7.18 11.17 4.40
C PRO A 35 7.58 12.56 4.91
N PRO A 36 6.54 13.44 5.01
CA PRO A 36 6.77 14.79 5.48
C PRO A 36 6.99 14.82 7.00
N PRO A 37 7.54 15.96 7.48
CA PRO A 37 7.82 16.12 8.90
C PRO A 37 6.52 16.39 9.68
N GLY A 38 6.37 15.67 10.78
CA GLY A 38 5.19 15.81 11.61
C GLY A 38 4.26 14.60 11.48
N VAL A 39 4.31 14.00 10.30
CA VAL A 39 3.48 12.83 10.02
C VAL A 39 3.92 11.68 10.91
N GLU A 40 2.98 11.20 11.71
CA GLU A 40 3.27 10.10 12.62
C GLU A 40 2.91 8.77 11.96
N LEU A 41 3.94 7.97 11.69
CA LEU A 41 3.75 6.68 11.06
C LEU A 41 3.74 5.59 12.14
N GLU A 42 2.85 4.63 11.95
CA GLU A 42 2.72 3.54 12.90
C GLU A 42 3.59 2.35 12.46
N ARG A 43 4.36 1.83 13.41
CA ARG A 43 5.23 0.71 13.14
C ARG A 43 4.41 -0.55 12.85
N VAL A 44 4.73 -1.18 11.73
CA VAL A 44 4.03 -2.38 11.32
C VAL A 44 4.81 -3.61 11.81
N HIS A 45 4.50 -4.02 13.03
CA HIS A 45 5.15 -5.17 13.62
C HIS A 45 4.97 -6.39 12.72
N GLU A 46 3.74 -6.57 12.26
CA GLU A 46 3.42 -7.68 11.39
C GLU A 46 4.56 -7.94 10.41
N CYS A 47 5.01 -6.86 9.78
CA CYS A 47 6.10 -6.95 8.82
C CYS A 47 7.43 -6.97 9.59
N GLN A 48 8.10 -8.11 9.50
CA GLN A 48 9.36 -8.28 10.19
C GLN A 48 10.19 -6.99 10.09
N THR A 49 10.04 -6.31 8.96
CA THR A 49 10.76 -5.07 8.74
C THR A 49 10.01 -3.89 9.36
N PRO A 50 10.79 -2.85 9.73
CA PRO A 50 10.20 -1.65 10.34
C PRO A 50 9.50 -0.80 9.30
N PHE A 51 8.32 -1.27 8.88
CA PHE A 51 7.54 -0.55 7.90
C PHE A 51 6.48 0.32 8.56
N PHE A 52 6.73 1.63 8.52
CA PHE A 52 5.81 2.58 9.12
C PHE A 52 4.88 3.18 8.05
N VAL A 53 3.61 3.31 8.43
CA VAL A 53 2.62 3.87 7.52
C VAL A 53 1.74 4.86 8.29
N HIS A 54 1.27 5.87 7.57
CA HIS A 54 0.43 6.88 8.17
C HIS A 54 -0.76 7.17 7.23
N ALA A 55 -1.91 6.67 7.64
CA ALA A 55 -3.12 6.87 6.86
C ALA A 55 -3.99 7.94 7.52
N ASP A 56 -4.45 8.87 6.70
CA ASP A 56 -5.29 9.96 7.18
C ASP A 56 -6.12 10.51 6.02
N VAL A 57 -7.13 11.30 6.38
CA VAL A 57 -8.01 11.89 5.40
C VAL A 57 -8.21 13.37 5.73
N GLU A 58 -7.93 14.21 4.73
CA GLU A 58 -8.08 15.65 4.91
C GLU A 58 -9.05 16.20 3.86
N GLY A 59 -10.27 16.46 4.32
CA GLY A 59 -11.29 17.00 3.44
C GLY A 59 -12.21 15.89 2.91
N GLY A 60 -11.69 15.18 1.92
CA GLY A 60 -12.44 14.08 1.32
C GLY A 60 -11.51 13.12 0.58
N LYS A 61 -10.26 13.12 1.01
CA LYS A 61 -9.27 12.25 0.40
C LYS A 61 -8.33 11.70 1.49
N VAL A 62 -7.95 10.45 1.32
CA VAL A 62 -7.06 9.80 2.26
C VAL A 62 -5.61 9.98 1.81
N ARG A 63 -4.82 10.56 2.69
CA ARG A 63 -3.41 10.79 2.39
C ARG A 63 -2.58 9.56 2.77
N LEU A 64 -1.91 9.02 1.76
CA LEU A 64 -1.08 7.84 1.96
C LEU A 64 0.34 8.28 2.30
N TYR A 65 0.93 7.58 3.27
CA TYR A 65 2.28 7.88 3.69
C TYR A 65 3.02 6.62 4.11
N PHE A 66 4.14 6.37 3.45
CA PHE A 66 4.94 5.20 3.74
C PHE A 66 6.39 5.59 4.05
N HIS A 67 7.00 4.84 4.95
CA HIS A 67 8.37 5.10 5.35
C HIS A 67 9.14 3.78 5.38
N VAL A 68 10.19 3.73 4.57
CA VAL A 68 11.03 2.54 4.50
C VAL A 68 12.49 2.94 4.65
N PRO A 69 13.09 2.53 5.80
CA PRO A 69 14.48 2.83 6.09
C PRO A 69 15.42 1.96 5.25
N ASP A 70 15.32 0.66 5.48
CA ASP A 70 16.14 -0.29 4.76
C ASP A 70 16.05 -0.01 3.26
N GLU A 71 14.96 0.65 2.88
CA GLU A 71 14.73 0.98 1.49
C GLU A 71 14.50 -0.29 0.66
N ALA A 72 13.69 -1.18 1.22
CA ALA A 72 13.39 -2.43 0.56
C ALA A 72 12.44 -2.16 -0.62
N PRO A 73 12.87 -2.63 -1.82
CA PRO A 73 12.08 -2.45 -3.03
C PRO A 73 10.89 -3.39 -3.04
N THR A 74 10.85 -4.28 -2.06
CA THR A 74 9.77 -5.24 -1.95
C THR A 74 8.66 -4.70 -1.05
N VAL A 75 9.08 -4.13 0.08
CA VAL A 75 8.13 -3.57 1.03
C VAL A 75 7.56 -2.27 0.47
N LYS A 76 8.47 -1.40 0.05
CA LYS A 76 8.07 -0.12 -0.50
C LYS A 76 7.18 -0.34 -1.71
N ALA A 77 7.59 -1.29 -2.54
CA ALA A 77 6.82 -1.62 -3.73
C ALA A 77 5.33 -1.56 -3.41
N PHE A 78 4.90 -2.50 -2.58
CA PHE A 78 3.50 -2.58 -2.19
C PHE A 78 2.94 -1.18 -1.92
N ALA A 79 3.60 -0.48 -1.01
CA ALA A 79 3.19 0.87 -0.65
C ALA A 79 2.81 1.64 -1.91
N GLY A 80 3.75 1.68 -2.85
CA GLY A 80 3.54 2.38 -4.10
C GLY A 80 2.25 1.89 -4.78
N LEU A 81 2.02 0.60 -4.68
CA LEU A 81 0.84 0.00 -5.28
C LEU A 81 -0.41 0.71 -4.75
N LEU A 82 -0.60 0.61 -3.44
CA LEU A 82 -1.74 1.24 -2.81
C LEU A 82 -2.00 2.61 -3.44
N ARG A 83 -1.04 3.50 -3.25
CA ARG A 83 -1.15 4.84 -3.80
C ARG A 83 -1.46 4.78 -5.30
N GLU A 84 -0.93 3.75 -5.94
CA GLU A 84 -1.15 3.55 -7.36
C GLU A 84 -2.57 3.06 -7.62
N GLY A 85 -3.29 2.83 -6.53
CA GLY A 85 -4.67 2.36 -6.63
C GLY A 85 -5.62 3.29 -5.89
N LEU A 86 -5.18 3.72 -4.72
CA LEU A 86 -5.99 4.62 -3.90
C LEU A 86 -5.63 6.08 -4.24
N GLU A 87 -4.44 6.46 -3.85
CA GLU A 87 -3.96 7.81 -4.11
C GLU A 87 -5.06 8.83 -3.77
N GLY A 88 -4.87 9.49 -2.64
CA GLY A 88 -5.82 10.49 -2.19
C GLY A 88 -7.26 10.02 -2.43
N GLU A 89 -7.46 8.72 -2.24
CA GLU A 89 -8.78 8.14 -2.44
C GLU A 89 -9.69 8.48 -1.26
N SER A 90 -10.84 7.82 -1.23
CA SER A 90 -11.80 8.04 -0.17
C SER A 90 -11.53 7.09 1.00
N PRO A 91 -12.00 7.51 2.20
CA PRO A 91 -11.81 6.71 3.40
C PRO A 91 -12.75 5.50 3.41
N GLU A 92 -13.66 5.49 2.44
CA GLU A 92 -14.62 4.41 2.34
C GLU A 92 -14.09 3.34 1.38
N ALA A 93 -13.37 3.80 0.36
CA ALA A 93 -12.80 2.89 -0.63
C ALA A 93 -11.56 2.22 -0.05
N VAL A 94 -10.87 2.97 0.81
CA VAL A 94 -9.67 2.46 1.44
C VAL A 94 -10.05 1.48 2.55
N LEU A 95 -11.29 1.59 3.00
CA LEU A 95 -11.80 0.73 4.05
C LEU A 95 -12.50 -0.48 3.42
N GLU A 96 -13.00 -0.26 2.21
CA GLU A 96 -13.70 -1.31 1.49
C GLU A 96 -12.70 -2.20 0.76
N VAL A 97 -11.42 -1.97 1.04
CA VAL A 97 -10.37 -2.73 0.40
C VAL A 97 -9.97 -3.90 1.32
N PRO A 98 -10.13 -5.13 0.77
CA PRO A 98 -9.80 -6.33 1.52
C PRO A 98 -8.28 -6.52 1.61
N PRO A 99 -7.86 -7.34 2.61
CA PRO A 99 -6.45 -7.61 2.82
C PRO A 99 -5.92 -8.58 1.76
N GLY A 100 -6.82 -9.00 0.88
CA GLY A 100 -6.45 -9.93 -0.18
C GLY A 100 -6.67 -9.29 -1.55
N PHE A 101 -6.73 -7.98 -1.56
CA PHE A 101 -6.94 -7.24 -2.80
C PHE A 101 -5.81 -7.50 -3.79
N TYR A 102 -4.69 -7.95 -3.25
CA TYR A 102 -3.53 -8.26 -4.07
C TYR A 102 -3.55 -9.70 -4.57
N ARG A 103 -4.58 -10.42 -4.11
CA ARG A 103 -4.73 -11.82 -4.49
C ARG A 103 -5.29 -11.92 -5.91
N GLY A 104 -5.13 -13.09 -6.50
CA GLY A 104 -5.61 -13.34 -7.85
C GLY A 104 -4.97 -12.36 -8.84
N TYR A 105 -3.68 -12.52 -9.02
CA TYR A 105 -2.93 -11.66 -9.95
C TYR A 105 -1.54 -12.23 -10.22
N GLY A 106 -0.58 -11.73 -9.45
CA GLY A 106 0.79 -12.17 -9.60
C GLY A 106 1.74 -11.37 -8.70
N LEU A 107 1.33 -11.24 -7.45
CA LEU A 107 2.12 -10.50 -6.48
C LEU A 107 2.89 -11.48 -5.59
N GLU A 108 2.15 -12.40 -5.00
CA GLU A 108 2.75 -13.40 -4.13
C GLU A 108 4.02 -13.95 -4.75
N GLU A 109 3.97 -14.17 -6.06
CA GLU A 109 5.11 -14.69 -6.79
C GLU A 109 6.37 -13.90 -6.44
N PHE A 110 6.19 -12.59 -6.32
CA PHE A 110 7.29 -11.71 -6.00
C PHE A 110 7.41 -11.51 -4.48
N PHE A 111 6.25 -11.41 -3.84
CA PHE A 111 6.20 -11.22 -2.41
C PHE A 111 5.89 -12.53 -1.69
N THR A 112 6.92 -13.10 -1.08
CA THR A 112 6.76 -14.35 -0.36
C THR A 112 5.45 -14.35 0.44
N PRO A 113 5.02 -15.58 0.82
CA PRO A 113 3.79 -15.72 1.59
C PRO A 113 3.99 -15.29 3.05
N LEU A 114 5.25 -15.05 3.39
CA LEU A 114 5.59 -14.63 4.74
C LEU A 114 5.59 -13.10 4.81
N ARG A 115 6.52 -12.51 4.07
CA ARG A 115 6.64 -11.06 4.04
C ARG A 115 5.29 -10.43 3.72
N LEU A 116 4.48 -11.16 2.96
CA LEU A 116 3.17 -10.67 2.58
C LEU A 116 2.38 -10.29 3.84
N ARG A 117 2.36 -11.22 4.79
CA ARG A 117 1.65 -10.99 6.04
C ARG A 117 1.82 -9.54 6.48
N GLY A 118 3.05 -9.06 6.37
CA GLY A 118 3.36 -7.70 6.76
C GLY A 118 2.66 -6.69 5.84
N LEU A 119 2.97 -6.79 4.56
CA LEU A 119 2.38 -5.91 3.57
C LEU A 119 0.89 -5.71 3.90
N GLU A 120 0.17 -6.81 3.91
CA GLU A 120 -1.25 -6.77 4.20
C GLU A 120 -1.51 -5.95 5.46
N ALA A 121 -0.68 -6.18 6.46
CA ALA A 121 -0.81 -5.47 7.72
C ALA A 121 -0.90 -3.96 7.44
N ALA A 122 -0.09 -3.52 6.48
CA ALA A 122 -0.06 -2.11 6.12
C ALA A 122 -1.50 -1.64 5.86
N LEU A 123 -2.11 -2.21 4.84
CA LEU A 123 -3.47 -1.86 4.47
C LEU A 123 -4.35 -1.89 5.72
N LEU A 124 -4.26 -3.00 6.45
CA LEU A 124 -5.04 -3.15 7.67
C LEU A 124 -4.78 -1.97 8.60
N ARG A 125 -3.50 -1.75 8.88
CA ARG A 125 -3.11 -0.66 9.75
C ARG A 125 -3.78 0.65 9.31
N LEU A 126 -3.56 0.97 8.03
CA LEU A 126 -4.14 2.18 7.46
C LEU A 126 -5.66 2.16 7.64
N GLN A 127 -6.24 1.02 7.29
CA GLN A 127 -7.69 0.86 7.39
C GLN A 127 -8.16 1.30 8.78
N ALA A 128 -7.28 1.14 9.76
CA ALA A 128 -7.60 1.52 11.12
C ALA A 128 -7.34 3.01 11.31
N GLN A 129 -6.39 3.52 10.54
CA GLN A 129 -6.04 4.93 10.60
C GLN A 129 -7.05 5.77 9.81
N VAL A 130 -7.90 5.06 9.08
CA VAL A 130 -8.91 5.72 8.28
C VAL A 130 -10.14 6.01 9.14
N ARG A 131 -10.75 4.94 9.64
CA ARG A 131 -11.92 5.06 10.48
C ARG A 131 -11.68 6.10 11.57
N LYS A 132 -10.46 6.09 12.10
CA LYS A 132 -10.10 7.03 13.15
C LYS A 132 -10.13 8.45 12.60
N ALA A 133 -9.62 8.59 11.39
CA ALA A 133 -9.58 9.89 10.73
C ALA A 133 -11.00 10.46 10.65
N LEU A 134 -11.95 9.54 10.54
CA LEU A 134 -13.34 9.93 10.44
C LEU A 134 -13.79 10.57 11.75
N THR A 135 -13.39 9.93 12.85
CA THR A 135 -13.74 10.43 14.17
C THR A 135 -12.57 11.23 14.75
N SER A 136 -11.66 11.63 13.88
CA SER A 136 -10.50 12.39 14.29
C SER A 136 -10.82 13.89 14.25
N MET A 1 -16.46 -2.66 -4.18
CA MET A 1 -15.35 -3.25 -3.47
C MET A 1 -14.01 -2.84 -4.10
N VAL A 2 -13.20 -2.19 -3.29
CA VAL A 2 -11.89 -1.73 -3.75
C VAL A 2 -12.08 -0.66 -4.82
N PRO A 3 -11.17 0.36 -4.76
CA PRO A 3 -11.23 1.46 -5.71
C PRO A 3 -10.72 1.03 -7.09
N PRO A 4 -10.86 1.95 -8.07
CA PRO A 4 -10.42 1.68 -9.43
C PRO A 4 -8.88 1.75 -9.53
N LYS A 5 -8.35 2.89 -9.12
CA LYS A 5 -6.90 3.10 -9.16
C LYS A 5 -6.21 1.80 -8.77
N LEU A 6 -6.74 1.16 -7.74
CA LEU A 6 -6.17 -0.10 -7.27
C LEU A 6 -6.48 -1.21 -8.26
N LYS A 7 -7.76 -1.55 -8.34
CA LYS A 7 -8.21 -2.60 -9.24
C LYS A 7 -7.45 -2.47 -10.57
N GLN A 8 -7.09 -1.23 -10.89
CA GLN A 8 -6.37 -0.96 -12.12
C GLN A 8 -4.89 -1.30 -11.96
N ALA A 9 -4.30 -0.77 -10.89
CA ALA A 9 -2.90 -1.02 -10.61
C ALA A 9 -2.67 -2.52 -10.47
N LEU A 10 -3.64 -3.18 -9.87
CA LEU A 10 -3.56 -4.62 -9.67
C LEU A 10 -3.76 -5.34 -11.01
N GLU A 11 -4.95 -5.22 -11.53
CA GLU A 11 -5.29 -5.85 -12.79
C GLU A 11 -4.20 -5.55 -13.83
N LEU A 12 -3.75 -4.31 -13.84
CA LEU A 12 -2.72 -3.88 -14.76
C LEU A 12 -1.45 -4.71 -14.51
N PHE A 13 -1.03 -4.71 -13.25
CA PHE A 13 0.16 -5.44 -12.86
C PHE A 13 0.13 -6.87 -13.41
N LYS A 14 -0.89 -7.61 -12.99
CA LYS A 14 -1.04 -8.98 -13.43
C LYS A 14 -1.19 -9.02 -14.95
N SER A 15 -1.79 -7.96 -15.47
CA SER A 15 -1.99 -7.85 -16.90
C SER A 15 -0.66 -7.58 -17.62
N LEU A 16 0.26 -6.98 -16.87
CA LEU A 16 1.57 -6.67 -17.40
C LEU A 16 2.40 -7.94 -17.50
N PRO A 17 3.45 -7.88 -18.36
CA PRO A 17 4.33 -9.02 -18.55
C PRO A 17 5.28 -9.17 -17.36
N LYS A 18 5.48 -10.43 -16.96
CA LYS A 18 6.35 -10.72 -15.84
C LYS A 18 7.53 -9.74 -15.84
N GLU A 19 8.39 -9.90 -16.84
CA GLU A 19 9.55 -9.04 -16.96
C GLU A 19 9.23 -7.63 -16.48
N LEU A 20 8.19 -7.05 -17.08
CA LEU A 20 7.77 -5.72 -16.72
C LEU A 20 7.33 -5.70 -15.26
N ARG A 21 6.42 -6.60 -14.94
CA ARG A 21 5.90 -6.71 -13.58
C ARG A 21 7.03 -6.48 -12.57
N SER A 22 8.13 -7.19 -12.79
CA SER A 22 9.28 -7.08 -11.90
C SER A 22 9.64 -5.60 -11.72
N GLN A 23 9.70 -4.89 -12.84
CA GLN A 23 10.04 -3.49 -12.83
C GLN A 23 8.97 -2.69 -12.07
N VAL A 24 7.72 -3.01 -12.37
CA VAL A 24 6.60 -2.35 -11.73
C VAL A 24 6.84 -2.26 -10.22
N LEU A 25 6.97 -3.43 -9.62
CA LEU A 25 7.21 -3.52 -8.19
C LEU A 25 8.24 -2.46 -7.79
N LEU A 26 9.25 -2.33 -8.63
CA LEU A 26 10.31 -1.35 -8.38
C LEU A 26 9.78 0.05 -8.65
N GLU A 27 9.24 0.24 -9.84
CA GLU A 27 8.70 1.53 -10.24
C GLU A 27 7.90 2.14 -9.08
N TYR A 28 6.99 1.33 -8.55
CA TYR A 28 6.15 1.78 -7.45
C TYR A 28 6.99 2.41 -6.34
N ALA A 29 7.81 1.57 -5.71
CA ALA A 29 8.68 2.04 -4.64
C ALA A 29 9.44 3.27 -5.10
N ALA A 30 9.61 3.37 -6.41
CA ALA A 30 10.33 4.49 -7.00
C ALA A 30 9.43 5.73 -6.96
N LYS A 31 8.14 5.49 -7.13
CA LYS A 31 7.18 6.58 -7.12
C LYS A 31 6.87 6.97 -5.67
N VAL A 32 6.89 5.97 -4.81
CA VAL A 32 6.62 6.20 -3.40
C VAL A 32 7.35 7.46 -2.93
N PRO A 33 6.57 8.55 -2.79
CA PRO A 33 7.13 9.83 -2.36
C PRO A 33 7.43 9.81 -0.85
N PRO A 34 8.34 10.73 -0.44
CA PRO A 34 8.72 10.82 0.95
C PRO A 34 7.62 11.48 1.78
N PRO A 35 7.61 11.13 3.10
CA PRO A 35 6.62 11.68 4.00
C PRO A 35 6.94 13.13 4.37
N PRO A 36 5.85 13.93 4.58
CA PRO A 36 6.01 15.33 4.92
C PRO A 36 6.46 15.49 6.38
N PRO A 37 7.13 16.64 6.65
CA PRO A 37 7.60 16.93 8.00
C PRO A 37 6.46 17.33 8.92
N GLY A 38 6.36 16.62 10.04
CA GLY A 38 5.32 16.89 11.00
C GLY A 38 4.24 15.81 10.97
N VAL A 39 4.41 14.87 10.05
CA VAL A 39 3.47 13.79 9.90
C VAL A 39 3.94 12.59 10.72
N GLU A 40 3.01 12.02 11.48
CA GLU A 40 3.33 10.88 12.32
C GLU A 40 2.83 9.59 11.66
N LEU A 41 3.77 8.71 11.38
CA LEU A 41 3.45 7.44 10.76
C LEU A 41 3.45 6.34 11.81
N GLU A 42 2.64 5.31 11.56
CA GLU A 42 2.54 4.20 12.49
C GLU A 42 3.32 3.00 11.95
N ARG A 43 4.32 2.58 12.72
CA ARG A 43 5.14 1.45 12.34
C ARG A 43 4.31 0.16 12.37
N VAL A 44 4.56 -0.70 11.39
CA VAL A 44 3.85 -1.96 11.30
C VAL A 44 4.66 -3.03 12.02
N HIS A 45 4.36 -3.19 13.30
CA HIS A 45 5.05 -4.18 14.12
C HIS A 45 5.02 -5.54 13.41
N GLU A 46 3.95 -5.75 12.66
CA GLU A 46 3.78 -7.00 11.94
C GLU A 46 4.96 -7.21 10.98
N CYS A 47 5.56 -6.10 10.57
CA CYS A 47 6.69 -6.14 9.66
C CYS A 47 7.98 -6.06 10.49
N GLN A 48 8.71 -7.16 10.50
CA GLN A 48 9.96 -7.21 11.25
C GLN A 48 10.88 -6.06 10.82
N THR A 49 10.61 -5.54 9.63
CA THR A 49 11.41 -4.44 9.10
C THR A 49 10.80 -3.10 9.49
N PRO A 50 11.62 -2.03 9.34
CA PRO A 50 11.16 -0.68 9.68
C PRO A 50 10.20 -0.15 8.62
N PHE A 51 8.92 -0.34 8.88
CA PHE A 51 7.89 0.12 7.96
C PHE A 51 6.89 1.04 8.67
N PHE A 52 6.90 2.29 8.28
CA PHE A 52 6.01 3.28 8.86
C PHE A 52 4.99 3.78 7.83
N VAL A 53 3.74 3.43 8.07
CA VAL A 53 2.67 3.84 7.17
C VAL A 53 1.80 4.90 7.87
N HIS A 54 0.99 5.57 7.07
CA HIS A 54 0.11 6.60 7.59
C HIS A 54 -1.04 6.84 6.61
N ALA A 55 -2.25 6.90 7.17
CA ALA A 55 -3.43 7.12 6.36
C ALA A 55 -4.25 8.27 6.96
N ASP A 56 -4.57 9.23 6.09
CA ASP A 56 -5.34 10.39 6.51
C ASP A 56 -6.27 10.81 5.39
N VAL A 57 -7.21 11.68 5.73
CA VAL A 57 -8.16 12.18 4.76
C VAL A 57 -7.92 13.68 4.53
N GLU A 58 -7.34 13.97 3.38
CA GLU A 58 -7.05 15.35 3.03
C GLU A 58 -8.13 15.91 2.10
N GLY A 59 -9.03 16.69 2.68
CA GLY A 59 -10.11 17.28 1.92
C GLY A 59 -11.23 16.26 1.67
N GLY A 60 -11.01 15.44 0.64
CA GLY A 60 -11.99 14.43 0.29
C GLY A 60 -11.30 13.17 -0.25
N LYS A 61 -9.99 13.11 -0.02
CA LYS A 61 -9.21 11.97 -0.47
C LYS A 61 -8.38 11.44 0.70
N VAL A 62 -7.92 10.19 0.54
CA VAL A 62 -7.12 9.57 1.57
C VAL A 62 -5.64 9.68 1.20
N ARG A 63 -4.87 10.23 2.14
CA ARG A 63 -3.45 10.41 1.94
C ARG A 63 -2.67 9.22 2.53
N LEU A 64 -1.67 8.78 1.78
CA LEU A 64 -0.84 7.67 2.21
C LEU A 64 0.61 8.12 2.29
N TYR A 65 1.32 7.58 3.27
CA TYR A 65 2.72 7.92 3.46
C TYR A 65 3.49 6.73 4.04
N PHE A 66 4.55 6.35 3.32
CA PHE A 66 5.38 5.24 3.76
C PHE A 66 6.84 5.66 3.88
N HIS A 67 7.49 5.16 4.92
CA HIS A 67 8.89 5.48 5.16
C HIS A 67 9.69 4.18 5.24
N VAL A 68 10.65 4.06 4.32
CA VAL A 68 11.50 2.89 4.28
C VAL A 68 12.96 3.32 4.17
N PRO A 69 13.73 3.01 5.24
CA PRO A 69 15.14 3.36 5.28
C PRO A 69 15.96 2.43 4.38
N ASP A 70 15.95 1.16 4.73
CA ASP A 70 16.69 0.16 3.96
C ASP A 70 16.34 0.29 2.49
N GLU A 71 15.15 0.87 2.25
CA GLU A 71 14.68 1.06 0.89
C GLU A 71 14.39 -0.29 0.22
N ALA A 72 13.75 -1.16 0.99
CA ALA A 72 13.40 -2.48 0.50
C ALA A 72 12.37 -2.35 -0.62
N PRO A 73 12.79 -2.82 -1.83
CA PRO A 73 11.92 -2.76 -3.00
C PRO A 73 10.82 -3.82 -2.92
N THR A 74 10.93 -4.66 -1.90
CA THR A 74 9.97 -5.73 -1.70
C THR A 74 8.83 -5.26 -0.79
N VAL A 75 9.19 -4.41 0.16
CA VAL A 75 8.22 -3.89 1.10
C VAL A 75 7.68 -2.56 0.57
N LYS A 76 8.60 -1.72 0.11
CA LYS A 76 8.22 -0.43 -0.42
C LYS A 76 7.32 -0.62 -1.65
N ALA A 77 7.70 -1.58 -2.48
CA ALA A 77 6.94 -1.88 -3.68
C ALA A 77 5.46 -1.76 -3.37
N PHE A 78 4.97 -2.69 -2.56
CA PHE A 78 3.57 -2.70 -2.17
C PHE A 78 3.09 -1.30 -1.80
N ALA A 79 3.86 -0.67 -0.92
CA ALA A 79 3.52 0.67 -0.47
C ALA A 79 3.16 1.54 -1.68
N GLY A 80 4.02 1.48 -2.69
CA GLY A 80 3.81 2.26 -3.89
C GLY A 80 2.52 1.82 -4.61
N LEU A 81 2.19 0.54 -4.44
CA LEU A 81 1.00 -0.02 -5.05
C LEU A 81 -0.23 0.53 -4.33
N LEU A 82 -0.18 0.50 -3.01
CA LEU A 82 -1.29 0.98 -2.21
C LEU A 82 -1.55 2.45 -2.54
N ARG A 83 -0.47 3.17 -2.81
CA ARG A 83 -0.57 4.58 -3.14
C ARG A 83 -0.98 4.74 -4.61
N GLU A 84 -0.86 3.66 -5.35
CA GLU A 84 -1.23 3.67 -6.76
C GLU A 84 -2.66 3.17 -6.95
N GLY A 85 -3.28 2.82 -5.83
CA GLY A 85 -4.65 2.33 -5.86
C GLY A 85 -5.50 3.01 -4.79
N LEU A 86 -4.88 3.26 -3.65
CA LEU A 86 -5.57 3.91 -2.55
C LEU A 86 -5.25 5.41 -2.57
N GLU A 87 -4.01 5.73 -2.23
CA GLU A 87 -3.58 7.11 -2.21
C GLU A 87 -4.34 7.93 -3.26
N GLY A 88 -5.13 8.87 -2.76
CA GLY A 88 -5.91 9.73 -3.64
C GLY A 88 -7.35 9.22 -3.74
N GLU A 89 -7.63 8.14 -3.02
CA GLU A 89 -8.96 7.56 -3.03
C GLU A 89 -9.75 8.05 -1.83
N SER A 90 -10.93 7.47 -1.65
CA SER A 90 -11.80 7.84 -0.55
C SER A 90 -11.53 6.93 0.65
N PRO A 91 -11.97 7.42 1.84
CA PRO A 91 -11.79 6.67 3.08
C PRO A 91 -12.76 5.50 3.16
N GLU A 92 -13.75 5.52 2.27
CA GLU A 92 -14.75 4.47 2.23
C GLU A 92 -14.36 3.41 1.21
N ALA A 93 -13.74 3.86 0.13
CA ALA A 93 -13.31 2.95 -0.92
C ALA A 93 -12.09 2.17 -0.44
N VAL A 94 -11.30 2.81 0.41
CA VAL A 94 -10.12 2.18 0.95
C VAL A 94 -10.52 1.03 1.87
N LEU A 95 -11.34 1.37 2.86
CA LEU A 95 -11.81 0.37 3.81
C LEU A 95 -12.36 -0.84 3.05
N GLU A 96 -12.98 -0.55 1.92
CA GLU A 96 -13.56 -1.60 1.09
C GLU A 96 -12.47 -2.57 0.63
N VAL A 97 -11.23 -2.15 0.82
CA VAL A 97 -10.09 -2.97 0.43
C VAL A 97 -9.78 -3.95 1.56
N PRO A 98 -9.98 -5.27 1.26
CA PRO A 98 -9.72 -6.31 2.23
C PRO A 98 -8.21 -6.54 2.39
N PRO A 99 -7.87 -7.41 3.38
CA PRO A 99 -6.48 -7.73 3.64
C PRO A 99 -5.92 -8.67 2.58
N GLY A 100 -6.77 -9.00 1.62
CA GLY A 100 -6.37 -9.89 0.53
C GLY A 100 -6.82 -9.33 -0.82
N PHE A 101 -6.68 -8.03 -0.97
CA PHE A 101 -7.08 -7.36 -2.20
C PHE A 101 -6.06 -7.64 -3.31
N TYR A 102 -4.91 -8.15 -2.90
CA TYR A 102 -3.85 -8.46 -3.85
C TYR A 102 -3.94 -9.92 -4.31
N ARG A 103 -4.61 -10.72 -3.50
CA ARG A 103 -4.79 -12.13 -3.82
C ARG A 103 -5.20 -12.30 -5.28
N GLY A 104 -4.54 -13.24 -5.94
CA GLY A 104 -4.83 -13.52 -7.33
C GLY A 104 -4.42 -12.34 -8.23
N TYR A 105 -3.12 -12.24 -8.45
CA TYR A 105 -2.58 -11.17 -9.27
C TYR A 105 -1.11 -11.41 -9.59
N GLY A 106 -0.34 -11.65 -8.53
CA GLY A 106 1.08 -11.89 -8.66
C GLY A 106 1.81 -11.71 -7.33
N LEU A 107 1.46 -10.62 -6.65
CA LEU A 107 2.07 -10.32 -5.37
C LEU A 107 2.24 -11.62 -4.57
N GLU A 108 1.32 -12.54 -4.81
CA GLU A 108 1.35 -13.83 -4.13
C GLU A 108 2.59 -14.62 -4.55
N GLU A 109 2.72 -14.80 -5.86
CA GLU A 109 3.85 -15.53 -6.41
C GLU A 109 5.09 -14.64 -6.45
N PHE A 110 4.86 -13.36 -6.23
CA PHE A 110 5.96 -12.40 -6.24
C PHE A 110 6.62 -12.29 -4.87
N PHE A 111 5.84 -11.80 -3.91
CA PHE A 111 6.34 -11.64 -2.55
C PHE A 111 6.05 -12.90 -1.72
N THR A 112 7.09 -13.38 -1.06
CA THR A 112 6.98 -14.57 -0.23
C THR A 112 5.65 -14.55 0.53
N PRO A 113 5.22 -15.76 0.97
CA PRO A 113 3.97 -15.89 1.70
C PRO A 113 4.13 -15.40 3.14
N LEU A 114 5.38 -15.25 3.55
CA LEU A 114 5.68 -14.78 4.89
C LEU A 114 5.77 -13.25 4.88
N ARG A 115 6.68 -12.76 4.05
CA ARG A 115 6.89 -11.32 3.93
C ARG A 115 5.58 -10.63 3.54
N LEU A 116 4.67 -11.42 3.00
CA LEU A 116 3.38 -10.90 2.58
C LEU A 116 2.58 -10.47 3.81
N ARG A 117 2.53 -11.38 4.77
CA ARG A 117 1.81 -11.11 6.01
C ARG A 117 1.99 -9.66 6.44
N GLY A 118 3.24 -9.20 6.32
CA GLY A 118 3.57 -7.84 6.70
C GLY A 118 2.83 -6.83 5.81
N LEU A 119 2.92 -7.06 4.51
CA LEU A 119 2.28 -6.19 3.54
C LEU A 119 0.80 -6.01 3.94
N GLU A 120 0.23 -7.07 4.46
CA GLU A 120 -1.16 -7.04 4.88
C GLU A 120 -1.33 -6.08 6.06
N ALA A 121 -0.74 -6.46 7.18
CA ALA A 121 -0.82 -5.64 8.38
C ALA A 121 -0.90 -4.16 7.99
N ALA A 122 0.03 -3.77 7.12
CA ALA A 122 0.08 -2.40 6.66
C ALA A 122 -1.34 -1.90 6.40
N LEU A 123 -2.04 -2.61 5.53
CA LEU A 123 -3.40 -2.25 5.18
C LEU A 123 -4.28 -2.33 6.43
N LEU A 124 -4.21 -3.48 7.10
CA LEU A 124 -4.99 -3.69 8.31
C LEU A 124 -4.94 -2.43 9.16
N ARG A 125 -3.73 -2.03 9.52
CA ARG A 125 -3.53 -0.85 10.34
C ARG A 125 -4.23 0.35 9.71
N LEU A 126 -3.75 0.72 8.53
CA LEU A 126 -4.31 1.85 7.81
C LEU A 126 -5.84 1.80 7.92
N GLN A 127 -6.40 0.66 7.54
CA GLN A 127 -7.83 0.47 7.59
C GLN A 127 -8.36 0.73 9.00
N ALA A 128 -7.54 0.37 9.97
CA ALA A 128 -7.91 0.57 11.37
C ALA A 128 -7.61 2.00 11.78
N GLN A 129 -6.89 2.69 10.90
CA GLN A 129 -6.54 4.08 11.16
C GLN A 129 -7.49 5.01 10.43
N VAL A 130 -7.94 4.56 9.27
CA VAL A 130 -8.86 5.34 8.45
C VAL A 130 -10.22 5.43 9.17
N ARG A 131 -10.66 4.28 9.65
CA ARG A 131 -11.93 4.21 10.35
C ARG A 131 -12.13 5.44 11.23
N LYS A 132 -11.02 5.93 11.76
CA LYS A 132 -11.04 7.10 12.62
C LYS A 132 -11.33 8.34 11.78
N ALA A 133 -10.57 8.47 10.70
CA ALA A 133 -10.74 9.60 9.80
C ALA A 133 -12.21 9.74 9.41
N LEU A 134 -12.92 8.62 9.47
CA LEU A 134 -14.32 8.60 9.14
C LEU A 134 -15.07 9.59 10.05
N THR A 135 -14.52 9.77 11.24
CA THR A 135 -15.12 10.68 12.20
C THR A 135 -14.58 12.10 12.01
N SER A 136 -13.65 12.23 11.08
CA SER A 136 -13.05 13.52 10.79
C SER A 136 -13.09 13.78 9.28
N MET A 1 -16.42 -1.64 -3.40
CA MET A 1 -15.32 -2.57 -3.65
C MET A 1 -14.06 -1.81 -4.04
N VAL A 2 -13.01 -2.58 -4.34
CA VAL A 2 -11.74 -1.99 -4.73
C VAL A 2 -11.98 -0.98 -5.85
N PRO A 3 -11.20 0.14 -5.78
CA PRO A 3 -11.32 1.20 -6.78
C PRO A 3 -10.66 0.78 -8.09
N PRO A 4 -10.82 1.64 -9.12
CA PRO A 4 -10.25 1.39 -10.43
C PRO A 4 -8.75 1.63 -10.43
N LYS A 5 -8.38 2.87 -10.08
CA LYS A 5 -6.98 3.25 -10.03
C LYS A 5 -6.17 2.11 -9.42
N LEU A 6 -6.81 1.39 -8.51
CA LEU A 6 -6.16 0.28 -7.84
C LEU A 6 -6.30 -0.98 -8.69
N LYS A 7 -7.54 -1.45 -8.80
CA LYS A 7 -7.82 -2.64 -9.57
C LYS A 7 -7.05 -2.57 -10.90
N GLN A 8 -6.80 -1.35 -11.34
CA GLN A 8 -6.09 -1.13 -12.58
C GLN A 8 -4.64 -1.61 -12.45
N ALA A 9 -3.98 -1.11 -11.42
CA ALA A 9 -2.60 -1.48 -11.17
C ALA A 9 -2.50 -3.00 -11.04
N LEU A 10 -3.33 -3.55 -10.17
CA LEU A 10 -3.34 -4.99 -9.95
C LEU A 10 -3.60 -5.69 -11.28
N GLU A 11 -4.71 -5.34 -11.91
CA GLU A 11 -5.07 -5.94 -13.19
C GLU A 11 -3.93 -5.78 -14.19
N LEU A 12 -3.52 -4.53 -14.36
CA LEU A 12 -2.44 -4.23 -15.30
C LEU A 12 -1.25 -5.14 -15.00
N PHE A 13 -0.89 -5.21 -13.73
CA PHE A 13 0.23 -6.03 -13.30
C PHE A 13 0.10 -7.46 -13.86
N LYS A 14 -0.97 -8.12 -13.44
CA LYS A 14 -1.22 -9.48 -13.89
C LYS A 14 -1.26 -9.51 -15.42
N SER A 15 -1.60 -8.36 -16.00
CA SER A 15 -1.69 -8.24 -17.44
C SER A 15 -0.29 -8.12 -18.04
N LEU A 16 0.58 -7.45 -17.30
CA LEU A 16 1.96 -7.25 -17.74
C LEU A 16 2.72 -8.57 -17.60
N PRO A 17 3.85 -8.66 -18.36
CA PRO A 17 4.67 -9.85 -18.34
C PRO A 17 5.50 -9.91 -17.05
N LYS A 18 5.56 -11.10 -16.47
CA LYS A 18 6.30 -11.30 -15.25
C LYS A 18 7.55 -10.42 -15.26
N GLU A 19 8.47 -10.78 -16.14
CA GLU A 19 9.71 -10.02 -16.28
C GLU A 19 9.46 -8.54 -16.03
N LEU A 20 8.56 -7.98 -16.83
CA LEU A 20 8.21 -6.57 -16.71
C LEU A 20 7.69 -6.30 -15.30
N ARG A 21 6.66 -7.06 -14.93
CA ARG A 21 6.05 -6.91 -13.61
C ARG A 21 7.13 -6.61 -12.56
N SER A 22 8.09 -7.52 -12.48
CA SER A 22 9.18 -7.37 -11.53
C SER A 22 9.63 -5.91 -11.47
N GLN A 23 9.73 -5.31 -12.65
CA GLN A 23 10.15 -3.92 -12.75
C GLN A 23 9.06 -2.99 -12.18
N VAL A 24 7.83 -3.29 -12.56
CA VAL A 24 6.69 -2.50 -12.11
C VAL A 24 6.78 -2.31 -10.59
N LEU A 25 6.69 -3.43 -9.88
CA LEU A 25 6.76 -3.40 -8.44
C LEU A 25 7.83 -2.39 -8.00
N LEU A 26 8.95 -2.44 -8.71
CA LEU A 26 10.05 -1.54 -8.41
C LEU A 26 9.63 -0.09 -8.70
N GLU A 27 9.19 0.12 -9.92
CA GLU A 27 8.75 1.45 -10.34
C GLU A 27 7.85 2.06 -9.27
N TYR A 28 6.85 1.29 -8.87
CA TYR A 28 5.90 1.74 -7.86
C TYR A 28 6.63 2.40 -6.69
N ALA A 29 7.57 1.64 -6.12
CA ALA A 29 8.33 2.14 -4.99
C ALA A 29 9.08 3.41 -5.40
N ALA A 30 9.41 3.48 -6.69
CA ALA A 30 10.12 4.63 -7.22
C ALA A 30 9.17 5.83 -7.27
N LYS A 31 7.89 5.53 -7.39
CA LYS A 31 6.88 6.57 -7.44
C LYS A 31 6.30 6.78 -6.04
N VAL A 32 7.15 6.57 -5.05
CA VAL A 32 6.73 6.75 -3.66
C VAL A 32 7.62 7.79 -2.99
N PRO A 33 7.06 9.02 -2.87
CA PRO A 33 7.78 10.12 -2.24
C PRO A 33 7.85 9.94 -0.72
N PRO A 34 8.82 10.67 -0.11
CA PRO A 34 9.00 10.61 1.34
C PRO A 34 7.90 11.39 2.07
N PRO A 35 7.66 10.99 3.34
CA PRO A 35 6.65 11.63 4.15
C PRO A 35 7.13 13.01 4.63
N PRO A 36 6.14 13.89 4.91
CA PRO A 36 6.44 15.24 5.38
C PRO A 36 6.90 15.22 6.84
N PRO A 37 7.67 16.28 7.22
CA PRO A 37 8.17 16.39 8.58
C PRO A 37 7.06 16.81 9.54
N GLY A 38 6.82 15.97 10.53
CA GLY A 38 5.80 16.25 11.52
C GLY A 38 4.76 15.11 11.57
N VAL A 39 4.55 14.50 10.42
CA VAL A 39 3.60 13.40 10.32
C VAL A 39 4.12 12.20 11.12
N GLU A 40 3.28 11.72 12.01
CA GLU A 40 3.64 10.58 12.84
C GLU A 40 3.14 9.27 12.21
N LEU A 41 4.08 8.40 11.88
CA LEU A 41 3.75 7.13 11.28
C LEU A 41 3.88 6.01 12.32
N GLU A 42 3.08 4.97 12.13
CA GLU A 42 3.10 3.85 13.05
C GLU A 42 3.85 2.67 12.43
N ARG A 43 4.84 2.18 13.18
CA ARG A 43 5.64 1.06 12.72
C ARG A 43 4.77 -0.19 12.54
N VAL A 44 5.11 -0.97 11.54
CA VAL A 44 4.37 -2.19 11.24
C VAL A 44 5.09 -3.37 11.88
N HIS A 45 4.70 -3.69 13.10
CA HIS A 45 5.31 -4.79 13.82
C HIS A 45 5.18 -6.07 12.99
N GLU A 46 4.01 -6.25 12.40
CA GLU A 46 3.74 -7.42 11.59
C GLU A 46 4.87 -7.61 10.56
N CYS A 47 5.54 -6.51 10.25
CA CYS A 47 6.64 -6.54 9.29
C CYS A 47 7.95 -6.51 10.08
N GLN A 48 8.83 -7.44 9.74
CA GLN A 48 10.12 -7.54 10.40
C GLN A 48 10.85 -6.18 10.33
N THR A 49 10.73 -5.55 9.17
CA THR A 49 11.37 -4.26 8.96
C THR A 49 10.50 -3.14 9.55
N PRO A 50 11.19 -2.02 9.92
CA PRO A 50 10.50 -0.87 10.49
C PRO A 50 9.74 -0.10 9.41
N PHE A 51 8.60 -0.67 9.02
CA PHE A 51 7.78 -0.04 8.00
C PHE A 51 6.71 0.85 8.64
N PHE A 52 6.97 2.15 8.63
CA PHE A 52 6.05 3.11 9.20
C PHE A 52 5.06 3.61 8.15
N VAL A 53 3.81 3.72 8.57
CA VAL A 53 2.77 4.19 7.68
C VAL A 53 1.82 5.12 8.45
N HIS A 54 1.07 5.91 7.69
CA HIS A 54 0.13 6.84 8.28
C HIS A 54 -1.03 7.09 7.32
N ALA A 55 -2.23 6.79 7.80
CA ALA A 55 -3.42 6.97 6.99
C ALA A 55 -4.27 8.09 7.59
N ASP A 56 -4.79 8.93 6.71
CA ASP A 56 -5.61 10.05 7.14
C ASP A 56 -6.34 10.63 5.94
N VAL A 57 -7.30 11.50 6.23
CA VAL A 57 -8.09 12.13 5.17
C VAL A 57 -8.24 13.62 5.49
N GLU A 58 -7.87 14.43 4.51
CA GLU A 58 -7.97 15.88 4.66
C GLU A 58 -8.87 16.47 3.58
N GLY A 59 -10.10 16.78 3.98
CA GLY A 59 -11.07 17.35 3.06
C GLY A 59 -11.98 16.26 2.50
N GLY A 60 -11.50 15.58 1.48
CA GLY A 60 -12.26 14.52 0.84
C GLY A 60 -11.33 13.50 0.18
N LYS A 61 -10.09 13.50 0.63
CA LYS A 61 -9.11 12.57 0.10
C LYS A 61 -8.28 12.00 1.25
N VAL A 62 -7.83 10.77 1.04
CA VAL A 62 -7.03 10.09 2.05
C VAL A 62 -5.54 10.28 1.74
N ARG A 63 -4.80 10.70 2.76
CA ARG A 63 -3.38 10.92 2.60
C ARG A 63 -2.59 9.71 3.08
N LEU A 64 -1.74 9.20 2.19
CA LEU A 64 -0.93 8.03 2.50
C LEU A 64 0.53 8.47 2.67
N TYR A 65 1.18 7.86 3.64
CA TYR A 65 2.58 8.18 3.92
C TYR A 65 3.36 6.91 4.28
N PHE A 66 4.37 6.62 3.48
CA PHE A 66 5.20 5.45 3.71
C PHE A 66 6.66 5.85 3.97
N HIS A 67 7.25 5.21 4.95
CA HIS A 67 8.62 5.49 5.31
C HIS A 67 9.42 4.18 5.36
N VAL A 68 10.40 4.09 4.48
CA VAL A 68 11.24 2.90 4.40
C VAL A 68 12.70 3.31 4.53
N PRO A 69 13.32 2.89 5.66
CA PRO A 69 14.72 3.20 5.91
C PRO A 69 15.64 2.33 5.04
N ASP A 70 15.55 1.04 5.26
CA ASP A 70 16.37 0.09 4.51
C ASP A 70 16.15 0.31 3.01
N GLU A 71 15.02 0.93 2.69
CA GLU A 71 14.68 1.21 1.31
C GLU A 71 14.44 -0.09 0.55
N ALA A 72 13.79 -1.03 1.22
CA ALA A 72 13.49 -2.31 0.62
C ALA A 72 12.56 -2.11 -0.58
N PRO A 73 12.93 -2.78 -1.71
CA PRO A 73 12.14 -2.68 -2.92
C PRO A 73 10.85 -3.50 -2.80
N THR A 74 10.78 -4.30 -1.74
CA THR A 74 9.63 -5.13 -1.50
C THR A 74 8.65 -4.45 -0.54
N VAL A 75 9.24 -3.81 0.47
CA VAL A 75 8.43 -3.12 1.46
C VAL A 75 7.87 -1.84 0.85
N LYS A 76 8.68 -1.21 0.00
CA LYS A 76 8.27 0.02 -0.66
C LYS A 76 7.33 -0.31 -1.82
N ALA A 77 7.74 -1.31 -2.60
CA ALA A 77 6.95 -1.74 -3.74
C ALA A 77 5.47 -1.72 -3.36
N PHE A 78 5.11 -2.59 -2.42
CA PHE A 78 3.75 -2.69 -1.96
C PHE A 78 3.15 -1.29 -1.70
N ALA A 79 3.83 -0.57 -0.81
CA ALA A 79 3.39 0.77 -0.46
C ALA A 79 2.88 1.48 -1.73
N GLY A 80 3.77 1.58 -2.70
CA GLY A 80 3.43 2.23 -3.96
C GLY A 80 2.15 1.64 -4.56
N LEU A 81 1.97 0.35 -4.35
CA LEU A 81 0.79 -0.34 -4.86
C LEU A 81 -0.45 0.23 -4.17
N LEU A 82 -0.32 0.46 -2.88
CA LEU A 82 -1.43 1.00 -2.10
C LEU A 82 -1.80 2.39 -2.65
N ARG A 83 -0.85 3.30 -2.54
CA ARG A 83 -1.07 4.66 -3.02
C ARG A 83 -1.50 4.64 -4.48
N GLU A 84 -0.91 3.74 -5.24
CA GLU A 84 -1.22 3.62 -6.65
C GLU A 84 -2.72 3.84 -6.89
N GLY A 85 -3.52 3.06 -6.18
CA GLY A 85 -4.97 3.17 -6.30
C GLY A 85 -5.61 3.39 -4.92
N LEU A 86 -5.04 4.33 -4.19
CA LEU A 86 -5.55 4.64 -2.87
C LEU A 86 -5.14 6.08 -2.50
N GLU A 87 -3.89 6.41 -2.82
CA GLU A 87 -3.37 7.73 -2.53
C GLU A 87 -4.17 8.79 -3.29
N GLY A 88 -4.91 9.59 -2.53
CA GLY A 88 -5.71 10.65 -3.11
C GLY A 88 -7.17 10.21 -3.26
N GLU A 89 -7.39 8.92 -3.00
CA GLU A 89 -8.73 8.36 -3.10
C GLU A 89 -9.58 8.82 -1.92
N SER A 90 -10.72 8.15 -1.76
CA SER A 90 -11.64 8.48 -0.68
C SER A 90 -11.34 7.61 0.54
N PRO A 91 -11.90 8.03 1.70
CA PRO A 91 -11.70 7.30 2.93
C PRO A 91 -12.53 6.02 2.97
N GLU A 92 -13.43 5.92 2.00
CA GLU A 92 -14.31 4.76 1.90
C GLU A 92 -13.72 3.75 0.92
N ALA A 93 -13.47 4.23 -0.29
CA ALA A 93 -12.91 3.39 -1.33
C ALA A 93 -11.65 2.71 -0.81
N VAL A 94 -11.02 3.36 0.15
CA VAL A 94 -9.80 2.83 0.75
C VAL A 94 -10.14 1.63 1.63
N LEU A 95 -11.04 1.88 2.59
CA LEU A 95 -11.46 0.83 3.50
C LEU A 95 -12.03 -0.34 2.70
N GLU A 96 -12.69 0.02 1.60
CA GLU A 96 -13.29 -0.99 0.74
C GLU A 96 -12.23 -1.98 0.24
N VAL A 97 -10.99 -1.60 0.44
CA VAL A 97 -9.87 -2.44 0.03
C VAL A 97 -9.60 -3.49 1.10
N PRO A 98 -9.79 -4.78 0.73
CA PRO A 98 -9.57 -5.87 1.64
C PRO A 98 -8.07 -6.13 1.85
N PRO A 99 -7.77 -7.06 2.79
CA PRO A 99 -6.40 -7.40 3.09
C PRO A 99 -5.79 -8.28 1.99
N GLY A 100 -6.67 -8.93 1.25
CA GLY A 100 -6.25 -9.80 0.17
C GLY A 100 -6.63 -9.21 -1.19
N PHE A 101 -6.55 -7.89 -1.28
CA PHE A 101 -6.89 -7.20 -2.50
C PHE A 101 -5.83 -7.44 -3.59
N TYR A 102 -4.75 -8.09 -3.16
CA TYR A 102 -3.66 -8.39 -4.08
C TYR A 102 -3.75 -9.83 -4.58
N ARG A 103 -4.54 -10.62 -3.87
CA ARG A 103 -4.72 -12.02 -4.22
C ARG A 103 -5.15 -12.15 -5.69
N GLY A 104 -4.76 -13.26 -6.29
CA GLY A 104 -5.09 -13.52 -7.69
C GLY A 104 -4.57 -12.39 -8.59
N TYR A 105 -3.26 -12.40 -8.80
CA TYR A 105 -2.63 -11.41 -9.63
C TYR A 105 -1.16 -11.74 -9.88
N GLY A 106 -0.48 -12.09 -8.80
CA GLY A 106 0.92 -12.44 -8.88
C GLY A 106 1.66 -12.04 -7.59
N LEU A 107 1.22 -10.93 -7.01
CA LEU A 107 1.83 -10.45 -5.79
C LEU A 107 1.72 -11.52 -4.71
N GLU A 108 0.84 -12.48 -4.95
CA GLU A 108 0.62 -13.57 -4.01
C GLU A 108 1.90 -14.39 -3.85
N GLU A 109 2.58 -14.59 -4.98
CA GLU A 109 3.82 -15.36 -4.97
C GLU A 109 5.02 -14.42 -4.85
N PHE A 110 4.98 -13.36 -5.66
CA PHE A 110 6.07 -12.39 -5.67
C PHE A 110 6.49 -12.06 -4.23
N PHE A 111 5.53 -11.59 -3.45
CA PHE A 111 5.81 -11.23 -2.07
C PHE A 111 5.64 -12.44 -1.14
N THR A 112 5.60 -13.61 -1.76
CA THR A 112 5.46 -14.84 -1.00
C THR A 112 4.23 -14.78 -0.10
N PRO A 113 3.85 -15.96 0.45
CA PRO A 113 2.70 -16.03 1.33
C PRO A 113 3.02 -15.45 2.71
N LEU A 114 4.24 -15.69 3.15
CA LEU A 114 4.67 -15.19 4.45
C LEU A 114 4.77 -13.66 4.40
N ARG A 115 5.75 -13.18 3.65
CA ARG A 115 5.95 -11.75 3.50
C ARG A 115 4.60 -11.02 3.40
N LEU A 116 3.72 -11.60 2.60
CA LEU A 116 2.40 -11.02 2.41
C LEU A 116 1.85 -10.58 3.77
N ARG A 117 1.75 -11.54 4.67
CA ARG A 117 1.24 -11.26 6.00
C ARG A 117 1.73 -9.90 6.49
N GLY A 118 3.06 -9.77 6.53
CA GLY A 118 3.67 -8.53 6.97
C GLY A 118 3.16 -7.35 6.14
N LEU A 119 2.96 -7.59 4.87
CA LEU A 119 2.46 -6.56 3.97
C LEU A 119 1.04 -6.17 4.36
N GLU A 120 0.19 -7.19 4.45
CA GLU A 120 -1.20 -6.97 4.81
C GLU A 120 -1.29 -5.97 5.97
N ALA A 121 -0.71 -6.35 7.10
CA ALA A 121 -0.72 -5.50 8.27
C ALA A 121 -0.73 -4.04 7.84
N ALA A 122 0.14 -3.73 6.89
CA ALA A 122 0.24 -2.38 6.37
C ALA A 122 -1.16 -1.83 6.09
N LEU A 123 -1.83 -2.45 5.13
CA LEU A 123 -3.17 -2.04 4.77
C LEU A 123 -4.07 -2.10 6.00
N LEU A 124 -4.03 -3.25 6.66
CA LEU A 124 -4.84 -3.45 7.86
C LEU A 124 -4.77 -2.20 8.73
N ARG A 125 -3.55 -1.86 9.13
CA ARG A 125 -3.32 -0.70 9.97
C ARG A 125 -3.98 0.54 9.35
N LEU A 126 -3.46 0.92 8.19
CA LEU A 126 -3.97 2.08 7.48
C LEU A 126 -5.50 2.09 7.60
N GLN A 127 -6.11 1.02 7.12
CA GLN A 127 -7.55 0.90 7.17
C GLN A 127 -8.07 1.18 8.57
N ALA A 128 -7.33 0.68 9.55
CA ALA A 128 -7.70 0.87 10.95
C ALA A 128 -7.45 2.33 11.35
N GLN A 129 -6.58 2.97 10.59
CA GLN A 129 -6.25 4.36 10.85
C GLN A 129 -7.27 5.29 10.18
N VAL A 130 -7.58 4.96 8.94
CA VAL A 130 -8.54 5.75 8.17
C VAL A 130 -9.88 5.77 8.93
N ARG A 131 -10.33 4.59 9.29
CA ARG A 131 -11.59 4.45 10.01
C ARG A 131 -11.70 5.54 11.08
N LYS A 132 -10.57 5.87 11.67
CA LYS A 132 -10.52 6.88 12.71
C LYS A 132 -10.94 8.23 12.11
N ALA A 133 -10.40 8.53 10.95
CA ALA A 133 -10.72 9.77 10.26
C ALA A 133 -12.23 9.90 10.12
N LEU A 134 -12.85 8.82 9.66
CA LEU A 134 -14.29 8.79 9.48
C LEU A 134 -14.97 9.31 10.74
N THR A 135 -14.42 8.92 11.88
CA THR A 135 -14.96 9.33 13.17
C THR A 135 -13.91 10.10 13.96
N SER A 136 -13.16 10.94 13.26
CA SER A 136 -12.13 11.73 13.89
C SER A 136 -12.68 13.09 14.30
N MET A 1 -15.61 -2.49 -2.64
CA MET A 1 -14.59 -3.46 -2.33
C MET A 1 -13.20 -2.91 -2.63
N VAL A 2 -12.99 -2.58 -3.89
CA VAL A 2 -11.71 -2.04 -4.32
C VAL A 2 -11.95 -0.96 -5.38
N PRO A 3 -11.12 0.12 -5.29
CA PRO A 3 -11.23 1.23 -6.23
C PRO A 3 -10.64 0.85 -7.59
N PRO A 4 -10.79 1.79 -8.56
CA PRO A 4 -10.28 1.56 -9.90
C PRO A 4 -8.76 1.70 -9.95
N LYS A 5 -8.29 2.86 -9.50
CA LYS A 5 -6.86 3.14 -9.48
C LYS A 5 -6.11 1.87 -9.07
N LEU A 6 -6.65 1.20 -8.06
CA LEU A 6 -6.05 -0.02 -7.56
C LEU A 6 -6.28 -1.15 -8.57
N LYS A 7 -7.53 -1.57 -8.67
CA LYS A 7 -7.90 -2.64 -9.58
C LYS A 7 -7.11 -2.47 -10.88
N GLN A 8 -6.80 -1.22 -11.20
CA GLN A 8 -6.07 -0.91 -12.41
C GLN A 8 -4.60 -1.30 -12.25
N ALA A 9 -3.98 -0.72 -11.24
CA ALA A 9 -2.58 -1.00 -10.96
C ALA A 9 -2.38 -2.50 -10.76
N LEU A 10 -3.45 -3.15 -10.32
CA LEU A 10 -3.43 -4.58 -10.08
C LEU A 10 -3.64 -5.32 -11.41
N GLU A 11 -4.77 -5.01 -12.03
CA GLU A 11 -5.11 -5.65 -13.30
C GLU A 11 -3.96 -5.48 -14.29
N LEU A 12 -3.43 -4.26 -14.35
CA LEU A 12 -2.33 -3.96 -15.25
C LEU A 12 -1.15 -4.87 -14.93
N PHE A 13 -0.92 -5.06 -13.64
CA PHE A 13 0.18 -5.90 -13.18
C PHE A 13 -0.01 -7.35 -13.66
N LYS A 14 -1.07 -7.96 -13.16
CA LYS A 14 -1.37 -9.34 -13.52
C LYS A 14 -1.46 -9.45 -15.05
N SER A 15 -1.79 -8.33 -15.68
CA SER A 15 -1.91 -8.29 -17.12
C SER A 15 -0.52 -8.16 -17.75
N LEU A 16 0.32 -7.38 -17.10
CA LEU A 16 1.68 -7.17 -17.58
C LEU A 16 2.47 -8.47 -17.49
N PRO A 17 3.54 -8.56 -18.32
CA PRO A 17 4.37 -9.75 -18.33
C PRO A 17 5.28 -9.81 -17.10
N LYS A 18 5.43 -11.01 -16.57
CA LYS A 18 6.26 -11.21 -15.39
C LYS A 18 7.47 -10.27 -15.46
N GLU A 19 8.35 -10.56 -16.41
CA GLU A 19 9.55 -9.76 -16.57
C GLU A 19 9.26 -8.30 -16.24
N LEU A 20 8.27 -7.75 -16.93
CA LEU A 20 7.88 -6.37 -16.71
C LEU A 20 7.41 -6.19 -15.27
N ARG A 21 6.45 -7.03 -14.89
CA ARG A 21 5.91 -6.98 -13.55
C ARG A 21 7.02 -6.69 -12.53
N SER A 22 8.10 -7.45 -12.66
CA SER A 22 9.24 -7.29 -11.78
C SER A 22 9.58 -5.81 -11.62
N GLN A 23 9.63 -5.13 -12.77
CA GLN A 23 9.95 -3.71 -12.78
C GLN A 23 8.84 -2.91 -12.08
N VAL A 24 7.61 -3.19 -12.49
CA VAL A 24 6.45 -2.51 -11.92
C VAL A 24 6.65 -2.37 -10.41
N LEU A 25 6.66 -3.51 -9.73
CA LEU A 25 6.84 -3.52 -8.29
C LEU A 25 7.88 -2.47 -7.90
N LEU A 26 9.03 -2.54 -8.56
CA LEU A 26 10.11 -1.62 -8.28
C LEU A 26 9.60 -0.19 -8.51
N GLU A 27 9.13 0.06 -9.72
CA GLU A 27 8.63 1.37 -10.08
C GLU A 27 7.85 1.98 -8.90
N TYR A 28 6.81 1.28 -8.49
CA TYR A 28 5.99 1.75 -7.39
C TYR A 28 6.86 2.14 -6.19
N ALA A 29 7.79 1.25 -5.86
CA ALA A 29 8.69 1.49 -4.75
C ALA A 29 9.50 2.77 -5.01
N ALA A 30 9.49 3.19 -6.26
CA ALA A 30 10.21 4.39 -6.66
C ALA A 30 9.26 5.58 -6.61
N LYS A 31 7.98 5.28 -6.72
CA LYS A 31 6.96 6.32 -6.69
C LYS A 31 6.39 6.43 -5.28
N VAL A 32 7.27 6.34 -4.31
CA VAL A 32 6.87 6.43 -2.91
C VAL A 32 7.69 7.53 -2.22
N PRO A 33 7.12 8.77 -2.25
CA PRO A 33 7.77 9.90 -1.63
C PRO A 33 7.65 9.84 -0.11
N PRO A 34 8.61 10.53 0.58
CA PRO A 34 8.62 10.55 2.03
C PRO A 34 7.53 11.48 2.56
N PRO A 35 7.09 11.19 3.81
CA PRO A 35 6.05 11.98 4.45
C PRO A 35 6.60 13.33 4.93
N PRO A 36 5.67 14.23 5.33
CA PRO A 36 6.06 15.55 5.81
C PRO A 36 6.64 15.47 7.22
N PRO A 37 7.40 16.54 7.59
CA PRO A 37 8.01 16.59 8.90
C PRO A 37 6.97 16.91 9.98
N GLY A 38 6.74 15.95 10.85
CA GLY A 38 5.78 16.11 11.93
C GLY A 38 4.81 14.92 11.98
N VAL A 39 4.12 14.73 10.87
CA VAL A 39 3.16 13.63 10.78
C VAL A 39 3.75 12.38 11.43
N GLU A 40 2.91 11.70 12.19
CA GLU A 40 3.34 10.48 12.87
C GLU A 40 2.96 9.25 12.05
N LEU A 41 3.90 8.32 11.96
CA LEU A 41 3.68 7.10 11.21
C LEU A 41 3.80 5.90 12.15
N GLU A 42 2.90 4.94 11.95
CA GLU A 42 2.89 3.74 12.77
C GLU A 42 3.78 2.66 12.15
N ARG A 43 4.67 2.14 12.98
CA ARG A 43 5.58 1.09 12.52
C ARG A 43 4.83 -0.21 12.29
N VAL A 44 4.97 -0.73 11.07
CA VAL A 44 4.31 -1.97 10.72
C VAL A 44 5.04 -3.15 11.37
N HIS A 45 4.58 -3.49 12.57
CA HIS A 45 5.19 -4.58 13.30
C HIS A 45 4.95 -5.90 12.56
N GLU A 46 3.73 -6.06 12.07
CA GLU A 46 3.37 -7.26 11.33
C GLU A 46 4.53 -7.71 10.45
N CYS A 47 5.31 -6.73 10.01
CA CYS A 47 6.46 -7.02 9.17
C CYS A 47 7.73 -6.87 10.01
N GLN A 48 8.79 -7.54 9.55
CA GLN A 48 10.05 -7.49 10.26
C GLN A 48 10.96 -6.42 9.64
N THR A 49 10.39 -5.25 9.42
CA THR A 49 11.12 -4.14 8.84
C THR A 49 10.59 -2.81 9.37
N PRO A 50 11.51 -1.80 9.38
CA PRO A 50 11.14 -0.47 9.86
C PRO A 50 10.28 0.26 8.83
N PHE A 51 9.14 -0.33 8.53
CA PHE A 51 8.21 0.25 7.57
C PHE A 51 7.03 0.92 8.28
N PHE A 52 7.03 2.24 8.23
CA PHE A 52 5.98 3.02 8.87
C PHE A 52 4.97 3.51 7.83
N VAL A 53 3.78 3.82 8.31
CA VAL A 53 2.72 4.31 7.45
C VAL A 53 1.74 5.15 8.27
N HIS A 54 1.05 6.04 7.57
CA HIS A 54 0.08 6.91 8.21
C HIS A 54 -1.10 7.17 7.27
N ALA A 55 -2.26 6.67 7.66
CA ALA A 55 -3.46 6.83 6.86
C ALA A 55 -4.30 7.97 7.45
N ASP A 56 -4.82 8.81 6.57
CA ASP A 56 -5.64 9.93 6.98
C ASP A 56 -6.39 10.48 5.77
N VAL A 57 -7.36 11.35 6.05
CA VAL A 57 -8.14 11.96 5.00
C VAL A 57 -8.29 13.45 5.28
N GLU A 58 -7.92 14.25 4.28
CA GLU A 58 -8.00 15.69 4.39
C GLU A 58 -8.90 16.26 3.30
N GLY A 59 -10.12 16.58 3.68
CA GLY A 59 -11.09 17.14 2.75
C GLY A 59 -12.05 16.05 2.24
N GLY A 60 -11.59 15.34 1.23
CA GLY A 60 -12.40 14.27 0.65
C GLY A 60 -11.51 13.19 0.04
N LYS A 61 -10.25 13.19 0.45
CA LYS A 61 -9.30 12.22 -0.05
C LYS A 61 -8.44 11.71 1.10
N VAL A 62 -7.92 10.50 0.93
CA VAL A 62 -7.09 9.88 1.95
C VAL A 62 -5.62 10.15 1.62
N ARG A 63 -4.92 10.73 2.59
CA ARG A 63 -3.51 11.03 2.41
C ARG A 63 -2.66 9.84 2.83
N LEU A 64 -2.16 9.13 1.83
CA LEU A 64 -1.32 7.97 2.07
C LEU A 64 0.11 8.43 2.34
N TYR A 65 0.65 7.97 3.47
CA TYR A 65 2.00 8.33 3.85
C TYR A 65 2.81 7.08 4.18
N PHE A 66 3.88 6.88 3.42
CA PHE A 66 4.75 5.74 3.62
C PHE A 66 6.17 6.19 3.96
N HIS A 67 6.73 5.55 4.99
CA HIS A 67 8.08 5.88 5.42
C HIS A 67 8.87 4.58 5.63
N VAL A 68 9.85 4.37 4.77
CA VAL A 68 10.69 3.18 4.86
C VAL A 68 12.15 3.58 4.66
N PRO A 69 12.97 3.34 5.72
CA PRO A 69 14.39 3.67 5.66
C PRO A 69 15.14 2.65 4.81
N ASP A 70 15.16 1.42 5.28
CA ASP A 70 15.84 0.35 4.58
C ASP A 70 15.62 0.52 3.07
N GLU A 71 14.48 1.10 2.73
CA GLU A 71 14.14 1.32 1.34
C GLU A 71 13.88 0.00 0.63
N ALA A 72 13.63 -1.02 1.44
CA ALA A 72 13.35 -2.35 0.90
C ALA A 72 12.49 -2.23 -0.35
N PRO A 73 12.96 -2.88 -1.45
CA PRO A 73 12.25 -2.85 -2.71
C PRO A 73 11.02 -3.77 -2.66
N THR A 74 10.94 -4.53 -1.59
CA THR A 74 9.83 -5.46 -1.41
C THR A 74 8.76 -4.83 -0.50
N VAL A 75 9.22 -4.02 0.43
CA VAL A 75 8.33 -3.36 1.36
C VAL A 75 7.73 -2.12 0.69
N LYS A 76 8.62 -1.33 0.08
CA LYS A 76 8.20 -0.11 -0.58
C LYS A 76 7.21 -0.47 -1.69
N ALA A 77 7.56 -1.48 -2.47
CA ALA A 77 6.72 -1.92 -3.56
C ALA A 77 5.25 -1.85 -3.12
N PHE A 78 4.92 -2.72 -2.17
CA PHE A 78 3.56 -2.78 -1.66
C PHE A 78 3.01 -1.37 -1.42
N ALA A 79 3.82 -0.55 -0.78
CA ALA A 79 3.43 0.82 -0.48
C ALA A 79 3.16 1.56 -1.79
N GLY A 80 4.16 1.56 -2.65
CA GLY A 80 4.06 2.22 -3.94
C GLY A 80 2.84 1.73 -4.71
N LEU A 81 2.35 0.56 -4.30
CA LEU A 81 1.19 -0.03 -4.94
C LEU A 81 -0.09 0.59 -4.37
N LEU A 82 -0.22 0.46 -3.05
CA LEU A 82 -1.39 1.00 -2.36
C LEU A 82 -1.53 2.48 -2.71
N ARG A 83 -0.39 3.12 -2.93
CA ARG A 83 -0.37 4.54 -3.26
C ARG A 83 -0.65 4.73 -4.75
N GLU A 84 -0.57 3.63 -5.49
CA GLU A 84 -0.82 3.66 -6.92
C GLU A 84 -2.26 3.24 -7.23
N GLY A 85 -2.99 2.90 -6.17
CA GLY A 85 -4.36 2.48 -6.32
C GLY A 85 -5.27 3.29 -5.38
N LEU A 86 -4.76 3.57 -4.20
CA LEU A 86 -5.51 4.32 -3.21
C LEU A 86 -5.17 5.80 -3.33
N GLU A 87 -3.94 6.12 -2.94
CA GLU A 87 -3.47 7.50 -3.00
C GLU A 87 -4.50 8.38 -3.72
N GLY A 88 -5.11 9.26 -2.93
CA GLY A 88 -6.11 10.18 -3.47
C GLY A 88 -7.50 9.51 -3.47
N GLU A 89 -7.54 8.29 -2.96
CA GLU A 89 -8.78 7.56 -2.90
C GLU A 89 -9.60 8.00 -1.68
N SER A 90 -10.84 7.55 -1.65
CA SER A 90 -11.73 7.88 -0.55
C SER A 90 -11.37 7.05 0.69
N PRO A 91 -11.87 7.53 1.86
CA PRO A 91 -11.61 6.84 3.12
C PRO A 91 -12.45 5.56 3.23
N GLU A 92 -13.43 5.45 2.34
CA GLU A 92 -14.29 4.29 2.33
C GLU A 92 -13.76 3.24 1.36
N ALA A 93 -13.46 3.68 0.14
CA ALA A 93 -12.94 2.80 -0.89
C ALA A 93 -11.64 2.17 -0.39
N VAL A 94 -11.01 2.83 0.56
CA VAL A 94 -9.77 2.35 1.12
C VAL A 94 -10.06 1.21 2.10
N LEU A 95 -11.08 1.43 2.93
CA LEU A 95 -11.47 0.43 3.92
C LEU A 95 -12.03 -0.80 3.20
N GLU A 96 -12.76 -0.53 2.12
CA GLU A 96 -13.36 -1.60 1.34
C GLU A 96 -12.27 -2.56 0.84
N VAL A 97 -11.05 -2.06 0.82
CA VAL A 97 -9.93 -2.85 0.37
C VAL A 97 -9.69 -4.01 1.35
N PRO A 98 -9.85 -5.26 0.81
CA PRO A 98 -9.67 -6.45 1.63
C PRO A 98 -8.18 -6.69 1.90
N PRO A 99 -7.91 -7.63 2.86
CA PRO A 99 -6.55 -7.98 3.22
C PRO A 99 -5.91 -8.84 2.15
N GLY A 100 -6.68 -9.12 1.11
CA GLY A 100 -6.20 -9.95 0.01
C GLY A 100 -6.71 -9.43 -1.33
N PHE A 101 -6.47 -8.14 -1.57
CA PHE A 101 -6.90 -7.52 -2.81
C PHE A 101 -5.95 -7.87 -3.96
N TYR A 102 -4.99 -8.73 -3.65
CA TYR A 102 -4.02 -9.15 -4.65
C TYR A 102 -4.20 -10.63 -5.00
N ARG A 103 -5.16 -11.25 -4.33
CA ARG A 103 -5.44 -12.66 -4.55
C ARG A 103 -5.67 -12.92 -6.04
N GLY A 104 -6.61 -12.19 -6.60
CA GLY A 104 -6.94 -12.33 -8.02
C GLY A 104 -5.89 -11.63 -8.88
N TYR A 105 -4.64 -12.00 -8.66
CA TYR A 105 -3.54 -11.42 -9.41
C TYR A 105 -2.27 -12.25 -9.26
N GLY A 106 -1.15 -11.65 -9.63
CA GLY A 106 0.14 -12.31 -9.53
C GLY A 106 1.13 -11.48 -8.72
N LEU A 107 0.74 -11.22 -7.47
CA LEU A 107 1.59 -10.44 -6.58
C LEU A 107 2.35 -11.38 -5.66
N GLU A 108 1.70 -12.49 -5.32
CA GLU A 108 2.31 -13.48 -4.45
C GLU A 108 3.54 -14.09 -5.12
N GLU A 109 3.44 -14.27 -6.42
CA GLU A 109 4.53 -14.84 -7.19
C GLU A 109 5.84 -14.15 -6.85
N PHE A 110 5.72 -12.92 -6.37
CA PHE A 110 6.88 -12.13 -6.00
C PHE A 110 7.03 -12.05 -4.48
N PHE A 111 5.92 -11.71 -3.83
CA PHE A 111 5.91 -11.59 -2.38
C PHE A 111 5.52 -12.92 -1.73
N THR A 112 6.46 -13.46 -0.95
CA THR A 112 6.23 -14.71 -0.26
C THR A 112 4.94 -14.65 0.56
N PRO A 113 4.44 -15.86 0.95
CA PRO A 113 3.22 -15.93 1.74
C PRO A 113 3.48 -15.53 3.19
N LEU A 114 4.74 -15.61 3.58
CA LEU A 114 5.13 -15.26 4.93
C LEU A 114 5.23 -13.74 5.05
N ARG A 115 5.97 -13.15 4.11
CA ARG A 115 6.15 -11.71 4.10
C ARG A 115 4.81 -11.01 3.86
N LEU A 116 4.03 -11.56 2.95
CA LEU A 116 2.74 -11.00 2.62
C LEU A 116 1.99 -10.67 3.92
N ARG A 117 1.94 -11.67 4.80
CA ARG A 117 1.27 -11.49 6.07
C ARG A 117 1.75 -10.21 6.77
N GLY A 118 3.02 -9.90 6.54
CA GLY A 118 3.61 -8.72 7.13
C GLY A 118 3.35 -7.48 6.27
N LEU A 119 3.00 -7.73 5.02
CA LEU A 119 2.72 -6.65 4.09
C LEU A 119 1.25 -6.23 4.23
N GLU A 120 0.37 -7.21 4.09
CA GLU A 120 -1.06 -6.96 4.20
C GLU A 120 -1.33 -6.00 5.36
N ALA A 121 -0.64 -6.23 6.46
CA ALA A 121 -0.80 -5.40 7.64
C ALA A 121 -0.91 -3.93 7.22
N ALA A 122 0.05 -3.52 6.39
CA ALA A 122 0.07 -2.15 5.90
C ALA A 122 -1.37 -1.67 5.68
N LEU A 123 -2.13 -2.50 4.98
CA LEU A 123 -3.51 -2.17 4.69
C LEU A 123 -4.32 -2.15 5.99
N LEU A 124 -4.47 -3.33 6.57
CA LEU A 124 -5.21 -3.47 7.82
C LEU A 124 -4.86 -2.30 8.74
N ARG A 125 -3.56 -2.10 8.93
CA ARG A 125 -3.08 -1.03 9.78
C ARG A 125 -3.64 0.31 9.30
N LEU A 126 -3.22 0.71 8.10
CA LEU A 126 -3.66 1.97 7.53
C LEU A 126 -5.18 2.09 7.72
N GLN A 127 -5.89 1.09 7.22
CA GLN A 127 -7.34 1.08 7.33
C GLN A 127 -7.77 1.39 8.75
N ALA A 128 -6.97 0.92 9.70
CA ALA A 128 -7.25 1.13 11.10
C ALA A 128 -7.16 2.63 11.42
N GLN A 129 -6.25 3.29 10.71
CA GLN A 129 -6.04 4.71 10.90
C GLN A 129 -7.14 5.51 10.20
N VAL A 130 -7.43 5.10 8.97
CA VAL A 130 -8.46 5.77 8.19
C VAL A 130 -9.77 5.76 8.97
N ARG A 131 -10.14 4.57 9.44
CA ARG A 131 -11.37 4.42 10.20
C ARG A 131 -11.50 5.54 11.23
N LYS A 132 -10.36 5.95 11.75
CA LYS A 132 -10.32 7.01 12.75
C LYS A 132 -10.85 8.30 12.13
N ALA A 133 -10.45 8.54 10.91
CA ALA A 133 -10.87 9.73 10.19
C ALA A 133 -12.39 9.76 10.11
N LEU A 134 -12.97 8.57 9.96
CA LEU A 134 -14.41 8.44 9.86
C LEU A 134 -15.05 9.10 11.09
N THR A 135 -14.46 8.84 12.25
CA THR A 135 -14.96 9.41 13.49
C THR A 135 -14.08 10.56 13.95
N SER A 136 -13.28 11.07 13.01
CA SER A 136 -12.39 12.17 13.31
C SER A 136 -11.34 11.73 14.34
N MET A 1 -15.73 -3.53 -3.53
CA MET A 1 -14.53 -4.06 -2.91
C MET A 1 -13.41 -3.03 -2.89
N VAL A 2 -12.83 -2.81 -4.07
CA VAL A 2 -11.75 -1.86 -4.20
C VAL A 2 -12.02 -0.95 -5.41
N PRO A 3 -11.29 0.20 -5.43
CA PRO A 3 -11.45 1.16 -6.51
C PRO A 3 -10.77 0.66 -7.79
N PRO A 4 -10.94 1.45 -8.88
CA PRO A 4 -10.36 1.09 -10.16
C PRO A 4 -8.84 1.35 -10.17
N LYS A 5 -8.50 2.60 -9.90
CA LYS A 5 -7.10 2.99 -9.86
C LYS A 5 -6.26 1.84 -9.31
N LEU A 6 -6.85 1.13 -8.34
CA LEU A 6 -6.17 0.01 -7.72
C LEU A 6 -6.40 -1.25 -8.56
N LYS A 7 -7.65 -1.67 -8.60
CA LYS A 7 -8.02 -2.86 -9.36
C LYS A 7 -7.26 -2.86 -10.68
N GLN A 8 -6.98 -1.67 -11.18
CA GLN A 8 -6.26 -1.54 -12.43
C GLN A 8 -4.78 -1.86 -12.22
N ALA A 9 -4.16 -1.08 -11.34
CA ALA A 9 -2.75 -1.28 -11.05
C ALA A 9 -2.47 -2.77 -10.84
N LEU A 10 -3.45 -3.45 -10.26
CA LEU A 10 -3.33 -4.87 -10.01
C LEU A 10 -3.49 -5.64 -11.32
N GLU A 11 -4.63 -5.44 -11.96
CA GLU A 11 -4.91 -6.10 -13.22
C GLU A 11 -3.74 -5.90 -14.19
N LEU A 12 -3.33 -4.65 -14.33
CA LEU A 12 -2.24 -4.31 -15.22
C LEU A 12 -1.03 -5.20 -14.90
N PHE A 13 -0.44 -4.96 -13.74
CA PHE A 13 0.71 -5.72 -13.31
C PHE A 13 0.57 -7.18 -13.70
N LYS A 14 -0.49 -7.81 -13.21
CA LYS A 14 -0.74 -9.21 -13.50
C LYS A 14 -0.72 -9.41 -15.01
N SER A 15 -1.31 -8.47 -15.72
CA SER A 15 -1.37 -8.53 -17.18
C SER A 15 0.05 -8.34 -17.76
N LEU A 16 0.82 -7.50 -17.09
CA LEU A 16 2.17 -7.22 -17.54
C LEU A 16 3.01 -8.50 -17.42
N PRO A 17 4.07 -8.56 -18.26
CA PRO A 17 4.96 -9.72 -18.26
C PRO A 17 5.88 -9.71 -17.04
N LYS A 18 6.05 -10.88 -16.44
CA LYS A 18 6.90 -11.01 -15.28
C LYS A 18 8.09 -10.05 -15.40
N GLU A 19 8.97 -10.36 -16.33
CA GLU A 19 10.15 -9.55 -16.56
C GLU A 19 9.82 -8.07 -16.33
N LEU A 20 8.80 -7.60 -17.04
CA LEU A 20 8.38 -6.22 -16.92
C LEU A 20 7.88 -5.97 -15.49
N ARG A 21 6.98 -6.83 -15.06
CA ARG A 21 6.42 -6.71 -13.71
C ARG A 21 7.52 -6.35 -12.71
N SER A 22 8.56 -7.18 -12.69
CA SER A 22 9.68 -6.95 -11.79
C SER A 22 10.03 -5.47 -11.75
N GLN A 23 9.85 -4.82 -12.89
CA GLN A 23 10.15 -3.40 -13.00
C GLN A 23 9.06 -2.57 -12.31
N VAL A 24 7.82 -2.90 -12.61
CA VAL A 24 6.69 -2.22 -12.03
C VAL A 24 6.89 -2.10 -10.52
N LEU A 25 6.93 -3.26 -9.87
CA LEU A 25 7.12 -3.30 -8.43
C LEU A 25 8.20 -2.30 -8.03
N LEU A 26 9.27 -2.29 -8.81
CA LEU A 26 10.38 -1.38 -8.55
C LEU A 26 9.90 0.06 -8.75
N GLU A 27 9.21 0.28 -9.85
CA GLU A 27 8.70 1.61 -10.16
C GLU A 27 7.86 2.14 -9.00
N TYR A 28 6.85 1.37 -8.65
CA TYR A 28 5.96 1.75 -7.56
C TYR A 28 6.75 2.31 -6.38
N ALA A 29 7.72 1.52 -5.94
CA ALA A 29 8.57 1.92 -4.83
C ALA A 29 9.30 3.22 -5.17
N ALA A 30 9.60 3.36 -6.46
CA ALA A 30 10.30 4.54 -6.94
C ALA A 30 9.34 5.74 -6.90
N LYS A 31 8.07 5.44 -7.07
CA LYS A 31 7.05 6.47 -7.06
C LYS A 31 6.44 6.58 -5.66
N VAL A 32 7.32 6.57 -4.67
CA VAL A 32 6.89 6.66 -3.29
C VAL A 32 7.79 7.66 -2.54
N PRO A 33 7.30 8.93 -2.45
CA PRO A 33 8.05 9.97 -1.77
C PRO A 33 7.97 9.79 -0.25
N PRO A 34 8.94 10.44 0.45
CA PRO A 34 8.99 10.36 1.90
C PRO A 34 7.90 11.23 2.53
N PRO A 35 7.53 10.85 3.79
CA PRO A 35 6.51 11.59 4.52
C PRO A 35 7.05 12.92 5.04
N PRO A 36 6.11 13.84 5.36
CA PRO A 36 6.47 15.15 5.86
C PRO A 36 6.93 15.07 7.32
N PRO A 37 7.61 16.16 7.77
CA PRO A 37 8.12 16.22 9.13
C PRO A 37 6.98 16.46 10.13
N GLY A 38 5.78 16.57 9.58
CA GLY A 38 4.59 16.80 10.40
C GLY A 38 3.60 15.64 10.29
N VAL A 39 4.10 14.45 10.59
CA VAL A 39 3.27 13.26 10.52
C VAL A 39 3.94 12.14 11.33
N GLU A 40 3.10 11.35 11.98
CA GLU A 40 3.59 10.24 12.78
C GLU A 40 3.18 8.91 12.16
N LEU A 41 4.18 8.05 11.97
CA LEU A 41 3.95 6.75 11.37
C LEU A 41 4.01 5.68 12.47
N GLU A 42 3.35 4.57 12.21
CA GLU A 42 3.32 3.47 13.16
C GLU A 42 3.99 2.23 12.55
N ARG A 43 5.06 1.80 13.19
CA ARG A 43 5.80 0.63 12.73
C ARG A 43 4.86 -0.57 12.60
N VAL A 44 5.08 -1.34 11.55
CA VAL A 44 4.27 -2.52 11.29
C VAL A 44 5.01 -3.76 11.81
N HIS A 45 4.71 -4.13 13.05
CA HIS A 45 5.33 -5.28 13.66
C HIS A 45 4.98 -6.54 12.85
N GLU A 46 3.75 -6.55 12.35
CA GLU A 46 3.28 -7.68 11.57
C GLU A 46 4.24 -7.97 10.42
N CYS A 47 4.98 -6.94 10.04
CA CYS A 47 5.94 -7.07 8.96
C CYS A 47 7.34 -7.18 9.56
N GLN A 48 8.25 -7.78 8.80
CA GLN A 48 9.62 -7.94 9.24
C GLN A 48 10.30 -6.58 9.41
N THR A 49 10.69 -6.02 8.27
CA THR A 49 11.35 -4.72 8.28
C THR A 49 10.45 -3.66 8.90
N PRO A 50 11.10 -2.54 9.32
CA PRO A 50 10.37 -1.45 9.95
C PRO A 50 9.58 -0.65 8.91
N PHE A 51 8.43 -1.20 8.54
CA PHE A 51 7.57 -0.55 7.55
C PHE A 51 6.60 0.42 8.22
N PHE A 52 6.92 1.70 8.10
CA PHE A 52 6.09 2.74 8.69
C PHE A 52 5.02 3.21 7.70
N VAL A 53 3.78 3.22 8.18
CA VAL A 53 2.66 3.65 7.35
C VAL A 53 1.76 4.57 8.16
N HIS A 54 0.99 5.38 7.44
CA HIS A 54 0.09 6.32 8.08
C HIS A 54 -1.02 6.72 7.09
N ALA A 55 -2.24 6.70 7.59
CA ALA A 55 -3.39 7.05 6.76
C ALA A 55 -4.13 8.23 7.40
N ASP A 56 -4.47 9.20 6.57
CA ASP A 56 -5.18 10.38 7.04
C ASP A 56 -6.24 10.77 6.02
N VAL A 57 -7.04 11.76 6.40
CA VAL A 57 -8.11 12.23 5.53
C VAL A 57 -8.06 13.75 5.47
N GLU A 58 -7.92 14.27 4.25
CA GLU A 58 -7.86 15.71 4.05
C GLU A 58 -8.40 16.06 2.66
N GLY A 59 -9.54 16.73 2.66
CA GLY A 59 -10.17 17.14 1.42
C GLY A 59 -11.11 16.06 0.89
N GLY A 60 -11.45 15.13 1.79
CA GLY A 60 -12.33 14.03 1.43
C GLY A 60 -11.55 12.85 0.89
N LYS A 61 -10.25 13.05 0.74
CA LYS A 61 -9.37 12.01 0.23
C LYS A 61 -8.57 11.41 1.38
N VAL A 62 -7.83 10.37 1.07
CA VAL A 62 -7.00 9.69 2.07
C VAL A 62 -5.53 9.98 1.78
N ARG A 63 -4.85 10.46 2.81
CA ARG A 63 -3.43 10.77 2.68
C ARG A 63 -2.58 9.54 2.98
N LEU A 64 -1.78 9.14 2.00
CA LEU A 64 -0.92 7.99 2.14
C LEU A 64 0.48 8.45 2.52
N TYR A 65 1.10 7.68 3.41
CA TYR A 65 2.44 7.99 3.87
C TYR A 65 3.24 6.72 4.15
N PHE A 66 4.33 6.57 3.41
CA PHE A 66 5.19 5.40 3.58
C PHE A 66 6.65 5.82 3.76
N HIS A 67 7.32 5.12 4.67
CA HIS A 67 8.72 5.41 4.95
C HIS A 67 9.48 4.10 5.11
N VAL A 68 10.38 3.85 4.17
CA VAL A 68 11.19 2.64 4.20
C VAL A 68 12.67 3.02 4.25
N PRO A 69 13.33 2.57 5.34
CA PRO A 69 14.75 2.85 5.53
C PRO A 69 15.61 1.98 4.60
N ASP A 70 15.45 0.68 4.74
CA ASP A 70 16.20 -0.26 3.92
C ASP A 70 15.82 -0.07 2.45
N GLU A 71 14.70 0.62 2.24
CA GLU A 71 14.22 0.88 0.89
C GLU A 71 13.78 -0.43 0.23
N ALA A 72 13.41 -1.38 1.06
CA ALA A 72 12.97 -2.68 0.56
C ALA A 72 12.07 -2.48 -0.66
N PRO A 73 12.55 -2.98 -1.82
CA PRO A 73 11.80 -2.86 -3.06
C PRO A 73 10.62 -3.84 -3.09
N THR A 74 10.62 -4.73 -2.12
CA THR A 74 9.56 -5.73 -2.01
C THR A 74 8.48 -5.26 -1.05
N VAL A 75 8.88 -4.38 -0.14
CA VAL A 75 7.96 -3.84 0.84
C VAL A 75 7.38 -2.51 0.33
N LYS A 76 8.27 -1.69 -0.19
CA LYS A 76 7.88 -0.39 -0.72
C LYS A 76 6.95 -0.60 -1.91
N ALA A 77 7.28 -1.59 -2.72
CA ALA A 77 6.49 -1.90 -3.90
C ALA A 77 5.00 -1.88 -3.53
N PHE A 78 4.63 -2.81 -2.66
CA PHE A 78 3.25 -2.91 -2.22
C PHE A 78 2.69 -1.53 -1.85
N ALA A 79 3.50 -0.78 -1.12
CA ALA A 79 3.10 0.56 -0.69
C ALA A 79 2.84 1.41 -1.93
N GLY A 80 3.76 1.35 -2.87
CA GLY A 80 3.65 2.12 -4.09
C GLY A 80 2.39 1.73 -4.86
N LEU A 81 1.94 0.50 -4.63
CA LEU A 81 0.76 -0.01 -5.29
C LEU A 81 -0.47 0.67 -4.70
N LEU A 82 -0.55 0.65 -3.38
CA LEU A 82 -1.66 1.26 -2.69
C LEU A 82 -1.76 2.74 -3.07
N ARG A 83 -0.61 3.32 -3.35
CA ARG A 83 -0.55 4.72 -3.73
C ARG A 83 -0.82 4.87 -5.23
N GLU A 84 -0.80 3.74 -5.92
CA GLU A 84 -1.04 3.73 -7.36
C GLU A 84 -2.50 3.38 -7.65
N GLY A 85 -3.24 3.15 -6.58
CA GLY A 85 -4.64 2.80 -6.71
C GLY A 85 -5.51 3.66 -5.79
N LEU A 86 -4.99 3.89 -4.58
CA LEU A 86 -5.69 4.69 -3.60
C LEU A 86 -5.25 6.16 -3.73
N GLU A 87 -4.00 6.40 -3.34
CA GLU A 87 -3.44 7.73 -3.41
C GLU A 87 -4.47 8.71 -3.97
N GLY A 88 -5.03 9.52 -3.09
CA GLY A 88 -6.02 10.50 -3.49
C GLY A 88 -7.42 9.88 -3.52
N GLU A 89 -7.50 8.66 -3.03
CA GLU A 89 -8.76 7.95 -3.00
C GLU A 89 -9.51 8.23 -1.69
N SER A 90 -10.78 7.86 -1.67
CA SER A 90 -11.60 8.07 -0.49
C SER A 90 -11.31 6.99 0.54
N PRO A 91 -11.66 7.31 1.82
CA PRO A 91 -11.44 6.38 2.91
C PRO A 91 -12.48 5.25 2.88
N GLU A 92 -13.46 5.40 2.00
CA GLU A 92 -14.52 4.42 1.86
C GLU A 92 -14.11 3.36 0.83
N ALA A 93 -13.35 3.81 -0.16
CA ALA A 93 -12.89 2.91 -1.21
C ALA A 93 -11.61 2.20 -0.76
N VAL A 94 -11.01 2.76 0.28
CA VAL A 94 -9.77 2.20 0.82
C VAL A 94 -10.13 1.14 1.86
N LEU A 95 -11.02 1.51 2.76
CA LEU A 95 -11.45 0.61 3.81
C LEU A 95 -12.01 -0.67 3.19
N GLU A 96 -12.78 -0.49 2.13
CA GLU A 96 -13.38 -1.62 1.42
C GLU A 96 -12.28 -2.59 0.97
N VAL A 97 -11.18 -2.01 0.51
CA VAL A 97 -10.06 -2.81 0.04
C VAL A 97 -9.61 -3.76 1.15
N PRO A 98 -9.76 -5.08 0.87
CA PRO A 98 -9.38 -6.10 1.83
C PRO A 98 -7.85 -6.25 1.89
N PRO A 99 -7.39 -7.06 2.88
CA PRO A 99 -5.97 -7.29 3.06
C PRO A 99 -5.44 -8.25 1.99
N GLY A 100 -6.36 -8.89 1.30
CA GLY A 100 -6.00 -9.83 0.24
C GLY A 100 -6.46 -9.32 -1.13
N PHE A 101 -6.37 -8.01 -1.30
CA PHE A 101 -6.78 -7.39 -2.55
C PHE A 101 -5.75 -7.65 -3.65
N TYR A 102 -4.61 -8.18 -3.23
CA TYR A 102 -3.54 -8.48 -4.17
C TYR A 102 -3.61 -9.93 -4.63
N ARG A 103 -4.38 -10.72 -3.90
CA ARG A 103 -4.54 -12.13 -4.21
C ARG A 103 -4.90 -12.30 -5.69
N GLY A 104 -4.26 -13.28 -6.31
CA GLY A 104 -4.50 -13.56 -7.71
C GLY A 104 -4.13 -12.37 -8.58
N TYR A 105 -2.83 -12.22 -8.81
CA TYR A 105 -2.34 -11.11 -9.61
C TYR A 105 -0.84 -11.28 -9.91
N GLY A 106 -0.09 -11.58 -8.86
CA GLY A 106 1.35 -11.77 -8.99
C GLY A 106 2.05 -11.53 -7.66
N LEU A 107 1.58 -10.50 -6.95
CA LEU A 107 2.16 -10.15 -5.67
C LEU A 107 2.29 -11.41 -4.81
N GLU A 108 1.16 -12.11 -4.67
CA GLU A 108 1.14 -13.32 -3.87
C GLU A 108 2.30 -14.24 -4.27
N GLU A 109 2.69 -14.13 -5.53
CA GLU A 109 3.79 -14.94 -6.03
C GLU A 109 5.12 -14.23 -5.81
N PHE A 110 5.25 -13.05 -6.41
CA PHE A 110 6.46 -12.26 -6.28
C PHE A 110 6.93 -12.22 -4.81
N PHE A 111 6.11 -11.61 -3.99
CA PHE A 111 6.42 -11.49 -2.57
C PHE A 111 6.10 -12.78 -1.82
N THR A 112 6.98 -13.14 -0.91
CA THR A 112 6.80 -14.35 -0.12
C THR A 112 5.53 -14.24 0.73
N PRO A 113 5.04 -15.43 1.17
CA PRO A 113 3.83 -15.48 2.00
C PRO A 113 4.14 -15.01 3.43
N LEU A 114 5.42 -14.88 3.71
CA LEU A 114 5.85 -14.45 5.04
C LEU A 114 5.82 -12.91 5.10
N ARG A 115 6.49 -12.30 4.14
CA ARG A 115 6.55 -10.85 4.08
C ARG A 115 5.18 -10.28 3.75
N LEU A 116 4.39 -11.08 3.04
CA LEU A 116 3.06 -10.67 2.66
C LEU A 116 2.23 -10.39 3.91
N ARG A 117 2.28 -11.33 4.85
CA ARG A 117 1.54 -11.20 6.08
C ARG A 117 1.59 -9.75 6.58
N GLY A 118 2.79 -9.19 6.56
CA GLY A 118 2.98 -7.82 7.00
C GLY A 118 2.33 -6.83 6.02
N LEU A 119 2.74 -6.93 4.77
CA LEU A 119 2.22 -6.05 3.74
C LEU A 119 0.71 -5.88 3.95
N GLU A 120 0.08 -6.94 4.41
CA GLU A 120 -1.35 -6.91 4.67
C GLU A 120 -1.66 -6.01 5.86
N ALA A 121 -0.99 -6.29 6.97
CA ALA A 121 -1.18 -5.52 8.18
C ALA A 121 -1.26 -4.03 7.83
N ALA A 122 -0.34 -3.62 6.96
CA ALA A 122 -0.30 -2.24 6.53
C ALA A 122 -1.73 -1.73 6.31
N LEU A 123 -2.38 -2.30 5.31
CA LEU A 123 -3.74 -1.92 4.99
C LEU A 123 -4.59 -1.91 6.27
N LEU A 124 -4.62 -3.05 6.93
CA LEU A 124 -5.38 -3.18 8.16
C LEU A 124 -5.10 -1.97 9.06
N ARG A 125 -3.83 -1.83 9.43
CA ARG A 125 -3.43 -0.73 10.29
C ARG A 125 -3.93 0.61 9.71
N LEU A 126 -3.49 0.88 8.48
CA LEU A 126 -3.88 2.11 7.82
C LEU A 126 -5.40 2.29 7.95
N GLN A 127 -6.12 1.22 7.67
CA GLN A 127 -7.57 1.25 7.76
C GLN A 127 -8.01 1.51 9.21
N ALA A 128 -7.15 1.12 10.13
CA ALA A 128 -7.43 1.30 11.55
C ALA A 128 -7.21 2.76 11.93
N GLN A 129 -6.46 3.45 11.07
CA GLN A 129 -6.16 4.86 11.31
C GLN A 129 -7.22 5.74 10.66
N VAL A 130 -7.85 5.20 9.63
CA VAL A 130 -8.89 5.92 8.91
C VAL A 130 -10.18 5.90 9.73
N ARG A 131 -10.52 4.71 10.22
CA ARG A 131 -11.72 4.54 11.02
C ARG A 131 -11.79 5.62 12.10
N LYS A 132 -10.63 6.11 12.47
CA LYS A 132 -10.54 7.15 13.50
C LYS A 132 -10.92 8.49 12.89
N ALA A 133 -10.49 8.69 11.65
CA ALA A 133 -10.78 9.93 10.95
C ALA A 133 -12.28 10.03 10.70
N LEU A 134 -12.89 8.88 10.43
CA LEU A 134 -14.32 8.82 10.18
C LEU A 134 -15.07 9.49 11.34
N THR A 135 -14.60 9.20 12.54
CA THR A 135 -15.21 9.76 13.74
C THR A 135 -14.62 11.13 14.04
N SER A 136 -13.89 11.65 13.07
CA SER A 136 -13.26 12.96 13.23
C SER A 136 -13.63 13.86 12.03
#